data_3JC6
#
_entry.id   3JC6
#
_cell.length_a   1
_cell.length_b   1
_cell.length_c   1
_cell.angle_alpha   90
_cell.angle_beta   90
_cell.angle_gamma   90
#
_symmetry.space_group_name_H-M   'P 1'
#
loop_
_entity.id
_entity.type
_entity.pdbx_description
1 polymer 'DNA replication licensing factor MCM2'
2 polymer 'DNA replication licensing factor MCM3'
3 polymer 'DNA replication licensing factor MCM4'
4 polymer 'Minichromosome maintenance protein 5'
5 polymer 'DNA replication licensing factor MCM6'
6 polymer 'DNA replication licensing factor MCM7'
7 polymer 'Cell division control protein 45'
8 polymer 'DNA replication complex GINS protein SLD5'
9 polymer 'DNA replication complex GINS protein PSF2'
10 polymer 'DNA replication complex GINS protein PSF1'
11 polymer 'DNA replication complex GINS protein PSF3'
12 non-polymer 'ZINC ION'
#
loop_
_entity_poly.entity_id
_entity_poly.type
_entity_poly.pdbx_seq_one_letter_code
_entity_poly.pdbx_strand_id
1 'polypeptide(L)'
;MSDNRRRRREEDDSDSENELPPSSPQQHFRGGMNPVSSPIGSPDMINPEGDDNEVDDVPDIDEVEEQMNEVDLMDDNMYE
DYAADHNRDRYDPDQVDDREQQELSLSERRRIDAQLNERDRLLRNVAYIDDEDEEQEGAAQLDEMGLPVQRRRRRRQYED
LENSDDDLLSDMDIDPLREELTLESLSNVKANSYSEWITQPNVSRTIARELKSFLLEYTDETGRSVYGARIRTLGEMNSE
SLEVNYRHLAESKAILALFLAKCPEEMLKIFDLVAMEATELHYPDYARIHSEIHVRISDFPTIYSLRELRESNLSSLVRV
TGVVTRRTGVFPQLKYVKFNCLKCGSILGPFFQDSNEEIRISFCTNCKSKGPFRVNGEKTVYRNYQRVTLQEAPGTVPPG
RLPRHREVILLADLVDVSKPGEEVEVTGIYKNNYDGNLNAKNGFPVFATIIEANSIKRREGNTANEGEEGLDVFSWTEEE
EREFRKISRDRGIIDKIISSMAPSIYGHRDIKTAVACSLFGGVPKNVNGKHSIRGDINVLLLGDPGTAKSQILKYVEKTA
HRAVFATGQGASAVGLTASVRKDPITKEWTLEGGALVLADKGVCLIDEFDKMNDQDRTSIHEAMEQQSISISKAGIVTTL
QARCSIIAAANPNGGRYNSTLPLAQNVSLTEPILSRFDILCVVRDLVDEEADERLATFVVDSHVRSHPENDEDREGEELK
NNGESAIEQGEDEINEQLNARQRRLQRQRKKEEEISPIPQELLMKYIHYARTKIYPKLHQMDMDKVSRVYADLRRESIST
GSFPITVRHLESILRIAESFAKMRLSEFVSSYDLDRAIKVVVDSFVDAQKVSVRRQLRRSFAIYTLGH
;
2
2 'polypeptide(L)'
;MEGSTGFDGDATTFFAPDAVFGDRVRRFQEFLDTFTSYRDSVRSIQVYNSNNAANYNDDQDDADERDLLGDDDGDDLEKE
KKAASSTSLNILPHRIIISLDDLREFDRSFWSGILVEPAYFIPPAEKALTDLADSMDDVPHPNASAVSSRHPWKLSFKGS
FGAHALSPRTLTAQHLNKLVSVEGIVTKTSLVRPKLIRSVHYAAKTGRFHYRDYTDATTTLTTRIPTPAIYPTEDTEGNK
LTTEYGYSTFIDHQRITVQEMPEMAPAGQLPRSIDVILDDDLVDKTKPGDRVNVVGVFKSLGAGGMNQSNSNTLIGFKTL
ILGNTVYPLHARSTGVAARQMLTDFDIRNINKLSKKKDIFDILSQSLAPSIYGHDHIKKAILLMLMGGVEKNLENGSHLR
GDINILMVGDPSTAKSQLLRFVLNTASLAIATTGRGSSGVGLTAAVTTDRETGERRLEAGAMVLADRGVVCIDEFDKMTD
VDRVAIHEVMEQQTVTIAKAGIHTTLNARCSVIAAANPVFGQYDVNRDPHQNIALPDSLLSRFDLLFVVTDDINEIRDRS
ISEHVLRTHRYLPPGYLEGEPVRERLNLSLAVGEDADINPEEHSNSGAGVENEGEDDEDHVFEKFNPLLQAGAKLAKNKG
NYNGTEIPKLVTIPFLRKYVQYAKERVIPQLTQEAINVIVKNYTDLRNDDNTKKSPITARTLETLIRLATAHAKVRLSKT
VNKVDAKVAANLLRFALLGEDIGNDIDEEESEYEEALSKRSPQKSPKKRQRVRQPASNSGSPIKSTPRRSTASSVNATPS
SARRILRFQDDEQNAGEDDNDIMSPLPADEEAELQRRLQLGLRVSPRRREHLHAPEEGSSGPLTEVGTPRLPNVSSAGQD
DEQQQSVISFDNVEPGTISTGRLSLISGIIARLMQTEIFEEESYPVASLFERINEELPEEEKFSAQEYLAGLKIMSDRNN
LMVADDKVWRV
;
3
3 'polypeptide(L)'
;MSQQSSSPTKEDNNSSSPVVPNPDSVPPQLSSPALFYSSSSSQGDIYGRNNSQNLSQGEGNIRAAIGSSPLNFPSSSQRQ
NSDVFQSQGRQGRIRSSASASGRSRYHSDLRSDRALPTSSSSLGRNGQNRVHMRRNDIHTSDLSSPRRIVDFDTRSGVNT
LDTSSSSAPPSEASEPLRIIWGTNVSIQECTTNFRNFLMSFKYKFRKILDEREEFINNTTDEELYYIKQLNEMRELGTSN
LNLDARNLLAYKQTEDLYHQLLNYPQEVISIMDQTIKDCMVSLIVDNNLDYDLDEIETKFYKVRPYNVGSCKGMRELNPN
DIDKLINLKGLVLRSTPVIPDMKVAFFKCNVCDHTMAVEIDRGVIQEPARCERIDCNEPNSMSLIHNRCSFADKQVIKLQ
ETPDFVPDGQTPHSISLCVYDELVDSCRAGDRIEVTGTFRSIPIRANSRQRVLKSLYKTYVDVVHVKKVSDKRLDVDTST
IEQELMQNKVDHNEVEEVRQITDQDLAKIREVAAREDLYSLLARSIAPSIYELEDVKKGILLQLFGGTNKTFTKGGRYRG
DINILLCGDPSTSKSQILQYVHKITPRGVYTSGKGSSAVGLTAYITRDVDTKQLVLESGALVLSDGGVCCIDEFDKMSDS
TRSVLHEVMEQQTISIAKAGIITTLNARSSILASANPIGSRYNPNLPVTENIDLPPPLLSRFDLVYLVLDKVDEKNDREL
AKHLTNLYLEDKPEHISQDDVLPVEFLTMYISYAKEHIHPIITEAAKTELVRAYVGMRKMGDDSRSDEKRITATTRQLES
MIRLAEAHAKMKLKNVVELEDVQEAVRLIRSAIKDYATDPKTGKIDMNLVQTGKSVIQRKLQEDLSREIMNVLKDQASDS
MSFNELIKQINEHSQDRVESSDIQEALSRLQQEDKVIVLGEGVRRSVRLNNRV
;
4
4 'polypeptide(L)'
;MSFDRPEIYSAPVLQGESPNDDDNTEIIKSFKNFILEFRLDSQFIYRDQLRNNILVKNYSLTVNMEHLIGYNEDIYKKLS
DEPSDIIPLFETAITQVAKRISILSRAQSANNNDKDPENTSMDTDSLLLNSLPTFQLILNSNANQIPLRDLDSEHVSKIV
RLSGIIISTSVLSSRATYLSIMCRNCRHTTSITINNFNSITGNTVSLPRSCLSTIESESSMANESNIGDESTKKNCGPDP
YIIIHESSKFIDQQFLKLQEIPELVPVGEMPRNLTMTCDRYLTNKVIPGTRVTIVGIYSIYNSKNGAGSGRSGGGNGGSG
VAIRTPYIKILGIQSDVETSSIWNSVTMFTEEEEEEFLQLSRNPKLYEILTNSIAPSIFGNEDIKKAIVCLLMGGSKKIL
PDGMRLRGDINVLLLGDPGTAKSQLLKFVEKVSPIAVYTSGKGSSAAGLTASVQRDPMTREFYLEGGAMVLADGGVVCID
EFDKMRDEDRVAIHEAMEQQTISIAKAGITTVLNSRTSVLAAANPIYGRYDDLKSPGDNIDFQTTILSRFDMIFIVKDDH
NEERDISIANHVINIHTGNANAMQNQQEENGSEISIEKMKRYITYCRLKCAPRLSPQAAEKLSSNFVTIRKQLLINELES
TERSSIPITIRQLEAIIRITESLAKLELSPIAQERHVDEAIRLFQASTMDAASQDPIGGLNQASGTSLSEIRRFEQELKR
RLPIGWSTSYQTLRREFVDTHRFSQLALDKALYALEKHETIQLRHQGQNIYRSGV
;
5
5 'polypeptide(L)'
;MSSPFPADTPSSNRPSNSSPPPSSIGAGFGSSSGLDSQIGSRLHFPSSSQPHVSNSQTGPFVNDSTQFSSQRLQTDGSAT
NDMEGNEPARSFKSRALNHVKKVDDVTGEKVREAFEQFLEDFSVQSTDTGEVEKVYRAQIEFMKIYDLNTIYIDYQHLSM
RENGALAMAISEQYYRFLPFLQKGLRRVVRKYAPELLNTSDSLKRSEGDEGQADEDEQQDDDMNGSSLPRDSGSSAAPGN
GTSAMATRSITTSTSPEQTERVFQISFFNLPTVHRIRDIRSEKIGSLLSISGTVTRTSEVRPELYKASFTCDMCRAIVDN
VEQSFKYTEPTFCPNPSCENRAFWTLNVTRSRFLDWQKVRIQENANEIPTGSMPRTLDVILRGDSVERAKPGDRCKFTGV
EIVVPDVTQLGLPGVKPSSTLDTRGISKTTEGLNSGVTGLRSLGVRDLTYKISFLACHVISIGSNIGASSPDANSNNRET
ELQMAANLQANNVYQDNERDQEVFLNSLSSDEINELKEMVKDEHIYDKLVRSIAPAVFGHEAVKKGILLQMLGGVHKSTV
EGIKLRGDINICVVGDPSTSKSQFLKYVVGFAPRSVYTSGKASSAAGLTAAVVRDEEGGDYTIEAGALMLADNGICCIDE
FDKMDISDQVAIHEAMEQQTISIAKAGIHATLNARTSILAAANPVGGRYNRKLSLRGNLNMTAPIMSRFDLFFVILDDCN
EKIDTELASHIVDLHMKRDEAIEPPFSAEQLRRYIKYARTFKPILTKEARSYLVEKYKELRKDDAQGFSRSSYRITVRQL
ESMIRLSEAIARANCVDEITPSFIAEAYDLLRQSIIRVDVDDVEMDEEFDNIESQSHAASGNNDDNDDGTGSGVITSEPP
ADIEEGQSEATARPGTSEKKKTTVTYDKYVSMMNMIVRKIAEVDREGAEELTAVDIVDWYLLQKENDLGSLAEYWEERRL
AFKVIKRLVKDRILMEIHGTRHNLRDLENEENENNKTVYVIHPNCEVLDQLEPQDSS
;
6
6 'polypeptide(L)'
;MSAALPSIQLPVDYNNLFNEITDFLVTFKQDTLSSDATRNENEDENLDAENIEQHLLEKGPKYMAMLQKVANRELNSVII
DLDDILQYQNEKFLQGTQADDLVSAIQQNANHFTELFCRAIDNNMPLPTKEIDYKDDVLDVILNQRRLRNERMLSDRTNE
IRSENLMDTTMDPPSSMNDALREVVEDETELFPPNLTRRYFLYFKPLSQNCARRYRKKAISSKPLSVRQIKGDFLGQLIT
VRGIITRVSDVKPAVEVIAYTCDQCGYEVFQEVNSRTFTPLSECTSEECSQNQTKGQLFMSTRASKFSAFQECKIQELSQ
QVPVGHIPRSLNIHVNGTLVRSLSPGDIVDVTGIFLPAPYTGFKALKAGLLTETYLEAQFVRQHKKKFASFSLTSDVEER
VMELITSGDVYNRLAKSIAPEIYGNLDVKKALLLLLVGGVDKRVGDGMKIRGDINVCLMGDPGVAKSQLLKAICKISPRG
VYTTGKGSSGVGLTAAVMKDPVTDEMILEGGALVLADNGICCIDEFDKMDESDRTAIHEVMEQQTISISKAGINTTLNAR
TSILAAANPLYGRYNPRLSPLDNINLPAALLSRFDILFLMLDIPSRDDDEKLAEHVTYVHMHNKQPDLDFTPVEPSKMRE
YIAYAKTKRPVMSEAVNDYVVQAYIRLRQDSKREMDSKFSFGQATPRTLLGIIRLSQALAKLRLADMVDIDDVEEALRLV
RVSKESLYQETNKSKEDESPTTKIFTIIKKMLQETGKNTLSYENIVKTVRLRGFTMLQLSNCIQEYSYLNVWHLINEGNT
LKFVDDGTMDTDQEDSLVSTPKLAPQTTASANVSAQDSDIDLQDA
;
7
7 'polypeptide(L)'
;MYYGISQFSEAYNKILRNSSSHSSCQLVIFVSCLNIDALCATKMLSLLFKKQLVQSQIVPIFGYSELRRHYSQLDDNINS
LLLVGFGGVIDLEAFLEIDPQEYVIDTDEKSGEQSFRRDIYVLDAHRPWNLDNIFGSQIIQCFDDGTVDDTLGEQKEAYY
KLLELDEESGDDELSGDENDNNGGDDEATDADEVTDEDEEDEDETISNKRGNSSIGPNDLSKRKQRKKQIHEYEGVLEEY
YSQGTTVVNSISAQIYSLLSAIGETNLSNLWLNILGTTSLDIAYAQVYNRLYPLLQDEVKRLTPSSRNSVKTPDTLTLNI
QPDYYLFLLRHSSLYDSFYYSNYVNAKLSLWNENGKKRLHKMFARMGIPLSTAQETWLYMDHSIKRELGIIFDKNLDRYG
LQDIIRDGFVRTLGYRGSISASEFVEALTALLEVGNSTDKDSVKINNDNNDDTDGEEEEDNSAQKLTNLRKRWVSNFWLS
WDALDDRKVELLNRGIQLAQDLQRAIFNTGVAILEKKLIKHLRIYRLCVLQDGPDLDLYRNPLTLLRLGNWLIECCAESE
DKQLLPMVLASIDENTDTYLVAGLTPRYPRGLDTIHTKKPILNNFSMAFQQITAETDAKVRIDNFESSIIEIRREDLSPF
LEKLTLSGLLDYKDHDGDYKDHDIDYKDDDDK
;
E
8 'polypeptide(L)'
;MDINIDDILAELDKETTAVDSTKITQGSSSTTHRDANTIVGSSLDLNDKTQIYVSPQQDFSDLMKSWKNERCSPELLPYP
HQLMKRLLNRISMQSQLIENISMGFLDMQNASNANPPMPNESKLPLLCMETELERLKFVIRSYIRCRLSKIDKFSLYLRQ
LNEDENSLISLTDLLSKDEIKYHDTHSLIWLKLVNDSILKYMPEELQAINDTEGSVNMIDEPDWNKFVFIHVNGPPDGKW
NEDPLLQENEFGKPCYTVTIPDLKEEVELTIGSIYVMRYEVIRDLLRDDKVALI
;
D
9 'polypeptide(L)'
;MSLPAHLQQTFSPEEIQFIVENEPIKIFPRITTRQKIRGDDRGTGNHTRWQLITTDDKALNNMVAMRSTEVVLWIALLLK
QQSKCSIVAPQWLTTKELDRKIQYEKTHPDRFSELPWNWLVLARILFNKAKDDFHDPIHELRGKIQDLREIRQIKVLKGL
KYLNESHLQLDNLSLLEINELRPFITEIMDKLREIHTASLTAGTENDEEEFNI
;
B
10 'polypeptide(L)'
;MYGDLGNKLVLEAKRTKQLYARSNQDVNLPMYHEDIIRNILKEVSNLRKNTEYLKEQQQLGMLDDKVAKCQYFVTLLCME
RNKRCLLAYQRLRTDILDSMAWNNNGLDLMSSITFSQQDTNNLSHQEQEYLKEYCDLITDLKSGDLVDIDLSGSLVPPSD
VFIDVRVLKDAGEIQTEYGVFNLIKDSQFFVRQSDVERLIQQGYLQKI
;
A
11 'polypeptide(L)'
;MGYYDIDDVLADGTEFPCKFQYDIPGLGYLENNPGRPITKNTKLSLPLWLARILAIVGGDEALVDEEPVPFVELLPPDMF
STKVMNAIKTDPVALDLHSINSHFFSLAIKWIMLFSEKELANVVSELLLQRAQELNHHASSLSIDLNADSTGKNSANTNI
ATSTFLLKLEEMEKEIYKKSHESYKDTKRWMFKK
;
C
#
loop_
_chem_comp.id
_chem_comp.type
_chem_comp.name
_chem_comp.formula
ZN non-polymer 'ZINC ION' 'Zn 2'
#
# COMPACT_ATOMS: atom_id res chain seq x y z
N PRO A 201 -27.57 -25.46 35.04
CA PRO A 201 -28.12 -25.46 36.41
C PRO A 201 -27.02 -25.34 37.46
N ASN A 202 -27.35 -24.90 38.67
CA ASN A 202 -26.35 -24.74 39.73
C ASN A 202 -25.85 -26.08 40.26
N VAL A 203 -26.72 -27.08 40.19
CA VAL A 203 -26.37 -28.45 40.58
C VAL A 203 -25.15 -28.92 39.80
N SER A 204 -25.10 -28.57 38.52
CA SER A 204 -23.98 -28.92 37.67
C SER A 204 -22.64 -28.41 38.22
N ARG A 205 -22.66 -27.34 39.00
CA ARG A 205 -21.42 -26.82 39.62
C ARG A 205 -20.82 -27.88 40.54
N THR A 206 -21.67 -28.55 41.29
CA THR A 206 -21.22 -29.62 42.15
C THR A 206 -20.51 -30.70 41.33
N ILE A 207 -20.95 -30.91 40.09
CA ILE A 207 -20.31 -31.88 39.21
C ILE A 207 -18.85 -31.54 39.01
N ALA A 208 -18.58 -30.24 38.89
CA ALA A 208 -17.21 -29.76 38.78
C ALA A 208 -16.39 -30.25 39.97
N ARG A 209 -16.96 -30.13 41.16
CA ARG A 209 -16.28 -30.56 42.38
C ARG A 209 -15.86 -32.02 42.29
N GLU A 210 -16.62 -32.80 41.53
CA GLU A 210 -16.23 -34.18 41.30
C GLU A 210 -15.14 -34.29 40.23
N LEU A 211 -15.32 -33.61 39.10
CA LEU A 211 -14.47 -33.88 37.94
C LEU A 211 -13.04 -33.38 38.15
N LYS A 212 -12.88 -32.36 39.01
CA LYS A 212 -11.56 -31.88 39.38
C LYS A 212 -10.79 -33.00 40.07
N SER A 213 -11.51 -33.79 40.86
CA SER A 213 -10.91 -34.94 41.52
C SER A 213 -10.45 -35.92 40.44
N PHE A 214 -11.20 -36.03 39.35
CA PHE A 214 -10.78 -36.88 38.25
C PHE A 214 -9.59 -36.29 37.51
N LEU A 215 -9.41 -34.98 37.64
CA LEU A 215 -8.45 -34.26 36.81
C LEU A 215 -7.01 -34.37 37.27
N LEU A 216 -6.79 -34.55 38.56
CA LEU A 216 -5.43 -34.54 39.08
C LEU A 216 -5.02 -35.87 39.73
N GLU A 217 -5.69 -36.27 40.82
CA GLU A 217 -5.21 -37.41 41.61
C GLU A 217 -5.61 -38.76 41.03
N TYR A 218 -6.31 -38.75 39.91
CA TYR A 218 -6.60 -40.00 39.22
C TYR A 218 -5.32 -40.64 38.73
N THR A 219 -5.15 -41.94 38.98
CA THR A 219 -3.94 -42.64 38.59
C THR A 219 -4.22 -43.83 37.70
N ASP A 220 -3.20 -44.27 36.98
CA ASP A 220 -3.29 -45.47 36.16
C ASP A 220 -1.90 -46.03 35.85
N GLU A 221 -1.83 -47.32 35.54
CA GLU A 221 -0.56 -48.03 35.30
C GLU A 221 0.41 -47.90 36.47
N THR A 222 -0.06 -48.24 37.66
CA THR A 222 0.76 -48.22 38.88
C THR A 222 1.31 -46.83 39.21
N GLY A 223 0.42 -45.94 39.63
CA GLY A 223 0.81 -44.61 40.07
C GLY A 223 0.94 -43.66 38.90
N ARG A 224 1.60 -42.52 39.12
CA ARG A 224 1.96 -41.59 38.05
C ARG A 224 0.76 -41.05 37.27
N SER A 225 0.02 -40.14 37.88
CA SER A 225 -1.19 -39.56 37.30
C SER A 225 -0.92 -39.08 35.88
N VAL A 226 -1.78 -39.50 34.96
CA VAL A 226 -1.58 -39.20 33.53
C VAL A 226 -1.99 -37.78 33.22
N TYR A 227 -3.11 -37.34 33.79
CA TYR A 227 -3.63 -36.02 33.46
C TYR A 227 -2.81 -34.93 34.15
N GLY A 228 -2.17 -35.27 35.25
CA GLY A 228 -1.19 -34.38 35.85
C GLY A 228 -0.03 -34.13 34.90
N ALA A 229 0.42 -35.20 34.24
CA ALA A 229 1.52 -35.12 33.29
C ALA A 229 1.10 -34.42 32.00
N ARG A 230 -0.19 -34.47 31.66
CA ARG A 230 -0.66 -33.70 30.51
C ARG A 230 -0.69 -32.21 30.84
N ILE A 231 -1.16 -31.88 32.04
CA ILE A 231 -1.18 -30.48 32.44
C ILE A 231 0.25 -29.93 32.54
N ARG A 232 1.18 -30.75 33.01
CA ARG A 232 2.61 -30.38 33.03
C ARG A 232 3.13 -30.21 31.59
N THR A 233 2.72 -31.09 30.67
CA THR A 233 3.19 -30.97 29.30
C THR A 233 2.74 -29.63 28.73
N LEU A 234 1.43 -29.36 28.70
CA LEU A 234 1.02 -27.97 28.40
C LEU A 234 0.26 -27.30 29.53
N GLY A 235 1.00 -26.54 30.33
CA GLY A 235 2.41 -26.80 30.55
C GLY A 235 3.51 -26.16 29.74
N GLU A 236 4.63 -26.86 29.69
CA GLU A 236 5.85 -26.35 29.04
C GLU A 236 5.61 -25.97 27.59
N MET A 237 4.88 -26.81 26.85
CA MET A 237 4.57 -26.52 25.46
C MET A 237 3.60 -25.35 25.29
N ASN A 238 2.79 -25.10 26.33
CA ASN A 238 1.77 -24.05 26.36
C ASN A 238 0.91 -23.98 25.10
N SER A 239 0.52 -25.15 24.59
CA SER A 239 -0.22 -25.25 23.34
C SER A 239 -1.73 -25.18 23.57
N GLU A 240 -2.10 -24.96 24.83
CA GLU A 240 -3.47 -24.67 25.30
C GLU A 240 -4.56 -25.66 24.90
N SER A 241 -4.18 -26.90 24.64
CA SER A 241 -5.16 -27.96 24.49
C SER A 241 -4.81 -28.98 25.52
N LEU A 242 -5.69 -29.09 26.49
CA LEU A 242 -5.61 -30.11 27.50
C LEU A 242 -6.33 -31.32 26.98
N GLU A 243 -5.79 -32.51 27.20
CA GLU A 243 -6.32 -33.65 26.53
C GLU A 243 -6.79 -34.74 27.51
N VAL A 244 -8.10 -35.02 27.50
CA VAL A 244 -8.72 -35.99 28.40
C VAL A 244 -9.27 -37.23 27.68
N ASN A 245 -8.74 -38.39 28.02
CA ASN A 245 -9.21 -39.66 27.45
C ASN A 245 -10.63 -40.02 27.88
N TYR A 246 -11.45 -40.38 26.91
CA TYR A 246 -12.83 -40.77 27.20
C TYR A 246 -12.88 -42.12 27.90
N ARG A 247 -11.92 -42.97 27.58
CA ARG A 247 -11.83 -44.30 28.19
C ARG A 247 -11.77 -44.20 29.71
N HIS A 248 -10.95 -43.28 30.20
CA HIS A 248 -10.74 -43.13 31.64
C HIS A 248 -11.92 -42.45 32.30
N LEU A 249 -12.45 -41.42 31.66
CA LEU A 249 -13.62 -40.73 32.18
C LEU A 249 -14.77 -41.72 32.33
N ALA A 250 -14.90 -42.63 31.37
CA ALA A 250 -15.97 -43.63 31.38
C ALA A 250 -15.65 -44.74 32.36
N GLU A 251 -14.36 -44.94 32.61
CA GLU A 251 -13.91 -45.95 33.54
C GLU A 251 -14.24 -45.53 34.98
N SER A 252 -14.02 -44.27 35.32
CA SER A 252 -14.35 -43.78 36.66
C SER A 252 -15.86 -43.77 36.88
N LYS A 253 -16.61 -43.10 36.02
CA LYS A 253 -18.07 -43.12 36.10
C LYS A 253 -18.74 -43.05 34.72
N ALA A 254 -19.82 -43.81 34.58
CA ALA A 254 -20.58 -43.84 33.34
C ALA A 254 -21.58 -42.70 33.30
N ILE A 255 -21.75 -42.01 34.43
CA ILE A 255 -22.74 -40.94 34.53
C ILE A 255 -22.30 -39.69 33.78
N LEU A 256 -20.99 -39.43 33.76
CA LEU A 256 -20.46 -38.31 33.01
C LEU A 256 -20.35 -38.65 31.54
N ALA A 257 -19.92 -39.88 31.26
CA ALA A 257 -19.86 -40.39 29.90
C ALA A 257 -21.24 -40.29 29.25
N LEU A 258 -22.27 -40.53 30.06
CA LEU A 258 -23.63 -40.38 29.58
C LEU A 258 -23.94 -38.90 29.34
N PHE A 259 -23.29 -38.01 30.10
CA PHE A 259 -23.49 -36.59 29.88
C PHE A 259 -22.82 -36.13 28.60
N LEU A 260 -21.80 -36.86 28.16
CA LEU A 260 -21.13 -36.56 26.91
C LEU A 260 -21.97 -36.98 25.69
N ALA A 261 -22.83 -37.98 25.86
CA ALA A 261 -23.70 -38.44 24.78
C ALA A 261 -25.06 -37.77 24.85
N LYS A 262 -25.27 -36.90 25.84
CA LYS A 262 -26.52 -36.17 25.96
C LYS A 262 -26.25 -34.69 25.66
N CYS A 263 -25.52 -34.01 26.54
CA CYS A 263 -25.33 -32.57 26.43
C CYS A 263 -23.87 -32.11 26.59
N PRO A 264 -23.02 -32.30 25.57
CA PRO A 264 -21.63 -31.86 25.67
C PRO A 264 -21.47 -30.34 25.74
N GLU A 265 -22.38 -29.63 25.11
CA GLU A 265 -22.26 -28.19 24.90
C GLU A 265 -21.89 -27.40 26.14
N GLU A 266 -22.79 -27.34 27.11
CA GLU A 266 -22.54 -26.49 28.27
C GLU A 266 -21.58 -27.17 29.26
N MET A 267 -21.51 -28.49 29.20
CA MET A 267 -20.63 -29.23 30.11
C MET A 267 -19.14 -29.04 29.80
N LEU A 268 -18.78 -28.85 28.53
CA LEU A 268 -17.39 -28.56 28.22
C LEU A 268 -17.01 -27.20 28.74
N LYS A 269 -17.96 -26.26 28.70
CA LYS A 269 -17.73 -24.94 29.27
C LYS A 269 -17.61 -25.01 30.79
N ILE A 270 -18.30 -25.96 31.40
CA ILE A 270 -18.16 -26.15 32.84
C ILE A 270 -16.82 -26.78 33.16
N PHE A 271 -16.41 -27.68 32.29
CA PHE A 271 -15.28 -28.57 32.49
C PHE A 271 -13.93 -27.88 32.31
N ASP A 272 -13.81 -27.12 31.23
CA ASP A 272 -12.54 -26.51 30.86
C ASP A 272 -12.16 -25.37 31.80
N LEU A 273 -13.16 -24.73 32.41
CA LEU A 273 -12.86 -23.71 33.42
C LEU A 273 -12.18 -24.36 34.61
N VAL A 274 -12.66 -25.55 34.97
CA VAL A 274 -12.03 -26.34 36.03
C VAL A 274 -10.65 -26.81 35.62
N ALA A 275 -10.48 -27.17 34.36
CA ALA A 275 -9.15 -27.54 33.86
C ALA A 275 -8.21 -26.36 34.04
N MET A 276 -8.72 -25.18 33.76
CA MET A 276 -7.96 -23.97 33.98
C MET A 276 -7.67 -23.79 35.47
N GLU A 277 -8.56 -24.27 36.32
CA GLU A 277 -8.32 -24.22 37.77
C GLU A 277 -7.17 -25.15 38.16
N ALA A 278 -7.13 -26.33 37.55
CA ALA A 278 -6.11 -27.33 37.86
C ALA A 278 -4.74 -26.87 37.38
N THR A 279 -4.69 -26.30 36.18
CA THR A 279 -3.47 -25.68 35.68
C THR A 279 -3.07 -24.52 36.58
N GLU A 280 -4.06 -23.81 37.12
CA GLU A 280 -3.81 -22.70 38.03
C GLU A 280 -3.14 -23.13 39.33
N LEU A 281 -3.55 -24.27 39.88
CA LEU A 281 -2.91 -24.74 41.11
C LEU A 281 -1.55 -25.38 40.81
N HIS A 282 -1.41 -25.98 39.63
CA HIS A 282 -0.15 -26.64 39.27
C HIS A 282 0.91 -25.61 38.80
N TYR A 283 0.48 -24.64 37.98
CA TYR A 283 1.31 -23.48 37.56
C TYR A 283 0.65 -22.15 37.90
N PRO A 284 0.97 -21.55 39.06
CA PRO A 284 0.21 -20.38 39.53
C PRO A 284 0.31 -19.16 38.63
N ASP A 285 -0.07 -19.39 37.38
CA ASP A 285 0.11 -18.45 36.30
C ASP A 285 -0.75 -18.86 35.08
N TYR A 286 -0.46 -18.31 33.90
CA TYR A 286 -1.34 -18.38 32.72
C TYR A 286 -2.59 -17.55 32.90
N ALA A 287 -2.50 -16.52 33.73
CA ALA A 287 -3.51 -15.48 33.67
C ALA A 287 -3.13 -14.66 32.44
N ARG A 288 -1.83 -14.68 32.15
CA ARG A 288 -1.28 -14.04 30.97
C ARG A 288 -1.18 -14.97 29.78
N ILE A 289 -1.41 -16.27 29.95
CA ILE A 289 -1.38 -17.14 28.78
C ILE A 289 -2.74 -17.76 28.49
N HIS A 290 -3.36 -17.22 27.44
CA HIS A 290 -4.58 -17.73 26.79
C HIS A 290 -5.87 -17.70 27.60
N SER A 291 -5.72 -17.71 28.92
CA SER A 291 -6.79 -17.74 29.94
C SER A 291 -7.99 -18.64 29.59
N GLU A 292 -7.84 -19.56 28.64
CA GLU A 292 -8.86 -20.54 28.31
C GLU A 292 -8.21 -21.76 27.76
N ILE A 293 -8.61 -22.91 28.25
CA ILE A 293 -8.17 -24.13 27.63
C ILE A 293 -9.29 -25.07 27.36
N HIS A 294 -9.59 -25.31 26.09
CA HIS A 294 -10.69 -26.17 25.78
C HIS A 294 -10.21 -27.59 25.50
N VAL A 295 -10.85 -28.55 26.16
CA VAL A 295 -10.34 -29.89 26.24
C VAL A 295 -10.61 -30.67 24.97
N ARG A 296 -9.68 -31.55 24.61
CA ARG A 296 -9.75 -32.23 23.33
C ARG A 296 -10.65 -33.47 23.27
N ILE A 297 -10.69 -34.26 24.35
CA ILE A 297 -11.58 -35.43 24.45
C ILE A 297 -11.38 -36.47 23.34
N SER A 298 -10.43 -37.37 23.57
CA SER A 298 -10.07 -38.43 22.64
C SER A 298 -11.25 -39.38 22.42
N ASP A 299 -10.98 -40.50 21.74
CA ASP A 299 -11.99 -41.29 21.04
C ASP A 299 -13.28 -41.59 21.81
N PHE A 300 -14.41 -41.42 21.11
CA PHE A 300 -15.74 -41.49 21.72
C PHE A 300 -16.68 -42.32 20.85
N PRO A 301 -16.56 -43.66 20.90
CA PRO A 301 -17.50 -44.49 20.14
C PRO A 301 -18.87 -44.61 20.83
N THR A 302 -20.03 -44.58 20.15
CA THR A 302 -20.28 -44.17 18.75
C THR A 302 -19.47 -44.84 17.64
N ILE A 303 -18.66 -44.03 16.96
CA ILE A 303 -17.93 -44.32 15.71
C ILE A 303 -18.90 -44.51 14.52
N TYR A 304 -19.97 -43.70 14.54
CA TYR A 304 -20.80 -43.41 13.36
C TYR A 304 -19.92 -42.95 12.23
N SER A 305 -20.19 -43.33 10.99
CA SER A 305 -19.17 -43.03 10.00
C SER A 305 -19.34 -41.66 9.35
N LEU A 306 -20.17 -41.57 8.31
CA LEU A 306 -20.58 -40.27 7.84
C LEU A 306 -22.05 -40.34 7.47
N ARG A 307 -22.29 -41.11 6.43
CA ARG A 307 -23.60 -41.27 5.81
C ARG A 307 -24.64 -41.79 6.79
N GLU A 308 -24.20 -42.36 7.90
CA GLU A 308 -25.14 -42.75 8.91
C GLU A 308 -25.17 -41.66 9.97
N LEU A 309 -26.22 -40.87 9.91
CA LEU A 309 -26.48 -39.78 10.84
C LEU A 309 -27.95 -39.47 10.86
N ARG A 310 -28.47 -39.03 11.99
CA ARG A 310 -29.87 -38.70 12.05
C ARG A 310 -30.09 -37.47 12.90
N GLU A 311 -31.35 -37.19 13.18
CA GLU A 311 -31.68 -36.12 14.10
C GLU A 311 -31.24 -36.45 15.53
N SER A 312 -31.16 -37.75 15.86
CA SER A 312 -30.83 -38.20 17.23
C SER A 312 -29.45 -37.76 17.69
N ASN A 313 -28.65 -37.30 16.74
CA ASN A 313 -27.27 -36.89 17.01
C ASN A 313 -27.14 -35.41 17.32
N LEU A 314 -28.23 -34.66 17.20
CA LEU A 314 -28.21 -33.23 17.46
C LEU A 314 -27.77 -32.93 18.88
N SER A 315 -26.96 -31.88 19.02
CA SER A 315 -26.52 -31.36 20.31
C SER A 315 -25.66 -32.30 21.10
N SER A 316 -25.45 -33.48 20.54
CA SER A 316 -24.70 -34.53 21.22
C SER A 316 -23.43 -34.91 20.48
N LEU A 317 -22.33 -34.88 21.22
CA LEU A 317 -21.02 -35.09 20.67
C LEU A 317 -20.94 -36.40 19.91
N VAL A 318 -20.44 -36.35 18.68
CA VAL A 318 -20.34 -37.57 17.88
C VAL A 318 -19.08 -37.63 17.03
N ARG A 319 -18.41 -38.78 17.08
CA ARG A 319 -17.23 -39.02 16.27
C ARG A 319 -17.57 -39.24 14.80
N VAL A 320 -16.72 -38.72 13.92
CA VAL A 320 -16.87 -38.84 12.48
C VAL A 320 -15.50 -39.12 11.88
N THR A 321 -15.45 -39.72 10.70
CA THR A 321 -14.16 -39.98 10.06
C THR A 321 -14.25 -39.94 8.53
N GLY A 322 -13.15 -39.53 7.90
CA GLY A 322 -13.09 -39.49 6.44
C GLY A 322 -12.05 -38.54 5.90
N VAL A 323 -11.94 -38.50 4.57
CA VAL A 323 -10.93 -37.70 3.91
C VAL A 323 -11.26 -36.20 3.95
N VAL A 324 -10.24 -35.39 4.08
CA VAL A 324 -10.38 -33.95 3.99
C VAL A 324 -10.44 -33.53 2.52
N THR A 325 -11.23 -32.50 2.26
CA THR A 325 -11.28 -31.85 0.95
C THR A 325 -10.83 -30.41 1.17
N ARG A 326 -10.42 -29.73 0.10
CA ARG A 326 -9.67 -28.49 0.23
C ARG A 326 -10.33 -27.50 1.18
N ARG A 327 -9.49 -26.92 2.02
CA ARG A 327 -9.91 -26.18 3.19
C ARG A 327 -9.80 -24.67 3.00
N THR A 328 -10.69 -23.92 3.63
CA THR A 328 -10.59 -22.48 3.54
C THR A 328 -9.39 -21.96 4.30
N GLY A 329 -8.94 -20.78 3.90
CA GLY A 329 -7.87 -20.10 4.59
C GLY A 329 -8.35 -19.58 5.92
N VAL A 330 -7.41 -19.11 6.73
CA VAL A 330 -7.68 -18.87 8.13
C VAL A 330 -8.12 -17.45 8.42
N PHE A 331 -9.40 -17.33 8.69
CA PHE A 331 -10.01 -16.04 8.79
C PHE A 331 -10.44 -15.77 10.23
N PRO A 332 -9.74 -14.89 10.93
CA PRO A 332 -10.13 -14.68 12.34
C PRO A 332 -11.59 -14.33 12.58
N GLN A 333 -12.21 -15.13 13.44
CA GLN A 333 -13.59 -14.99 13.89
C GLN A 333 -13.70 -13.96 15.01
N LEU A 334 -14.87 -13.34 15.15
CA LEU A 334 -15.07 -12.28 16.13
C LEU A 334 -14.91 -12.71 17.59
N LYS A 335 -15.53 -13.82 17.99
CA LYS A 335 -15.57 -14.26 19.39
C LYS A 335 -15.94 -13.13 20.36
N TYR A 336 -15.11 -12.95 21.37
CA TYR A 336 -15.32 -11.96 22.41
C TYR A 336 -15.29 -10.52 21.91
N VAL A 337 -16.12 -9.69 22.54
CA VAL A 337 -16.23 -8.26 22.21
C VAL A 337 -15.80 -7.42 23.40
N LYS A 338 -14.95 -6.42 23.17
CA LYS A 338 -14.54 -5.52 24.25
C LYS A 338 -14.23 -4.13 23.71
N PHE A 339 -14.50 -3.11 24.51
CA PHE A 339 -14.19 -1.74 24.14
C PHE A 339 -13.95 -0.86 25.37
N ASN A 340 -13.38 0.32 25.13
CA ASN A 340 -12.97 1.21 26.22
C ASN A 340 -14.14 1.83 26.99
N CYS A 341 -15.35 1.80 26.43
CA CYS A 341 -16.57 2.30 27.09
C CYS A 341 -16.49 3.80 27.48
N LEU A 342 -16.64 4.70 26.51
CA LEU A 342 -17.34 4.41 25.27
C LEU A 342 -16.86 5.28 24.10
N LEU A 348 -21.50 -0.44 27.24
CA LEU A 348 -22.40 -1.58 27.08
C LEU A 348 -21.84 -2.84 27.76
N GLY A 349 -20.56 -3.13 27.55
CA GLY A 349 -19.92 -4.30 28.15
C GLY A 349 -19.63 -5.41 27.15
N PRO A 350 -18.85 -6.42 27.56
CA PRO A 350 -18.48 -7.53 26.67
C PRO A 350 -19.67 -8.39 26.23
N PHE A 351 -19.75 -8.64 24.92
CA PHE A 351 -20.80 -9.47 24.34
C PHE A 351 -20.22 -10.66 23.62
N PHE A 352 -20.49 -11.87 24.10
CA PHE A 352 -20.03 -13.02 23.36
C PHE A 352 -20.94 -13.29 22.18
N GLN A 353 -20.39 -13.24 20.98
CA GLN A 353 -21.03 -13.80 19.83
C GLN A 353 -19.99 -14.37 18.88
N ASP A 354 -20.18 -15.58 18.35
CA ASP A 354 -21.26 -16.51 18.68
C ASP A 354 -20.82 -17.81 18.04
N SER A 355 -21.62 -18.86 18.21
CA SER A 355 -21.47 -19.98 17.29
C SER A 355 -22.82 -20.53 16.84
N ASN A 356 -23.20 -20.32 15.59
CA ASN A 356 -22.76 -19.15 14.83
C ASN A 356 -23.99 -18.40 14.31
N GLU A 357 -24.25 -17.25 14.91
CA GLU A 357 -25.43 -16.42 14.61
C GLU A 357 -25.03 -14.96 14.41
N GLU A 358 -24.56 -14.34 15.49
CA GLU A 358 -24.29 -12.89 15.60
C GLU A 358 -25.54 -12.00 15.56
N ILE A 359 -26.64 -12.49 16.12
CA ILE A 359 -27.90 -11.75 16.21
C ILE A 359 -28.60 -12.05 17.54
N ARG A 360 -29.11 -11.02 18.21
CA ARG A 360 -29.04 -9.63 17.75
C ARG A 360 -28.60 -8.71 18.88
N VAL A 375 -21.70 -3.41 15.84
CA VAL A 375 -20.31 -3.81 16.06
C VAL A 375 -19.50 -2.64 16.61
N ASN A 376 -18.67 -2.86 17.63
CA ASN A 376 -17.80 -1.78 18.12
C ASN A 376 -16.32 -2.03 17.89
N GLY A 377 -15.77 -2.83 18.78
CA GLY A 377 -14.39 -3.28 18.82
C GLY A 377 -13.49 -2.24 19.45
N GLU A 378 -12.63 -2.69 20.34
CA GLU A 378 -11.45 -1.93 20.73
C GLU A 378 -10.28 -2.88 20.80
N LYS A 379 -10.28 -3.67 21.87
CA LYS A 379 -9.47 -4.88 21.96
C LYS A 379 -10.41 -6.05 22.09
N THR A 380 -10.55 -6.83 21.03
CA THR A 380 -11.44 -7.98 21.05
C THR A 380 -10.59 -9.23 20.91
N VAL A 381 -10.97 -10.30 21.58
CA VAL A 381 -10.10 -11.44 21.50
C VAL A 381 -10.56 -12.29 20.33
N TYR A 382 -9.76 -12.25 19.28
CA TYR A 382 -10.03 -13.02 18.08
C TYR A 382 -9.54 -14.45 18.27
N ARG A 383 -10.20 -15.37 17.58
CA ARG A 383 -9.78 -16.74 17.56
C ARG A 383 -9.94 -17.23 16.15
N ASN A 384 -8.94 -17.91 15.64
CA ASN A 384 -8.98 -18.33 14.25
C ASN A 384 -10.07 -19.30 13.98
N TYR A 385 -10.71 -19.11 12.84
CA TYR A 385 -11.80 -19.93 12.39
C TYR A 385 -11.27 -20.68 11.19
N GLN A 386 -11.74 -21.89 10.94
CA GLN A 386 -11.51 -22.49 9.64
C GLN A 386 -12.57 -23.51 9.32
N ARG A 387 -13.05 -23.50 8.09
CA ARG A 387 -14.12 -24.40 7.71
C ARG A 387 -13.53 -25.36 6.70
N VAL A 388 -13.62 -26.64 7.01
CA VAL A 388 -13.09 -27.70 6.16
C VAL A 388 -14.19 -28.68 5.78
N THR A 389 -14.26 -29.06 4.51
CA THR A 389 -15.31 -29.99 4.11
C THR A 389 -14.84 -31.42 4.16
N LEU A 390 -15.46 -32.19 5.04
CA LEU A 390 -15.06 -33.58 5.25
C LEU A 390 -15.94 -34.50 4.41
N GLN A 391 -15.29 -35.25 3.53
CA GLN A 391 -15.96 -36.21 2.66
C GLN A 391 -15.66 -37.61 3.15
N GLU A 392 -16.58 -38.54 2.93
CA GLU A 392 -16.41 -39.89 3.44
C GLU A 392 -15.38 -40.67 2.61
N ALA A 393 -14.59 -41.50 3.29
CA ALA A 393 -13.49 -42.26 2.66
C ALA A 393 -13.98 -43.14 1.51
N PRO A 394 -13.29 -43.06 0.36
CA PRO A 394 -13.70 -43.75 -0.88
C PRO A 394 -13.66 -45.27 -0.78
N GLY A 395 -12.75 -45.81 0.04
CA GLY A 395 -12.62 -47.24 0.15
C GLY A 395 -13.81 -47.87 0.84
N THR A 396 -14.40 -47.14 1.77
CA THR A 396 -15.43 -47.68 2.65
C THR A 396 -16.86 -47.47 2.12
N VAL A 397 -16.97 -46.91 0.92
CA VAL A 397 -18.27 -46.63 0.30
C VAL A 397 -19.00 -47.90 -0.16
N PRO A 398 -20.23 -48.10 0.33
CA PRO A 398 -21.06 -49.20 -0.16
C PRO A 398 -21.46 -48.95 -1.62
N PRO A 399 -21.37 -49.99 -2.46
CA PRO A 399 -21.61 -49.88 -3.90
C PRO A 399 -22.97 -49.25 -4.24
N GLY A 400 -23.01 -48.45 -5.31
CA GLY A 400 -24.24 -47.85 -5.75
C GLY A 400 -24.66 -46.64 -4.93
N ARG A 401 -23.75 -46.13 -4.13
CA ARG A 401 -24.02 -44.95 -3.32
C ARG A 401 -22.96 -43.88 -3.52
N LEU A 402 -23.41 -42.63 -3.59
CA LEU A 402 -22.51 -41.49 -3.68
C LEU A 402 -21.95 -41.14 -2.30
N PRO A 403 -20.71 -40.66 -2.24
CA PRO A 403 -20.00 -40.26 -1.01
C PRO A 403 -20.45 -38.91 -0.45
N ARG A 404 -21.55 -38.93 0.29
CA ARG A 404 -22.06 -37.75 0.95
C ARG A 404 -21.03 -37.24 1.94
N HIS A 405 -21.15 -35.97 2.30
CA HIS A 405 -20.10 -35.29 3.05
C HIS A 405 -20.69 -34.21 3.94
N ARG A 406 -19.96 -33.81 4.98
CA ARG A 406 -20.43 -32.77 5.88
C ARG A 406 -19.41 -31.67 6.12
N GLU A 407 -19.92 -30.52 6.54
CA GLU A 407 -19.10 -29.35 6.84
C GLU A 407 -18.47 -29.50 8.21
N VAL A 408 -17.23 -29.06 8.37
CA VAL A 408 -16.52 -29.17 9.65
C VAL A 408 -15.94 -27.84 10.08
N ILE A 409 -16.26 -27.41 11.29
CA ILE A 409 -15.74 -26.15 11.77
C ILE A 409 -14.65 -26.32 12.83
N LEU A 410 -13.40 -26.04 12.46
CA LEU A 410 -12.27 -26.06 13.37
C LEU A 410 -12.18 -24.79 14.16
N LEU A 411 -11.52 -24.86 15.30
CA LEU A 411 -11.31 -23.69 16.13
C LEU A 411 -10.00 -23.74 16.88
N ALA A 412 -9.43 -22.56 17.14
CA ALA A 412 -8.15 -22.41 17.83
C ALA A 412 -7.06 -23.28 17.21
N ASP A 413 -6.48 -24.15 18.03
CA ASP A 413 -5.30 -24.90 17.62
C ASP A 413 -5.57 -25.98 16.59
N LEU A 414 -6.81 -26.41 16.50
CA LEU A 414 -7.20 -27.42 15.53
C LEU A 414 -6.91 -26.92 14.13
N VAL A 415 -6.84 -25.60 13.99
CA VAL A 415 -6.51 -24.95 12.73
C VAL A 415 -5.16 -25.37 12.20
N ASP A 416 -5.12 -25.70 10.91
CA ASP A 416 -3.90 -26.01 10.17
C ASP A 416 -3.40 -27.43 10.46
N VAL A 417 -4.07 -28.12 11.37
CA VAL A 417 -3.68 -29.49 11.71
C VAL A 417 -4.05 -30.43 10.56
N SER A 418 -5.11 -30.05 9.86
CA SER A 418 -5.61 -30.79 8.70
C SER A 418 -4.88 -30.44 7.42
N LYS A 419 -4.76 -31.41 6.52
CA LYS A 419 -4.32 -31.14 5.15
C LYS A 419 -5.17 -31.94 4.17
N PRO A 420 -5.57 -31.31 3.04
CA PRO A 420 -6.31 -32.00 1.98
C PRO A 420 -5.66 -33.29 1.49
N GLY A 421 -6.48 -34.30 1.23
CA GLY A 421 -5.99 -35.59 0.73
C GLY A 421 -5.87 -36.64 1.81
N GLU A 422 -5.96 -36.20 3.06
CA GLU A 422 -5.75 -37.07 4.22
C GLU A 422 -7.04 -37.48 4.93
N GLU A 423 -7.04 -38.69 5.50
CA GLU A 423 -8.14 -39.12 6.35
C GLU A 423 -7.96 -38.57 7.76
N VAL A 424 -9.04 -38.09 8.35
CA VAL A 424 -8.95 -37.45 9.64
C VAL A 424 -10.05 -37.91 10.58
N GLU A 425 -9.70 -38.12 11.84
CA GLU A 425 -10.62 -38.55 12.88
C GLU A 425 -11.06 -37.37 13.74
N VAL A 426 -12.34 -36.99 13.68
CA VAL A 426 -12.83 -35.83 14.42
C VAL A 426 -13.90 -36.15 15.47
N THR A 427 -13.80 -35.52 16.64
CA THR A 427 -14.77 -35.79 17.71
C THR A 427 -15.91 -34.78 17.79
N GLY A 428 -15.96 -33.82 16.87
CA GLY A 428 -16.84 -32.68 17.03
C GLY A 428 -18.31 -32.97 17.22
N ILE A 429 -19.01 -32.05 17.87
CA ILE A 429 -20.45 -32.17 18.08
C ILE A 429 -21.21 -31.74 16.82
N TYR A 430 -22.47 -32.16 16.68
CA TYR A 430 -23.21 -31.87 15.47
C TYR A 430 -24.12 -30.64 15.66
N LYS A 431 -24.27 -29.85 14.61
CA LYS A 431 -25.05 -28.62 14.64
C LYS A 431 -25.87 -28.35 13.36
N ASN A 432 -26.77 -27.37 13.47
CA ASN A 432 -27.78 -27.14 12.45
C ASN A 432 -27.76 -25.74 11.81
N ASN A 433 -27.93 -24.76 12.67
CA ASN A 433 -28.44 -23.43 12.37
C ASN A 433 -27.84 -22.63 11.23
N TYR A 434 -28.63 -21.73 10.63
CA TYR A 434 -30.10 -21.68 10.78
C TYR A 434 -30.74 -21.37 9.42
N ASP A 435 -31.19 -22.42 8.71
CA ASP A 435 -32.04 -22.33 7.49
C ASP A 435 -32.02 -20.99 6.73
N GLY A 436 -30.85 -20.52 6.29
CA GLY A 436 -29.59 -21.24 6.38
C GLY A 436 -28.86 -21.97 5.28
N ASN A 437 -29.10 -21.71 4.01
CA ASN A 437 -30.18 -20.86 3.50
C ASN A 437 -30.78 -21.59 2.33
N LEU A 438 -32.04 -22.00 2.45
CA LEU A 438 -32.71 -22.54 1.30
C LEU A 438 -34.07 -21.90 0.98
N ASN A 439 -35.15 -22.41 1.57
CA ASN A 439 -36.48 -21.77 1.54
C ASN A 439 -36.99 -21.48 0.11
N ALA A 440 -36.12 -21.71 -0.87
CA ALA A 440 -36.40 -21.49 -2.28
C ALA A 440 -36.48 -22.84 -3.01
N LYS A 441 -35.35 -23.53 -3.13
CA LYS A 441 -35.43 -24.95 -3.53
C LYS A 441 -35.14 -25.81 -2.32
N ASN A 442 -36.21 -26.14 -1.59
CA ASN A 442 -36.37 -27.33 -0.77
C ASN A 442 -37.84 -27.72 -0.90
N GLY A 443 -38.69 -26.83 -0.39
CA GLY A 443 -40.12 -27.05 -0.19
C GLY A 443 -40.44 -27.11 1.30
N PHE A 444 -39.40 -27.22 2.11
CA PHE A 444 -39.57 -27.48 3.53
C PHE A 444 -38.59 -26.70 4.38
N PRO A 445 -38.89 -26.57 5.69
CA PRO A 445 -37.99 -25.94 6.66
C PRO A 445 -36.80 -26.82 7.06
N VAL A 446 -35.79 -26.83 6.20
CA VAL A 446 -34.64 -27.73 6.28
C VAL A 446 -33.39 -27.01 6.74
N PHE A 447 -32.81 -27.45 7.86
CA PHE A 447 -31.59 -26.88 8.40
C PHE A 447 -30.31 -27.41 7.76
N ALA A 448 -29.24 -26.62 7.85
CA ALA A 448 -27.92 -27.05 7.40
C ALA A 448 -27.26 -28.00 8.38
N THR A 449 -26.35 -28.84 7.90
CA THR A 449 -25.67 -29.81 8.75
C THR A 449 -24.19 -29.50 8.90
N ILE A 450 -23.79 -29.04 10.08
CA ILE A 450 -22.42 -28.60 10.29
C ILE A 450 -21.85 -29.13 11.59
N ILE A 451 -20.76 -29.88 11.49
CA ILE A 451 -20.12 -30.48 12.65
C ILE A 451 -19.11 -29.51 13.22
N GLU A 452 -19.40 -28.95 14.37
CA GLU A 452 -18.44 -28.08 15.00
C GLU A 452 -17.40 -29.00 15.60
N ALA A 453 -16.15 -28.88 15.17
CA ALA A 453 -15.12 -29.87 15.52
C ALA A 453 -14.50 -29.66 16.89
N ASN A 454 -13.98 -30.76 17.41
CA ASN A 454 -13.43 -30.82 18.76
C ASN A 454 -11.96 -31.19 18.74
N SER A 455 -11.66 -32.38 18.22
CA SER A 455 -10.28 -32.82 18.11
C SER A 455 -9.96 -33.25 16.70
N ILE A 456 -8.68 -33.42 16.44
CA ILE A 456 -8.21 -33.86 15.13
C ILE A 456 -7.08 -34.87 15.28
N LYS A 457 -7.20 -36.00 14.61
CA LYS A 457 -6.18 -37.04 14.64
C LYS A 457 -5.97 -37.64 13.27
N ARG A 458 -4.74 -38.03 12.99
CA ARG A 458 -4.50 -38.79 11.77
C ARG A 458 -5.05 -40.19 11.94
N ARG A 459 -5.33 -40.83 10.80
CA ARG A 459 -5.81 -42.20 10.80
C ARG A 459 -4.68 -43.17 11.20
N GLU A 460 -4.94 -44.19 12.02
CA GLU A 460 -6.22 -44.55 12.67
C GLU A 460 -7.40 -44.75 11.71
N ASP B 18 -21.90 35.16 -3.77
CA ASP B 18 -20.73 34.71 -4.51
C ASP B 18 -20.21 35.78 -5.46
N ALA B 19 -19.91 36.96 -4.91
CA ALA B 19 -19.49 38.10 -5.73
C ALA B 19 -18.15 37.82 -6.38
N VAL B 20 -17.43 36.84 -5.83
CA VAL B 20 -16.12 36.48 -6.35
C VAL B 20 -16.21 35.74 -7.68
N PHE B 21 -17.24 34.92 -7.84
CA PHE B 21 -17.57 34.30 -9.13
C PHE B 21 -17.90 35.37 -10.16
N GLY B 22 -18.48 36.47 -9.70
CA GLY B 22 -18.73 37.62 -10.55
C GLY B 22 -17.41 38.25 -10.91
N ASP B 23 -16.52 38.35 -9.93
CA ASP B 23 -15.18 38.88 -10.15
C ASP B 23 -14.47 38.10 -11.21
N ARG B 24 -14.60 36.77 -11.17
CA ARG B 24 -13.94 35.93 -12.15
C ARG B 24 -14.50 36.24 -13.53
N VAL B 25 -15.81 36.48 -13.61
CA VAL B 25 -16.40 36.79 -14.90
C VAL B 25 -15.96 38.16 -15.44
N ARG B 26 -16.00 39.20 -14.60
CA ARG B 26 -15.58 40.54 -15.01
C ARG B 26 -14.10 40.57 -15.33
N ARG B 27 -13.34 39.69 -14.69
CA ARG B 27 -11.91 39.60 -14.93
C ARG B 27 -11.64 38.93 -16.27
N PHE B 28 -12.37 37.85 -16.56
CA PHE B 28 -12.13 37.15 -17.82
C PHE B 28 -12.67 37.97 -18.98
N GLN B 29 -13.66 38.81 -18.72
CA GLN B 29 -14.20 39.71 -19.74
C GLN B 29 -13.09 40.55 -20.36
N GLU B 30 -12.38 41.27 -19.49
CA GLU B 30 -11.30 42.16 -19.86
C GLU B 30 -10.28 41.46 -20.73
N PHE B 31 -9.92 40.24 -20.35
CA PHE B 31 -8.93 39.47 -21.12
C PHE B 31 -9.33 39.41 -22.57
N LEU B 32 -10.63 39.29 -22.84
CA LEU B 32 -11.09 39.32 -24.21
C LEU B 32 -11.39 40.74 -24.66
N ASP B 33 -11.13 40.98 -25.95
CA ASP B 33 -11.28 42.26 -26.64
C ASP B 33 -10.13 43.23 -26.30
N THR B 34 -9.41 42.99 -25.21
CA THR B 34 -8.02 43.45 -25.09
C THR B 34 -7.19 42.34 -24.42
N PHE B 35 -6.32 41.69 -25.16
CA PHE B 35 -6.31 41.71 -26.62
C PHE B 35 -7.53 40.99 -27.23
N THR B 36 -7.83 41.34 -28.48
CA THR B 36 -9.03 40.85 -29.19
C THR B 36 -8.78 39.61 -30.04
N SER B 37 -7.59 39.02 -29.92
CA SER B 37 -7.15 37.94 -30.82
C SER B 37 -8.06 36.70 -30.85
N TYR B 38 -8.82 36.46 -29.78
CA TYR B 38 -9.82 35.38 -29.74
C TYR B 38 -11.17 35.76 -30.34
N ARG B 39 -11.60 36.99 -30.06
CA ARG B 39 -12.91 37.51 -30.46
C ARG B 39 -13.21 37.32 -31.95
N ASP B 40 -12.19 37.45 -32.78
CA ASP B 40 -12.33 37.24 -34.22
C ASP B 40 -12.72 35.80 -34.55
N SER B 41 -12.29 34.87 -33.69
CA SER B 41 -12.60 33.45 -33.89
C SER B 41 -14.03 33.15 -33.47
N VAL B 42 -14.48 33.78 -32.39
CA VAL B 42 -15.88 33.69 -31.96
C VAL B 42 -16.80 34.27 -33.03
N ARG B 43 -16.47 35.47 -33.50
CA ARG B 43 -17.17 36.07 -34.63
C ARG B 43 -17.20 35.12 -35.82
N SER B 44 -16.08 34.46 -36.10
CA SER B 44 -16.01 33.50 -37.20
C SER B 44 -16.97 32.33 -37.00
N ILE B 45 -17.07 31.87 -35.76
CA ILE B 45 -17.99 30.78 -35.43
C ILE B 45 -19.45 31.25 -35.58
N GLN B 46 -19.74 32.47 -35.14
CA GLN B 46 -21.09 33.02 -35.24
C GLN B 46 -21.51 33.26 -36.68
N VAL B 47 -20.55 33.60 -37.53
CA VAL B 47 -20.82 33.89 -38.93
C VAL B 47 -20.95 32.65 -39.78
N TYR B 48 -20.06 31.68 -39.58
CA TYR B 48 -20.02 30.49 -40.43
C TYR B 48 -21.34 29.72 -40.40
N ASN B 49 -21.92 29.57 -39.22
CA ASN B 49 -23.18 28.85 -39.08
C ASN B 49 -24.37 29.56 -39.73
N SER B 50 -24.37 30.88 -39.67
CA SER B 50 -25.37 31.69 -40.36
C SER B 50 -25.16 31.59 -41.87
N ASN B 51 -23.91 31.39 -42.28
CA ASN B 51 -23.61 31.15 -43.69
C ASN B 51 -24.16 29.80 -44.10
N ASN B 52 -24.13 28.83 -43.18
CA ASN B 52 -24.79 27.55 -43.44
C ASN B 52 -26.30 27.73 -43.41
N ALA B 53 -26.76 28.79 -42.76
CA ALA B 53 -28.19 29.11 -42.72
C ALA B 53 -28.64 29.69 -44.05
N ALA B 54 -27.70 30.32 -44.76
CA ALA B 54 -27.96 30.89 -46.06
C ALA B 54 -27.63 29.91 -47.20
N ASN B 55 -27.01 28.78 -46.85
CA ASN B 55 -26.56 27.81 -47.83
C ASN B 55 -27.72 27.20 -48.61
N TYR B 56 -27.47 26.89 -49.89
CA TYR B 56 -28.49 26.38 -50.81
C TYR B 56 -29.66 27.37 -50.94
N ILE B 91 -22.56 22.86 -38.26
CA ILE B 91 -21.70 21.69 -38.25
C ILE B 91 -20.52 21.88 -37.28
N LEU B 92 -19.97 23.09 -37.24
CA LEU B 92 -18.87 23.40 -36.32
C LEU B 92 -19.30 23.33 -34.85
N PRO B 93 -18.55 22.56 -34.05
CA PRO B 93 -18.71 22.55 -32.59
C PRO B 93 -18.54 23.94 -32.02
N HIS B 94 -19.35 24.34 -31.05
CA HIS B 94 -19.14 25.68 -30.54
C HIS B 94 -18.22 25.55 -29.34
N ARG B 95 -16.94 25.83 -29.58
CA ARG B 95 -15.96 25.99 -28.52
C ARG B 95 -14.78 26.82 -29.02
N ILE B 96 -14.22 27.65 -28.15
CA ILE B 96 -13.16 28.53 -28.56
C ILE B 96 -11.85 28.12 -27.92
N ILE B 97 -10.92 27.61 -28.73
CA ILE B 97 -9.64 27.15 -28.17
C ILE B 97 -8.91 28.32 -27.51
N ILE B 98 -8.61 28.16 -26.22
CA ILE B 98 -7.85 29.18 -25.50
C ILE B 98 -6.41 28.73 -25.34
N SER B 99 -5.49 29.43 -25.99
CA SER B 99 -4.08 29.19 -25.77
C SER B 99 -3.73 29.69 -24.37
N LEU B 100 -3.12 28.82 -23.57
CA LEU B 100 -2.65 29.19 -22.23
C LEU B 100 -1.51 30.18 -22.32
N ASP B 101 -0.90 30.20 -23.51
CA ASP B 101 0.20 31.08 -23.83
C ASP B 101 -0.12 32.49 -23.39
N ASP B 102 -1.30 32.97 -23.76
CA ASP B 102 -1.64 34.36 -23.62
C ASP B 102 -2.04 34.76 -22.22
N LEU B 103 -2.35 33.78 -21.37
CA LEU B 103 -2.95 34.09 -20.09
C LEU B 103 -1.98 34.69 -19.10
N ARG B 104 -0.71 34.38 -19.29
CA ARG B 104 0.32 34.79 -18.35
C ARG B 104 0.68 36.25 -18.47
N GLU B 105 0.46 36.80 -19.66
CA GLU B 105 0.81 38.18 -19.95
C GLU B 105 -0.05 39.15 -19.15
N PHE B 106 -1.32 38.79 -18.98
CA PHE B 106 -2.23 39.64 -18.23
C PHE B 106 -2.11 39.39 -16.72
N ASP B 107 -2.61 38.25 -16.26
CA ASP B 107 -2.57 37.96 -14.82
C ASP B 107 -1.99 36.59 -14.50
N ARG B 108 -0.97 36.61 -13.64
CA ARG B 108 -0.35 35.39 -13.14
C ARG B 108 -1.24 34.77 -12.07
N SER B 109 -1.94 35.64 -11.34
CA SER B 109 -2.83 35.23 -10.26
C SER B 109 -3.96 34.36 -10.79
N PHE B 110 -4.50 34.74 -11.92
CA PHE B 110 -5.57 33.98 -12.53
C PHE B 110 -5.02 32.79 -13.35
N TRP B 111 -3.75 32.87 -13.71
CA TRP B 111 -3.11 31.78 -14.44
C TRP B 111 -2.83 30.60 -13.54
N SER B 112 -2.33 30.87 -12.34
CA SER B 112 -1.96 29.80 -11.40
C SER B 112 -3.22 29.11 -10.90
N GLY B 113 -4.32 29.86 -10.87
CA GLY B 113 -5.60 29.32 -10.49
C GLY B 113 -6.20 28.26 -11.38
N ILE B 114 -6.15 28.46 -12.70
CA ILE B 114 -6.71 27.50 -13.64
C ILE B 114 -6.04 26.13 -13.50
N LEU B 115 -4.77 26.15 -13.15
CA LEU B 115 -4.04 24.91 -12.92
C LEU B 115 -4.28 24.33 -11.52
N VAL B 116 -4.26 25.21 -10.52
CA VAL B 116 -4.34 24.73 -9.14
C VAL B 116 -5.76 24.36 -8.76
N GLU B 117 -6.76 25.14 -9.18
CA GLU B 117 -8.14 24.89 -8.76
C GLU B 117 -9.20 25.16 -9.82
N PRO B 118 -9.21 24.36 -10.90
CA PRO B 118 -10.01 24.61 -12.09
C PRO B 118 -11.52 24.60 -11.88
N ALA B 119 -11.97 24.04 -10.76
CA ALA B 119 -13.40 23.97 -10.49
C ALA B 119 -14.01 25.35 -10.25
N TYR B 120 -13.24 26.23 -9.63
CA TYR B 120 -13.75 27.55 -9.28
C TYR B 120 -13.56 28.57 -10.39
N PHE B 121 -12.84 28.19 -11.45
CA PHE B 121 -12.34 29.14 -12.45
C PHE B 121 -12.89 28.89 -13.85
N ILE B 122 -12.67 27.71 -14.41
CA ILE B 122 -13.23 27.40 -15.73
C ILE B 122 -14.74 27.76 -15.89
N PRO B 123 -15.61 27.44 -14.91
CA PRO B 123 -17.00 27.83 -15.19
C PRO B 123 -17.37 29.33 -15.18
N PRO B 124 -16.78 30.16 -14.30
CA PRO B 124 -17.06 31.60 -14.51
C PRO B 124 -16.49 32.17 -15.80
N ALA B 125 -15.32 31.67 -16.22
CA ALA B 125 -14.75 32.05 -17.49
C ALA B 125 -15.67 31.62 -18.63
N GLU B 126 -16.28 30.46 -18.47
CA GLU B 126 -17.19 29.92 -19.48
C GLU B 126 -18.47 30.74 -19.60
N LYS B 127 -19.14 30.98 -18.47
CA LYS B 127 -20.31 31.84 -18.44
C LYS B 127 -19.99 33.20 -19.04
N ALA B 128 -18.75 33.66 -18.83
CA ALA B 128 -18.31 34.90 -19.46
C ALA B 128 -18.19 34.75 -20.99
N LEU B 129 -17.75 33.58 -21.47
CA LEU B 129 -17.65 33.37 -22.92
C LEU B 129 -19.02 33.33 -23.56
N THR B 130 -19.99 32.65 -22.95
CA THR B 130 -21.34 32.69 -23.48
C THR B 130 -21.85 34.12 -23.49
N ASP B 131 -21.62 34.82 -22.38
CA ASP B 131 -22.05 36.21 -22.23
C ASP B 131 -21.49 37.09 -23.36
N LEU B 132 -20.28 36.78 -23.81
CA LEU B 132 -19.70 37.52 -24.92
C LEU B 132 -20.22 37.03 -26.27
N ALA B 133 -20.63 35.77 -26.33
CA ALA B 133 -21.17 35.22 -27.58
C ALA B 133 -22.58 35.74 -27.87
N ASP B 134 -23.28 36.14 -26.80
CA ASP B 134 -24.63 36.71 -26.92
C ASP B 134 -24.65 38.19 -27.26
N SER B 135 -23.54 38.87 -26.96
CA SER B 135 -23.38 40.28 -27.30
C SER B 135 -22.90 40.42 -28.74
N MET B 136 -22.63 39.27 -29.36
CA MET B 136 -22.25 39.20 -30.76
C MET B 136 -23.46 39.26 -31.65
N ASP B 137 -23.25 39.06 -32.94
CA ASP B 137 -24.32 39.36 -33.88
C ASP B 137 -24.93 38.22 -34.69
N ASP B 138 -26.25 38.07 -34.55
CA ASP B 138 -26.89 38.52 -33.33
C ASP B 138 -27.78 37.43 -32.72
N VAL B 139 -29.08 37.46 -33.02
CA VAL B 139 -29.98 36.31 -32.76
C VAL B 139 -30.01 35.23 -33.88
N PRO B 140 -30.33 35.63 -35.13
CA PRO B 140 -30.73 34.65 -36.16
C PRO B 140 -29.57 34.03 -36.91
N HIS B 151 -26.68 28.32 -25.73
CA HIS B 151 -25.74 27.20 -25.66
C HIS B 151 -24.57 27.54 -24.72
N PRO B 152 -24.11 26.53 -23.93
CA PRO B 152 -23.06 26.71 -22.93
C PRO B 152 -21.65 26.99 -23.50
N TRP B 153 -21.45 26.69 -24.78
CA TRP B 153 -20.15 26.51 -25.46
C TRP B 153 -19.19 25.49 -24.84
N LYS B 154 -17.88 25.71 -25.04
CA LYS B 154 -16.80 24.99 -24.34
C LYS B 154 -15.46 25.77 -24.35
N LEU B 155 -14.73 25.75 -23.25
CA LEU B 155 -13.30 26.15 -23.23
C LEU B 155 -12.44 25.03 -23.81
N SER B 156 -11.18 25.31 -24.13
CA SER B 156 -10.31 24.24 -24.60
C SER B 156 -9.00 24.11 -23.80
N PHE B 157 -8.22 25.20 -23.70
CA PHE B 157 -6.90 25.23 -23.04
C PHE B 157 -5.76 24.50 -23.77
N LYS B 158 -5.22 25.19 -24.78
CA LYS B 158 -4.02 24.74 -25.51
C LYS B 158 -2.77 24.41 -24.67
N GLY B 159 -2.04 25.43 -24.18
CA GLY B 159 -0.83 25.22 -23.40
C GLY B 159 0.40 24.95 -24.26
N SER B 160 1.63 25.35 -23.88
CA SER B 160 2.13 25.97 -22.63
C SER B 160 2.15 25.04 -21.43
N PHE B 161 2.25 23.76 -21.74
CA PHE B 161 2.56 22.72 -20.74
C PHE B 161 4.08 22.54 -20.53
N GLY B 162 4.45 22.16 -19.30
CA GLY B 162 3.49 21.88 -18.24
C GLY B 162 4.03 21.52 -16.87
N ALA B 163 3.13 21.07 -16.01
CA ALA B 163 3.47 20.92 -14.61
C ALA B 163 3.30 19.51 -14.02
N HIS B 164 2.12 18.83 -13.98
CA HIS B 164 0.91 18.81 -14.84
C HIS B 164 1.20 18.41 -16.27
N ALA B 165 2.35 17.80 -16.48
CA ALA B 165 2.70 17.42 -17.82
C ALA B 165 2.43 15.94 -18.00
N LEU B 166 1.96 15.33 -16.92
CA LEU B 166 2.25 13.93 -16.67
C LEU B 166 1.66 12.89 -17.60
N SER B 167 2.39 11.79 -17.76
CA SER B 167 1.89 10.56 -18.36
C SER B 167 0.97 9.93 -17.33
N PRO B 168 0.12 8.95 -17.74
CA PRO B 168 -0.86 8.52 -16.73
C PRO B 168 -0.21 7.73 -15.59
N ARG B 169 0.98 7.19 -15.84
CA ARG B 169 1.65 6.38 -14.84
C ARG B 169 2.03 7.19 -13.62
N THR B 170 2.28 8.48 -13.81
CA THR B 170 2.67 9.34 -12.72
C THR B 170 1.57 10.38 -12.52
N LEU B 171 0.82 10.29 -11.41
CA LEU B 171 -0.45 11.01 -11.29
C LEU B 171 -0.96 10.64 -9.87
N THR B 172 -2.06 11.22 -9.36
CA THR B 172 -2.70 10.67 -8.13
C THR B 172 -1.89 10.65 -6.84
N ALA B 173 -2.10 11.53 -5.86
CA ALA B 173 -3.19 12.47 -5.78
C ALA B 173 -2.79 13.91 -5.84
N GLN B 174 -1.50 14.17 -5.89
CA GLN B 174 -1.07 15.55 -5.80
C GLN B 174 -1.59 16.28 -7.04
N HIS B 175 -1.85 15.52 -8.08
CA HIS B 175 -2.35 16.02 -9.35
C HIS B 175 -3.86 15.97 -9.46
N LEU B 176 -4.55 15.62 -8.38
CA LEU B 176 -6.01 15.52 -8.41
C LEU B 176 -6.69 16.84 -8.08
N ASN B 177 -7.81 17.09 -8.78
CA ASN B 177 -8.55 18.35 -8.69
C ASN B 177 -7.73 19.47 -9.30
N LYS B 178 -6.84 19.09 -10.23
CA LYS B 178 -5.96 20.01 -10.94
C LYS B 178 -5.88 19.65 -12.40
N LEU B 179 -5.79 20.67 -13.25
CA LEU B 179 -5.72 20.43 -14.68
C LEU B 179 -4.48 19.60 -15.01
N VAL B 180 -4.61 18.77 -16.02
CA VAL B 180 -3.73 17.67 -16.27
C VAL B 180 -3.71 17.44 -17.75
N SER B 181 -2.55 17.15 -18.31
CA SER B 181 -2.57 16.64 -19.65
C SER B 181 -2.00 15.26 -19.64
N VAL B 182 -2.86 14.28 -19.78
CA VAL B 182 -2.45 12.91 -19.85
C VAL B 182 -1.93 12.66 -21.26
N GLU B 183 -1.09 11.66 -21.43
CA GLU B 183 -0.92 11.13 -22.77
C GLU B 183 -0.64 9.65 -22.75
N GLY B 184 -1.26 8.96 -23.68
CA GLY B 184 -1.01 7.54 -23.86
C GLY B 184 -1.94 6.93 -24.87
N ILE B 185 -1.97 5.61 -24.88
CA ILE B 185 -2.83 4.89 -25.80
C ILE B 185 -4.24 4.82 -25.24
N VAL B 186 -5.22 4.92 -26.14
CA VAL B 186 -6.63 4.89 -25.77
C VAL B 186 -7.27 3.57 -26.15
N THR B 187 -7.84 2.90 -25.16
CA THR B 187 -8.55 1.64 -25.34
C THR B 187 -9.57 1.56 -24.19
N LYS B 188 -10.68 0.84 -24.36
CA LYS B 188 -11.12 0.28 -25.62
C LYS B 188 -12.14 1.16 -26.35
N THR B 189 -12.34 2.39 -25.84
CA THR B 189 -13.28 3.38 -26.42
C THR B 189 -14.76 3.04 -26.32
N SER B 190 -15.32 3.20 -25.12
CA SER B 190 -16.73 2.88 -24.81
C SER B 190 -17.66 3.50 -25.84
N LEU B 191 -18.73 2.77 -26.15
CA LEU B 191 -19.64 3.09 -27.26
C LEU B 191 -20.53 4.32 -27.05
N VAL B 192 -20.60 5.16 -28.09
CA VAL B 192 -21.24 6.49 -28.06
C VAL B 192 -22.72 6.50 -27.70
N ARG B 193 -23.08 7.34 -26.75
CA ARG B 193 -24.42 7.25 -26.23
C ARG B 193 -24.97 8.60 -25.84
N PRO B 194 -26.28 8.80 -26.01
CA PRO B 194 -26.90 10.05 -25.58
C PRO B 194 -26.90 10.24 -24.08
N LYS B 195 -27.03 11.49 -23.69
CA LYS B 195 -27.17 11.83 -22.29
C LYS B 195 -28.10 13.00 -22.13
N LEU B 196 -29.10 12.83 -21.30
CA LEU B 196 -30.12 13.84 -21.10
C LEU B 196 -29.60 15.01 -20.28
N ILE B 197 -29.97 16.23 -20.69
CA ILE B 197 -29.63 17.40 -19.88
C ILE B 197 -30.83 18.29 -19.58
N ARG B 198 -31.39 18.92 -20.61
CA ARG B 198 -32.48 19.85 -20.40
C ARG B 198 -33.82 19.18 -20.59
N SER B 199 -34.65 19.28 -19.56
CA SER B 199 -36.00 18.75 -19.58
C SER B 199 -36.93 19.86 -20.12
N VAL B 200 -37.78 19.50 -21.09
CA VAL B 200 -38.70 20.45 -21.75
C VAL B 200 -40.11 19.85 -21.88
N HIS B 201 -41.12 20.60 -21.47
CA HIS B 201 -42.48 20.06 -21.42
C HIS B 201 -43.52 21.09 -21.91
N TYR B 202 -44.73 20.61 -22.24
CA TYR B 202 -45.79 21.54 -22.67
C TYR B 202 -47.07 21.28 -21.89
N ALA B 203 -47.50 22.34 -21.20
CA ALA B 203 -48.76 22.35 -20.45
C ALA B 203 -49.91 22.83 -21.34
N ALA B 204 -51.08 22.24 -21.14
CA ALA B 204 -52.27 22.63 -21.85
C ALA B 204 -53.48 22.31 -20.94
N LYS B 205 -54.54 23.11 -21.01
CA LYS B 205 -54.64 24.27 -21.90
C LYS B 205 -54.04 25.54 -21.29
N THR B 206 -53.55 25.42 -20.06
CA THR B 206 -52.88 26.52 -19.36
C THR B 206 -51.70 27.04 -20.14
N GLY B 207 -51.21 26.22 -21.05
CA GLY B 207 -50.16 26.62 -21.97
C GLY B 207 -48.82 26.86 -21.32
N ARG B 208 -48.34 28.07 -21.55
CA ARG B 208 -46.98 28.48 -21.29
C ARG B 208 -46.00 27.48 -21.88
N PHE B 209 -44.84 27.36 -21.25
CA PHE B 209 -43.82 26.43 -21.68
C PHE B 209 -43.02 26.02 -20.46
N HIS B 210 -42.91 24.73 -20.17
CA HIS B 210 -42.34 24.30 -18.89
C HIS B 210 -41.09 23.44 -19.04
N TYR B 211 -40.06 23.79 -18.26
CA TYR B 211 -38.78 23.10 -18.35
C TYR B 211 -38.14 22.86 -17.00
N ARG B 212 -37.48 21.71 -16.89
CA ARG B 212 -36.70 21.35 -15.72
C ARG B 212 -35.24 21.28 -16.19
N ASP B 213 -34.31 21.44 -15.28
CA ASP B 213 -32.91 21.30 -15.66
C ASP B 213 -32.23 20.21 -14.84
N TYR B 214 -31.75 19.20 -15.56
CA TYR B 214 -31.16 18.01 -14.99
C TYR B 214 -29.68 18.17 -14.78
N THR B 215 -29.24 17.97 -13.54
CA THR B 215 -27.83 18.07 -13.20
C THR B 215 -27.24 16.68 -12.90
N ASP B 216 -26.37 16.21 -13.79
CA ASP B 216 -25.72 14.91 -13.65
C ASP B 216 -24.45 15.01 -12.79
N ALA B 217 -23.63 13.95 -12.77
CA ALA B 217 -22.39 13.96 -11.97
C ALA B 217 -21.31 14.79 -12.65
N THR B 218 -21.31 14.79 -13.98
CA THR B 218 -20.37 15.58 -14.78
C THR B 218 -20.93 16.95 -15.24
N THR B 219 -22.11 17.36 -14.73
CA THR B 219 -22.67 18.68 -15.04
C THR B 219 -21.73 19.80 -14.63
N THR B 220 -21.60 20.81 -15.49
CA THR B 220 -20.58 21.83 -15.29
C THR B 220 -19.28 21.17 -14.94
N LEU B 221 -18.72 21.62 -13.83
CA LEU B 221 -17.57 20.98 -13.26
C LEU B 221 -17.97 20.66 -11.83
N THR B 222 -18.22 21.74 -11.08
CA THR B 222 -18.46 21.73 -9.63
C THR B 222 -19.54 20.77 -9.17
N THR B 223 -19.40 20.21 -7.97
CA THR B 223 -20.46 19.33 -7.44
C THR B 223 -21.71 20.09 -7.01
N ARG B 224 -22.85 19.51 -7.33
CA ARG B 224 -24.15 20.11 -7.05
C ARG B 224 -25.13 19.03 -6.59
N ILE B 225 -26.11 19.43 -5.79
CA ILE B 225 -27.16 18.53 -5.31
C ILE B 225 -27.87 17.84 -6.46
N PRO B 226 -27.78 16.51 -6.55
CA PRO B 226 -28.26 15.83 -7.76
C PRO B 226 -29.77 15.95 -8.04
N THR B 227 -30.05 16.48 -9.24
CA THR B 227 -31.40 16.58 -9.76
C THR B 227 -32.07 15.25 -10.11
N PRO B 228 -31.35 14.33 -10.81
CA PRO B 228 -32.02 13.16 -11.42
C PRO B 228 -32.96 12.44 -10.44
N ALA B 229 -34.01 11.80 -10.95
CA ALA B 229 -34.15 11.39 -12.35
C ALA B 229 -35.60 11.50 -12.83
N ILE B 230 -35.91 10.82 -13.94
CA ILE B 230 -37.21 10.80 -14.65
C ILE B 230 -37.74 12.20 -15.06
N TYR B 231 -39.03 12.44 -14.89
CA TYR B 231 -39.62 13.71 -15.25
C TYR B 231 -40.49 14.27 -14.13
N PRO B 232 -40.59 15.66 -14.08
CA PRO B 232 -41.43 16.15 -12.98
C PRO B 232 -42.85 15.59 -13.03
N THR B 233 -43.51 15.75 -14.17
CA THR B 233 -44.87 15.26 -14.35
C THR B 233 -45.81 16.01 -13.41
N GLU B 234 -46.71 16.81 -13.98
CA GLU B 234 -47.67 17.60 -13.17
C GLU B 234 -47.10 18.48 -12.06
N ASP B 235 -46.08 19.24 -12.42
CA ASP B 235 -45.72 20.40 -11.63
C ASP B 235 -46.91 21.34 -11.37
N THR B 236 -47.06 21.79 -10.12
CA THR B 236 -48.20 22.58 -9.64
C THR B 236 -48.46 23.88 -10.42
N GLU B 237 -49.73 24.16 -10.67
CA GLU B 237 -50.84 23.28 -10.24
C GLU B 237 -51.00 22.05 -11.15
N GLY B 238 -52.08 21.31 -10.98
CA GLY B 238 -52.14 19.92 -11.41
C GLY B 238 -52.10 19.65 -12.90
N ASN B 239 -51.80 20.68 -13.68
CA ASN B 239 -51.74 20.59 -15.15
C ASN B 239 -50.87 19.44 -15.67
N LYS B 240 -51.35 18.78 -16.73
CA LYS B 240 -50.61 17.72 -17.43
C LYS B 240 -49.37 18.21 -18.15
N LEU B 241 -48.28 17.46 -18.03
CA LEU B 241 -47.07 17.85 -18.74
C LEU B 241 -46.57 16.76 -19.67
N THR B 242 -46.64 17.03 -20.96
CA THR B 242 -46.10 16.10 -21.93
C THR B 242 -44.66 16.47 -22.23
N THR B 243 -43.82 15.45 -22.31
CA THR B 243 -42.41 15.60 -22.65
C THR B 243 -42.23 16.15 -24.06
N GLU B 244 -41.50 17.23 -24.20
CA GLU B 244 -41.33 17.79 -25.52
C GLU B 244 -39.96 17.38 -26.04
N TYR B 245 -39.95 16.50 -27.02
CA TYR B 245 -38.70 15.94 -27.50
C TYR B 245 -38.21 16.72 -28.70
N GLY B 246 -36.91 17.02 -28.75
CA GLY B 246 -36.42 17.79 -29.88
C GLY B 246 -36.41 19.29 -29.69
N TYR B 247 -37.16 19.81 -28.72
CA TYR B 247 -36.76 21.08 -28.12
C TYR B 247 -35.73 20.90 -26.99
N SER B 248 -35.99 19.92 -26.13
CA SER B 248 -35.10 19.58 -25.02
C SER B 248 -33.66 19.25 -25.47
N THR B 249 -32.65 19.59 -24.66
CA THR B 249 -31.25 19.44 -25.07
C THR B 249 -30.56 18.16 -24.59
N PHE B 250 -29.93 17.46 -25.52
CA PHE B 250 -29.11 16.31 -25.18
C PHE B 250 -27.68 16.55 -25.63
N ILE B 251 -26.77 16.57 -24.66
CA ILE B 251 -25.33 16.54 -24.93
C ILE B 251 -24.87 15.11 -25.01
N ASP B 252 -24.20 14.75 -26.10
CA ASP B 252 -23.63 13.41 -26.19
C ASP B 252 -22.56 13.21 -25.12
N HIS B 253 -22.29 11.94 -24.81
CA HIS B 253 -21.38 11.61 -23.72
C HIS B 253 -20.75 10.23 -23.91
N GLN B 254 -19.50 10.10 -23.46
CA GLN B 254 -18.69 8.91 -23.70
C GLN B 254 -17.54 8.85 -22.70
N ARG B 255 -16.95 7.68 -22.49
CA ARG B 255 -15.71 7.62 -21.75
C ARG B 255 -14.76 6.67 -22.46
N ILE B 256 -13.47 6.99 -22.35
CA ILE B 256 -12.40 6.23 -22.97
C ILE B 256 -11.22 6.15 -22.02
N THR B 257 -10.78 4.94 -21.74
CA THR B 257 -9.65 4.75 -20.82
C THR B 257 -8.32 4.97 -21.54
N VAL B 258 -7.33 5.47 -20.80
CA VAL B 258 -6.03 5.75 -21.38
C VAL B 258 -4.89 5.05 -20.63
N GLN B 259 -4.20 4.17 -21.36
CA GLN B 259 -3.00 3.45 -20.94
C GLN B 259 -1.75 4.27 -21.24
N GLU B 260 -0.75 4.20 -20.36
CA GLU B 260 0.52 4.88 -20.62
C GLU B 260 1.23 4.28 -21.83
N MET B 261 2.08 5.09 -22.46
CA MET B 261 2.79 4.69 -23.65
C MET B 261 3.57 3.38 -23.44
N PRO B 262 3.38 2.41 -24.33
CA PRO B 262 4.01 1.09 -24.18
C PRO B 262 5.54 1.13 -24.17
N GLU B 263 6.13 2.10 -24.89
CA GLU B 263 7.58 2.16 -25.01
C GLU B 263 8.29 2.79 -23.81
N MET B 264 7.57 3.60 -23.03
CA MET B 264 8.17 4.19 -21.84
C MET B 264 7.88 3.39 -20.57
N ALA B 265 7.24 2.23 -20.74
CA ALA B 265 7.00 1.29 -19.63
C ALA B 265 8.32 0.81 -18.99
N PRO B 266 8.46 0.99 -17.66
CA PRO B 266 9.68 0.70 -16.90
C PRO B 266 10.11 -0.76 -16.79
N ALA B 267 9.14 -1.65 -16.61
CA ALA B 267 9.46 -3.04 -16.29
C ALA B 267 8.27 -3.93 -16.60
N GLY B 268 8.39 -5.21 -16.25
CA GLY B 268 7.31 -6.16 -16.48
C GLY B 268 6.12 -5.85 -15.60
N GLN B 269 6.25 -4.81 -14.79
CA GLN B 269 5.16 -4.26 -13.98
C GLN B 269 3.97 -3.87 -14.86
N LEU B 270 2.76 -4.25 -14.46
CA LEU B 270 1.53 -4.04 -15.26
C LEU B 270 1.21 -2.56 -15.52
N PRO B 271 0.66 -2.24 -16.71
CA PRO B 271 0.27 -0.88 -17.13
C PRO B 271 -0.87 -0.27 -16.30
N ARG B 272 -0.80 1.02 -16.00
CA ARG B 272 -1.86 1.64 -15.22
C ARG B 272 -2.62 2.68 -16.06
N SER B 273 -3.88 2.37 -16.37
CA SER B 273 -4.73 3.23 -17.19
C SER B 273 -5.80 3.96 -16.40
N ILE B 274 -6.05 5.22 -16.77
CA ILE B 274 -7.18 5.94 -16.17
C ILE B 274 -8.11 6.47 -17.23
N ASP B 275 -9.37 6.62 -16.84
CA ASP B 275 -10.48 6.84 -17.75
C ASP B 275 -10.79 8.32 -17.97
N VAL B 276 -11.08 8.67 -19.22
CA VAL B 276 -11.37 10.05 -19.57
C VAL B 276 -12.75 10.16 -20.20
N ILE B 277 -13.64 10.91 -19.57
CA ILE B 277 -14.96 11.21 -20.12
C ILE B 277 -14.87 12.32 -21.18
N LEU B 278 -15.42 12.09 -22.37
CA LEU B 278 -15.33 13.07 -23.45
C LEU B 278 -16.67 13.73 -23.75
N ASP B 279 -16.82 14.99 -23.35
CA ASP B 279 -18.09 15.69 -23.50
C ASP B 279 -18.32 16.32 -24.86
N ASP B 280 -19.58 16.30 -25.29
CA ASP B 280 -20.02 17.03 -26.48
C ASP B 280 -19.28 16.62 -27.76
N ASP B 281 -18.78 17.61 -28.46
CA ASP B 281 -18.11 17.42 -29.75
C ASP B 281 -17.02 16.36 -29.72
N LEU B 282 -16.28 16.30 -28.62
CA LEU B 282 -15.08 15.46 -28.48
C LEU B 282 -15.39 14.00 -28.79
N VAL B 283 -16.67 13.69 -28.70
CA VAL B 283 -17.17 12.34 -28.90
C VAL B 283 -16.92 11.83 -30.30
N ASP B 284 -16.42 10.60 -30.37
CA ASP B 284 -16.09 9.91 -31.61
C ASP B 284 -14.94 10.59 -32.36
N LYS B 285 -14.12 11.35 -31.64
CA LYS B 285 -13.01 12.03 -32.31
C LYS B 285 -11.78 11.12 -32.42
N THR B 286 -11.76 10.04 -31.66
CA THR B 286 -10.61 9.13 -31.62
C THR B 286 -10.97 7.65 -31.65
N LYS B 287 -10.42 6.91 -32.61
CA LYS B 287 -10.52 5.45 -32.58
C LYS B 287 -9.54 4.92 -31.53
N PRO B 288 -9.80 3.72 -30.98
CA PRO B 288 -8.90 3.13 -29.98
C PRO B 288 -7.56 2.70 -30.57
N GLY B 289 -6.49 2.91 -29.83
CA GLY B 289 -5.17 2.52 -30.27
C GLY B 289 -4.41 3.69 -30.87
N ASP B 290 -4.99 4.87 -30.70
CA ASP B 290 -4.41 6.09 -31.23
C ASP B 290 -3.62 6.84 -30.16
N ARG B 291 -2.47 7.37 -30.57
CA ARG B 291 -1.70 8.29 -29.74
C ARG B 291 -2.56 9.49 -29.42
N VAL B 292 -2.71 9.78 -28.14
CA VAL B 292 -3.59 10.85 -27.75
C VAL B 292 -2.97 11.64 -26.62
N ASN B 293 -3.05 12.97 -26.70
CA ASN B 293 -2.80 13.76 -25.52
C ASN B 293 -4.10 14.42 -25.12
N VAL B 294 -4.71 13.88 -24.08
CA VAL B 294 -5.93 14.40 -23.51
C VAL B 294 -5.54 15.59 -22.66
N VAL B 295 -6.51 16.42 -22.33
CA VAL B 295 -6.33 17.43 -21.33
C VAL B 295 -7.57 17.26 -20.50
N GLY B 296 -7.62 17.89 -19.35
CA GLY B 296 -8.86 17.93 -18.64
C GLY B 296 -8.69 18.16 -17.18
N VAL B 297 -9.79 18.38 -16.52
CA VAL B 297 -9.73 18.49 -15.10
C VAL B 297 -9.79 17.07 -14.61
N PHE B 298 -9.02 16.80 -13.58
CA PHE B 298 -8.89 15.49 -12.98
C PHE B 298 -9.89 15.41 -11.84
N LYS B 299 -10.89 14.55 -12.01
CA LYS B 299 -12.07 14.51 -11.13
C LYS B 299 -12.15 13.15 -10.43
N SER B 300 -12.50 13.21 -9.14
CA SER B 300 -12.77 12.02 -8.35
C SER B 300 -14.24 11.99 -8.07
N LEU B 301 -14.93 11.04 -8.67
CA LEU B 301 -16.38 10.91 -8.54
C LEU B 301 -16.80 9.58 -7.97
N GLY B 302 -17.90 9.62 -7.25
CA GLY B 302 -18.39 8.46 -6.56
C GLY B 302 -17.95 8.54 -5.13
N ALA B 303 -18.76 7.94 -4.28
CA ALA B 303 -18.37 7.73 -2.90
C ALA B 303 -17.36 6.60 -2.88
N GLY B 304 -16.59 6.51 -1.80
CA GLY B 304 -15.62 5.44 -1.66
C GLY B 304 -16.25 4.28 -0.94
N GLY B 305 -17.57 4.38 -0.76
CA GLY B 305 -18.32 3.41 0.00
C GLY B 305 -18.70 4.05 1.32
N MET B 306 -18.10 5.20 1.59
CA MET B 306 -18.33 5.88 2.85
C MET B 306 -19.76 6.42 2.98
N ASN B 307 -20.42 6.64 1.85
CA ASN B 307 -21.79 7.15 1.83
C ASN B 307 -22.75 6.24 2.58
N GLN B 308 -22.83 4.99 2.14
CA GLN B 308 -23.71 4.01 2.77
C GLN B 308 -22.92 2.83 3.33
N SER B 309 -23.59 1.99 4.13
CA SER B 309 -22.95 0.83 4.73
C SER B 309 -22.25 -0.01 3.68
N ASN B 310 -22.98 -0.41 2.64
CA ASN B 310 -22.42 -1.22 1.57
C ASN B 310 -21.57 -0.40 0.61
N SER B 311 -20.42 -0.94 0.20
CA SER B 311 -19.95 -2.25 0.62
C SER B 311 -18.78 -2.13 1.58
N ASN B 312 -18.28 -3.28 2.05
CA ASN B 312 -17.15 -3.30 2.97
C ASN B 312 -15.83 -3.59 2.27
N THR B 313 -14.94 -2.60 2.25
CA THR B 313 -13.64 -2.74 1.62
C THR B 313 -12.90 -1.41 1.59
N LEU B 314 -11.57 -1.48 1.55
CA LEU B 314 -10.75 -0.27 1.51
C LEU B 314 -10.89 0.47 0.20
N ILE B 315 -11.14 -0.29 -0.88
CA ILE B 315 -11.10 0.26 -2.22
C ILE B 315 -12.12 1.39 -2.36
N GLY B 316 -11.75 2.43 -3.09
CA GLY B 316 -12.60 3.60 -3.19
C GLY B 316 -12.15 4.75 -4.08
N PHE B 317 -13.05 5.74 -4.15
CA PHE B 317 -12.90 6.96 -4.93
C PHE B 317 -12.26 6.76 -6.31
N LYS B 318 -12.99 6.12 -7.21
CA LYS B 318 -12.56 6.00 -8.60
C LYS B 318 -12.48 7.38 -9.24
N THR B 319 -11.46 7.59 -10.05
CA THR B 319 -11.15 8.89 -10.58
C THR B 319 -11.19 8.86 -12.09
N LEU B 320 -11.49 10.00 -12.71
CA LEU B 320 -11.49 10.13 -14.16
C LEU B 320 -11.25 11.56 -14.53
N ILE B 321 -10.99 11.82 -15.82
CA ILE B 321 -10.83 13.18 -16.33
C ILE B 321 -11.99 13.63 -17.23
N LEU B 322 -12.61 14.75 -16.86
CA LEU B 322 -13.62 15.41 -17.67
C LEU B 322 -13.02 16.03 -18.92
N GLY B 323 -13.86 16.36 -19.89
CA GLY B 323 -13.45 17.12 -21.06
C GLY B 323 -12.33 16.41 -21.78
N ASN B 324 -11.43 17.18 -22.36
CA ASN B 324 -11.62 18.61 -22.58
C ASN B 324 -11.24 18.85 -24.04
N THR B 325 -10.00 18.59 -24.40
CA THR B 325 -9.57 18.91 -25.74
C THR B 325 -9.32 17.73 -26.67
N VAL B 326 -8.38 16.86 -26.30
CA VAL B 326 -7.97 15.75 -27.15
C VAL B 326 -7.25 16.14 -28.45
N TYR B 327 -6.04 16.69 -28.32
CA TYR B 327 -5.14 16.86 -29.46
C TYR B 327 -4.49 15.54 -29.81
N PRO B 328 -4.75 15.01 -31.00
CA PRO B 328 -4.06 13.79 -31.43
C PRO B 328 -2.60 14.11 -31.74
N LEU B 329 -1.74 13.10 -31.83
CA LEU B 329 -0.36 13.34 -32.21
C LEU B 329 0.33 12.11 -32.80
N HIS B 330 1.48 12.32 -33.44
CA HIS B 330 2.23 11.25 -34.09
C HIS B 330 3.72 11.34 -33.82
N LEU C 177 -83.97 -11.24 -23.79
CA LEU C 177 -83.05 -11.96 -24.65
C LEU C 177 -81.74 -12.27 -23.93
N ARG C 178 -81.52 -11.62 -22.79
CA ARG C 178 -80.32 -11.80 -21.96
C ARG C 178 -79.01 -11.53 -22.72
N ILE C 179 -78.77 -10.25 -23.03
CA ILE C 179 -77.50 -9.84 -23.64
C ILE C 179 -76.34 -10.15 -22.70
N ILE C 180 -75.26 -10.68 -23.24
CA ILE C 180 -74.08 -10.94 -22.41
C ILE C 180 -72.89 -10.08 -22.86
N TRP C 181 -72.63 -9.03 -22.07
CA TRP C 181 -71.52 -8.10 -22.24
C TRP C 181 -71.25 -7.73 -23.70
N GLY C 182 -69.99 -7.84 -24.10
CA GLY C 182 -69.55 -7.41 -25.41
C GLY C 182 -69.47 -8.54 -26.43
N THR C 183 -69.40 -9.77 -25.94
CA THR C 183 -69.44 -10.94 -26.80
C THR C 183 -70.78 -11.01 -27.52
N ASN C 184 -71.82 -10.50 -26.86
CA ASN C 184 -73.18 -10.37 -27.40
C ASN C 184 -73.68 -11.62 -28.13
N VAL C 185 -73.31 -12.78 -27.61
CA VAL C 185 -73.89 -14.01 -28.09
C VAL C 185 -74.94 -14.43 -27.08
N SER C 186 -76.19 -14.32 -27.48
CA SER C 186 -77.31 -14.34 -26.57
C SER C 186 -77.65 -15.73 -26.01
N ILE C 187 -77.83 -15.79 -24.69
CA ILE C 187 -78.34 -17.00 -24.05
C ILE C 187 -79.83 -17.10 -24.34
N GLN C 188 -80.35 -18.32 -24.33
CA GLN C 188 -81.74 -18.61 -24.67
C GLN C 188 -82.08 -18.22 -26.10
N GLU C 189 -81.06 -18.15 -26.95
CA GLU C 189 -81.26 -17.96 -28.39
C GLU C 189 -80.45 -19.01 -29.14
N CYS C 190 -79.13 -18.90 -29.01
CA CYS C 190 -78.23 -19.80 -29.71
C CYS C 190 -78.31 -21.22 -29.16
N THR C 191 -78.82 -21.35 -27.95
CA THR C 191 -78.99 -22.67 -27.35
C THR C 191 -80.00 -23.49 -28.15
N THR C 192 -81.10 -22.83 -28.54
CA THR C 192 -82.17 -23.46 -29.31
C THR C 192 -81.77 -23.63 -30.78
N ASN C 193 -81.08 -22.62 -31.31
CA ASN C 193 -80.53 -22.68 -32.67
C ASN C 193 -79.57 -23.87 -32.80
N PHE C 194 -78.87 -24.20 -31.72
CA PHE C 194 -78.05 -25.41 -31.71
C PHE C 194 -78.88 -26.67 -31.42
N ARG C 195 -79.95 -26.51 -30.66
CA ARG C 195 -80.77 -27.65 -30.24
C ARG C 195 -81.53 -28.25 -31.42
N ASN C 196 -81.93 -27.41 -32.37
CA ASN C 196 -82.58 -27.92 -33.58
C ASN C 196 -81.56 -28.23 -34.68
N PHE C 197 -80.27 -28.05 -34.39
CA PHE C 197 -79.20 -28.43 -35.31
C PHE C 197 -79.12 -29.94 -35.42
N LEU C 198 -79.71 -30.59 -34.42
CA LEU C 198 -79.65 -32.04 -34.29
C LEU C 198 -80.29 -32.74 -35.48
N MET C 199 -79.87 -33.99 -35.70
CA MET C 199 -80.40 -34.86 -36.75
C MET C 199 -80.19 -34.28 -38.16
N SER C 200 -78.93 -34.17 -38.58
CA SER C 200 -78.64 -33.74 -39.95
C SER C 200 -77.48 -34.51 -40.57
N PHE C 201 -77.67 -34.96 -41.81
CA PHE C 201 -76.63 -35.52 -42.65
C PHE C 201 -75.78 -34.39 -43.32
N LYS C 202 -76.37 -33.48 -44.11
CA LYS C 202 -77.77 -33.50 -44.51
C LYS C 202 -78.04 -33.32 -46.02
N TYR C 203 -77.74 -32.20 -46.72
CA TYR C 203 -76.60 -31.25 -46.65
C TYR C 203 -75.29 -32.07 -46.90
N LYS C 204 -74.17 -31.70 -46.29
CA LYS C 204 -72.87 -32.39 -46.43
C LYS C 204 -72.56 -32.91 -47.86
N PHE C 205 -72.31 -32.07 -48.87
CA PHE C 205 -71.85 -30.65 -48.84
C PHE C 205 -70.83 -30.31 -47.76
N TYR C 225 -73.13 -39.16 -36.53
CA TYR C 225 -73.19 -38.30 -37.69
C TYR C 225 -74.64 -38.05 -38.12
N TYR C 226 -75.25 -37.00 -37.58
CA TYR C 226 -74.69 -36.24 -36.45
C TYR C 226 -75.02 -36.91 -35.13
N ILE C 227 -76.26 -37.43 -35.03
CA ILE C 227 -76.74 -38.07 -33.81
C ILE C 227 -76.17 -39.48 -33.68
N LYS C 228 -75.76 -40.07 -34.80
CA LYS C 228 -75.18 -41.42 -34.79
C LYS C 228 -73.95 -41.51 -33.89
N GLN C 229 -73.01 -40.57 -34.09
CA GLN C 229 -71.76 -40.55 -33.32
C GLN C 229 -71.99 -40.21 -31.84
N LEU C 230 -73.02 -39.41 -31.56
CA LEU C 230 -73.39 -39.05 -30.19
C LEU C 230 -73.97 -40.29 -29.49
N ASN C 231 -74.83 -41.01 -30.20
CA ASN C 231 -75.36 -42.29 -29.75
C ASN C 231 -74.25 -43.32 -29.54
N GLU C 232 -73.14 -43.17 -30.27
CA GLU C 232 -71.94 -43.95 -29.97
C GLU C 232 -71.28 -43.46 -28.70
N MET C 233 -71.37 -42.15 -28.47
CA MET C 233 -70.69 -41.51 -27.36
C MET C 233 -71.30 -41.89 -26.01
N ARG C 234 -72.63 -41.98 -25.97
CA ARG C 234 -73.34 -42.16 -24.70
C ARG C 234 -72.96 -43.44 -23.94
N GLU C 235 -72.58 -44.50 -24.63
CA GLU C 235 -72.19 -45.76 -23.96
C GLU C 235 -70.83 -45.69 -23.32
N LEU C 236 -69.84 -45.25 -24.09
CA LEU C 236 -68.44 -45.35 -23.71
C LEU C 236 -68.11 -44.50 -22.47
N GLY C 237 -68.80 -43.37 -22.34
CA GLY C 237 -68.55 -42.45 -21.24
C GLY C 237 -67.24 -41.70 -21.40
N THR C 238 -66.69 -41.73 -22.61
CA THR C 238 -65.43 -41.06 -22.92
C THR C 238 -65.55 -39.54 -22.94
N SER C 239 -66.79 -39.06 -23.01
CA SER C 239 -67.09 -37.64 -23.19
C SER C 239 -66.34 -37.03 -24.37
N ASN C 240 -65.86 -35.80 -24.20
CA ASN C 240 -65.06 -35.11 -25.21
C ASN C 240 -65.62 -35.23 -26.63
N LEU C 241 -66.72 -34.53 -26.90
CA LEU C 241 -67.32 -34.56 -28.22
C LEU C 241 -66.45 -33.72 -29.16
N ASN C 242 -65.92 -34.37 -30.20
CA ASN C 242 -64.92 -33.77 -31.10
C ASN C 242 -65.51 -32.83 -32.15
N LEU C 243 -66.81 -32.93 -32.32
CA LEU C 243 -67.56 -32.21 -33.36
C LEU C 243 -67.07 -32.51 -34.78
N ASP C 244 -67.17 -31.52 -35.66
CA ASP C 244 -66.57 -31.57 -37.00
C ASP C 244 -65.93 -30.24 -37.44
N ALA C 245 -66.76 -29.20 -37.65
CA ALA C 245 -66.28 -27.87 -38.10
C ALA C 245 -65.49 -27.99 -39.43
N ARG C 246 -66.22 -28.10 -40.54
CA ARG C 246 -67.48 -27.36 -40.65
C ARG C 246 -68.82 -28.10 -40.80
N ASN C 247 -69.74 -27.60 -40.00
CA ASN C 247 -71.09 -28.11 -39.93
C ASN C 247 -72.05 -26.95 -40.13
N LEU C 248 -72.00 -26.00 -39.20
CA LEU C 248 -72.87 -24.83 -39.23
C LEU C 248 -72.80 -24.05 -40.55
N LEU C 249 -71.68 -24.23 -41.25
CA LEU C 249 -71.45 -23.63 -42.56
C LEU C 249 -71.43 -24.75 -43.62
N ALA C 250 -72.26 -24.69 -44.68
CA ALA C 250 -73.14 -23.56 -45.03
C ALA C 250 -74.53 -23.69 -44.44
N TYR C 251 -74.74 -24.77 -43.68
CA TYR C 251 -76.04 -25.19 -43.17
C TYR C 251 -76.83 -24.07 -42.50
N LYS C 252 -78.14 -24.03 -42.75
CA LYS C 252 -79.03 -23.05 -42.11
C LYS C 252 -80.12 -23.83 -41.34
N GLN C 253 -80.41 -23.46 -40.08
CA GLN C 253 -79.94 -22.27 -39.39
C GLN C 253 -78.52 -22.40 -38.85
N THR C 254 -78.11 -21.40 -38.08
CA THR C 254 -76.77 -21.29 -37.48
C THR C 254 -75.65 -21.06 -38.50
N GLU C 255 -75.95 -20.32 -39.56
CA GLU C 255 -74.91 -19.80 -40.43
C GLU C 255 -74.11 -18.76 -39.65
N ASP C 256 -74.81 -18.04 -38.76
CA ASP C 256 -74.20 -17.01 -37.95
C ASP C 256 -73.46 -17.58 -36.74
N LEU C 257 -73.88 -18.74 -36.25
CA LEU C 257 -73.24 -19.34 -35.08
C LEU C 257 -71.80 -19.69 -35.35
N TYR C 258 -71.51 -20.09 -36.58
CA TYR C 258 -70.14 -20.36 -37.00
C TYR C 258 -69.29 -19.10 -36.82
N HIS C 259 -69.87 -17.95 -37.16
CA HIS C 259 -69.19 -16.67 -37.04
C HIS C 259 -69.14 -16.20 -35.58
N GLN C 260 -70.11 -16.63 -34.78
CA GLN C 260 -70.17 -16.28 -33.35
C GLN C 260 -69.12 -17.06 -32.56
N LEU C 261 -68.89 -18.29 -32.98
CA LEU C 261 -67.86 -19.14 -32.40
C LEU C 261 -66.49 -18.70 -32.87
N LEU C 262 -66.35 -18.50 -34.17
CA LEU C 262 -65.07 -18.13 -34.72
C LEU C 262 -64.62 -16.80 -34.11
N ASN C 263 -65.52 -15.82 -34.09
CA ASN C 263 -65.19 -14.50 -33.55
C ASN C 263 -65.21 -14.49 -32.02
N TYR C 264 -66.09 -15.29 -31.42
CA TYR C 264 -66.17 -15.35 -29.97
C TYR C 264 -66.27 -16.79 -29.46
N PRO C 265 -65.15 -17.54 -29.49
CA PRO C 265 -65.12 -18.96 -29.07
C PRO C 265 -65.26 -19.19 -27.56
N GLN C 266 -64.85 -18.20 -26.77
CA GLN C 266 -64.83 -18.31 -25.31
C GLN C 266 -66.18 -18.74 -24.73
N GLU C 267 -67.22 -17.95 -25.00
CA GLU C 267 -68.56 -18.23 -24.48
C GLU C 267 -69.20 -19.36 -25.26
N VAL C 268 -69.08 -19.29 -26.58
CA VAL C 268 -69.70 -20.24 -27.47
C VAL C 268 -69.36 -21.69 -27.10
N ILE C 269 -68.14 -21.94 -26.66
CA ILE C 269 -67.78 -23.30 -26.27
C ILE C 269 -68.54 -23.72 -24.99
N SER C 270 -68.60 -22.84 -23.99
CA SER C 270 -69.35 -23.12 -22.76
C SER C 270 -70.85 -23.36 -23.01
N ILE C 271 -71.47 -22.46 -23.76
CA ILE C 271 -72.87 -22.62 -24.14
C ILE C 271 -73.09 -23.91 -24.93
N MET C 272 -72.20 -24.18 -25.88
CA MET C 272 -72.26 -25.42 -26.66
C MET C 272 -72.21 -26.67 -25.79
N ASP C 273 -71.40 -26.62 -24.73
CA ASP C 273 -71.31 -27.73 -23.79
C ASP C 273 -72.58 -27.90 -22.96
N GLN C 274 -73.12 -26.78 -22.48
CA GLN C 274 -74.40 -26.80 -21.78
C GLN C 274 -75.50 -27.43 -22.66
N THR C 275 -75.60 -26.94 -23.90
CA THR C 275 -76.60 -27.42 -24.85
C THR C 275 -76.42 -28.89 -25.22
N ILE C 276 -75.19 -29.36 -25.43
CA ILE C 276 -75.02 -30.78 -25.75
C ILE C 276 -75.33 -31.62 -24.51
N LYS C 277 -75.10 -31.05 -23.32
CA LYS C 277 -75.46 -31.76 -22.10
C LYS C 277 -76.96 -31.93 -21.98
N ASP C 278 -77.70 -30.86 -22.22
CA ASP C 278 -79.16 -30.90 -22.12
C ASP C 278 -79.77 -31.68 -23.28
N CYS C 279 -79.02 -31.84 -24.37
CA CYS C 279 -79.46 -32.68 -25.48
C CYS C 279 -79.14 -34.16 -25.20
N MET C 280 -78.19 -34.40 -24.29
CA MET C 280 -78.02 -35.74 -23.71
C MET C 280 -79.21 -36.03 -22.79
N VAL C 281 -79.51 -35.07 -21.91
CA VAL C 281 -80.66 -35.15 -21.02
C VAL C 281 -81.95 -35.41 -21.79
N SER C 282 -82.10 -34.78 -22.97
CA SER C 282 -83.28 -34.97 -23.79
C SER C 282 -83.17 -36.24 -24.65
N LEU C 283 -81.95 -36.76 -24.80
CA LEU C 283 -81.77 -38.06 -25.47
C LEU C 283 -82.22 -39.20 -24.57
N ILE C 284 -81.96 -39.06 -23.28
CA ILE C 284 -82.27 -40.11 -22.31
C ILE C 284 -83.78 -40.29 -22.08
N VAL C 285 -84.50 -39.18 -21.93
CA VAL C 285 -85.94 -39.21 -21.68
C VAL C 285 -86.71 -39.86 -22.83
N ASP C 286 -86.10 -39.87 -24.01
CA ASP C 286 -86.69 -40.46 -25.20
C ASP C 286 -86.73 -41.99 -25.08
N ASN C 287 -85.66 -42.55 -24.52
CA ASN C 287 -85.54 -43.99 -24.30
C ASN C 287 -85.99 -44.40 -22.91
N ASN C 288 -86.58 -43.43 -22.19
CA ASN C 288 -86.98 -43.58 -20.78
C ASN C 288 -85.78 -43.81 -19.86
N LEU C 289 -85.87 -44.83 -19.00
CA LEU C 289 -84.82 -45.09 -18.01
C LEU C 289 -83.54 -45.58 -18.69
N ASP C 290 -82.44 -44.87 -18.45
CA ASP C 290 -81.17 -45.17 -19.13
C ASP C 290 -79.99 -45.14 -18.17
N TYR C 291 -79.22 -46.23 -18.19
CA TYR C 291 -77.87 -46.25 -17.61
C TYR C 291 -77.84 -46.16 -16.10
N ASP C 292 -79.01 -46.01 -15.48
CA ASP C 292 -79.15 -46.14 -14.04
C ASP C 292 -78.34 -45.16 -13.17
N LEU C 293 -78.80 -43.91 -13.07
CA LEU C 293 -79.91 -43.41 -13.86
C LEU C 293 -79.58 -42.01 -14.37
N ASP C 294 -79.55 -41.09 -13.41
CA ASP C 294 -79.35 -39.67 -13.64
C ASP C 294 -77.87 -39.27 -13.48
N GLU C 295 -77.07 -40.19 -12.98
CA GLU C 295 -75.67 -39.91 -12.65
C GLU C 295 -74.82 -39.75 -13.90
N ILE C 296 -75.22 -40.48 -14.95
CA ILE C 296 -74.48 -40.47 -16.20
C ILE C 296 -74.58 -39.10 -16.90
N GLU C 297 -75.64 -38.34 -16.61
CA GLU C 297 -75.79 -36.99 -17.14
C GLU C 297 -74.91 -36.00 -16.38
N THR C 298 -74.71 -36.27 -15.09
CA THR C 298 -73.95 -35.40 -14.20
C THR C 298 -72.49 -35.31 -14.62
N LYS C 299 -71.98 -36.39 -15.19
CA LYS C 299 -70.60 -36.45 -15.65
C LYS C 299 -70.30 -35.33 -16.66
N PHE C 300 -69.07 -34.82 -16.63
CA PHE C 300 -68.71 -33.62 -17.40
C PHE C 300 -68.44 -33.88 -18.88
N TYR C 301 -69.01 -33.01 -19.70
CA TYR C 301 -68.90 -33.09 -21.14
C TYR C 301 -68.27 -31.81 -21.68
N LYS C 302 -67.70 -31.91 -22.88
CA LYS C 302 -67.21 -30.71 -23.57
C LYS C 302 -67.17 -30.89 -25.09
N VAL C 303 -67.27 -29.78 -25.80
CA VAL C 303 -67.10 -29.74 -27.25
C VAL C 303 -65.64 -29.49 -27.60
N ARG C 304 -65.13 -30.17 -28.64
CA ARG C 304 -63.75 -29.96 -29.08
C ARG C 304 -63.66 -29.48 -30.54
N PRO C 305 -64.04 -28.20 -30.79
CA PRO C 305 -64.08 -27.69 -32.18
C PRO C 305 -62.72 -27.74 -32.87
N TYR C 306 -62.68 -27.87 -34.19
CA TYR C 306 -61.39 -27.86 -34.90
C TYR C 306 -61.54 -27.51 -36.36
N ASN C 307 -60.45 -27.11 -37.01
CA ASN C 307 -60.51 -26.77 -38.43
C ASN C 307 -61.52 -25.66 -38.73
N VAL C 308 -61.32 -24.52 -38.10
CA VAL C 308 -62.15 -23.37 -38.44
C VAL C 308 -61.38 -22.46 -39.40
N GLY C 309 -61.80 -22.50 -40.67
CA GLY C 309 -61.09 -21.83 -41.73
C GLY C 309 -59.71 -22.45 -41.84
N SER C 310 -58.88 -21.88 -42.70
CA SER C 310 -57.47 -22.21 -42.72
C SER C 310 -56.70 -20.96 -42.38
N CYS C 311 -56.11 -20.94 -41.19
CA CYS C 311 -55.31 -19.81 -40.78
C CYS C 311 -53.91 -19.91 -41.37
N LYS C 312 -53.29 -18.76 -41.63
CA LYS C 312 -51.94 -18.74 -42.19
C LYS C 312 -50.93 -18.46 -41.09
N GLY C 313 -50.26 -19.51 -40.65
CA GLY C 313 -49.15 -19.39 -39.74
C GLY C 313 -49.50 -18.79 -38.39
N MET C 314 -48.51 -18.67 -37.53
CA MET C 314 -48.54 -17.77 -36.38
C MET C 314 -48.12 -16.37 -36.81
N ARG C 315 -47.13 -16.35 -37.69
CA ARG C 315 -46.42 -15.15 -38.08
C ARG C 315 -47.35 -14.06 -38.63
N GLU C 316 -48.29 -14.47 -39.48
CA GLU C 316 -49.19 -13.53 -40.15
C GLU C 316 -50.13 -12.80 -39.17
N LEU C 317 -50.31 -13.37 -37.99
CA LEU C 317 -51.39 -12.95 -37.08
C LEU C 317 -51.39 -11.49 -36.65
N ASN C 318 -52.55 -10.86 -36.76
CA ASN C 318 -52.75 -9.51 -36.24
C ASN C 318 -52.99 -9.56 -34.74
N PRO C 319 -52.53 -8.51 -34.03
CA PRO C 319 -52.78 -8.23 -32.62
C PRO C 319 -54.23 -7.84 -32.37
N ASN C 320 -54.97 -7.56 -33.45
CA ASN C 320 -56.39 -7.21 -33.36
C ASN C 320 -57.28 -8.39 -33.02
N ASP C 321 -56.85 -9.59 -33.36
CA ASP C 321 -57.64 -10.74 -32.97
C ASP C 321 -56.97 -11.46 -31.83
N ILE C 322 -57.46 -11.19 -30.62
CA ILE C 322 -57.01 -11.93 -29.44
C ILE C 322 -57.98 -12.91 -28.81
N ASP C 323 -59.24 -12.91 -29.21
CA ASP C 323 -60.09 -14.03 -28.84
C ASP C 323 -60.56 -14.58 -30.15
N LYS C 324 -59.92 -15.66 -30.60
CA LYS C 324 -60.25 -16.32 -31.85
C LYS C 324 -59.68 -17.72 -31.92
N LEU C 325 -60.30 -18.57 -32.73
CA LEU C 325 -59.80 -19.92 -32.88
C LEU C 325 -58.79 -19.96 -34.02
N ILE C 326 -57.63 -20.49 -33.73
CA ILE C 326 -56.45 -20.30 -34.55
C ILE C 326 -55.73 -21.61 -34.83
N ASN C 327 -55.74 -22.05 -36.09
CA ASN C 327 -54.96 -23.21 -36.47
C ASN C 327 -53.48 -22.90 -36.32
N LEU C 328 -52.70 -23.91 -35.97
CA LEU C 328 -51.25 -23.78 -35.93
C LEU C 328 -50.65 -25.11 -36.30
N LYS C 329 -49.42 -25.10 -36.80
CA LYS C 329 -48.69 -26.32 -37.12
C LYS C 329 -47.19 -26.15 -36.85
N GLY C 330 -46.56 -27.19 -36.32
CA GLY C 330 -45.13 -27.21 -36.12
C GLY C 330 -44.74 -28.33 -35.17
N LEU C 331 -43.45 -28.66 -35.15
CA LEU C 331 -42.96 -29.73 -34.27
C LEU C 331 -42.92 -29.23 -32.82
N VAL C 332 -42.91 -30.17 -31.88
CA VAL C 332 -42.81 -29.81 -30.46
C VAL C 332 -41.41 -30.07 -29.92
N LEU C 333 -40.75 -29.02 -29.47
CA LEU C 333 -39.38 -29.16 -29.01
C LEU C 333 -39.35 -29.80 -27.62
N ARG C 334 -40.29 -29.45 -26.75
CA ARG C 334 -40.36 -30.07 -25.41
C ARG C 334 -41.78 -30.09 -24.82
N SER C 335 -42.03 -31.08 -23.97
CA SER C 335 -43.27 -31.15 -23.19
C SER C 335 -42.95 -30.93 -21.72
N THR C 336 -43.40 -29.80 -21.18
CA THR C 336 -43.04 -29.41 -19.82
C THR C 336 -43.70 -30.30 -18.78
N PRO C 337 -43.08 -30.42 -17.59
CA PRO C 337 -43.72 -31.09 -16.45
C PRO C 337 -45.03 -30.42 -16.06
N VAL C 338 -45.95 -31.20 -15.49
CA VAL C 338 -47.30 -30.74 -15.20
C VAL C 338 -47.36 -29.73 -14.05
N ILE C 339 -47.93 -28.58 -14.34
CA ILE C 339 -48.21 -27.60 -13.30
C ILE C 339 -49.68 -27.69 -12.93
N PRO C 340 -49.97 -27.80 -11.63
CA PRO C 340 -51.30 -27.81 -11.03
C PRO C 340 -51.99 -26.46 -11.08
N ASP C 341 -53.29 -26.46 -11.35
CA ASP C 341 -54.00 -25.21 -11.53
C ASP C 341 -55.21 -25.11 -10.58
N MET C 342 -55.36 -23.95 -9.95
CA MET C 342 -56.44 -23.73 -9.00
C MET C 342 -57.83 -23.87 -9.64
N LYS C 343 -58.71 -24.53 -8.92
CA LYS C 343 -60.10 -24.67 -9.34
C LYS C 343 -61.00 -24.22 -8.20
N VAL C 344 -60.96 -24.96 -7.10
CA VAL C 344 -61.67 -24.55 -5.90
C VAL C 344 -60.67 -24.37 -4.75
N ALA C 345 -60.64 -23.17 -4.19
CA ALA C 345 -59.67 -22.79 -3.16
C ALA C 345 -60.13 -23.14 -1.76
N PHE C 346 -59.18 -23.51 -0.90
CA PHE C 346 -59.49 -23.77 0.51
C PHE C 346 -58.87 -22.73 1.44
N PHE C 347 -59.52 -22.48 2.57
CA PHE C 347 -59.04 -21.47 3.52
C PHE C 347 -59.21 -21.91 4.97
N LYS C 348 -58.40 -21.32 5.85
CA LYS C 348 -58.45 -21.60 7.28
C LYS C 348 -58.13 -20.36 8.10
N CYS C 349 -58.43 -20.40 9.39
CA CYS C 349 -58.02 -19.35 10.31
C CYS C 349 -57.59 -19.96 11.63
N ASN C 350 -57.00 -19.15 12.52
CA ASN C 350 -56.69 -19.62 13.86
C ASN C 350 -57.97 -19.86 14.66
N VAL C 351 -59.06 -19.24 14.20
CA VAL C 351 -60.38 -19.38 14.81
C VAL C 351 -61.37 -19.93 13.78
N CYS C 352 -62.12 -20.96 14.14
CA CYS C 352 -62.02 -21.63 15.45
C CYS C 352 -61.22 -22.95 15.62
N ASP C 353 -60.64 -23.59 14.58
CA ASP C 353 -60.63 -23.25 13.16
C ASP C 353 -61.88 -23.72 12.41
N HIS C 354 -62.26 -22.97 11.38
CA HIS C 354 -63.40 -23.35 10.53
C HIS C 354 -62.98 -23.66 9.08
N THR C 355 -63.73 -24.58 8.47
CA THR C 355 -63.31 -25.21 7.21
C THR C 355 -63.89 -24.59 5.92
N MET C 356 -64.66 -23.51 6.01
CA MET C 356 -65.31 -22.96 4.83
C MET C 356 -64.34 -22.45 3.77
N ALA C 357 -64.72 -22.61 2.52
CA ALA C 357 -63.83 -22.35 1.38
C ALA C 357 -64.59 -21.74 0.20
N VAL C 358 -63.88 -21.06 -0.70
CA VAL C 358 -64.53 -20.40 -1.84
C VAL C 358 -63.82 -20.71 -3.16
N GLU C 359 -64.61 -20.84 -4.23
CA GLU C 359 -64.08 -21.18 -5.55
C GLU C 359 -63.31 -20.01 -6.15
N ILE C 360 -62.46 -20.29 -7.12
CA ILE C 360 -61.60 -19.28 -7.72
C ILE C 360 -62.36 -18.42 -8.75
N ASP C 361 -63.20 -19.07 -9.56
CA ASP C 361 -63.88 -18.43 -10.69
C ASP C 361 -62.85 -17.83 -11.66
N ARG C 362 -62.85 -16.50 -11.81
CA ARG C 362 -61.90 -15.77 -12.65
C ARG C 362 -60.47 -15.95 -12.10
N GLY C 363 -59.46 -15.54 -12.85
CA GLY C 363 -58.09 -15.98 -12.61
C GLY C 363 -57.44 -15.45 -11.35
N VAL C 364 -58.27 -14.97 -10.42
CA VAL C 364 -57.84 -14.29 -9.20
C VAL C 364 -58.34 -15.05 -7.96
N ILE C 365 -57.78 -14.72 -6.79
CA ILE C 365 -58.22 -15.27 -5.50
C ILE C 365 -58.44 -14.17 -4.45
N GLN C 366 -59.68 -13.96 -4.04
CA GLN C 366 -59.96 -13.03 -2.96
C GLN C 366 -60.59 -13.75 -1.77
N GLU C 367 -59.86 -13.82 -0.65
CA GLU C 367 -60.42 -14.38 0.57
C GLU C 367 -61.03 -13.27 1.42
N PRO C 368 -62.19 -13.55 2.04
CA PRO C 368 -62.79 -12.57 2.94
C PRO C 368 -61.85 -12.24 4.09
N ALA C 369 -61.72 -10.96 4.41
CA ALA C 369 -60.86 -10.58 5.52
C ALA C 369 -61.33 -11.24 6.81
N ARG C 370 -62.57 -10.97 7.20
CA ARG C 370 -63.14 -11.66 8.35
C ARG C 370 -64.66 -11.79 8.25
N CYS C 371 -65.22 -12.94 8.66
CA CYS C 371 -64.54 -14.23 8.84
C CYS C 371 -65.65 -15.27 8.81
N GLU C 372 -65.30 -16.54 9.05
CA GLU C 372 -66.30 -17.60 8.94
C GLU C 372 -66.66 -18.25 10.29
N ARG C 373 -67.95 -18.28 10.58
CA ARG C 373 -68.60 -19.35 11.36
C ARG C 373 -68.22 -19.69 12.81
N ILE C 374 -68.76 -18.99 13.83
CA ILE C 374 -69.31 -17.63 13.80
C ILE C 374 -69.35 -17.15 15.25
N ASP C 375 -69.16 -15.86 15.53
CA ASP C 375 -68.38 -14.97 14.73
C ASP C 375 -67.60 -14.15 15.76
N CYS C 376 -66.27 -14.27 15.85
CA CYS C 376 -65.38 -15.16 15.06
C CYS C 376 -65.51 -14.95 13.53
N ASN C 377 -65.00 -13.88 12.90
CA ASN C 377 -63.94 -12.91 13.31
C ASN C 377 -62.61 -13.62 13.74
N GLU C 378 -61.71 -13.11 14.60
CA GLU C 378 -61.18 -11.74 14.64
C GLU C 378 -60.49 -11.46 13.29
N PRO C 379 -59.97 -10.24 13.11
CA PRO C 379 -59.35 -9.55 11.97
C PRO C 379 -58.14 -10.22 11.37
N ASN C 380 -57.59 -11.15 12.13
CA ASN C 380 -56.33 -11.79 11.79
C ASN C 380 -56.38 -12.44 10.41
N SER C 381 -55.23 -12.41 9.71
CA SER C 381 -55.17 -12.84 8.33
C SER C 381 -55.58 -14.31 8.14
N MET C 382 -56.18 -14.60 6.99
CA MET C 382 -56.62 -15.94 6.63
C MET C 382 -55.42 -16.86 6.44
N SER C 383 -55.60 -18.12 6.82
CA SER C 383 -54.57 -19.12 6.62
C SER C 383 -54.93 -20.00 5.43
N LEU C 384 -54.17 -19.88 4.36
CA LEU C 384 -54.45 -20.62 3.14
C LEU C 384 -53.68 -21.94 3.14
N ILE C 385 -54.42 -23.03 3.28
CA ILE C 385 -53.84 -24.35 3.16
C ILE C 385 -53.43 -24.57 1.71
N HIS C 386 -52.18 -24.97 1.53
CA HIS C 386 -51.66 -25.13 0.20
C HIS C 386 -52.14 -26.43 -0.45
N ASN C 387 -52.06 -27.52 0.27
CA ASN C 387 -52.31 -28.82 -0.33
C ASN C 387 -53.79 -29.24 -0.46
N ARG C 388 -54.65 -28.81 0.47
CA ARG C 388 -56.02 -29.32 0.51
C ARG C 388 -56.90 -28.97 -0.70
N CYS C 389 -56.69 -27.79 -1.28
CA CYS C 389 -57.53 -27.30 -2.38
C CYS C 389 -57.38 -28.12 -3.67
N SER C 390 -58.40 -28.05 -4.53
CA SER C 390 -58.45 -28.84 -5.76
C SER C 390 -57.55 -28.31 -6.87
N PHE C 391 -57.15 -29.19 -7.78
CA PHE C 391 -56.27 -28.79 -8.87
C PHE C 391 -56.66 -29.41 -10.21
N ALA C 392 -56.19 -28.78 -11.30
CA ALA C 392 -56.52 -29.20 -12.65
C ALA C 392 -55.27 -29.08 -13.53
N ASP C 393 -55.08 -30.06 -14.41
CA ASP C 393 -53.84 -30.22 -15.15
C ASP C 393 -53.62 -29.19 -16.25
N LYS C 394 -52.49 -28.49 -16.17
CA LYS C 394 -52.09 -27.53 -17.18
C LYS C 394 -50.68 -27.87 -17.61
N GLN C 395 -50.51 -28.32 -18.85
CA GLN C 395 -49.17 -28.56 -19.34
C GLN C 395 -48.66 -27.27 -19.97
N VAL C 396 -47.52 -27.34 -20.67
CA VAL C 396 -47.09 -26.28 -21.58
C VAL C 396 -46.36 -26.94 -22.76
N ILE C 397 -46.67 -26.51 -23.97
CA ILE C 397 -46.08 -27.13 -25.15
C ILE C 397 -45.43 -26.11 -26.08
N LYS C 398 -44.13 -26.21 -26.25
CA LYS C 398 -43.42 -25.36 -27.20
C LYS C 398 -43.60 -25.84 -28.64
N LEU C 399 -43.80 -24.91 -29.55
CA LEU C 399 -44.03 -25.23 -30.95
C LEU C 399 -43.26 -24.24 -31.86
N GLN C 400 -42.39 -24.78 -32.73
CA GLN C 400 -41.71 -23.98 -33.73
C GLN C 400 -42.72 -23.63 -34.81
N GLU C 401 -42.56 -22.50 -35.49
CA GLU C 401 -43.56 -22.19 -36.52
C GLU C 401 -43.09 -22.81 -37.85
N THR C 402 -43.80 -23.88 -38.23
CA THR C 402 -43.72 -24.57 -39.54
C THR C 402 -42.32 -24.55 -40.18
N PRO C 403 -41.34 -25.31 -39.61
CA PRO C 403 -39.95 -25.23 -40.11
C PRO C 403 -39.82 -25.42 -41.64
N ASP C 404 -40.82 -26.02 -42.29
CA ASP C 404 -40.83 -26.14 -43.75
C ASP C 404 -41.16 -24.81 -44.41
N PHE C 405 -41.90 -23.96 -43.70
CA PHE C 405 -42.25 -22.63 -44.16
C PHE C 405 -41.49 -21.60 -43.31
N VAL C 406 -40.47 -20.96 -43.91
CA VAL C 406 -39.57 -20.07 -43.16
C VAL C 406 -39.07 -18.90 -44.00
N PRO C 407 -38.67 -17.79 -43.34
CA PRO C 407 -38.01 -16.69 -44.06
C PRO C 407 -36.68 -17.11 -44.70
N ASP C 408 -36.01 -18.12 -44.14
CA ASP C 408 -34.85 -18.74 -44.80
C ASP C 408 -33.73 -17.72 -45.09
N GLY C 409 -32.83 -17.45 -44.14
CA GLY C 409 -32.45 -18.41 -43.11
C GLY C 409 -32.82 -18.22 -41.66
N GLN C 410 -33.70 -17.27 -41.37
CA GLN C 410 -34.02 -16.92 -39.99
C GLN C 410 -34.72 -18.08 -39.26
N THR C 411 -34.21 -18.43 -38.08
CA THR C 411 -34.71 -19.55 -37.27
C THR C 411 -36.14 -19.31 -36.81
N PRO C 412 -36.98 -20.37 -36.80
CA PRO C 412 -38.42 -20.23 -36.54
C PRO C 412 -38.76 -19.70 -35.13
N HIS C 413 -39.96 -19.15 -35.00
CA HIS C 413 -40.42 -18.52 -33.76
C HIS C 413 -41.22 -19.50 -32.90
N SER C 414 -40.96 -19.42 -31.60
CA SER C 414 -41.60 -20.26 -30.60
C SER C 414 -43.04 -19.84 -30.31
N ILE C 415 -43.92 -20.83 -30.20
CA ILE C 415 -45.29 -20.58 -29.76
C ILE C 415 -45.61 -21.55 -28.65
N SER C 416 -45.80 -21.04 -27.45
CA SER C 416 -46.07 -21.93 -26.32
C SER C 416 -47.57 -22.01 -26.09
N LEU C 417 -48.14 -23.19 -26.35
CA LEU C 417 -49.56 -23.47 -26.17
C LEU C 417 -49.80 -24.34 -24.94
N CYS C 418 -50.62 -23.85 -24.03
CA CYS C 418 -50.62 -24.32 -22.65
C CYS C 418 -51.53 -25.53 -22.35
N VAL C 419 -52.39 -25.86 -23.30
CA VAL C 419 -53.43 -26.90 -23.22
C VAL C 419 -54.20 -26.80 -21.90
N TYR C 420 -54.79 -27.93 -21.48
CA TYR C 420 -55.63 -28.07 -20.27
C TYR C 420 -56.24 -29.48 -20.24
N ASP C 421 -56.71 -29.89 -19.06
CA ASP C 421 -57.48 -31.13 -18.84
C ASP C 421 -56.93 -32.41 -19.51
N GLU C 422 -57.79 -33.10 -20.25
CA GLU C 422 -57.48 -34.42 -20.82
C GLU C 422 -56.32 -34.33 -21.78
N LEU C 423 -56.32 -33.23 -22.54
CA LEU C 423 -55.30 -32.97 -23.53
C LEU C 423 -53.89 -32.99 -22.94
N VAL C 424 -53.78 -32.66 -21.66
CA VAL C 424 -52.49 -32.66 -21.00
C VAL C 424 -51.88 -34.07 -21.06
N ASP C 425 -50.59 -34.11 -21.37
CA ASP C 425 -49.80 -35.35 -21.41
C ASP C 425 -50.38 -36.34 -22.42
N SER C 426 -51.07 -35.83 -23.44
CA SER C 426 -51.61 -36.67 -24.50
C SER C 426 -50.68 -36.70 -25.72
N CYS C 427 -49.54 -36.01 -25.63
CA CYS C 427 -48.57 -35.91 -26.74
C CYS C 427 -47.13 -35.96 -26.23
N ARG C 428 -46.15 -36.15 -27.13
CA ARG C 428 -44.75 -36.21 -26.69
C ARG C 428 -43.87 -35.09 -27.23
N ALA C 429 -43.44 -35.22 -28.49
CA ALA C 429 -42.60 -34.22 -29.14
C ALA C 429 -42.62 -34.34 -30.66
N GLY C 430 -42.19 -33.26 -31.32
CA GLY C 430 -41.89 -33.28 -32.75
C GLY C 430 -43.03 -33.53 -33.71
N ASP C 431 -44.26 -33.38 -33.22
CA ASP C 431 -45.44 -33.68 -34.02
C ASP C 431 -45.78 -32.51 -34.94
N ARG C 432 -45.72 -32.75 -36.24
CA ARG C 432 -45.73 -31.69 -37.27
C ARG C 432 -47.12 -31.39 -37.82
N ILE C 433 -48.13 -31.96 -37.19
CA ILE C 433 -49.45 -32.06 -37.81
C ILE C 433 -50.32 -30.80 -37.75
N GLU C 434 -50.95 -30.54 -36.61
CA GLU C 434 -51.81 -29.37 -36.43
C GLU C 434 -52.52 -29.34 -35.08
N VAL C 435 -52.90 -28.13 -34.69
CA VAL C 435 -53.53 -27.83 -33.40
C VAL C 435 -54.50 -26.65 -33.53
N THR C 436 -55.67 -26.72 -32.87
CA THR C 436 -56.62 -25.60 -32.87
C THR C 436 -56.89 -25.10 -31.47
N GLY C 437 -57.18 -23.81 -31.33
CA GLY C 437 -57.47 -23.28 -30.02
C GLY C 437 -57.53 -21.77 -29.97
N THR C 438 -57.91 -21.24 -28.81
CA THR C 438 -58.12 -19.81 -28.69
C THR C 438 -56.86 -19.07 -28.32
N PHE C 439 -56.58 -18.02 -29.09
CA PHE C 439 -55.45 -17.14 -28.86
C PHE C 439 -55.61 -16.34 -27.56
N ARG C 440 -54.50 -16.12 -26.86
CA ARG C 440 -54.48 -15.44 -25.58
C ARG C 440 -53.26 -14.54 -25.43
N SER C 441 -53.52 -13.30 -25.01
CA SER C 441 -52.45 -12.41 -24.63
C SER C 441 -52.60 -12.09 -23.16
N ILE C 442 -51.63 -12.49 -22.36
CA ILE C 442 -51.69 -12.17 -20.94
C ILE C 442 -50.43 -11.46 -20.46
N PRO C 443 -50.62 -10.42 -19.62
CA PRO C 443 -49.51 -9.64 -19.04
C PRO C 443 -48.52 -10.47 -18.25
N ILE C 444 -47.27 -10.06 -18.29
CA ILE C 444 -46.26 -10.71 -17.49
C ILE C 444 -45.71 -9.72 -16.48
N ARG C 445 -45.25 -10.27 -15.35
CA ARG C 445 -44.73 -9.48 -14.26
C ARG C 445 -43.25 -9.23 -14.52
N ALA C 446 -42.83 -7.97 -14.46
CA ALA C 446 -41.46 -7.65 -14.80
C ALA C 446 -40.78 -6.79 -13.75
N ASN C 447 -39.54 -7.17 -13.44
CA ASN C 447 -38.59 -6.38 -12.64
C ASN C 447 -39.12 -5.81 -11.31
N SER C 448 -39.32 -6.66 -10.30
CA SER C 448 -39.12 -8.09 -10.43
C SER C 448 -40.39 -8.90 -10.01
N ARG C 449 -40.90 -8.90 -8.75
CA ARG C 449 -41.03 -7.85 -7.70
C ARG C 449 -41.87 -6.65 -8.24
N GLN C 450 -41.67 -5.46 -7.66
CA GLN C 450 -42.22 -4.14 -8.03
C GLN C 450 -43.74 -4.12 -8.24
N ARG C 451 -44.33 -5.32 -8.36
CA ARG C 451 -45.70 -5.55 -8.85
C ARG C 451 -46.11 -4.71 -10.07
N VAL C 452 -45.20 -4.56 -11.04
CA VAL C 452 -45.49 -3.77 -12.25
C VAL C 452 -45.58 -4.64 -13.50
N LEU C 453 -46.32 -4.17 -14.48
CA LEU C 453 -46.48 -4.90 -15.74
C LEU C 453 -45.54 -4.37 -16.83
N LYS C 454 -44.90 -5.31 -17.52
CA LYS C 454 -43.95 -5.02 -18.59
C LYS C 454 -44.65 -4.30 -19.74
N SER C 455 -45.98 -4.30 -19.68
CA SER C 455 -46.83 -3.59 -20.65
C SER C 455 -46.79 -4.16 -22.06
N LEU C 456 -45.98 -5.15 -22.29
CA LEU C 456 -46.07 -5.88 -23.53
C LEU C 456 -46.52 -7.32 -23.20
N TYR C 457 -47.78 -7.63 -23.50
CA TYR C 457 -48.39 -8.91 -23.12
C TYR C 457 -47.83 -10.05 -23.91
N LYS C 458 -47.46 -11.13 -23.22
CA LYS C 458 -46.99 -12.31 -23.93
C LYS C 458 -48.19 -13.04 -24.52
N THR C 459 -47.94 -13.85 -25.55
CA THR C 459 -49.03 -14.50 -26.27
C THR C 459 -48.91 -16.00 -26.33
N TYR C 460 -49.97 -16.68 -25.93
CA TYR C 460 -49.98 -18.14 -25.94
C TYR C 460 -51.36 -18.64 -26.34
N VAL C 461 -51.41 -19.88 -26.81
CA VAL C 461 -52.67 -20.44 -27.29
C VAL C 461 -53.30 -21.39 -26.28
N ASP C 462 -54.59 -21.22 -26.03
CA ASP C 462 -55.36 -22.07 -25.11
C ASP C 462 -55.51 -23.52 -25.61
N VAL C 463 -55.39 -23.71 -26.93
CA VAL C 463 -55.48 -25.02 -27.61
C VAL C 463 -56.52 -26.00 -27.04
N VAL C 464 -57.78 -25.62 -27.22
CA VAL C 464 -58.96 -26.40 -26.87
C VAL C 464 -59.01 -27.78 -27.53
N HIS C 465 -58.47 -27.90 -28.73
CA HIS C 465 -58.46 -29.22 -29.36
C HIS C 465 -57.13 -29.52 -30.04
N VAL C 466 -56.83 -30.80 -30.20
CA VAL C 466 -55.59 -31.22 -30.85
C VAL C 466 -55.84 -32.32 -31.86
N LYS C 467 -54.96 -32.43 -32.85
CA LYS C 467 -55.08 -33.45 -33.89
C LYS C 467 -54.09 -33.19 -35.03
N LYS C 468 -53.34 -34.22 -35.43
CA LYS C 468 -53.43 -35.56 -34.84
C LYS C 468 -52.19 -36.38 -35.16
N VAL C 469 -52.06 -36.78 -36.42
CA VAL C 469 -50.92 -37.57 -36.86
C VAL C 469 -50.17 -36.88 -37.98
N SER C 470 -49.46 -37.66 -38.79
CA SER C 470 -48.69 -37.13 -39.91
C SER C 470 -49.59 -36.40 -40.89
N ASP D 21 -10.17 15.90 25.53
CA ASP D 21 -9.03 15.05 25.23
C ASP D 21 -7.72 15.66 25.71
N ASP D 22 -7.58 15.76 27.03
CA ASP D 22 -6.34 16.24 27.62
C ASP D 22 -5.28 15.16 27.55
N ASP D 23 -5.72 13.91 27.45
CA ASP D 23 -4.80 12.78 27.34
C ASP D 23 -4.05 12.83 26.02
N ASN D 24 -4.73 13.20 24.95
CA ASN D 24 -4.09 13.33 23.64
C ASN D 24 -3.11 14.49 23.63
N THR D 25 -3.42 15.53 24.39
CA THR D 25 -2.47 16.61 24.62
C THR D 25 -1.25 16.07 25.35
N GLU D 26 -1.49 15.20 26.34
CA GLU D 26 -0.41 14.61 27.13
C GLU D 26 0.48 13.70 26.31
N ILE D 27 -0.10 13.02 25.33
CA ILE D 27 0.65 12.12 24.48
C ILE D 27 1.44 12.90 23.43
N ILE D 28 0.78 13.86 22.82
CA ILE D 28 1.41 14.66 21.79
C ILE D 28 2.54 15.53 22.37
N LYS D 29 2.35 16.07 23.58
CA LYS D 29 3.44 16.79 24.24
C LYS D 29 4.67 15.90 24.40
N SER D 30 4.44 14.61 24.65
CA SER D 30 5.54 13.66 24.78
C SER D 30 6.18 13.36 23.44
N PHE D 31 5.40 13.41 22.37
CA PHE D 31 5.98 13.19 21.05
C PHE D 31 6.79 14.38 20.54
N LYS D 32 6.30 15.58 20.80
CA LYS D 32 7.07 16.76 20.52
C LYS D 32 8.36 16.73 21.34
N ASN D 33 8.25 16.45 22.63
CA ASN D 33 9.43 16.36 23.47
C ASN D 33 10.36 15.22 23.09
N PHE D 34 9.84 14.29 22.32
CA PHE D 34 10.69 13.25 21.80
C PHE D 34 11.41 13.68 20.55
N ILE D 35 10.79 14.54 19.75
CA ILE D 35 11.44 15.01 18.51
C ILE D 35 12.45 16.14 18.72
N LEU D 36 12.07 17.09 19.56
CA LEU D 36 12.91 18.24 19.77
C LEU D 36 14.10 17.95 20.68
N GLU D 37 13.95 17.06 21.66
CA GLU D 37 15.01 16.82 22.63
C GLU D 37 15.89 15.61 22.39
N PHE D 38 15.63 14.85 21.35
CA PHE D 38 16.34 13.61 21.14
C PHE D 38 17.79 13.81 20.72
N ARG D 39 18.76 13.16 21.38
CA ARG D 39 20.17 13.41 21.05
C ARG D 39 21.10 12.20 20.89
N LEU D 40 21.57 11.98 19.68
CA LEU D 40 22.41 10.83 19.43
C LEU D 40 23.90 11.14 19.67
N ASP D 41 24.22 12.31 20.25
CA ASP D 41 25.62 12.80 20.35
C ASP D 41 26.35 13.32 19.11
N SER D 42 26.21 14.61 18.80
CA SER D 42 25.28 15.55 19.43
C SER D 42 24.16 16.06 18.49
N GLN D 43 24.18 15.69 17.21
CA GLN D 43 23.15 16.18 16.29
C GLN D 43 21.80 15.63 16.70
N PHE D 44 20.71 16.30 16.36
CA PHE D 44 19.41 15.74 16.67
C PHE D 44 18.98 15.00 15.46
N ILE D 45 18.96 13.68 15.52
CA ILE D 45 18.77 12.95 14.29
C ILE D 45 17.40 13.22 13.74
N TYR D 46 16.38 13.14 14.58
CA TYR D 46 15.03 13.32 14.05
C TYR D 46 14.81 14.73 13.57
N ARG D 47 15.01 15.70 14.44
CA ARG D 47 14.74 17.08 14.09
C ARG D 47 15.37 17.46 12.74
N ASP D 48 16.57 16.94 12.45
CA ASP D 48 17.16 17.21 11.15
C ASP D 48 16.62 16.30 10.09
N GLN D 49 16.16 15.12 10.49
CA GLN D 49 15.50 14.23 9.56
C GLN D 49 14.32 14.97 8.95
N LEU D 50 13.63 15.70 9.82
CA LEU D 50 12.47 16.50 9.46
C LEU D 50 12.81 17.58 8.44
N ARG D 51 13.70 18.50 8.80
CA ARG D 51 14.07 19.59 7.89
C ARG D 51 14.54 19.05 6.56
N ASN D 52 15.56 18.21 6.59
CA ASN D 52 16.08 17.65 5.34
C ASN D 52 15.01 16.89 4.58
N ASN D 53 13.93 16.51 5.23
CA ASN D 53 12.80 15.94 4.50
C ASN D 53 11.79 16.93 3.91
N ILE D 54 11.53 18.04 4.57
CA ILE D 54 10.57 18.98 4.01
C ILE D 54 11.21 19.73 2.85
N LEU D 55 12.53 19.94 2.89
CA LEU D 55 13.15 20.70 1.82
C LEU D 55 13.06 20.00 0.48
N VAL D 56 13.37 18.71 0.43
CA VAL D 56 13.26 17.95 -0.81
C VAL D 56 11.79 17.74 -1.17
N LYS D 57 10.90 18.18 -0.29
CA LYS D 57 9.45 17.97 -0.41
C LYS D 57 9.06 16.48 -0.30
N ASN D 58 9.68 15.79 0.66
CA ASN D 58 9.36 14.40 0.95
C ASN D 58 8.15 14.23 1.86
N TYR D 59 7.98 15.18 2.76
CA TYR D 59 6.89 15.24 3.73
C TYR D 59 6.70 13.93 4.49
N SER D 60 7.80 13.36 4.96
CA SER D 60 7.78 12.12 5.72
C SER D 60 8.84 12.11 6.80
N LEU D 61 8.76 11.14 7.69
CA LEU D 61 9.69 11.01 8.80
C LEU D 61 9.92 9.54 9.09
N THR D 62 11.15 9.12 9.34
CA THR D 62 11.33 7.73 9.71
C THR D 62 11.86 7.57 11.11
N VAL D 63 11.03 7.06 11.99
CA VAL D 63 11.45 6.84 13.36
C VAL D 63 12.15 5.49 13.50
N ASN D 64 13.20 5.49 14.31
CA ASN D 64 13.94 4.28 14.64
C ASN D 64 13.51 3.86 16.05
N MET D 65 12.76 2.78 16.14
CA MET D 65 12.14 2.38 17.39
C MET D 65 13.12 2.24 18.55
N GLU D 66 14.33 1.76 18.27
CA GLU D 66 15.31 1.59 19.32
C GLU D 66 15.60 2.90 20.03
N HIS D 67 15.65 3.99 19.26
CA HIS D 67 15.81 5.32 19.84
C HIS D 67 14.57 5.69 20.64
N LEU D 68 13.43 5.26 20.12
CA LEU D 68 12.15 5.57 20.72
C LEU D 68 12.04 4.96 22.12
N ILE D 69 12.32 3.67 22.20
CA ILE D 69 12.23 2.86 23.41
C ILE D 69 13.36 3.25 24.36
N GLY D 70 14.49 3.65 23.79
CA GLY D 70 15.53 4.26 24.57
C GLY D 70 15.02 5.53 25.25
N TYR D 71 14.25 6.34 24.55
CA TYR D 71 13.86 7.67 25.05
C TYR D 71 12.86 7.50 26.18
N ASN D 72 11.67 7.01 25.87
CA ASN D 72 10.75 6.58 26.91
C ASN D 72 10.32 5.14 26.63
N GLU D 73 10.25 4.31 27.67
CA GLU D 73 9.73 2.97 27.48
C GLU D 73 8.24 3.09 27.36
N ASP D 74 7.69 4.05 28.10
CA ASP D 74 6.26 4.26 28.22
C ASP D 74 5.53 4.42 26.87
N ILE D 75 5.95 5.37 26.06
CA ILE D 75 5.23 5.66 24.83
C ILE D 75 5.31 4.48 23.87
N TYR D 76 6.36 3.67 23.98
CA TYR D 76 6.38 2.44 23.20
C TYR D 76 5.50 1.39 23.85
N LYS D 77 5.28 1.50 25.15
CA LYS D 77 4.39 0.57 25.84
C LYS D 77 2.97 0.77 25.33
N LYS D 78 2.58 2.02 25.11
CA LYS D 78 1.26 2.27 24.58
C LYS D 78 1.21 2.07 23.08
N LEU D 79 2.29 2.37 22.38
CA LEU D 79 2.30 2.25 20.92
C LEU D 79 2.28 0.81 20.43
N SER D 80 2.69 -0.13 21.27
CA SER D 80 2.57 -1.54 20.91
C SER D 80 1.28 -2.14 21.49
N ASP D 81 0.54 -1.31 22.23
CA ASP D 81 -0.72 -1.72 22.81
C ASP D 81 -1.86 -1.47 21.82
N GLU D 82 -2.23 -0.20 21.64
CA GLU D 82 -3.25 0.17 20.65
C GLU D 82 -2.68 1.12 19.61
N PRO D 83 -1.97 0.58 18.63
CA PRO D 83 -1.29 1.37 17.60
C PRO D 83 -2.20 2.28 16.78
N SER D 84 -3.31 1.75 16.27
CA SER D 84 -4.17 2.48 15.34
C SER D 84 -4.96 3.63 15.97
N ASP D 85 -5.05 3.67 17.29
CA ASP D 85 -5.64 4.82 17.99
C ASP D 85 -4.61 5.87 18.39
N ILE D 86 -3.34 5.49 18.31
CA ILE D 86 -2.25 6.33 18.79
C ILE D 86 -1.49 6.95 17.62
N ILE D 87 -0.93 6.09 16.75
CA ILE D 87 -0.13 6.52 15.61
C ILE D 87 -0.67 7.77 14.90
N PRO D 88 -2.00 7.92 14.76
CA PRO D 88 -2.33 9.21 14.15
C PRO D 88 -2.15 10.42 15.07
N LEU D 89 -2.16 10.22 16.38
CA LEU D 89 -1.85 11.33 17.27
C LEU D 89 -0.34 11.61 17.20
N PHE D 90 0.43 10.64 16.75
CA PHE D 90 1.87 10.84 16.49
C PHE D 90 2.04 11.62 15.16
N GLU D 91 1.26 11.28 14.14
CA GLU D 91 1.31 12.06 12.92
C GLU D 91 1.01 13.52 13.20
N THR D 92 -0.16 13.81 13.74
CA THR D 92 -0.48 15.20 14.04
C THR D 92 0.59 15.81 14.95
N ALA D 93 1.14 15.00 15.85
CA ALA D 93 2.20 15.48 16.73
C ALA D 93 3.44 15.95 15.99
N ILE D 94 3.82 15.25 14.92
CA ILE D 94 5.01 15.65 14.20
C ILE D 94 4.73 16.78 13.20
N THR D 95 3.57 16.78 12.57
CA THR D 95 3.28 17.86 11.64
C THR D 95 3.11 19.19 12.39
N GLN D 96 2.62 19.13 13.62
CA GLN D 96 2.60 20.32 14.48
C GLN D 96 4.02 20.81 14.78
N VAL D 97 5.00 19.94 14.63
CA VAL D 97 6.40 20.33 14.76
C VAL D 97 6.94 20.96 13.47
N ALA D 98 6.64 20.37 12.32
CA ALA D 98 7.11 20.95 11.04
C ALA D 98 6.53 22.33 10.82
N LYS D 99 5.39 22.62 11.44
CA LYS D 99 4.87 24.00 11.42
C LYS D 99 5.85 25.00 12.05
N ARG D 100 6.64 24.57 13.03
CA ARG D 100 7.50 25.51 13.74
C ARG D 100 8.90 25.54 13.15
N ILE D 101 9.14 24.62 12.23
CA ILE D 101 10.44 24.52 11.60
C ILE D 101 10.37 25.07 10.18
N SER D 102 9.66 24.37 9.29
CA SER D 102 9.70 24.65 7.86
C SER D 102 9.20 26.04 7.52
N ILE D 103 8.35 26.61 8.36
CA ILE D 103 7.83 27.94 8.11
C ILE D 103 7.79 28.72 9.41
N LEU D 104 7.56 30.03 9.33
CA LEU D 104 7.42 30.85 10.52
C LEU D 104 6.46 32.00 10.24
N SER D 105 5.69 32.39 11.26
CA SER D 105 4.78 33.53 11.10
C SER D 105 4.52 34.24 12.42
N ARG D 106 4.09 35.50 12.31
CA ARG D 106 3.71 36.33 13.46
C ARG D 106 4.85 36.48 14.46
N ASN D 130 1.82 26.00 5.14
CA ASN D 130 0.57 26.47 4.56
C ASN D 130 0.57 26.41 3.03
N SER D 131 -0.07 25.38 2.47
CA SER D 131 -0.63 24.27 3.24
C SER D 131 0.45 23.23 3.52
N LEU D 132 0.33 22.57 4.66
CA LEU D 132 1.33 21.59 5.10
C LEU D 132 0.67 20.28 5.51
N PRO D 133 0.64 19.29 4.61
CA PRO D 133 0.01 17.99 4.86
C PRO D 133 0.60 17.33 6.10
N THR D 134 -0.17 16.50 6.79
CA THR D 134 0.35 15.83 7.99
C THR D 134 1.28 14.69 7.57
N PHE D 135 2.54 14.75 7.98
CA PHE D 135 3.52 13.84 7.40
C PHE D 135 3.24 12.38 7.71
N GLN D 136 3.64 11.48 6.80
CA GLN D 136 3.58 10.04 7.07
C GLN D 136 4.83 9.60 7.79
N LEU D 137 4.70 8.76 8.82
CA LEU D 137 5.88 8.23 9.46
C LEU D 137 6.07 6.78 9.09
N ILE D 138 7.33 6.47 8.86
CA ILE D 138 7.75 5.17 8.42
C ILE D 138 8.69 4.69 9.51
N LEU D 139 8.34 3.62 10.24
CA LEU D 139 9.23 3.15 11.30
C LEU D 139 9.73 1.74 11.02
N ASN D 140 11.04 1.61 10.88
CA ASN D 140 11.55 0.29 10.57
C ASN D 140 12.48 -0.15 11.66
N SER D 141 12.19 -1.30 12.25
CA SER D 141 13.00 -1.75 13.36
C SER D 141 13.15 -3.25 13.47
N ASN D 142 14.21 -3.63 14.18
CA ASN D 142 14.67 -5.01 14.22
C ASN D 142 13.69 -6.00 14.81
N ALA D 143 13.39 -5.81 16.08
CA ALA D 143 12.50 -6.68 16.85
C ALA D 143 12.77 -8.13 16.63
N ASN D 144 11.71 -8.88 16.42
CA ASN D 144 11.86 -10.26 16.15
C ASN D 144 10.96 -10.65 14.99
N GLN D 145 11.61 -11.18 13.97
CA GLN D 145 10.92 -11.57 12.77
C GLN D 145 9.86 -12.60 13.08
N ILE D 146 8.64 -12.32 12.61
CA ILE D 146 7.51 -13.22 12.80
C ILE D 146 7.06 -13.80 11.47
N PRO D 147 7.38 -15.06 11.21
CA PRO D 147 7.15 -15.61 9.88
C PRO D 147 5.67 -15.65 9.53
N LEU D 148 5.37 -15.72 8.25
CA LEU D 148 4.02 -15.56 7.73
C LEU D 148 3.02 -16.61 8.25
N ARG D 149 3.49 -17.85 8.31
CA ARG D 149 2.68 -19.00 8.75
C ARG D 149 2.21 -18.86 10.20
N ASP D 150 3.03 -18.15 10.98
CA ASP D 150 2.86 -18.02 12.42
C ASP D 150 2.00 -16.83 12.79
N LEU D 151 1.42 -16.19 11.79
CA LEU D 151 0.49 -15.13 12.09
C LEU D 151 -0.86 -15.80 12.22
N ASP D 152 -1.33 -15.96 13.44
CA ASP D 152 -2.70 -16.39 13.65
C ASP D 152 -3.27 -15.63 14.82
N SER D 153 -4.23 -14.77 14.52
CA SER D 153 -4.91 -13.95 15.51
C SER D 153 -3.95 -13.35 16.55
N GLU D 154 -4.47 -13.15 17.76
CA GLU D 154 -3.72 -13.03 19.01
C GLU D 154 -2.71 -11.89 19.07
N HIS D 155 -2.16 -11.53 17.90
CA HIS D 155 -1.32 -10.35 17.78
C HIS D 155 -1.99 -9.24 16.98
N VAL D 156 -3.23 -9.50 16.56
CA VAL D 156 -4.04 -8.55 15.79
C VAL D 156 -4.12 -7.18 16.45
N SER D 157 -3.77 -6.14 15.70
CA SER D 157 -3.54 -4.77 16.18
C SER D 157 -2.31 -4.67 17.08
N LYS D 158 -1.28 -5.44 16.75
CA LYS D 158 0.03 -5.27 17.38
C LYS D 158 1.13 -5.42 16.35
N ILE D 159 2.00 -4.42 16.30
CA ILE D 159 2.95 -4.22 15.21
C ILE D 159 3.78 -5.44 14.92
N VAL D 160 3.82 -5.86 13.67
CA VAL D 160 4.44 -7.13 13.35
C VAL D 160 5.41 -7.05 12.20
N ARG D 161 6.69 -7.27 12.51
CA ARG D 161 7.72 -7.23 11.50
C ARG D 161 7.81 -8.56 10.78
N LEU D 162 7.84 -8.57 9.45
CA LEU D 162 7.94 -9.85 8.79
C LEU D 162 8.60 -9.81 7.44
N SER D 163 8.73 -10.98 6.82
CA SER D 163 9.50 -11.09 5.59
C SER D 163 8.97 -12.00 4.48
N GLY D 164 8.72 -11.41 3.32
CA GLY D 164 8.23 -12.13 2.17
C GLY D 164 8.41 -11.44 0.83
N ILE D 165 8.43 -12.26 -0.21
CA ILE D 165 8.57 -11.85 -1.60
C ILE D 165 7.26 -11.34 -2.19
N ILE D 166 7.23 -10.09 -2.64
CA ILE D 166 5.99 -9.51 -3.17
C ILE D 166 5.61 -10.12 -4.51
N ILE D 167 4.33 -10.48 -4.65
CA ILE D 167 3.87 -11.12 -5.86
C ILE D 167 3.58 -10.12 -6.98
N SER D 168 2.49 -9.38 -6.85
CA SER D 168 2.20 -8.27 -7.75
C SER D 168 1.65 -7.08 -6.96
N THR D 169 1.91 -5.87 -7.46
CA THR D 169 1.46 -4.63 -6.84
C THR D 169 0.16 -4.16 -7.48
N SER D 170 -0.83 -3.83 -6.65
CA SER D 170 -2.11 -3.40 -7.21
C SER D 170 -2.06 -1.94 -7.67
N VAL D 171 -2.86 -1.63 -8.69
CA VAL D 171 -2.91 -0.28 -9.25
C VAL D 171 -3.41 0.70 -8.21
N LEU D 172 -2.76 1.86 -8.20
CA LEU D 172 -3.02 2.93 -7.26
C LEU D 172 -4.48 3.37 -7.28
N SER D 173 -4.96 3.79 -6.13
CA SER D 173 -6.28 4.35 -6.01
C SER D 173 -6.28 5.27 -4.83
N SER D 174 -7.08 6.32 -4.84
CA SER D 174 -6.98 7.28 -3.76
C SER D 174 -8.00 6.99 -2.67
N ARG D 175 -7.56 7.11 -1.43
CA ARG D 175 -8.45 7.21 -0.31
C ARG D 175 -8.63 8.68 -0.06
N ALA D 176 -9.24 9.06 1.05
CA ALA D 176 -9.38 10.47 1.31
C ALA D 176 -8.71 10.84 2.57
N THR D 177 -8.36 12.11 2.66
CA THR D 177 -7.79 12.65 3.87
C THR D 177 -8.66 13.74 4.41
N TYR D 178 -8.84 14.81 3.65
CA TYR D 178 -9.70 15.86 4.15
C TYR D 178 -10.71 16.14 3.08
N LEU D 179 -11.99 15.90 3.39
CA LEU D 179 -13.02 16.21 2.40
C LEU D 179 -14.19 16.96 3.01
N SER D 180 -14.61 17.99 2.27
CA SER D 180 -15.76 18.81 2.61
C SER D 180 -17.03 18.08 2.24
N ILE D 181 -18.10 18.41 2.93
CA ILE D 181 -19.36 17.76 2.68
C ILE D 181 -20.52 18.73 2.87
N MET D 182 -21.45 18.74 1.93
CA MET D 182 -22.64 19.57 2.07
C MET D 182 -23.87 18.69 2.11
N CYS D 183 -24.91 19.20 2.78
CA CYS D 183 -26.18 18.50 2.92
C CYS D 183 -27.08 18.73 1.71
N ARG D 184 -27.85 17.70 1.35
CA ARG D 184 -28.79 17.81 0.24
C ARG D 184 -29.93 18.80 0.50
N ASN D 185 -30.16 19.14 1.77
CA ASN D 185 -31.30 19.98 2.13
C ASN D 185 -30.93 21.24 2.90
N CYS D 186 -30.52 21.09 4.16
CA CYS D 186 -30.14 22.25 4.96
C CYS D 186 -28.80 22.84 4.49
N ARG D 187 -28.10 22.09 3.64
CA ARG D 187 -26.83 22.51 3.03
C ARG D 187 -25.75 22.79 4.09
N HIS D 188 -25.66 21.92 5.09
CA HIS D 188 -24.65 22.11 6.12
C HIS D 188 -23.26 21.91 5.52
N THR D 189 -22.39 22.89 5.75
CA THR D 189 -21.04 22.78 5.26
C THR D 189 -20.16 22.24 6.38
N THR D 190 -19.73 21.00 6.17
CA THR D 190 -18.97 20.23 7.14
C THR D 190 -17.64 19.84 6.53
N SER D 191 -16.58 20.20 7.22
CA SER D 191 -15.28 19.72 6.83
C SER D 191 -14.91 18.58 7.77
N ILE D 192 -14.84 17.40 7.19
CA ILE D 192 -14.57 16.17 7.89
C ILE D 192 -13.10 15.84 7.76
N THR D 193 -12.41 15.76 8.89
CA THR D 193 -11.03 15.29 8.81
C THR D 193 -11.07 13.80 9.07
N ILE D 194 -10.82 13.07 7.99
CA ILE D 194 -10.78 11.63 8.05
C ILE D 194 -9.32 11.30 8.30
N ASN D 195 -9.14 10.31 9.15
CA ASN D 195 -7.84 9.92 9.67
C ASN D 195 -7.64 8.47 9.38
N ASN D 196 -6.59 7.89 9.93
CA ASN D 196 -6.36 6.48 9.70
C ASN D 196 -5.80 5.81 10.96
N PHE D 197 -6.09 4.52 11.16
CA PHE D 197 -6.77 3.67 10.18
C PHE D 197 -8.20 3.31 10.63
N THR D 204 -15.86 1.74 6.04
CA THR D 204 -14.88 1.95 7.11
C THR D 204 -15.34 3.04 8.06
N VAL D 205 -15.56 4.24 7.52
CA VAL D 205 -16.11 5.34 8.29
C VAL D 205 -17.31 5.93 7.57
N SER D 206 -18.50 5.75 8.14
CA SER D 206 -19.74 6.29 7.57
C SER D 206 -19.86 7.79 7.83
N LEU D 207 -20.71 8.44 7.04
CA LEU D 207 -20.91 9.88 7.17
C LEU D 207 -21.98 10.20 8.22
N PRO D 208 -21.80 11.32 8.94
CA PRO D 208 -22.76 11.76 9.98
C PRO D 208 -24.13 12.18 9.42
N ARG D 209 -25.24 11.78 10.04
CA ARG D 209 -26.54 12.13 9.48
C ARG D 209 -27.19 13.44 10.01
N SER D 210 -26.64 14.04 11.07
CA SER D 210 -27.26 15.22 11.70
C SER D 210 -26.59 16.56 11.40
N CYS D 211 -27.42 17.58 11.18
CA CYS D 211 -26.95 18.94 10.92
C CYS D 211 -26.44 19.64 12.18
N ASN D 235 -36.69 13.69 8.70
CA ASN D 235 -36.05 14.80 8.00
C ASN D 235 -35.25 15.70 8.95
N CYS D 236 -34.00 15.96 8.58
CA CYS D 236 -33.38 15.39 7.39
C CYS D 236 -32.93 13.94 7.57
N GLY D 237 -32.77 13.23 6.46
CA GLY D 237 -32.27 11.87 6.51
C GLY D 237 -32.54 11.08 5.23
N PRO D 238 -32.18 9.78 5.24
CA PRO D 238 -31.37 9.18 6.32
C PRO D 238 -29.88 9.62 6.32
N ASP D 239 -29.30 9.81 5.15
CA ASP D 239 -27.88 10.18 5.04
C ASP D 239 -27.61 11.29 4.01
N PRO D 240 -28.16 12.48 4.26
CA PRO D 240 -28.17 13.52 3.22
C PRO D 240 -26.85 14.24 3.04
N TYR D 241 -25.73 13.54 2.91
CA TYR D 241 -24.46 14.25 2.84
C TYR D 241 -23.73 13.90 1.57
N ILE D 242 -23.41 14.95 0.82
CA ILE D 242 -22.66 14.83 -0.41
C ILE D 242 -21.21 15.18 -0.21
N ILE D 243 -20.36 14.41 -0.89
CA ILE D 243 -18.94 14.66 -0.98
C ILE D 243 -18.65 15.74 -2.01
N ILE D 244 -18.07 16.85 -1.57
CA ILE D 244 -17.60 17.87 -2.51
C ILE D 244 -16.23 17.46 -2.99
N HIS D 245 -16.08 17.19 -4.28
CA HIS D 245 -14.78 16.74 -4.74
C HIS D 245 -13.91 17.88 -5.23
N GLU D 246 -14.49 19.08 -5.29
CA GLU D 246 -13.70 20.22 -5.70
C GLU D 246 -12.81 20.66 -4.55
N SER D 247 -13.31 20.64 -3.31
CA SER D 247 -12.35 20.69 -2.20
C SER D 247 -12.37 19.39 -1.40
N SER D 248 -11.44 18.51 -1.73
CA SER D 248 -11.18 17.34 -0.94
C SER D 248 -9.72 16.94 -1.14
N LYS D 249 -9.00 16.72 -0.05
CA LYS D 249 -7.60 16.38 -0.18
C LYS D 249 -7.41 14.88 -0.15
N PHE D 250 -6.68 14.38 -1.13
CA PHE D 250 -6.55 12.94 -1.35
C PHE D 250 -5.10 12.47 -1.26
N ILE D 251 -4.94 11.20 -0.90
CA ILE D 251 -3.65 10.52 -0.75
C ILE D 251 -3.68 9.31 -1.64
N ASP D 252 -2.67 8.47 -1.57
CA ASP D 252 -2.67 7.33 -2.45
C ASP D 252 -2.55 6.03 -1.66
N GLN D 253 -2.78 4.91 -2.34
CA GLN D 253 -2.80 3.60 -1.72
C GLN D 253 -2.37 2.58 -2.75
N GLN D 254 -1.92 1.41 -2.32
CA GLN D 254 -1.24 0.54 -3.25
C GLN D 254 -1.88 -0.86 -3.34
N PHE D 255 -1.96 -1.56 -2.21
CA PHE D 255 -2.24 -3.01 -2.13
C PHE D 255 -1.19 -3.96 -2.72
N LEU D 256 -0.06 -4.11 -2.02
CA LEU D 256 0.86 -5.24 -2.22
C LEU D 256 0.18 -6.54 -1.86
N LYS D 257 0.60 -7.62 -2.49
CA LYS D 257 0.19 -8.94 -2.05
C LYS D 257 1.42 -9.81 -2.05
N LEU D 258 1.76 -10.36 -0.88
CA LEU D 258 3.06 -10.98 -0.67
C LEU D 258 3.03 -12.46 -0.36
N GLN D 259 3.79 -13.22 -1.12
CA GLN D 259 3.95 -14.64 -0.90
C GLN D 259 5.18 -14.90 -0.08
N GLU D 260 5.03 -15.65 1.02
CA GLU D 260 6.16 -15.90 1.90
C GLU D 260 7.27 -16.65 1.17
N ILE D 261 8.49 -16.45 1.64
CA ILE D 261 9.69 -16.92 0.96
C ILE D 261 9.74 -18.45 0.78
N PRO D 262 10.25 -18.91 -0.36
CA PRO D 262 10.18 -20.34 -0.71
C PRO D 262 11.07 -21.23 0.16
N GLU D 263 12.09 -20.64 0.79
CA GLU D 263 12.97 -21.43 1.64
C GLU D 263 12.20 -21.97 2.87
N LEU D 264 11.45 -21.11 3.55
CA LEU D 264 10.69 -21.51 4.73
C LEU D 264 9.36 -20.76 4.78
N VAL D 265 8.27 -21.41 5.19
CA VAL D 265 8.23 -22.85 5.45
C VAL D 265 7.12 -23.49 4.61
N PRO D 266 7.40 -23.77 3.33
CA PRO D 266 6.39 -24.37 2.44
C PRO D 266 5.99 -25.80 2.82
N VAL D 267 6.96 -26.60 3.27
CA VAL D 267 6.76 -28.03 3.53
C VAL D 267 6.20 -28.72 2.28
N GLY D 268 4.98 -29.24 2.36
CA GLY D 268 4.30 -29.83 1.21
C GLY D 268 3.16 -28.99 0.64
N GLU D 269 2.91 -27.82 1.23
CA GLU D 269 1.77 -26.98 0.87
C GLU D 269 2.13 -25.64 0.23
N MET D 270 1.26 -25.19 -0.67
CA MET D 270 1.36 -23.87 -1.27
C MET D 270 1.30 -22.77 -0.21
N PRO D 271 2.27 -21.83 -0.23
CA PRO D 271 2.45 -20.75 0.74
C PRO D 271 1.39 -19.66 0.67
N ARG D 272 0.97 -19.17 1.83
CA ARG D 272 -0.12 -18.21 1.90
C ARG D 272 0.32 -16.80 1.61
N ASN D 273 -0.61 -15.97 1.16
CA ASN D 273 -0.28 -14.61 0.80
C ASN D 273 -1.21 -13.60 1.45
N LEU D 274 -0.65 -12.80 2.36
CA LEU D 274 -1.40 -11.78 3.05
C LEU D 274 -1.42 -10.47 2.28
N THR D 275 -2.59 -9.86 2.20
CA THR D 275 -2.79 -8.65 1.42
C THR D 275 -2.46 -7.41 2.23
N MET D 276 -1.65 -6.51 1.66
CA MET D 276 -1.10 -5.36 2.38
C MET D 276 -1.39 -4.04 1.72
N THR D 277 -1.77 -3.05 2.51
CA THR D 277 -1.99 -1.75 1.92
C THR D 277 -0.91 -0.74 2.26
N CYS D 278 -0.03 -0.44 1.32
CA CYS D 278 0.92 0.66 1.44
C CYS D 278 0.19 1.94 1.17
N ASP D 279 0.71 3.05 1.65
CA ASP D 279 0.06 4.31 1.34
C ASP D 279 1.01 5.48 1.42
N ARG D 280 0.60 6.57 0.80
CA ARG D 280 1.41 7.75 0.70
C ARG D 280 2.80 7.36 0.25
N TYR D 281 3.83 7.86 0.93
CA TYR D 281 5.16 7.86 0.35
C TYR D 281 5.84 6.49 0.22
N LEU D 282 5.21 5.42 0.70
CA LEU D 282 5.77 4.08 0.51
C LEU D 282 5.27 3.43 -0.77
N THR D 283 4.35 4.11 -1.43
CA THR D 283 3.69 3.59 -2.61
C THR D 283 4.63 3.63 -3.79
N ASN D 284 4.59 2.59 -4.60
CA ASN D 284 5.52 2.41 -5.71
C ASN D 284 6.94 2.39 -5.20
N LYS D 285 7.13 2.08 -3.92
CA LYS D 285 8.47 2.00 -3.44
C LYS D 285 9.07 0.66 -3.83
N VAL D 286 8.23 -0.34 -4.08
CA VAL D 286 8.78 -1.65 -4.36
C VAL D 286 8.26 -2.39 -5.59
N ILE D 287 9.20 -2.64 -6.50
CA ILE D 287 9.04 -3.52 -7.64
C ILE D 287 8.66 -4.93 -7.21
N PRO D 288 7.54 -5.45 -7.74
CA PRO D 288 7.06 -6.81 -7.47
C PRO D 288 8.07 -7.90 -7.87
N GLY D 289 8.34 -8.82 -6.95
CA GLY D 289 9.33 -9.85 -7.13
C GLY D 289 10.56 -9.68 -6.27
N THR D 290 10.71 -8.52 -5.65
CA THR D 290 11.83 -8.27 -4.77
C THR D 290 11.52 -8.67 -3.33
N ARG D 291 12.42 -9.42 -2.71
CA ARG D 291 12.29 -9.72 -1.29
C ARG D 291 12.33 -8.41 -0.49
N VAL D 292 11.53 -8.34 0.57
CA VAL D 292 11.42 -7.17 1.41
C VAL D 292 11.23 -7.62 2.85
N THR D 293 11.32 -6.67 3.79
CA THR D 293 10.82 -6.91 5.13
C THR D 293 9.89 -5.78 5.57
N ILE D 294 8.61 -6.10 5.70
CA ILE D 294 7.53 -5.16 5.97
C ILE D 294 7.43 -4.88 7.43
N VAL D 295 7.02 -3.70 7.86
CA VAL D 295 6.70 -3.69 9.24
C VAL D 295 5.20 -3.61 9.48
N GLY D 296 4.62 -2.43 9.60
CA GLY D 296 3.17 -2.34 9.65
C GLY D 296 2.40 -2.94 10.83
N ILE D 297 1.15 -2.51 10.98
CA ILE D 297 0.19 -3.11 11.88
C ILE D 297 -0.44 -4.31 11.20
N TYR D 298 -1.00 -5.21 11.99
CA TYR D 298 -1.78 -6.35 11.53
C TYR D 298 -3.26 -6.10 11.83
N SER D 299 -4.13 -6.18 10.82
CA SER D 299 -5.55 -5.92 11.06
C SER D 299 -6.50 -6.55 10.03
N ILE D 300 -7.79 -6.53 10.36
CA ILE D 300 -8.81 -7.26 9.59
C ILE D 300 -9.92 -6.39 8.97
N TYR D 301 -10.33 -6.73 7.74
CA TYR D 301 -11.40 -6.04 7.02
C TYR D 301 -12.53 -6.99 6.64
N ASN D 302 -13.72 -6.47 6.33
CA ASN D 302 -14.90 -7.33 6.13
C ASN D 302 -15.06 -7.97 4.74
N SER D 303 -15.36 -7.18 3.72
CA SER D 303 -15.37 -7.66 2.32
C SER D 303 -16.28 -8.85 2.07
N LYS D 304 -17.59 -8.62 2.04
CA LYS D 304 -18.57 -9.69 1.88
C LYS D 304 -18.18 -10.62 0.71
N ASN D 305 -18.26 -11.93 0.96
CA ASN D 305 -17.86 -12.92 -0.05
C ASN D 305 -18.96 -13.94 -0.32
N GLY D 320 -19.89 -15.55 5.65
CA GLY D 320 -20.53 -15.72 6.93
C GLY D 320 -20.27 -17.07 7.57
N VAL D 321 -20.26 -17.12 8.90
CA VAL D 321 -20.50 -15.95 9.74
C VAL D 321 -19.62 -16.01 11.01
N ALA D 322 -18.98 -14.90 11.39
CA ALA D 322 -18.92 -13.67 10.59
C ALA D 322 -17.83 -13.67 9.52
N ILE D 323 -16.68 -14.28 9.85
CA ILE D 323 -15.56 -14.49 8.91
C ILE D 323 -14.97 -13.21 8.30
N ARG D 324 -14.27 -12.43 9.11
CA ARG D 324 -13.55 -11.28 8.57
C ARG D 324 -12.15 -11.69 8.13
N THR D 325 -11.72 -11.20 6.97
CA THR D 325 -10.43 -11.52 6.37
C THR D 325 -9.35 -10.47 6.63
N PRO D 326 -8.15 -10.91 7.02
CA PRO D 326 -6.82 -10.40 7.43
C PRO D 326 -6.03 -9.62 6.37
N TYR D 327 -5.47 -8.47 6.76
CA TYR D 327 -4.54 -7.69 5.91
C TYR D 327 -3.48 -7.00 6.78
N ILE D 328 -2.38 -6.57 6.17
CA ILE D 328 -1.34 -5.88 6.95
C ILE D 328 -1.12 -4.47 6.43
N LYS D 329 -1.49 -3.50 7.25
CA LYS D 329 -1.24 -2.10 6.96
C LYS D 329 0.25 -1.91 7.04
N ILE D 330 0.88 -1.11 6.19
CA ILE D 330 2.34 -1.00 6.29
C ILE D 330 2.87 0.31 6.75
N LEU D 331 3.48 0.29 7.92
CA LEU D 331 4.34 1.38 8.28
C LEU D 331 5.59 0.89 8.96
N GLY D 332 6.73 1.25 8.38
CA GLY D 332 6.79 1.52 6.97
C GLY D 332 7.67 0.48 6.34
N ILE D 333 7.68 0.41 5.02
CA ILE D 333 8.40 -0.64 4.32
C ILE D 333 9.89 -0.38 4.19
N GLN D 334 10.69 -1.43 4.29
CA GLN D 334 12.10 -1.33 4.02
C GLN D 334 12.58 -2.51 3.20
N SER D 335 13.09 -2.23 2.00
CA SER D 335 13.55 -3.30 1.14
C SER D 335 14.84 -3.90 1.67
N ASP D 336 15.15 -5.11 1.19
CA ASP D 336 16.38 -5.79 1.58
C ASP D 336 17.58 -5.12 0.89
N VAL D 337 18.78 -5.37 1.43
CA VAL D 337 20.01 -4.76 0.94
C VAL D 337 20.27 -5.01 -0.55
N GLU D 338 20.46 -3.94 -1.33
CA GLU D 338 20.42 -2.56 -0.81
C GLU D 338 19.01 -1.93 -0.62
N THR D 339 18.04 -2.13 -1.51
CA THR D 339 18.15 -2.68 -2.87
C THR D 339 18.16 -1.57 -3.91
N SER D 340 18.06 -0.32 -3.45
CA SER D 340 17.86 0.87 -4.29
C SER D 340 16.48 0.88 -4.94
N LEU E 97 -58.78 -15.36 26.93
CA LEU E 97 -59.78 -15.46 25.87
C LEU E 97 -60.03 -16.93 25.54
N ASN E 98 -61.25 -17.40 25.84
CA ASN E 98 -61.63 -18.78 25.57
C ASN E 98 -61.91 -19.03 24.07
N HIS E 99 -61.43 -20.16 23.55
CA HIS E 99 -61.68 -20.52 22.16
C HIS E 99 -62.91 -21.43 22.06
N VAL E 100 -63.99 -20.90 21.50
CA VAL E 100 -65.25 -21.65 21.42
C VAL E 100 -65.76 -21.84 19.97
N LYS E 101 -65.66 -23.08 19.50
CA LYS E 101 -64.83 -24.03 20.21
C LYS E 101 -63.81 -24.65 19.24
N LYS E 102 -64.26 -25.66 18.51
CA LYS E 102 -63.52 -26.29 17.42
C LYS E 102 -64.54 -27.00 16.53
N VAL E 103 -64.29 -27.11 15.22
CA VAL E 103 -65.31 -27.70 14.34
C VAL E 103 -64.78 -28.34 13.04
N ASP E 104 -65.62 -29.16 12.40
CA ASP E 104 -66.46 -30.09 13.17
C ASP E 104 -65.82 -31.47 13.08
N ASP E 105 -64.99 -31.63 12.04
CA ASP E 105 -64.27 -32.84 11.64
C ASP E 105 -65.15 -34.01 11.16
N VAL E 106 -66.43 -34.00 11.58
CA VAL E 106 -67.50 -34.86 11.06
C VAL E 106 -66.92 -36.25 10.78
N THR E 107 -66.92 -36.60 9.49
CA THR E 107 -66.38 -37.85 8.96
C THR E 107 -65.02 -38.20 9.52
N GLY E 108 -64.21 -37.19 9.83
CA GLY E 108 -62.87 -37.40 10.35
C GLY E 108 -62.85 -38.22 11.64
N GLU E 109 -63.90 -38.04 12.44
CA GLU E 109 -64.08 -38.78 13.67
C GLU E 109 -64.54 -40.21 13.38
N LYS E 110 -65.40 -40.35 12.38
CA LYS E 110 -65.86 -41.66 11.94
C LYS E 110 -64.68 -42.50 11.45
N VAL E 111 -63.77 -41.85 10.73
CA VAL E 111 -62.58 -42.50 10.21
C VAL E 111 -61.59 -42.76 11.33
N ARG E 112 -61.57 -41.88 12.32
CA ARG E 112 -60.76 -42.09 13.51
C ARG E 112 -61.16 -43.37 14.24
N GLU E 113 -62.47 -43.53 14.48
CA GLU E 113 -63.00 -44.71 15.16
C GLU E 113 -62.88 -45.98 14.33
N ALA E 114 -63.11 -45.84 13.03
CA ALA E 114 -63.01 -46.99 12.13
C ALA E 114 -61.58 -47.49 12.05
N PHE E 115 -60.64 -46.57 11.89
CA PHE E 115 -59.22 -46.90 11.79
C PHE E 115 -58.68 -47.42 13.11
N GLU E 116 -59.14 -46.84 14.21
CA GLU E 116 -58.73 -47.32 15.52
C GLU E 116 -59.22 -48.74 15.76
N GLN E 117 -60.51 -48.96 15.50
CA GLN E 117 -61.10 -50.28 15.64
C GLN E 117 -60.46 -51.28 14.67
N PHE E 118 -60.02 -50.79 13.52
CA PHE E 118 -59.41 -51.65 12.51
C PHE E 118 -58.03 -52.09 12.97
N LEU E 119 -57.23 -51.15 13.46
CA LEU E 119 -55.89 -51.45 13.92
C LEU E 119 -55.96 -52.27 15.20
N GLU E 120 -57.09 -52.19 15.87
CA GLU E 120 -57.31 -52.98 17.08
C GLU E 120 -57.77 -54.38 16.71
N ASP E 121 -58.99 -54.49 16.19
CA ASP E 121 -59.55 -55.78 15.82
C ASP E 121 -58.89 -56.42 14.61
N PHE E 122 -58.97 -57.74 14.55
CA PHE E 122 -58.57 -58.49 13.39
C PHE E 122 -59.46 -58.10 12.20
N SER E 123 -58.92 -57.93 10.98
CA SER E 123 -57.52 -58.04 10.56
C SER E 123 -56.87 -59.43 10.74
N VAL E 124 -57.68 -60.48 10.66
CA VAL E 124 -57.17 -61.86 10.53
C VAL E 124 -58.05 -62.66 9.58
N GLN E 125 -57.42 -63.32 8.60
CA GLN E 125 -58.12 -64.17 7.66
C GLN E 125 -57.82 -65.64 8.03
N SER E 126 -56.55 -66.00 7.95
CA SER E 126 -56.08 -67.37 8.25
C SER E 126 -56.54 -67.86 9.63
N THR E 127 -56.81 -69.15 9.69
CA THR E 127 -57.31 -69.84 10.88
C THR E 127 -56.44 -71.09 11.08
N ASP E 128 -56.63 -71.79 12.20
CA ASP E 128 -55.76 -72.93 12.56
C ASP E 128 -54.33 -72.43 12.60
N THR E 129 -53.50 -72.91 11.67
CA THR E 129 -52.14 -72.46 11.71
C THR E 129 -52.19 -71.06 11.11
N GLY E 130 -51.91 -70.08 11.96
CA GLY E 130 -51.83 -68.69 11.54
C GLY E 130 -50.44 -68.08 11.64
N GLU E 131 -50.33 -66.76 11.49
CA GLU E 131 -51.34 -65.81 10.96
C GLU E 131 -52.71 -65.71 11.65
N VAL E 132 -52.73 -65.65 12.96
CA VAL E 132 -53.95 -65.34 13.70
C VAL E 132 -53.53 -64.64 15.01
N GLU E 133 -54.33 -63.69 15.50
CA GLU E 133 -54.01 -62.95 16.74
C GLU E 133 -52.67 -62.23 16.68
N LYS E 134 -52.60 -61.07 16.02
CA LYS E 134 -53.74 -60.17 15.89
C LYS E 134 -54.15 -59.75 14.47
N VAL E 135 -53.28 -59.18 13.63
CA VAL E 135 -51.83 -59.10 13.84
C VAL E 135 -51.29 -57.73 14.33
N TYR E 136 -52.15 -56.71 14.41
CA TYR E 136 -51.65 -55.36 14.59
C TYR E 136 -51.30 -55.03 16.04
N ARG E 137 -52.04 -55.61 17.00
CA ARG E 137 -51.66 -55.50 18.41
C ARG E 137 -50.29 -56.14 18.62
N ALA E 138 -50.11 -57.30 18.00
CA ALA E 138 -48.83 -58.00 18.02
C ALA E 138 -47.77 -57.21 17.24
N GLN E 139 -48.22 -56.41 16.28
CA GLN E 139 -47.32 -55.56 15.51
C GLN E 139 -46.76 -54.46 16.41
N ILE E 140 -47.63 -53.80 17.16
CA ILE E 140 -47.22 -52.74 18.07
C ILE E 140 -46.38 -53.30 19.21
N GLU E 141 -46.75 -54.48 19.70
CA GLU E 141 -45.99 -55.11 20.77
C GLU E 141 -44.61 -55.54 20.30
N PHE E 142 -44.51 -56.05 19.07
CA PHE E 142 -43.22 -56.38 18.47
C PHE E 142 -42.41 -55.10 18.27
N MET E 143 -43.13 -54.01 18.04
CA MET E 143 -42.52 -52.71 17.84
C MET E 143 -41.99 -52.13 19.14
N LYS E 144 -42.55 -52.58 20.27
CA LYS E 144 -42.12 -52.10 21.57
C LYS E 144 -40.65 -52.44 21.84
N ILE E 145 -40.17 -53.47 21.16
CA ILE E 145 -38.79 -53.92 21.34
C ILE E 145 -37.76 -52.86 20.94
N TYR E 146 -37.74 -52.46 19.66
CA TYR E 146 -36.76 -51.51 19.17
C TYR E 146 -37.18 -50.05 19.30
N ASP E 147 -38.48 -49.85 19.49
CA ASP E 147 -39.07 -48.51 19.67
C ASP E 147 -38.61 -47.48 18.63
N LEU E 148 -38.67 -47.86 17.35
CA LEU E 148 -38.22 -47.01 16.24
C LEU E 148 -39.32 -46.04 15.77
N ASN E 149 -40.48 -46.11 16.44
CA ASN E 149 -41.55 -45.13 16.25
C ASN E 149 -42.10 -45.05 14.81
N THR E 150 -42.36 -46.22 14.20
CA THR E 150 -43.05 -46.32 12.91
C THR E 150 -43.89 -47.59 12.90
N ILE E 151 -44.88 -47.65 12.01
CA ILE E 151 -45.69 -48.86 11.92
C ILE E 151 -45.87 -49.27 10.47
N TYR E 152 -46.19 -50.54 10.25
CA TYR E 152 -46.45 -51.03 8.89
C TYR E 152 -47.77 -51.78 8.87
N ILE E 153 -48.72 -51.28 8.09
CA ILE E 153 -50.00 -51.97 7.90
C ILE E 153 -50.36 -52.06 6.42
N ASP E 154 -51.01 -53.15 6.02
CA ASP E 154 -51.34 -53.34 4.62
C ASP E 154 -52.64 -52.64 4.23
N TYR E 155 -52.66 -52.08 3.03
CA TYR E 155 -53.86 -51.43 2.50
C TYR E 155 -54.92 -52.47 2.13
N GLN E 156 -54.46 -53.61 1.63
CA GLN E 156 -55.34 -54.70 1.25
C GLN E 156 -56.20 -55.19 2.43
N HIS E 157 -55.59 -55.24 3.61
CA HIS E 157 -56.29 -55.58 4.83
C HIS E 157 -57.32 -54.50 5.17
N LEU E 158 -56.95 -53.25 4.92
CA LEU E 158 -57.79 -52.10 5.27
C LEU E 158 -59.02 -52.01 4.37
N SER E 159 -58.90 -52.51 3.15
CA SER E 159 -60.00 -52.51 2.20
C SER E 159 -61.02 -53.61 2.52
N MET E 160 -60.58 -54.64 3.23
CA MET E 160 -61.40 -55.84 3.48
C MET E 160 -62.52 -55.60 4.49
N ARG E 161 -62.28 -54.71 5.43
CA ARG E 161 -63.23 -54.44 6.50
C ARG E 161 -64.58 -53.89 6.00
N GLU E 162 -64.55 -52.73 5.35
CA GLU E 162 -65.81 -52.10 4.92
C GLU E 162 -66.18 -52.44 3.48
N ASN E 163 -65.41 -53.35 2.87
CA ASN E 163 -65.42 -53.61 1.43
C ASN E 163 -64.86 -52.44 0.61
N GLY E 164 -63.87 -51.73 1.15
CA GLY E 164 -63.24 -50.64 0.43
C GLY E 164 -63.86 -49.27 0.69
N ALA E 165 -65.01 -49.27 1.34
CA ALA E 165 -65.70 -48.01 1.65
C ALA E 165 -64.96 -47.23 2.72
N LEU E 166 -64.26 -47.94 3.60
CA LEU E 166 -63.38 -47.31 4.59
C LEU E 166 -62.13 -46.76 3.92
N ALA E 167 -61.63 -47.51 2.92
CA ALA E 167 -60.39 -47.16 2.22
C ALA E 167 -60.55 -45.93 1.34
N MET E 168 -61.80 -45.59 1.01
CA MET E 168 -62.09 -44.44 0.15
C MET E 168 -61.90 -43.11 0.89
N ALA E 169 -62.32 -43.06 2.15
CA ALA E 169 -62.09 -41.86 2.97
C ALA E 169 -60.58 -41.65 3.13
N ILE E 170 -59.87 -42.77 3.15
CA ILE E 170 -58.42 -42.80 3.32
C ILE E 170 -57.73 -42.71 1.96
N SER E 171 -58.50 -42.56 0.90
CA SER E 171 -57.89 -42.49 -0.42
C SER E 171 -57.80 -41.08 -0.97
N GLU E 172 -58.92 -40.53 -1.44
CA GLU E 172 -58.90 -39.24 -2.08
C GLU E 172 -58.79 -38.10 -1.04
N GLN E 173 -59.47 -38.26 0.08
CA GLN E 173 -59.51 -37.24 1.13
C GLN E 173 -58.36 -37.41 2.13
N TYR E 174 -57.42 -38.31 1.84
CA TYR E 174 -56.42 -38.80 2.80
C TYR E 174 -55.65 -37.78 3.65
N TYR E 175 -55.12 -36.75 3.01
CA TYR E 175 -54.33 -35.76 3.74
C TYR E 175 -55.16 -35.00 4.78
N ARG E 176 -56.47 -34.98 4.60
CA ARG E 176 -57.35 -34.37 5.58
C ARG E 176 -57.27 -35.15 6.90
N PHE E 177 -56.95 -36.44 6.77
CA PHE E 177 -56.94 -37.38 7.88
C PHE E 177 -55.57 -37.65 8.52
N LEU E 178 -54.52 -36.98 8.04
CA LEU E 178 -53.18 -37.15 8.61
C LEU E 178 -53.07 -36.77 10.09
N PRO E 179 -53.58 -35.59 10.48
CA PRO E 179 -53.50 -35.33 11.93
C PRO E 179 -54.38 -36.25 12.75
N PHE E 180 -55.43 -36.79 12.14
CA PHE E 180 -56.35 -37.66 12.86
C PHE E 180 -55.81 -39.08 13.01
N LEU E 181 -55.15 -39.58 11.96
CA LEU E 181 -54.58 -40.91 11.99
C LEU E 181 -53.45 -41.05 12.99
N GLN E 182 -52.71 -39.95 13.19
CA GLN E 182 -51.59 -39.95 14.10
C GLN E 182 -52.05 -39.92 15.56
N LYS E 183 -52.66 -38.80 15.98
CA LYS E 183 -53.10 -38.64 17.37
C LYS E 183 -54.00 -39.81 17.75
N GLY E 184 -54.92 -40.17 16.86
CA GLY E 184 -55.78 -41.33 17.07
C GLY E 184 -54.96 -42.55 17.41
N LEU E 185 -53.96 -42.86 16.60
CA LEU E 185 -53.09 -44.00 16.82
C LEU E 185 -52.41 -43.93 18.20
N ARG E 186 -51.95 -42.73 18.58
CA ARG E 186 -51.42 -42.50 19.92
C ARG E 186 -52.44 -42.81 21.02
N ARG E 187 -53.70 -42.44 20.81
CA ARG E 187 -54.76 -42.79 21.76
C ARG E 187 -54.84 -44.30 21.96
N VAL E 188 -54.40 -45.07 20.97
CA VAL E 188 -54.27 -46.51 21.13
C VAL E 188 -53.06 -46.85 21.97
N VAL E 189 -51.91 -46.30 21.59
CA VAL E 189 -50.64 -46.65 22.23
C VAL E 189 -50.69 -46.31 23.71
N ARG E 190 -51.19 -45.11 24.04
CA ARG E 190 -51.34 -44.68 25.44
C ARG E 190 -52.09 -45.72 26.28
N LYS E 191 -53.04 -46.39 25.64
CA LYS E 191 -53.77 -47.43 26.33
C LYS E 191 -52.90 -48.67 26.55
N TYR E 192 -52.23 -49.14 25.49
CA TYR E 192 -51.45 -50.38 25.56
C TYR E 192 -49.95 -50.24 25.79
N ALA E 193 -49.43 -49.02 25.95
CA ALA E 193 -47.98 -48.85 26.08
C ALA E 193 -47.51 -47.66 26.93
N PRO E 194 -46.25 -47.72 27.43
CA PRO E 194 -45.69 -46.53 28.10
C PRO E 194 -45.23 -45.46 27.12
N GLU E 260 -41.37 -37.48 23.71
CA GLU E 260 -40.68 -38.57 23.03
C GLU E 260 -41.60 -39.35 22.09
N ARG E 261 -42.48 -38.66 21.37
CA ARG E 261 -43.37 -39.35 20.44
C ARG E 261 -43.28 -38.76 19.05
N VAL E 262 -42.69 -39.52 18.14
CA VAL E 262 -42.79 -39.17 16.73
C VAL E 262 -43.22 -40.42 16.00
N PHE E 263 -44.41 -40.36 15.40
CA PHE E 263 -44.99 -41.55 14.77
C PHE E 263 -45.19 -41.36 13.27
N GLN E 264 -44.51 -42.22 12.51
CA GLN E 264 -44.64 -42.19 11.07
C GLN E 264 -45.43 -43.41 10.57
N ILE E 265 -46.64 -43.14 10.10
CA ILE E 265 -47.52 -44.14 9.55
C ILE E 265 -47.24 -44.33 8.07
N SER E 266 -46.93 -45.55 7.66
CA SER E 266 -46.71 -45.79 6.25
C SER E 266 -47.52 -46.96 5.74
N PHE E 267 -48.50 -46.65 4.90
CA PHE E 267 -49.29 -47.68 4.25
C PHE E 267 -48.50 -48.26 3.10
N PHE E 268 -48.88 -49.44 2.66
CA PHE E 268 -48.22 -50.05 1.51
C PHE E 268 -49.13 -51.00 0.76
N ASN E 269 -48.55 -51.67 -0.24
CA ASN E 269 -49.25 -52.70 -1.00
C ASN E 269 -50.53 -52.16 -1.65
N LEU E 270 -50.39 -51.11 -2.45
CA LEU E 270 -51.54 -50.50 -3.12
C LEU E 270 -51.96 -51.35 -4.32
N PRO E 271 -53.29 -51.51 -4.50
CA PRO E 271 -53.91 -52.40 -5.50
C PRO E 271 -53.34 -52.22 -6.91
N THR E 272 -52.99 -50.99 -7.28
CA THR E 272 -52.45 -50.76 -8.62
C THR E 272 -51.32 -49.71 -8.61
N VAL E 273 -50.23 -50.01 -9.32
CA VAL E 273 -49.11 -49.10 -9.47
C VAL E 273 -49.32 -48.19 -10.68
N HIS E 274 -49.12 -46.90 -10.46
CA HIS E 274 -49.32 -45.91 -11.50
C HIS E 274 -48.01 -45.20 -11.85
N ARG E 275 -47.79 -45.01 -13.14
CA ARG E 275 -46.58 -44.36 -13.63
C ARG E 275 -46.62 -42.86 -13.37
N ILE E 276 -45.46 -42.22 -13.45
CA ILE E 276 -45.37 -40.77 -13.30
C ILE E 276 -46.14 -40.04 -14.41
N ARG E 277 -46.28 -40.68 -15.56
CA ARG E 277 -47.01 -40.10 -16.68
C ARG E 277 -48.51 -40.11 -16.40
N ASP E 278 -48.94 -41.08 -15.62
CA ASP E 278 -50.35 -41.24 -15.29
C ASP E 278 -50.74 -40.36 -14.10
N ILE E 279 -49.78 -39.57 -13.62
CA ILE E 279 -50.03 -38.65 -12.51
C ILE E 279 -50.95 -37.51 -12.92
N ARG E 280 -52.02 -37.32 -12.15
CA ARG E 280 -53.03 -36.32 -12.46
C ARG E 280 -53.26 -35.41 -11.25
N SER E 281 -53.97 -34.31 -11.46
CA SER E 281 -54.29 -33.40 -10.38
C SER E 281 -55.50 -33.87 -9.56
N GLU E 282 -56.13 -34.96 -10.00
CA GLU E 282 -57.20 -35.59 -9.22
C GLU E 282 -56.62 -36.52 -8.15
N LYS E 283 -55.37 -36.91 -8.35
CA LYS E 283 -54.69 -37.87 -7.48
C LYS E 283 -54.05 -37.18 -6.28
N ILE E 284 -54.25 -35.88 -6.16
CA ILE E 284 -53.66 -35.14 -5.05
C ILE E 284 -54.34 -35.50 -3.73
N GLY E 285 -53.54 -35.53 -2.67
CA GLY E 285 -54.04 -35.85 -1.33
C GLY E 285 -54.33 -37.33 -1.21
N SER E 286 -53.81 -38.13 -2.14
CA SER E 286 -54.18 -39.53 -2.22
C SER E 286 -52.98 -40.44 -2.36
N LEU E 287 -53.07 -41.62 -1.73
CA LEU E 287 -52.03 -42.63 -1.87
C LEU E 287 -51.93 -43.12 -3.32
N LEU E 288 -50.74 -43.02 -3.90
CA LEU E 288 -50.51 -43.57 -5.22
C LEU E 288 -49.13 -44.18 -5.24
N SER E 289 -49.04 -45.40 -5.75
CA SER E 289 -47.77 -46.09 -5.87
C SER E 289 -47.04 -45.71 -7.14
N ILE E 290 -45.81 -45.23 -7.01
CA ILE E 290 -45.07 -44.73 -8.15
C ILE E 290 -43.78 -45.52 -8.36
N SER E 291 -43.66 -46.16 -9.52
CA SER E 291 -42.47 -46.96 -9.85
C SER E 291 -41.53 -46.24 -10.82
N GLY E 292 -40.23 -46.27 -10.52
CA GLY E 292 -39.25 -45.63 -11.36
C GLY E 292 -37.88 -45.54 -10.69
N THR E 293 -36.86 -45.27 -11.49
CA THR E 293 -35.47 -45.25 -11.03
C THR E 293 -35.12 -43.95 -10.29
N VAL E 294 -34.28 -44.05 -9.26
CA VAL E 294 -33.86 -42.88 -8.51
C VAL E 294 -32.70 -42.16 -9.20
N THR E 295 -32.73 -40.82 -9.16
CA THR E 295 -31.65 -39.98 -9.67
C THR E 295 -31.39 -38.84 -8.69
N ARG E 296 -30.12 -38.55 -8.45
CA ARG E 296 -29.72 -37.43 -7.59
C ARG E 296 -30.29 -37.55 -6.17
N THR E 297 -29.82 -38.53 -5.41
CA THR E 297 -30.14 -38.59 -3.99
C THR E 297 -29.45 -37.40 -3.32
N SER E 298 -29.91 -37.01 -2.14
CA SER E 298 -29.28 -35.89 -1.44
C SER E 298 -29.06 -36.20 0.04
N GLU E 299 -28.15 -35.44 0.65
CA GLU E 299 -27.78 -35.66 2.05
C GLU E 299 -28.90 -35.36 3.03
N VAL E 300 -28.99 -36.18 4.07
CA VAL E 300 -30.04 -36.07 5.06
C VAL E 300 -29.88 -34.85 5.95
N ARG E 301 -30.94 -34.07 6.07
CA ARG E 301 -30.95 -32.91 6.94
C ARG E 301 -32.24 -32.91 7.74
N PRO E 302 -32.28 -32.17 8.86
CA PRO E 302 -33.49 -32.08 9.69
C PRO E 302 -34.62 -31.20 9.13
N GLU E 303 -35.86 -31.63 9.35
CA GLU E 303 -37.04 -30.80 9.15
C GLU E 303 -37.41 -30.15 10.46
N LEU E 304 -37.96 -28.94 10.41
CA LEU E 304 -38.36 -28.29 11.64
C LEU E 304 -39.42 -29.07 12.40
N TYR E 305 -40.26 -29.81 11.67
CA TYR E 305 -41.36 -30.55 12.29
C TYR E 305 -42.17 -29.59 13.19
N LYS E 306 -42.23 -29.88 14.48
CA LYS E 306 -42.85 -28.98 15.44
C LYS E 306 -41.75 -28.18 16.13
N ALA E 307 -42.00 -26.90 16.38
CA ALA E 307 -41.01 -25.97 16.90
C ALA E 307 -41.57 -25.17 18.06
N SER E 308 -40.69 -24.77 18.98
CA SER E 308 -40.97 -23.63 19.83
C SER E 308 -40.10 -22.52 19.30
N PHE E 309 -40.73 -21.57 18.61
CA PHE E 309 -40.07 -20.31 18.29
C PHE E 309 -40.78 -19.20 19.02
N THR E 310 -40.18 -18.79 20.13
CA THR E 310 -40.69 -17.75 21.03
C THR E 310 -39.76 -17.83 22.26
N CYS E 311 -39.71 -16.79 23.08
CA CYS E 311 -40.26 -15.51 22.72
C CYS E 311 -39.25 -14.84 21.77
N ASP E 312 -39.67 -13.93 20.88
CA ASP E 312 -41.02 -13.33 20.70
C ASP E 312 -41.59 -12.54 21.90
N MET E 313 -40.82 -11.55 22.34
CA MET E 313 -41.31 -10.47 23.23
C MET E 313 -41.80 -10.73 24.68
N CYS E 314 -40.88 -10.90 25.64
CA CYS E 314 -39.59 -11.51 25.46
C CYS E 314 -39.56 -12.87 26.21
N ARG E 315 -40.52 -13.11 27.11
CA ARG E 315 -40.43 -14.30 27.98
C ARG E 315 -41.32 -15.49 27.57
N ALA E 316 -42.14 -15.30 26.54
CA ALA E 316 -43.29 -16.15 26.23
C ALA E 316 -43.02 -17.67 26.26
N ILE E 317 -41.96 -18.13 25.59
CA ILE E 317 -41.64 -19.56 25.48
C ILE E 317 -42.79 -20.46 25.01
N VAL E 318 -43.48 -20.03 23.96
CA VAL E 318 -44.58 -20.80 23.36
C VAL E 318 -44.10 -21.93 22.46
N ASP E 319 -44.49 -23.16 22.78
CA ASP E 319 -44.22 -24.31 21.92
C ASP E 319 -45.48 -24.89 21.33
N ASN E 320 -45.72 -24.66 20.04
CA ASN E 320 -46.87 -25.25 19.35
C ASN E 320 -46.75 -25.27 17.82
N VAL E 321 -47.57 -26.12 17.22
CA VAL E 321 -47.82 -26.13 15.78
C VAL E 321 -46.57 -26.03 14.91
N GLU E 322 -46.61 -25.11 13.94
CA GLU E 322 -45.54 -24.90 12.98
C GLU E 322 -45.26 -26.15 12.16
N GLN E 323 -46.25 -27.04 12.04
CA GLN E 323 -46.07 -28.31 11.35
C GLN E 323 -46.02 -28.15 9.83
N SER E 324 -46.82 -27.25 9.30
CA SER E 324 -46.90 -27.01 7.86
C SER E 324 -45.60 -26.44 7.32
N PHE E 325 -45.34 -26.59 6.03
CA PHE E 325 -44.08 -26.09 5.52
C PHE E 325 -44.16 -24.66 4.98
N LYS E 326 -43.61 -23.73 5.76
CA LYS E 326 -43.49 -22.35 5.33
C LYS E 326 -42.01 -21.89 5.47
N TYR E 327 -41.40 -21.80 6.66
CA TYR E 327 -41.85 -22.23 7.99
C TYR E 327 -42.50 -21.09 8.78
N THR E 328 -42.44 -19.90 8.19
CA THR E 328 -43.02 -18.71 8.77
C THR E 328 -44.54 -18.83 8.93
N GLU E 329 -45.04 -18.46 10.10
CA GLU E 329 -44.21 -18.01 11.21
C GLU E 329 -44.79 -18.43 12.54
N PRO E 330 -43.94 -18.48 13.56
CA PRO E 330 -44.49 -18.59 14.92
C PRO E 330 -44.89 -17.21 15.45
N THR E 331 -45.28 -17.17 16.73
CA THR E 331 -45.53 -15.93 17.45
C THR E 331 -46.77 -15.17 17.00
N PHE E 332 -47.51 -15.72 16.05
CA PHE E 332 -48.76 -15.10 15.61
C PHE E 332 -49.93 -15.54 16.48
N CYS E 333 -50.86 -14.63 16.76
CA CYS E 333 -51.94 -14.86 17.72
C CYS E 333 -51.47 -15.36 19.10
N PRO E 334 -50.46 -14.69 19.69
CA PRO E 334 -49.63 -14.85 20.90
C PRO E 334 -50.08 -14.10 22.12
N ASN E 335 -49.37 -14.17 23.25
CA ASN E 335 -48.70 -15.35 23.72
C ASN E 335 -49.77 -16.40 24.10
N PRO E 336 -50.74 -16.06 24.99
CA PRO E 336 -51.18 -14.87 25.74
C PRO E 336 -50.28 -14.45 26.90
N SER E 337 -49.98 -13.18 26.96
CA SER E 337 -50.11 -12.38 25.76
C SER E 337 -48.83 -11.59 25.59
N CYS E 338 -48.09 -11.91 24.52
CA CYS E 338 -46.92 -11.19 24.01
C CYS E 338 -47.26 -10.04 23.05
N GLU E 339 -48.26 -10.24 22.18
CA GLU E 339 -48.60 -9.32 21.08
C GLU E 339 -47.47 -9.16 20.06
N ASN E 340 -46.61 -10.17 19.97
CA ASN E 340 -45.60 -10.27 18.92
C ASN E 340 -46.24 -10.78 17.63
N ARG E 341 -45.80 -10.37 16.43
CA ARG E 341 -44.71 -9.44 16.09
C ARG E 341 -43.32 -9.76 16.63
N ALA E 342 -42.62 -8.69 17.03
CA ALA E 342 -41.27 -8.74 17.60
C ALA E 342 -40.33 -9.60 16.77
N PHE E 343 -39.48 -10.34 17.45
CA PHE E 343 -38.67 -11.41 16.86
C PHE E 343 -39.52 -12.65 16.62
N TRP E 344 -39.03 -13.55 15.78
CA TRP E 344 -39.78 -14.77 15.47
C TRP E 344 -40.15 -15.59 16.73
N THR E 345 -39.21 -16.03 17.58
CA THR E 345 -37.75 -15.97 17.42
C THR E 345 -37.22 -17.40 17.42
N LEU E 346 -36.15 -17.66 16.66
CA LEU E 346 -35.70 -19.04 16.43
C LEU E 346 -35.11 -19.70 17.70
N ASN E 347 -35.73 -20.80 18.11
CA ASN E 347 -35.19 -21.66 19.17
C ASN E 347 -35.16 -23.09 18.71
N VAL E 348 -33.97 -23.64 18.52
CA VAL E 348 -33.85 -24.97 17.94
C VAL E 348 -33.65 -26.11 18.94
N THR E 349 -33.53 -25.80 20.23
CA THR E 349 -33.34 -26.84 21.24
C THR E 349 -34.65 -27.53 21.67
N ARG E 350 -35.76 -26.80 21.56
CA ARG E 350 -37.07 -27.32 21.95
C ARG E 350 -37.81 -28.00 20.81
N SER E 351 -37.26 -27.87 19.61
CA SER E 351 -37.92 -28.34 18.40
C SER E 351 -37.40 -29.69 17.93
N ARG E 352 -38.26 -30.69 17.98
CA ARG E 352 -37.88 -32.02 17.55
C ARG E 352 -37.74 -32.03 16.03
N PHE E 353 -36.80 -32.82 15.52
CA PHE E 353 -36.52 -32.88 14.08
C PHE E 353 -36.69 -34.27 13.55
N LEU E 354 -36.75 -34.40 12.25
CA LEU E 354 -36.74 -35.74 11.66
C LEU E 354 -36.16 -35.81 10.26
N ASP E 355 -35.64 -36.99 9.92
CA ASP E 355 -35.33 -37.39 8.53
C ASP E 355 -34.45 -36.28 7.90
N TRP E 356 -34.53 -35.83 6.63
CA TRP E 356 -35.10 -36.40 5.41
C TRP E 356 -34.11 -36.27 4.26
N GLN E 357 -34.39 -36.98 3.17
CA GLN E 357 -33.56 -36.91 1.98
C GLN E 357 -34.45 -36.88 0.75
N LYS E 358 -34.11 -35.99 -0.19
CA LYS E 358 -34.84 -35.88 -1.44
C LYS E 358 -34.26 -36.83 -2.46
N VAL E 359 -35.11 -37.43 -3.28
CA VAL E 359 -34.64 -38.15 -4.43
C VAL E 359 -35.45 -37.71 -5.62
N ARG E 360 -34.81 -37.61 -6.77
CA ARG E 360 -35.55 -37.21 -7.95
C ARG E 360 -35.86 -38.45 -8.77
N ILE E 361 -37.13 -38.85 -8.78
CA ILE E 361 -37.54 -40.09 -9.43
C ILE E 361 -37.79 -39.94 -10.92
N GLN E 362 -37.30 -40.90 -11.67
CA GLN E 362 -37.40 -40.88 -13.12
C GLN E 362 -38.05 -42.16 -13.60
N GLU E 363 -38.82 -42.07 -14.68
CA GLU E 363 -39.48 -43.24 -15.24
C GLU E 363 -38.45 -44.24 -15.75
N ASN E 364 -38.77 -45.53 -15.64
CA ASN E 364 -37.90 -46.58 -16.17
C ASN E 364 -37.78 -46.44 -17.69
N ALA E 365 -36.65 -46.90 -18.24
CA ALA E 365 -36.34 -46.67 -19.65
C ALA E 365 -37.03 -47.68 -20.58
N ASN E 366 -37.52 -48.78 -20.03
CA ASN E 366 -38.12 -49.83 -20.86
C ASN E 366 -39.53 -49.48 -21.34
N GLU E 367 -40.23 -48.71 -20.53
CA GLU E 367 -41.59 -48.28 -20.85
C GLU E 367 -41.57 -47.11 -21.84
N ILE E 368 -40.71 -46.13 -21.57
CA ILE E 368 -40.68 -44.90 -22.36
C ILE E 368 -40.32 -45.15 -23.83
N PRO E 369 -41.20 -44.69 -24.73
CA PRO E 369 -41.04 -44.80 -26.18
C PRO E 369 -40.17 -43.71 -26.81
N THR E 370 -38.85 -43.89 -26.76
CA THR E 370 -37.90 -43.02 -27.44
C THR E 370 -38.19 -42.93 -28.93
N GLY E 371 -38.31 -41.72 -29.50
CA GLY E 371 -38.11 -40.46 -28.81
C GLY E 371 -39.14 -40.04 -27.77
N SER E 372 -38.66 -39.90 -26.53
CA SER E 372 -39.51 -39.66 -25.37
C SER E 372 -39.06 -38.39 -24.66
N MET E 373 -37.84 -38.42 -24.14
CA MET E 373 -37.32 -37.45 -23.17
C MET E 373 -38.12 -37.50 -21.86
N PRO E 374 -38.00 -38.63 -21.11
CA PRO E 374 -38.71 -39.01 -19.89
C PRO E 374 -38.70 -37.87 -18.91
N ARG E 375 -39.80 -37.71 -18.18
CA ARG E 375 -39.98 -36.55 -17.34
C ARG E 375 -39.78 -36.92 -15.88
N THR E 376 -38.72 -36.41 -15.29
CA THR E 376 -38.43 -36.69 -13.88
C THR E 376 -39.36 -35.89 -12.99
N LEU E 377 -39.52 -36.35 -11.75
CA LEU E 377 -40.22 -35.55 -10.76
C LEU E 377 -39.70 -35.80 -9.37
N ASP E 378 -39.80 -34.77 -8.56
CA ASP E 378 -39.31 -34.79 -7.21
C ASP E 378 -40.14 -35.72 -6.33
N VAL E 379 -39.46 -36.60 -5.60
CA VAL E 379 -40.09 -37.26 -4.45
C VAL E 379 -39.20 -37.07 -3.25
N ILE E 380 -39.72 -36.41 -2.22
CA ILE E 380 -38.96 -36.28 -0.98
C ILE E 380 -39.32 -37.41 -0.02
N LEU E 381 -38.31 -38.06 0.54
CA LEU E 381 -38.55 -39.09 1.54
C LEU E 381 -38.53 -38.44 2.91
N ARG E 382 -39.69 -38.39 3.52
CA ARG E 382 -39.81 -38.09 4.94
C ARG E 382 -40.20 -39.41 5.59
N GLY E 383 -39.77 -39.59 6.83
CA GLY E 383 -39.99 -40.83 7.53
C GLY E 383 -38.75 -41.68 7.67
N ASP E 384 -38.91 -42.79 8.38
CA ASP E 384 -37.81 -43.70 8.66
C ASP E 384 -37.41 -44.51 7.43
N SER E 385 -38.13 -44.31 6.33
CA SER E 385 -37.78 -44.96 5.07
C SER E 385 -36.63 -44.19 4.43
N VAL E 386 -36.22 -43.12 5.11
CA VAL E 386 -35.07 -42.33 4.72
C VAL E 386 -33.87 -43.25 4.51
N GLU E 387 -33.11 -42.96 3.45
CA GLU E 387 -31.89 -43.68 3.11
C GLU E 387 -32.15 -45.05 2.47
N ARG E 388 -33.39 -45.53 2.50
CA ARG E 388 -33.67 -46.84 1.94
C ARG E 388 -33.54 -46.87 0.41
N ALA E 389 -33.50 -45.70 -0.21
CA ALA E 389 -33.47 -45.60 -1.67
C ALA E 389 -32.06 -45.64 -2.24
N LYS E 390 -31.94 -46.27 -3.41
CA LYS E 390 -30.66 -46.38 -4.13
C LYS E 390 -30.72 -45.87 -5.57
N PRO E 391 -29.68 -45.15 -5.99
CA PRO E 391 -29.48 -44.61 -7.35
C PRO E 391 -29.25 -45.68 -8.42
N GLY E 392 -30.01 -45.61 -9.50
CA GLY E 392 -29.94 -46.59 -10.57
C GLY E 392 -30.86 -47.79 -10.35
N ASP E 393 -31.95 -47.59 -9.60
CA ASP E 393 -32.85 -48.70 -9.28
C ASP E 393 -34.32 -48.29 -9.06
N ARG E 394 -35.24 -49.18 -9.41
CA ARG E 394 -36.68 -48.91 -9.32
C ARG E 394 -37.26 -49.16 -7.92
N CYS E 395 -38.08 -48.22 -7.47
CA CYS E 395 -38.63 -48.23 -6.12
C CYS E 395 -40.12 -47.91 -6.11
N LYS E 396 -40.83 -48.49 -5.15
CA LYS E 396 -42.26 -48.28 -5.01
C LYS E 396 -42.51 -47.47 -3.73
N PHE E 397 -43.34 -46.44 -3.84
CA PHE E 397 -43.50 -45.47 -2.76
C PHE E 397 -44.96 -45.35 -2.31
N THR E 398 -45.20 -44.67 -1.19
CA THR E 398 -46.56 -44.32 -0.74
C THR E 398 -46.86 -42.88 -1.17
N GLY E 399 -48.04 -42.70 -1.78
CA GLY E 399 -48.28 -41.56 -2.64
C GLY E 399 -48.28 -40.13 -2.14
N VAL E 400 -49.26 -39.77 -1.31
CA VAL E 400 -49.32 -38.46 -0.64
C VAL E 400 -48.78 -37.34 -1.56
N GLU E 401 -49.43 -37.12 -2.69
CA GLU E 401 -48.83 -36.37 -3.80
C GLU E 401 -48.45 -34.94 -3.44
N ILE E 402 -49.33 -34.26 -2.71
CA ILE E 402 -49.26 -32.82 -2.34
C ILE E 402 -48.86 -31.89 -3.50
N VAL E 403 -48.28 -30.74 -3.16
CA VAL E 403 -47.73 -29.76 -4.12
C VAL E 403 -46.70 -28.90 -3.37
N VAL E 404 -45.69 -28.37 -4.06
CA VAL E 404 -44.76 -27.44 -3.42
C VAL E 404 -44.58 -26.16 -4.24
N PRO E 405 -44.53 -25.01 -3.57
CA PRO E 405 -44.35 -23.71 -4.24
C PRO E 405 -42.93 -23.50 -4.78
N ASP E 406 -42.81 -22.90 -5.96
CA ASP E 406 -41.51 -22.79 -6.65
C ASP E 406 -41.42 -21.59 -7.61
N LYS E 416 -50.91 -17.85 -13.39
CA LYS E 416 -51.63 -18.41 -12.24
C LYS E 416 -52.08 -17.28 -11.31
N PRO E 417 -53.18 -17.50 -10.54
CA PRO E 417 -53.74 -16.44 -9.69
C PRO E 417 -52.80 -15.97 -8.59
N SER E 418 -53.24 -14.97 -7.83
CA SER E 418 -52.47 -14.44 -6.72
C SER E 418 -53.33 -14.52 -5.47
N SER E 419 -52.70 -14.48 -4.29
CA SER E 419 -53.48 -14.36 -3.06
C SER E 419 -53.44 -12.90 -2.65
N THR E 420 -54.58 -12.24 -2.74
CA THR E 420 -54.65 -10.81 -2.49
C THR E 420 -55.52 -10.50 -1.28
N LEU E 421 -55.11 -9.48 -0.54
CA LEU E 421 -55.81 -9.05 0.68
C LEU E 421 -57.23 -8.60 0.35
N LEU E 448 -48.44 -16.76 -6.27
CA LEU E 448 -48.31 -18.20 -6.05
C LEU E 448 -47.93 -18.97 -7.33
N THR E 449 -46.87 -19.76 -7.23
CA THR E 449 -46.45 -20.62 -8.32
C THR E 449 -46.14 -22.00 -7.77
N TYR E 450 -46.86 -23.01 -8.25
CA TYR E 450 -46.83 -24.33 -7.65
C TYR E 450 -46.38 -25.42 -8.63
N LYS E 451 -45.87 -26.52 -8.11
CA LYS E 451 -45.57 -27.67 -8.96
C LYS E 451 -45.75 -28.97 -8.19
N ILE E 452 -45.94 -30.07 -8.90
CA ILE E 452 -46.13 -31.38 -8.26
C ILE E 452 -44.83 -31.84 -7.63
N SER E 453 -44.89 -32.02 -6.32
CA SER E 453 -43.79 -32.63 -5.60
C SER E 453 -44.38 -33.77 -4.81
N PHE E 454 -44.04 -34.97 -5.22
CA PHE E 454 -44.55 -36.21 -4.68
C PHE E 454 -43.91 -36.55 -3.35
N LEU E 455 -44.67 -37.09 -2.43
CA LEU E 455 -44.12 -37.47 -1.13
C LEU E 455 -44.16 -38.99 -1.02
N ALA E 456 -43.24 -39.56 -0.25
CA ALA E 456 -43.30 -40.98 0.07
C ALA E 456 -42.98 -41.16 1.54
N CYS E 457 -43.90 -41.75 2.28
CA CYS E 457 -43.64 -42.10 3.69
C CYS E 457 -43.25 -43.56 3.87
N HIS E 458 -43.13 -44.30 2.77
CA HIS E 458 -42.70 -45.70 2.80
C HIS E 458 -41.90 -46.00 1.54
N VAL E 459 -40.89 -46.87 1.66
CA VAL E 459 -40.06 -47.22 0.52
C VAL E 459 -39.86 -48.71 0.41
N ILE E 460 -39.76 -49.21 -0.81
CA ILE E 460 -39.35 -50.59 -0.99
C ILE E 460 -38.49 -50.75 -2.25
N SER E 461 -37.66 -51.80 -2.27
CA SER E 461 -36.69 -52.02 -3.35
C SER E 461 -37.28 -52.79 -4.54
N ILE E 462 -38.58 -53.08 -4.46
CA ILE E 462 -39.30 -53.80 -5.51
C ILE E 462 -39.12 -53.14 -6.88
N GLY E 463 -38.76 -53.94 -7.88
CA GLY E 463 -38.64 -53.45 -9.25
C GLY E 463 -37.25 -53.59 -9.82
N ALA F 4 -39.91 27.38 -8.62
CA ALA F 4 -40.42 26.03 -8.79
C ALA F 4 -40.79 25.76 -10.24
N LEU F 5 -39.86 25.12 -10.97
CA LEU F 5 -40.03 24.78 -12.38
C LEU F 5 -40.39 26.00 -13.26
N PRO F 6 -39.38 26.85 -13.55
CA PRO F 6 -39.58 28.08 -14.33
C PRO F 6 -40.10 27.82 -15.73
N SER F 7 -40.63 28.87 -16.35
CA SER F 7 -41.22 28.78 -17.67
C SER F 7 -40.66 29.88 -18.58
N ILE F 8 -40.30 29.53 -19.82
CA ILE F 8 -39.83 30.54 -20.75
C ILE F 8 -40.44 30.42 -22.14
N GLN F 9 -41.11 31.49 -22.56
CA GLN F 9 -41.89 31.51 -23.78
C GLN F 9 -41.07 31.19 -25.02
N LEU F 10 -41.75 30.58 -25.99
CA LEU F 10 -41.18 30.29 -27.29
C LEU F 10 -42.09 30.84 -28.39
N PRO F 11 -41.51 31.24 -29.53
CA PRO F 11 -42.28 31.83 -30.63
C PRO F 11 -43.29 30.85 -31.23
N VAL F 12 -42.99 29.55 -31.14
CA VAL F 12 -43.88 28.52 -31.66
C VAL F 12 -45.04 28.26 -30.70
N ASP F 13 -46.26 28.27 -31.23
CA ASP F 13 -47.47 28.05 -30.45
C ASP F 13 -48.35 27.01 -31.15
N TYR F 14 -48.78 26.01 -30.40
CA TYR F 14 -49.53 24.88 -30.96
C TYR F 14 -51.01 25.17 -31.12
N ASN F 15 -51.51 26.16 -30.39
CA ASN F 15 -52.93 26.51 -30.42
C ASN F 15 -53.43 26.85 -31.84
N ASN F 16 -52.91 27.92 -32.42
CA ASN F 16 -53.31 28.34 -33.76
C ASN F 16 -52.71 27.44 -34.85
N LEU F 17 -51.68 26.67 -34.48
CA LEU F 17 -51.09 25.72 -35.41
C LEU F 17 -52.04 24.56 -35.65
N PHE F 18 -52.78 24.20 -34.60
CA PHE F 18 -53.84 23.23 -34.71
C PHE F 18 -54.90 23.77 -35.67
N ASN F 19 -55.22 25.04 -35.54
CA ASN F 19 -56.14 25.72 -36.43
C ASN F 19 -55.66 25.59 -37.87
N GLU F 20 -54.35 25.76 -38.06
CA GLU F 20 -53.72 25.67 -39.38
C GLU F 20 -53.73 24.24 -39.93
N ILE F 21 -53.73 23.28 -39.02
CA ILE F 21 -53.88 21.88 -39.37
C ILE F 21 -55.30 21.61 -39.86
N THR F 22 -56.26 22.17 -39.14
CA THR F 22 -57.66 22.04 -39.49
C THR F 22 -57.94 22.69 -40.85
N ASP F 23 -57.29 23.82 -41.12
CA ASP F 23 -57.38 24.45 -42.44
C ASP F 23 -56.61 23.63 -43.48
N PHE F 24 -55.63 22.87 -43.03
CA PHE F 24 -54.91 21.98 -43.93
C PHE F 24 -55.78 20.79 -44.31
N LEU F 25 -56.59 20.33 -43.38
CA LEU F 25 -57.43 19.17 -43.62
C LEU F 25 -58.82 19.57 -44.12
N VAL F 26 -59.31 18.87 -45.15
CA VAL F 26 -60.70 18.99 -45.66
C VAL F 26 -60.92 20.30 -46.44
N THR F 27 -59.99 21.23 -46.29
CA THR F 27 -59.93 22.36 -47.18
C THR F 27 -58.63 22.27 -47.98
N PHE F 28 -58.82 21.91 -49.24
CA PHE F 28 -57.69 21.59 -50.09
C PHE F 28 -58.09 21.66 -51.55
N LYS F 29 -57.12 21.87 -52.43
CA LYS F 29 -57.41 22.00 -53.84
C LYS F 29 -56.49 21.08 -54.66
N GLN F 30 -55.18 21.33 -54.58
CA GLN F 30 -54.17 20.91 -55.56
C GLN F 30 -54.23 19.48 -56.05
N ASP F 31 -54.68 18.57 -55.19
CA ASP F 31 -54.82 17.17 -55.55
C ASP F 31 -56.22 16.67 -55.25
N GLY F 60 -62.79 15.79 -55.75
CA GLY F 60 -62.58 16.79 -54.72
C GLY F 60 -61.19 16.69 -54.13
N PRO F 61 -61.00 17.27 -52.93
CA PRO F 61 -59.71 17.20 -52.23
C PRO F 61 -59.31 15.76 -51.86
N LYS F 62 -58.01 15.54 -51.67
CA LYS F 62 -57.49 14.21 -51.35
C LYS F 62 -57.76 13.81 -49.90
N TYR F 63 -57.80 14.79 -49.00
CA TYR F 63 -57.97 14.52 -47.57
C TYR F 63 -59.41 14.21 -47.18
N MET F 64 -60.35 14.47 -48.08
CA MET F 64 -61.72 14.03 -47.84
C MET F 64 -61.86 12.54 -48.18
N ALA F 65 -61.35 12.16 -49.35
CA ALA F 65 -61.49 10.79 -49.84
C ALA F 65 -60.60 9.83 -49.08
N MET F 66 -59.36 10.25 -48.84
CA MET F 66 -58.37 9.45 -48.13
C MET F 66 -58.82 9.17 -46.69
N LEU F 67 -59.56 10.12 -46.12
CA LEU F 67 -60.09 9.99 -44.76
C LEU F 67 -61.36 9.13 -44.74
N GLN F 68 -62.23 9.34 -45.71
CA GLN F 68 -63.48 8.61 -45.74
C GLN F 68 -63.26 7.13 -46.03
N LYS F 69 -62.27 6.81 -46.87
CA LYS F 69 -61.93 5.40 -47.14
C LYS F 69 -61.46 4.67 -45.88
N VAL F 70 -60.91 5.43 -44.94
CA VAL F 70 -60.56 4.89 -43.62
C VAL F 70 -61.81 4.75 -42.77
N ALA F 71 -62.62 5.81 -42.77
CA ALA F 71 -63.92 5.79 -42.11
C ALA F 71 -64.78 4.65 -42.63
N ASN F 72 -64.60 4.30 -43.91
CA ASN F 72 -65.30 3.17 -44.53
C ASN F 72 -64.72 1.83 -44.13
N ARG F 73 -63.61 1.87 -43.38
CA ARG F 73 -63.04 0.69 -42.73
C ARG F 73 -62.49 -0.37 -43.70
N GLU F 74 -62.10 0.04 -44.91
CA GLU F 74 -61.29 -0.81 -45.77
C GLU F 74 -59.82 -0.44 -45.64
N LEU F 75 -59.53 0.60 -44.86
CA LEU F 75 -58.18 1.15 -44.77
C LEU F 75 -57.82 1.63 -43.37
N ASN F 76 -56.57 1.40 -42.97
CA ASN F 76 -56.11 1.77 -41.63
C ASN F 76 -55.03 2.85 -41.64
N SER F 77 -53.88 2.55 -42.25
CA SER F 77 -52.77 3.49 -42.34
C SER F 77 -53.14 4.81 -43.05
N VAL F 78 -52.87 5.91 -42.37
CA VAL F 78 -53.04 7.23 -42.95
C VAL F 78 -51.65 7.76 -43.25
N ILE F 79 -51.30 7.85 -44.53
CA ILE F 79 -49.97 8.28 -44.88
C ILE F 79 -50.02 9.77 -45.16
N ILE F 80 -49.44 10.54 -44.25
CA ILE F 80 -49.39 11.98 -44.39
C ILE F 80 -48.07 12.38 -45.03
N ASP F 81 -48.15 12.99 -46.21
CA ASP F 81 -46.93 13.41 -46.87
C ASP F 81 -46.62 14.83 -46.45
N LEU F 82 -45.35 15.11 -46.17
CA LEU F 82 -44.93 16.43 -45.75
C LEU F 82 -44.80 17.33 -46.99
N ASP F 83 -44.72 16.69 -48.16
CA ASP F 83 -44.69 17.36 -49.45
C ASP F 83 -45.88 18.31 -49.66
N ASP F 84 -47.07 17.82 -49.30
CA ASP F 84 -48.29 18.59 -49.50
C ASP F 84 -48.41 19.69 -48.45
N ILE F 85 -47.91 19.42 -47.26
CA ILE F 85 -47.81 20.43 -46.23
C ILE F 85 -46.94 21.57 -46.76
N LEU F 86 -45.89 21.21 -47.50
CA LEU F 86 -45.06 22.19 -48.18
C LEU F 86 -45.85 22.95 -49.25
N GLN F 87 -46.70 22.23 -49.98
CA GLN F 87 -47.49 22.85 -51.05
C GLN F 87 -48.50 23.87 -50.51
N TYR F 88 -49.01 23.60 -49.31
CA TYR F 88 -50.07 24.40 -48.71
C TYR F 88 -49.61 25.79 -48.27
N GLN F 89 -48.42 25.84 -47.70
CA GLN F 89 -47.84 27.10 -47.23
C GLN F 89 -47.69 28.14 -48.35
N ASN F 90 -47.38 27.68 -49.56
CA ASN F 90 -47.29 28.56 -50.72
C ASN F 90 -48.60 29.29 -50.97
N GLU F 91 -49.69 28.54 -50.87
CA GLU F 91 -51.01 29.09 -51.02
C GLU F 91 -51.36 29.97 -49.83
N LYS F 92 -50.76 29.67 -48.68
CA LYS F 92 -51.07 30.42 -47.47
C LYS F 92 -50.09 31.57 -47.23
N PHE F 93 -49.17 31.84 -48.16
CA PHE F 93 -48.16 32.89 -47.93
C PHE F 93 -48.23 34.00 -48.99
N LEU F 94 -47.94 33.66 -50.25
CA LEU F 94 -47.51 34.66 -51.25
C LEU F 94 -48.47 35.68 -51.92
N GLN F 95 -49.72 35.38 -52.34
CA GLN F 95 -50.58 34.23 -52.05
C GLN F 95 -50.86 34.06 -50.56
N GLY F 96 -51.32 35.12 -49.92
CA GLY F 96 -51.61 35.08 -48.49
C GLY F 96 -52.90 34.35 -48.15
N THR F 97 -53.38 34.56 -46.92
CA THR F 97 -52.69 35.40 -45.93
C THR F 97 -51.66 34.61 -45.13
N GLN F 98 -50.50 35.23 -44.87
CA GLN F 98 -49.34 34.58 -44.26
C GLN F 98 -49.62 33.87 -42.91
N ALA F 99 -48.97 32.73 -42.71
CA ALA F 99 -49.18 31.90 -41.52
C ALA F 99 -47.88 31.29 -40.98
N ASP F 100 -47.95 30.74 -39.77
CA ASP F 100 -46.81 30.10 -39.10
C ASP F 100 -46.42 28.78 -39.77
N ASP F 101 -45.13 28.47 -39.77
CA ASP F 101 -44.64 27.33 -40.53
C ASP F 101 -44.82 25.99 -39.81
N LEU F 102 -45.08 24.96 -40.59
CA LEU F 102 -45.26 23.61 -40.07
C LEU F 102 -44.06 22.74 -40.42
N VAL F 103 -43.75 22.58 -41.70
CA VAL F 103 -42.72 21.64 -42.19
C VAL F 103 -41.41 21.65 -41.39
N SER F 104 -40.98 22.84 -40.95
CA SER F 104 -39.85 22.92 -40.03
C SER F 104 -40.32 22.59 -38.60
N ALA F 105 -41.50 23.07 -38.23
CA ALA F 105 -42.02 22.91 -36.87
C ALA F 105 -42.45 21.48 -36.56
N ILE F 106 -42.78 20.72 -37.60
CA ILE F 106 -43.14 19.33 -37.45
C ILE F 106 -41.89 18.54 -37.14
N GLN F 107 -41.00 18.44 -38.12
CA GLN F 107 -39.80 17.63 -37.94
C GLN F 107 -38.96 18.15 -36.77
N GLN F 108 -39.20 19.38 -36.32
CA GLN F 108 -38.53 19.90 -35.13
C GLN F 108 -38.94 19.12 -33.88
N ASN F 109 -40.20 18.70 -33.85
CA ASN F 109 -40.76 17.96 -32.72
C ASN F 109 -41.12 16.54 -33.16
N ALA F 110 -42.23 16.45 -33.90
CA ALA F 110 -42.62 15.27 -34.69
C ALA F 110 -43.22 14.14 -33.88
N ASN F 111 -42.99 14.17 -32.57
CA ASN F 111 -43.72 13.31 -31.66
C ASN F 111 -45.04 13.93 -31.26
N HIS F 112 -44.98 15.23 -31.00
CA HIS F 112 -46.13 15.96 -30.49
C HIS F 112 -47.24 16.01 -31.52
N PHE F 113 -46.87 16.00 -32.80
CA PHE F 113 -47.87 16.11 -33.86
C PHE F 113 -48.67 14.83 -34.03
N THR F 114 -48.10 13.70 -33.62
CA THR F 114 -48.85 12.45 -33.67
C THR F 114 -50.04 12.49 -32.72
N GLU F 115 -49.91 13.22 -31.62
CA GLU F 115 -50.98 13.38 -30.64
C GLU F 115 -51.79 14.64 -30.87
N LEU F 116 -51.41 15.41 -31.87
CA LEU F 116 -52.03 16.71 -32.10
C LEU F 116 -52.51 16.88 -33.54
N PHE F 117 -51.59 16.81 -34.48
CA PHE F 117 -51.93 16.82 -35.90
C PHE F 117 -52.92 15.69 -36.22
N CYS F 118 -52.81 14.56 -35.54
CA CYS F 118 -53.70 13.45 -35.86
C CYS F 118 -55.06 13.48 -35.16
N ARG F 119 -55.18 14.19 -34.04
CA ARG F 119 -56.47 14.21 -33.34
C ARG F 119 -57.47 15.08 -34.09
N ALA F 120 -56.97 16.06 -34.84
CA ALA F 120 -57.80 16.92 -35.65
C ALA F 120 -58.70 16.13 -36.59
N ILE F 121 -58.19 15.00 -37.08
CA ILE F 121 -58.94 14.12 -37.98
C ILE F 121 -60.30 13.73 -37.38
N ASP F 122 -60.34 13.63 -36.05
CA ASP F 122 -61.57 13.31 -35.33
C ASP F 122 -62.67 14.37 -35.53
N ASN F 123 -62.28 15.64 -35.63
CA ASN F 123 -63.25 16.72 -35.74
C ASN F 123 -63.89 16.82 -37.13
N ASN F 124 -63.13 16.54 -38.19
CA ASN F 124 -63.65 16.67 -39.55
C ASN F 124 -64.20 15.36 -40.18
N MET F 125 -64.08 14.24 -39.47
CA MET F 125 -64.39 12.94 -40.05
C MET F 125 -65.88 12.72 -40.34
N PRO F 126 -66.21 12.12 -41.50
CA PRO F 126 -67.62 11.85 -41.83
C PRO F 126 -68.32 10.88 -40.86
N LEU F 127 -69.44 11.32 -40.29
CA LEU F 127 -70.04 10.56 -39.19
C LEU F 127 -70.71 9.23 -39.56
N PRO F 128 -71.48 9.17 -40.67
CA PRO F 128 -72.28 7.95 -40.82
C PRO F 128 -71.48 6.62 -40.90
N THR F 129 -70.38 6.50 -41.67
CA THR F 129 -70.04 7.32 -42.83
C THR F 129 -70.81 6.77 -44.03
N LYS F 130 -70.71 5.46 -44.22
CA LYS F 130 -71.62 4.70 -45.06
C LYS F 130 -71.63 3.27 -44.54
N GLU F 131 -72.80 2.64 -44.51
CA GLU F 131 -72.97 1.18 -44.35
C GLU F 131 -72.03 0.55 -43.29
N ILE F 132 -71.87 1.21 -42.16
CA ILE F 132 -70.90 0.80 -41.15
C ILE F 132 -71.37 -0.40 -40.30
N ASP F 133 -72.67 -0.46 -40.04
CA ASP F 133 -73.31 -1.48 -39.19
C ASP F 133 -72.65 -1.64 -37.79
N TYR F 134 -72.61 -2.86 -37.28
CA TYR F 134 -71.86 -3.19 -36.08
C TYR F 134 -71.04 -4.46 -36.32
N LYS F 135 -71.72 -5.59 -36.51
CA LYS F 135 -71.06 -6.88 -36.78
C LYS F 135 -71.59 -7.55 -38.06
N ASP F 136 -70.80 -7.70 -39.12
CA ASP F 136 -69.51 -7.04 -39.39
C ASP F 136 -68.34 -7.30 -38.43
N ASP F 137 -67.80 -6.21 -37.88
CA ASP F 137 -66.53 -6.24 -37.16
C ASP F 137 -66.63 -6.83 -35.77
N VAL F 138 -65.58 -7.55 -35.40
CA VAL F 138 -65.35 -8.00 -34.04
C VAL F 138 -64.83 -6.81 -33.20
N LEU F 139 -65.21 -6.76 -31.93
CA LEU F 139 -64.69 -5.79 -30.96
C LEU F 139 -65.23 -4.37 -31.16
N ASP F 140 -65.82 -4.11 -32.32
CA ASP F 140 -66.49 -2.84 -32.57
C ASP F 140 -67.86 -2.87 -31.94
N VAL F 141 -68.42 -4.07 -31.90
CA VAL F 141 -69.70 -4.31 -31.26
C VAL F 141 -69.58 -4.11 -29.76
N ILE F 142 -68.41 -4.43 -29.22
CA ILE F 142 -68.15 -4.26 -27.81
C ILE F 142 -68.31 -2.81 -27.42
N LEU F 143 -67.51 -1.95 -28.04
CA LEU F 143 -67.54 -0.53 -27.77
C LEU F 143 -68.87 0.11 -28.19
N ASN F 144 -69.48 -0.42 -29.25
CA ASN F 144 -70.78 0.08 -29.69
C ASN F 144 -71.81 -0.11 -28.58
N GLN F 145 -71.80 -1.30 -27.97
CA GLN F 145 -72.70 -1.59 -26.87
C GLN F 145 -72.30 -0.85 -25.61
N ARG F 146 -71.01 -0.52 -25.50
CA ARG F 146 -70.50 0.31 -24.42
C ARG F 146 -71.15 1.69 -24.47
N ARG F 147 -71.10 2.31 -25.64
CA ARG F 147 -71.65 3.66 -25.83
C ARG F 147 -73.18 3.66 -25.85
N LEU F 148 -73.76 2.53 -26.23
CA LEU F 148 -75.23 2.36 -26.20
C LEU F 148 -75.74 2.28 -24.76
N ARG F 149 -75.12 1.40 -23.98
CA ARG F 149 -75.50 1.22 -22.58
C ARG F 149 -75.12 2.46 -21.77
N ASN F 150 -74.05 3.14 -22.19
CA ASN F 150 -73.58 4.36 -21.52
C ASN F 150 -74.51 5.52 -21.78
N GLU F 151 -74.88 5.69 -23.04
CA GLU F 151 -75.85 6.69 -23.46
C GLU F 151 -77.18 6.47 -22.74
N ARG F 152 -77.69 5.24 -22.83
CA ARG F 152 -78.95 4.87 -22.18
C ARG F 152 -78.92 5.13 -20.67
N MET F 153 -77.93 4.57 -19.97
CA MET F 153 -77.84 4.69 -18.51
C MET F 153 -77.58 6.13 -18.04
N LEU F 154 -76.86 6.91 -18.84
CA LEU F 154 -76.60 8.32 -18.51
C LEU F 154 -77.84 9.18 -18.72
N SER F 155 -78.53 8.94 -19.83
CA SER F 155 -79.74 9.67 -20.18
C SER F 155 -80.87 9.30 -19.21
N ASP F 156 -80.78 8.11 -18.60
CA ASP F 156 -81.69 7.70 -17.54
C ASP F 156 -81.33 8.29 -16.18
N ARG F 157 -80.03 8.42 -15.91
CA ARG F 157 -79.51 8.97 -14.64
C ARG F 157 -79.78 10.48 -14.55
N THR F 158 -79.59 11.22 -15.65
CA THR F 158 -79.83 12.66 -15.65
C THR F 158 -81.33 13.01 -15.71
N ASN F 159 -82.17 12.00 -15.87
CA ASN F 159 -83.62 12.18 -15.90
C ASN F 159 -84.24 12.13 -14.50
N GLU F 190 -64.50 12.81 -19.07
CA GLU F 190 -65.89 12.52 -18.73
C GLU F 190 -66.50 11.55 -19.75
N LEU F 191 -65.71 11.17 -20.75
CA LEU F 191 -66.14 10.24 -21.80
C LEU F 191 -64.96 9.39 -22.26
N PHE F 192 -65.24 8.28 -22.95
CA PHE F 192 -64.20 7.39 -23.44
C PHE F 192 -63.16 8.16 -24.24
N PRO F 193 -61.88 7.95 -23.92
CA PRO F 193 -60.75 8.65 -24.54
C PRO F 193 -60.74 8.53 -26.07
N PRO F 194 -60.32 9.59 -26.77
CA PRO F 194 -60.31 9.64 -28.23
C PRO F 194 -59.28 8.70 -28.87
N ASN F 195 -58.34 8.21 -28.05
CA ASN F 195 -57.32 7.30 -28.54
C ASN F 195 -57.79 5.85 -28.63
N LEU F 196 -58.80 5.50 -27.85
CA LEU F 196 -59.36 4.15 -27.91
C LEU F 196 -60.14 3.97 -29.21
N THR F 197 -60.85 5.01 -29.61
CA THR F 197 -61.61 4.90 -30.83
C THR F 197 -60.74 5.52 -31.91
N ARG F 198 -60.07 4.65 -32.65
CA ARG F 198 -59.32 5.05 -33.82
C ARG F 198 -59.47 4.07 -34.97
N ARG F 199 -58.84 2.91 -34.80
CA ARG F 199 -58.75 1.88 -35.83
C ARG F 199 -57.97 2.37 -37.08
N TYR F 200 -57.13 3.39 -36.90
CA TYR F 200 -56.23 3.88 -37.96
C TYR F 200 -54.95 4.50 -37.39
N PHE F 201 -53.89 4.51 -38.19
CA PHE F 201 -52.61 5.03 -37.76
C PHE F 201 -52.06 6.15 -38.65
N LEU F 202 -51.56 7.21 -38.02
CA LEU F 202 -50.99 8.31 -38.78
C LEU F 202 -49.47 8.15 -38.93
N TYR F 203 -49.02 8.16 -40.18
CA TYR F 203 -47.61 8.02 -40.52
C TYR F 203 -47.14 9.17 -41.42
N PHE F 204 -46.15 9.92 -40.96
CA PHE F 204 -45.51 10.92 -41.80
C PHE F 204 -44.50 10.24 -42.74
N LYS F 205 -44.17 10.92 -43.83
CA LYS F 205 -43.17 10.43 -44.77
C LYS F 205 -42.13 11.53 -45.07
N PRO F 206 -40.91 11.13 -45.45
CA PRO F 206 -39.88 12.14 -45.70
C PRO F 206 -40.08 12.90 -47.01
N LEU F 207 -39.58 14.13 -47.07
CA LEU F 207 -39.56 14.86 -48.32
C LEU F 207 -38.15 14.86 -48.90
N SER F 208 -37.95 14.11 -49.98
CA SER F 208 -36.60 13.89 -50.51
C SER F 208 -35.91 15.19 -51.00
N GLN F 209 -36.49 16.00 -51.89
CA GLN F 209 -37.68 15.73 -52.70
C GLN F 209 -37.49 16.40 -54.06
N ASN F 210 -38.19 15.90 -55.07
CA ASN F 210 -38.17 16.52 -56.38
C ASN F 210 -38.78 17.93 -56.32
N CYS F 211 -39.74 18.12 -55.42
CA CYS F 211 -40.38 19.42 -55.21
C CYS F 211 -39.84 20.19 -54.01
N ALA F 212 -38.87 19.61 -53.30
CA ALA F 212 -38.22 20.25 -52.15
C ALA F 212 -37.32 21.39 -52.63
N ARG F 213 -37.27 21.55 -53.95
CA ARG F 213 -36.38 22.47 -54.63
C ARG F 213 -37.05 23.82 -54.73
N ARG F 214 -38.14 23.95 -53.99
CA ARG F 214 -39.02 25.13 -53.98
C ARG F 214 -38.38 26.53 -54.01
N TYR F 215 -37.34 26.83 -53.22
CA TYR F 215 -36.62 25.90 -52.33
C TYR F 215 -36.68 26.30 -50.87
N ARG F 216 -36.91 25.32 -50.00
CA ARG F 216 -36.78 25.59 -48.59
C ARG F 216 -35.41 25.13 -48.07
N LYS F 217 -34.57 24.64 -48.98
CA LYS F 217 -33.16 24.29 -48.68
C LYS F 217 -33.04 23.45 -47.42
N LYS F 218 -32.43 24.05 -46.39
CA LYS F 218 -32.10 23.42 -45.11
C LYS F 218 -33.26 22.68 -44.42
N ALA F 219 -34.47 22.88 -44.93
CA ALA F 219 -35.65 22.23 -44.41
C ALA F 219 -35.61 20.68 -44.47
N ILE F 220 -34.66 20.06 -45.19
CA ILE F 220 -34.75 18.61 -45.46
C ILE F 220 -34.04 17.70 -44.47
N SER F 221 -34.79 17.00 -43.62
CA SER F 221 -34.28 15.76 -43.06
C SER F 221 -35.44 14.77 -42.87
N SER F 222 -35.44 13.65 -43.58
CA SER F 222 -35.06 13.56 -45.00
C SER F 222 -33.63 13.85 -45.52
N LYS F 223 -32.59 13.68 -44.70
CA LYS F 223 -31.24 13.66 -45.20
C LYS F 223 -30.75 12.24 -44.94
N PRO F 224 -30.61 11.43 -45.99
CA PRO F 224 -30.41 9.98 -45.81
C PRO F 224 -29.08 9.68 -45.11
N LEU F 225 -29.02 10.03 -43.83
CA LEU F 225 -27.76 10.13 -43.09
C LEU F 225 -27.16 8.81 -42.59
N SER F 226 -25.84 8.85 -42.39
CA SER F 226 -25.08 7.79 -41.77
C SER F 226 -25.52 7.56 -40.33
N VAL F 227 -25.44 6.31 -39.87
CA VAL F 227 -25.68 5.99 -38.47
C VAL F 227 -24.65 6.69 -37.58
N ARG F 228 -23.46 6.91 -38.12
CA ARG F 228 -22.38 7.65 -37.47
C ARG F 228 -22.72 9.13 -37.35
N GLN F 229 -23.42 9.62 -38.38
CA GLN F 229 -23.82 11.01 -38.47
C GLN F 229 -24.83 11.35 -37.37
N ILE F 230 -25.57 10.34 -36.92
CA ILE F 230 -26.54 10.47 -35.84
C ILE F 230 -25.96 11.08 -34.57
N LYS F 231 -26.65 12.06 -34.01
CA LYS F 231 -26.18 12.76 -32.83
C LYS F 231 -27.27 12.81 -31.77
N GLY F 232 -26.89 13.15 -30.53
CA GLY F 232 -27.84 13.39 -29.47
C GLY F 232 -28.65 14.66 -29.68
N ASP F 233 -28.35 15.37 -30.77
CA ASP F 233 -29.06 16.60 -31.10
C ASP F 233 -30.17 16.35 -32.14
N PHE F 234 -30.31 15.09 -32.54
CA PHE F 234 -31.39 14.61 -33.42
C PHE F 234 -32.55 13.91 -32.69
N LEU F 235 -32.46 13.80 -31.38
CA LEU F 235 -33.53 13.22 -30.58
C LEU F 235 -34.76 14.13 -30.60
N GLY F 236 -35.93 13.56 -30.87
CA GLY F 236 -37.16 14.32 -30.95
C GLY F 236 -37.27 15.08 -32.26
N GLN F 237 -36.56 14.60 -33.29
CA GLN F 237 -36.60 15.21 -34.63
C GLN F 237 -36.57 14.12 -35.69
N LEU F 238 -37.53 14.12 -36.61
CA LEU F 238 -37.59 13.05 -37.60
C LEU F 238 -36.28 12.97 -38.36
N ILE F 239 -35.75 11.75 -38.47
CA ILE F 239 -34.54 11.53 -39.24
C ILE F 239 -34.66 10.22 -40.03
N THR F 240 -34.32 10.31 -41.30
CA THR F 240 -34.15 9.14 -42.13
C THR F 240 -32.83 8.49 -41.76
N VAL F 241 -32.77 7.16 -41.72
CA VAL F 241 -31.48 6.51 -41.62
C VAL F 241 -31.45 5.36 -42.60
N ARG F 242 -30.27 4.78 -42.79
CA ARG F 242 -30.13 3.66 -43.71
C ARG F 242 -29.12 2.64 -43.22
N GLY F 243 -29.43 1.38 -43.47
CA GLY F 243 -28.52 0.32 -43.13
C GLY F 243 -29.17 -1.02 -43.31
N ILE F 244 -28.44 -2.07 -43.00
CA ILE F 244 -28.98 -3.41 -43.10
C ILE F 244 -29.78 -3.74 -41.86
N ILE F 245 -30.92 -4.38 -42.06
CA ILE F 245 -31.76 -4.87 -40.97
C ILE F 245 -31.06 -5.96 -40.16
N THR F 246 -31.00 -5.77 -38.84
CA THR F 246 -30.39 -6.77 -37.96
C THR F 246 -31.37 -7.32 -36.92
N ARG F 247 -31.45 -8.65 -36.90
CA ARG F 247 -32.08 -9.44 -35.84
C ARG F 247 -33.62 -9.40 -35.84
N VAL F 248 -34.18 -8.35 -36.42
CA VAL F 248 -35.57 -8.25 -36.87
C VAL F 248 -36.55 -9.03 -35.96
N SER F 249 -36.66 -8.62 -34.70
CA SER F 249 -37.39 -9.39 -33.68
C SER F 249 -38.82 -9.63 -34.13
N ASP F 250 -39.38 -10.77 -33.74
CA ASP F 250 -40.71 -11.16 -34.17
C ASP F 250 -41.83 -10.43 -33.45
N VAL F 251 -42.87 -10.11 -34.21
CA VAL F 251 -43.98 -9.27 -33.76
C VAL F 251 -44.67 -9.79 -32.50
N LYS F 252 -44.96 -8.88 -31.59
CA LYS F 252 -45.78 -9.17 -30.41
C LYS F 252 -46.75 -8.03 -30.15
N PRO F 253 -47.92 -8.36 -29.60
CA PRO F 253 -48.84 -7.27 -29.29
C PRO F 253 -48.38 -6.36 -28.17
N ALA F 254 -48.56 -5.08 -28.43
CA ALA F 254 -48.36 -4.00 -27.49
C ALA F 254 -49.69 -3.75 -26.82
N VAL F 255 -49.79 -2.63 -26.11
CA VAL F 255 -51.04 -2.31 -25.45
C VAL F 255 -51.43 -0.82 -25.45
N GLU F 256 -52.66 -0.54 -25.84
CA GLU F 256 -53.25 0.73 -25.44
C GLU F 256 -54.68 0.54 -25.00
N VAL F 257 -54.92 0.83 -23.72
CA VAL F 257 -56.24 0.93 -23.09
C VAL F 257 -57.18 -0.18 -23.56
N ILE F 258 -57.15 -1.44 -23.05
CA ILE F 258 -57.03 -1.92 -21.64
C ILE F 258 -57.78 -1.00 -20.66
N ALA F 259 -59.10 -1.00 -20.82
CA ALA F 259 -60.00 -0.54 -19.78
C ALA F 259 -60.43 -1.76 -19.00
N TYR F 260 -60.01 -1.84 -17.74
CA TYR F 260 -60.41 -2.95 -16.90
C TYR F 260 -61.90 -2.87 -16.58
N THR F 261 -62.50 -4.01 -16.28
CA THR F 261 -63.90 -4.08 -15.90
C THR F 261 -64.09 -4.29 -14.41
N CYS F 262 -65.00 -3.51 -13.82
CA CYS F 262 -65.34 -3.69 -12.43
C CYS F 262 -66.40 -4.77 -12.26
N ASP F 263 -66.89 -4.90 -11.04
CA ASP F 263 -67.78 -6.01 -10.73
C ASP F 263 -69.20 -5.57 -10.37
N GLN F 264 -69.36 -5.06 -9.14
CA GLN F 264 -70.68 -4.73 -8.62
C GLN F 264 -71.46 -3.72 -9.48
N CYS F 265 -71.01 -2.46 -9.45
CA CYS F 265 -71.72 -1.38 -10.12
C CYS F 265 -71.16 -1.14 -11.52
N GLY F 266 -70.13 -1.90 -11.93
CA GLY F 266 -69.61 -1.76 -13.29
C GLY F 266 -68.84 -0.50 -13.67
N TYR F 267 -69.44 0.26 -14.58
CA TYR F 267 -68.77 1.32 -15.35
C TYR F 267 -67.58 0.79 -16.11
N GLU F 268 -66.56 1.64 -16.19
CA GLU F 268 -65.27 1.36 -16.83
C GLU F 268 -64.22 2.39 -16.36
N VAL F 269 -62.94 2.06 -16.45
CA VAL F 269 -61.90 3.08 -16.34
C VAL F 269 -60.79 2.77 -17.34
N PHE F 270 -60.20 3.78 -17.96
CA PHE F 270 -59.16 3.53 -18.95
C PHE F 270 -57.84 4.06 -18.43
N GLN F 271 -56.89 3.15 -18.26
CA GLN F 271 -55.54 3.51 -17.83
C GLN F 271 -54.66 3.75 -19.07
N GLU F 272 -54.08 4.94 -19.17
CA GLU F 272 -53.24 5.31 -20.31
C GLU F 272 -51.97 4.48 -20.35
N VAL F 273 -51.64 3.97 -21.52
CA VAL F 273 -50.35 3.31 -21.62
C VAL F 273 -49.36 4.35 -22.13
N ASN F 274 -48.46 4.72 -21.21
CA ASN F 274 -47.49 5.77 -21.44
C ASN F 274 -46.09 5.21 -21.26
N SER F 275 -45.16 5.78 -22.03
CA SER F 275 -43.79 5.30 -22.12
C SER F 275 -43.76 3.79 -22.43
N ARG F 276 -42.85 3.07 -21.77
CA ARG F 276 -42.72 1.62 -21.97
C ARG F 276 -43.73 0.81 -21.18
N THR F 277 -43.87 1.15 -19.91
CA THR F 277 -44.63 0.34 -18.98
C THR F 277 -45.54 1.18 -18.12
N PHE F 278 -46.43 0.49 -17.41
CA PHE F 278 -47.36 1.14 -16.54
C PHE F 278 -47.56 0.25 -15.34
N THR F 279 -48.02 0.83 -14.24
CA THR F 279 -48.36 0.04 -13.08
C THR F 279 -49.87 -0.20 -13.09
N PRO F 280 -50.27 -1.47 -12.93
CA PRO F 280 -51.67 -1.84 -12.84
C PRO F 280 -52.25 -1.44 -11.50
N LEU F 281 -53.53 -1.07 -11.50
CA LEU F 281 -54.19 -0.57 -10.32
C LEU F 281 -55.39 -1.45 -9.95
N SER F 282 -55.78 -1.50 -8.68
CA SER F 282 -57.01 -2.23 -8.35
C SER F 282 -58.05 -1.33 -7.68
N GLU F 283 -57.92 -1.15 -6.36
CA GLU F 283 -58.81 -0.29 -5.56
C GLU F 283 -60.28 -0.37 -6.02
N CYS F 284 -60.93 0.79 -6.10
CA CYS F 284 -61.97 1.05 -7.09
C CYS F 284 -61.97 2.54 -7.44
N THR F 285 -62.04 2.84 -8.73
CA THR F 285 -62.16 4.22 -9.20
C THR F 285 -63.62 4.69 -9.18
N SER F 286 -64.51 3.76 -9.50
CA SER F 286 -65.94 4.03 -9.53
C SER F 286 -66.45 4.44 -8.15
N GLU F 287 -67.24 5.52 -8.12
CA GLU F 287 -67.74 6.10 -6.88
C GLU F 287 -68.83 5.24 -6.23
N GLU F 288 -69.51 4.44 -7.05
CA GLU F 288 -70.61 3.60 -6.59
C GLU F 288 -70.13 2.41 -5.75
N CYS F 289 -69.21 1.64 -6.31
CA CYS F 289 -68.59 0.54 -5.59
C CYS F 289 -67.76 1.08 -4.44
N SER F 290 -67.30 2.32 -4.57
CA SER F 290 -66.45 2.94 -3.56
C SER F 290 -67.22 3.35 -2.30
N GLN F 291 -66.69 2.91 -1.15
CA GLN F 291 -67.11 3.29 0.20
C GLN F 291 -68.41 2.65 0.64
N ASN F 292 -69.17 2.19 -0.35
CA ASN F 292 -70.31 1.36 -0.05
C ASN F 292 -70.58 0.31 -1.15
N GLN F 293 -70.46 -0.98 -0.84
CA GLN F 293 -69.70 -1.46 0.30
C GLN F 293 -68.89 -2.69 -0.11
N THR F 294 -67.57 -2.64 -0.03
CA THR F 294 -66.82 -1.44 0.36
C THR F 294 -66.02 -0.90 -0.82
N LYS F 295 -65.08 -1.70 -1.34
CA LYS F 295 -64.39 -1.36 -2.59
C LYS F 295 -64.60 -2.47 -3.61
N GLY F 296 -65.29 -2.13 -4.70
CA GLY F 296 -65.59 -3.09 -5.75
C GLY F 296 -64.35 -3.62 -6.47
N GLN F 297 -64.35 -4.92 -6.76
CA GLN F 297 -63.23 -5.58 -7.41
C GLN F 297 -63.31 -5.44 -8.93
N LEU F 298 -62.16 -5.27 -9.59
CA LEU F 298 -62.14 -4.99 -11.02
C LEU F 298 -61.00 -5.69 -11.75
N PHE F 299 -61.31 -6.25 -12.93
CA PHE F 299 -60.35 -7.01 -13.72
C PHE F 299 -60.25 -6.45 -15.13
N MET F 300 -59.09 -6.64 -15.75
CA MET F 300 -58.89 -6.18 -17.12
C MET F 300 -59.56 -7.12 -18.13
N SER F 301 -60.25 -6.53 -19.11
CA SER F 301 -60.90 -7.31 -20.13
C SER F 301 -60.12 -7.21 -21.44
N THR F 302 -59.67 -8.35 -21.94
CA THR F 302 -58.81 -8.37 -23.11
C THR F 302 -59.56 -8.03 -24.40
N ARG F 303 -60.81 -8.47 -24.51
CA ARG F 303 -61.61 -8.13 -25.68
C ARG F 303 -61.77 -6.61 -25.85
N ALA F 304 -61.92 -5.91 -24.73
CA ALA F 304 -62.18 -4.47 -24.77
C ALA F 304 -60.95 -3.66 -25.14
N SER F 305 -59.77 -4.21 -24.87
CA SER F 305 -58.53 -3.46 -25.09
C SER F 305 -58.25 -3.24 -26.56
N LYS F 306 -57.50 -2.17 -26.85
CA LYS F 306 -57.10 -1.85 -28.19
C LYS F 306 -55.62 -2.21 -28.34
N PHE F 307 -55.36 -3.16 -29.25
CA PHE F 307 -54.01 -3.64 -29.48
C PHE F 307 -53.39 -3.06 -30.75
N SER F 308 -52.14 -2.62 -30.62
CA SER F 308 -51.38 -2.10 -31.74
C SER F 308 -50.17 -3.00 -31.92
N ALA F 309 -49.98 -3.50 -33.13
CA ALA F 309 -48.87 -4.43 -33.40
C ALA F 309 -47.57 -3.78 -32.98
N PHE F 310 -46.63 -4.58 -32.51
CA PHE F 310 -45.36 -4.04 -32.10
C PHE F 310 -44.26 -4.98 -32.52
N GLN F 311 -43.29 -4.44 -33.24
CA GLN F 311 -42.17 -5.23 -33.68
C GLN F 311 -40.91 -4.40 -33.59
N GLU F 312 -39.89 -4.90 -32.90
CA GLU F 312 -38.64 -4.16 -32.82
C GLU F 312 -37.51 -4.84 -33.61
N CYS F 313 -36.62 -4.01 -34.15
CA CYS F 313 -35.48 -4.51 -34.94
C CYS F 313 -34.30 -3.56 -34.88
N LYS F 314 -33.08 -4.10 -34.83
CA LYS F 314 -31.87 -3.28 -34.74
C LYS F 314 -31.26 -3.13 -36.14
N ILE F 315 -30.67 -1.98 -36.47
CA ILE F 315 -30.03 -1.83 -37.79
C ILE F 315 -28.58 -1.36 -37.70
N GLN F 316 -27.68 -2.27 -38.10
CA GLN F 316 -26.26 -1.98 -38.21
C GLN F 316 -26.00 -1.12 -39.43
N GLU F 317 -24.87 -0.42 -39.44
CA GLU F 317 -24.50 0.44 -40.56
C GLU F 317 -24.11 -0.40 -41.76
N LEU F 318 -24.13 0.20 -42.94
CA LEU F 318 -23.88 -0.51 -44.18
C LEU F 318 -22.41 -0.93 -44.36
N SER F 319 -21.55 -0.46 -43.44
CA SER F 319 -20.11 -0.79 -43.37
C SER F 319 -19.25 -0.06 -44.41
N GLN F 320 -19.88 0.49 -45.45
CA GLN F 320 -19.17 1.38 -46.38
C GLN F 320 -19.12 2.76 -45.75
N GLN F 321 -20.08 3.01 -44.86
CA GLN F 321 -20.23 4.26 -44.12
C GLN F 321 -19.36 4.28 -42.86
N VAL F 322 -18.67 3.17 -42.63
CA VAL F 322 -17.73 3.06 -41.53
C VAL F 322 -16.35 3.57 -41.97
N PRO F 323 -15.71 4.42 -41.14
CA PRO F 323 -14.39 4.94 -41.45
C PRO F 323 -13.32 3.84 -41.49
N VAL F 324 -12.07 4.25 -41.65
CA VAL F 324 -10.95 3.32 -41.65
C VAL F 324 -10.92 2.56 -40.32
N GLY F 325 -11.42 3.19 -39.27
CA GLY F 325 -11.44 2.60 -37.94
C GLY F 325 -12.81 2.17 -37.42
N HIS F 326 -12.88 2.16 -36.09
CA HIS F 326 -14.06 1.81 -35.30
C HIS F 326 -14.74 0.50 -35.65
N ILE F 327 -16.07 0.50 -35.53
CA ILE F 327 -16.89 -0.70 -35.60
C ILE F 327 -18.33 -0.38 -36.06
N PRO F 328 -18.98 -1.30 -36.82
CA PRO F 328 -20.42 -1.13 -37.12
C PRO F 328 -21.27 -0.91 -35.87
N ARG F 329 -22.12 0.11 -35.87
CA ARG F 329 -22.96 0.43 -34.73
C ARG F 329 -24.43 0.28 -35.08
N SER F 330 -25.13 -0.65 -34.43
CA SER F 330 -26.56 -0.86 -34.69
C SER F 330 -27.43 0.18 -34.00
N LEU F 331 -28.63 0.40 -34.54
CA LEU F 331 -29.60 1.32 -33.96
C LEU F 331 -30.98 0.66 -33.84
N ASN F 332 -31.53 0.64 -32.62
CA ASN F 332 -32.80 -0.01 -32.33
C ASN F 332 -34.03 0.76 -32.80
N ILE F 333 -34.93 0.05 -33.50
CA ILE F 333 -36.07 0.65 -34.19
C ILE F 333 -37.38 -0.04 -33.85
N HIS F 334 -38.33 0.72 -33.31
CA HIS F 334 -39.66 0.22 -32.98
C HIS F 334 -40.65 0.46 -34.11
N VAL F 335 -41.51 -0.53 -34.34
CA VAL F 335 -42.49 -0.49 -35.42
C VAL F 335 -43.90 -0.57 -34.85
N ASN F 336 -44.85 0.12 -35.46
CA ASN F 336 -46.24 0.00 -35.03
C ASN F 336 -47.24 -0.06 -36.18
N GLY F 337 -48.44 -0.52 -35.85
CA GLY F 337 -49.56 -0.53 -36.77
C GLY F 337 -49.30 -1.27 -38.08
N THR F 338 -49.73 -0.64 -39.16
CA THR F 338 -49.62 -1.22 -40.50
C THR F 338 -48.18 -1.53 -40.95
N LEU F 339 -47.24 -0.67 -40.59
CA LEU F 339 -45.85 -0.80 -41.06
C LEU F 339 -45.17 -2.09 -40.61
N VAL F 340 -45.84 -2.81 -39.71
CA VAL F 340 -45.32 -4.07 -39.18
C VAL F 340 -45.10 -5.10 -40.30
N ARG F 341 -44.08 -5.95 -40.11
CA ARG F 341 -43.71 -7.00 -41.06
C ARG F 341 -43.13 -6.48 -42.38
N SER F 342 -43.20 -5.16 -42.56
CA SER F 342 -42.66 -4.53 -43.76
C SER F 342 -41.15 -4.80 -43.83
N LEU F 343 -40.52 -4.85 -42.66
CA LEU F 343 -39.09 -5.02 -42.59
C LEU F 343 -38.69 -6.49 -42.59
N SER F 344 -37.62 -6.79 -43.31
CA SER F 344 -37.11 -8.16 -43.44
C SER F 344 -35.58 -8.13 -43.30
N PRO F 345 -35.00 -9.17 -42.69
CA PRO F 345 -33.56 -9.22 -42.37
C PRO F 345 -32.62 -9.20 -43.59
N GLY F 346 -31.51 -8.47 -43.45
CA GLY F 346 -30.52 -8.39 -44.52
C GLY F 346 -30.81 -7.33 -45.58
N ASP F 347 -31.88 -6.57 -45.39
CA ASP F 347 -32.31 -5.61 -46.40
C ASP F 347 -31.97 -4.16 -46.08
N ILE F 348 -31.09 -3.55 -46.89
CA ILE F 348 -30.85 -2.12 -46.85
C ILE F 348 -32.14 -1.34 -47.06
N VAL F 349 -32.43 -0.42 -46.15
CA VAL F 349 -33.68 0.35 -46.21
C VAL F 349 -33.48 1.74 -45.66
N ASP F 350 -34.09 2.73 -46.29
CA ASP F 350 -34.17 4.03 -45.66
C ASP F 350 -35.39 3.99 -44.78
N VAL F 351 -35.14 4.06 -43.48
CA VAL F 351 -36.19 4.05 -42.51
C VAL F 351 -36.26 5.42 -41.92
N THR F 352 -37.45 5.98 -41.90
CA THR F 352 -37.56 7.31 -41.38
C THR F 352 -38.39 7.22 -40.14
N GLY F 353 -38.09 8.07 -39.18
CA GLY F 353 -38.93 8.10 -38.02
C GLY F 353 -38.49 9.10 -37.01
N ILE F 354 -39.36 9.38 -36.07
CA ILE F 354 -39.00 10.22 -34.97
C ILE F 354 -37.96 9.46 -34.16
N PHE F 355 -36.95 10.19 -33.69
CA PHE F 355 -35.84 9.60 -32.97
C PHE F 355 -36.02 9.81 -31.48
N LEU F 356 -36.36 8.77 -30.72
CA LEU F 356 -36.75 8.95 -29.31
C LEU F 356 -36.14 7.98 -28.29
N PRO F 357 -35.95 8.48 -27.06
CA PRO F 357 -35.63 7.74 -25.84
C PRO F 357 -36.84 7.06 -25.17
N ALA F 358 -36.67 5.95 -24.47
CA ALA F 358 -37.78 5.33 -23.69
C ALA F 358 -37.29 4.88 -22.33
N PRO F 359 -37.22 5.84 -21.38
CA PRO F 359 -36.57 5.61 -20.09
C PRO F 359 -37.41 4.96 -19.02
N TYR F 360 -36.77 4.63 -17.90
CA TYR F 360 -35.44 4.03 -17.96
C TYR F 360 -35.64 2.54 -17.67
N THR F 361 -36.80 2.26 -17.07
CA THR F 361 -37.25 0.96 -16.49
C THR F 361 -36.44 0.47 -15.29
N GLY F 362 -35.25 1.04 -15.09
CA GLY F 362 -34.44 0.80 -13.91
C GLY F 362 -33.92 -0.63 -13.81
N PHE F 363 -32.81 -0.89 -13.10
CA PHE F 363 -31.68 0.00 -12.84
C PHE F 363 -31.97 1.32 -12.10
N LYS F 364 -31.66 2.44 -12.75
CA LYS F 364 -31.84 3.82 -12.25
C LYS F 364 -30.80 4.25 -11.22
N ALA F 365 -30.06 3.29 -10.67
CA ALA F 365 -28.92 3.57 -9.80
C ALA F 365 -27.66 3.84 -10.61
N LEU F 366 -27.47 2.97 -11.59
CA LEU F 366 -26.29 2.97 -12.44
C LEU F 366 -26.22 4.27 -13.21
N LYS F 367 -27.33 4.66 -13.83
CA LYS F 367 -27.36 5.93 -14.54
C LYS F 367 -28.57 6.76 -14.08
N ALA F 368 -28.38 7.97 -13.56
CA ALA F 368 -27.11 8.71 -13.35
C ALA F 368 -26.20 8.96 -14.58
N GLY F 369 -26.69 9.71 -15.56
CA GLY F 369 -28.09 10.14 -15.65
C GLY F 369 -28.45 11.18 -16.70
N LEU F 370 -29.67 11.09 -17.19
CA LEU F 370 -30.46 9.87 -16.99
C LEU F 370 -29.99 8.78 -17.95
N LEU F 371 -29.14 9.19 -18.89
CA LEU F 371 -28.58 8.35 -19.96
C LEU F 371 -29.64 7.57 -20.73
N THR F 372 -30.39 8.32 -21.52
CA THR F 372 -31.54 7.86 -22.30
C THR F 372 -31.40 6.58 -23.17
N GLU F 373 -30.28 6.44 -23.90
CA GLU F 373 -29.96 5.27 -24.75
C GLU F 373 -30.85 5.09 -26.02
N THR F 374 -31.98 5.78 -26.03
CA THR F 374 -32.95 5.97 -27.13
C THR F 374 -33.49 4.77 -27.96
N TYR F 375 -33.90 5.07 -29.20
CA TYR F 375 -34.34 4.13 -30.25
C TYR F 375 -34.95 4.94 -31.39
N LEU F 376 -35.25 4.32 -32.53
CA LEU F 376 -35.95 5.06 -33.58
C LEU F 376 -37.36 4.52 -33.83
N GLU F 377 -38.36 5.37 -33.62
CA GLU F 377 -39.74 5.03 -33.96
C GLU F 377 -39.89 4.94 -35.46
N ALA F 378 -40.41 3.84 -35.99
CA ALA F 378 -40.58 3.81 -37.43
C ALA F 378 -41.80 4.63 -37.83
N GLN F 379 -41.70 5.30 -38.96
CA GLN F 379 -42.78 6.11 -39.50
C GLN F 379 -43.09 5.64 -40.90
N PHE F 380 -42.13 5.79 -41.79
CA PHE F 380 -42.29 5.40 -43.19
C PHE F 380 -41.19 4.37 -43.44
N VAL F 381 -41.33 3.59 -44.52
CA VAL F 381 -40.29 2.65 -44.94
C VAL F 381 -40.08 2.66 -46.44
N ARG F 382 -38.86 2.97 -46.87
CA ARG F 382 -38.50 2.87 -48.28
C ARG F 382 -37.27 1.96 -48.41
N GLN F 383 -37.46 0.80 -49.04
CA GLN F 383 -36.36 -0.16 -49.22
C GLN F 383 -35.66 0.01 -50.56
N HIS F 384 -34.34 -0.16 -50.59
CA HIS F 384 -33.64 -0.13 -51.87
C HIS F 384 -33.97 -1.43 -52.60
N LYS F 385 -34.04 -1.35 -53.93
CA LYS F 385 -34.20 -2.51 -54.81
C LYS F 385 -35.49 -3.31 -54.56
N LYS F 386 -36.63 -2.74 -54.94
CA LYS F 386 -37.93 -3.43 -54.90
C LYS F 386 -37.83 -4.89 -55.33
N ILE G 5 57.71 -3.10 45.17
CA ILE G 5 58.18 -2.92 46.54
C ILE G 5 58.22 -1.45 46.92
N SER G 6 57.34 -0.67 46.30
CA SER G 6 57.37 0.77 46.44
C SER G 6 55.98 1.40 46.55
N GLN G 7 55.93 2.64 47.05
CA GLN G 7 54.73 3.46 47.00
C GLN G 7 54.30 3.68 45.56
N PHE G 8 53.01 3.56 45.27
CA PHE G 8 52.57 3.70 43.89
C PHE G 8 52.77 5.11 43.37
N SER G 9 52.43 6.08 44.21
CA SER G 9 52.61 7.48 43.87
C SER G 9 54.10 7.82 43.62
N GLU G 10 55.00 7.18 44.35
CA GLU G 10 56.43 7.47 44.24
C GLU G 10 57.07 6.81 43.03
N ALA G 11 56.63 5.60 42.72
CA ALA G 11 56.99 4.93 41.47
C ALA G 11 56.51 5.78 40.29
N TYR G 12 55.35 6.42 40.51
CA TYR G 12 54.79 7.33 39.53
C TYR G 12 55.67 8.56 39.32
N ASN G 13 56.11 9.19 40.41
CA ASN G 13 56.99 10.34 40.29
C ASN G 13 58.34 9.98 39.68
N LYS G 14 58.78 8.75 39.93
CA LYS G 14 59.99 8.27 39.26
C LYS G 14 59.74 8.20 37.76
N ILE G 15 58.66 7.53 37.35
CA ILE G 15 58.41 7.38 35.92
C ILE G 15 58.06 8.75 35.30
N LEU G 16 57.82 9.74 36.15
CA LEU G 16 57.66 11.12 35.72
C LEU G 16 59.01 11.79 35.42
N ARG G 17 59.96 11.61 36.33
CA ARG G 17 61.24 12.31 36.19
C ARG G 17 62.07 11.79 35.02
N ASN G 18 62.00 10.49 34.76
CA ASN G 18 62.74 9.90 33.64
C ASN G 18 62.01 10.08 32.31
N SER G 19 60.82 10.65 32.38
CA SER G 19 59.96 10.67 31.20
C SER G 19 60.12 11.89 30.30
N SER G 20 59.56 13.02 30.72
CA SER G 20 59.65 14.25 29.95
C SER G 20 61.01 14.38 29.26
N SER G 21 61.01 15.01 28.08
CA SER G 21 62.24 15.20 27.32
C SER G 21 61.94 15.70 25.91
N HIS G 22 62.97 15.74 25.08
CA HIS G 22 62.81 16.20 23.70
C HIS G 22 64.10 15.98 22.90
N SER G 23 64.03 15.24 21.79
CA SER G 23 62.79 14.63 21.32
C SER G 23 62.31 13.54 22.27
N SER G 24 61.42 13.91 23.19
CA SER G 24 60.88 12.95 24.16
C SER G 24 60.35 11.71 23.47
N CYS G 25 59.95 10.72 24.27
CA CYS G 25 60.02 10.83 25.72
C CYS G 25 61.27 10.15 26.37
N GLN G 26 61.45 8.83 26.28
CA GLN G 26 60.66 7.90 25.48
C GLN G 26 60.36 6.67 26.33
N LEU G 27 59.13 6.19 26.24
CA LEU G 27 58.69 4.98 26.92
C LEU G 27 57.78 4.18 26.04
N VAL G 28 57.92 2.88 26.12
CA VAL G 28 56.99 1.99 25.46
C VAL G 28 56.27 1.24 26.56
N ILE G 29 54.98 1.47 26.72
CA ILE G 29 54.22 0.65 27.64
C ILE G 29 53.75 -0.57 26.87
N PHE G 30 54.03 -1.75 27.41
CA PHE G 30 53.65 -2.99 26.77
C PHE G 30 52.31 -3.47 27.29
N VAL G 31 51.30 -3.49 26.42
CA VAL G 31 50.00 -3.99 26.82
C VAL G 31 49.95 -5.46 26.51
N SER G 32 49.82 -6.26 27.54
CA SER G 32 49.87 -7.67 27.30
C SER G 32 49.07 -8.50 28.29
N CYS G 33 48.43 -9.51 27.72
CA CYS G 33 48.42 -9.62 26.26
C CYS G 33 47.03 -9.72 25.65
N LEU G 34 46.43 -10.88 25.82
CA LEU G 34 45.10 -11.15 25.28
C LEU G 34 44.04 -10.97 26.37
N ASN G 35 44.48 -10.68 27.59
CA ASN G 35 43.59 -10.56 28.72
C ASN G 35 42.96 -9.19 28.83
N ILE G 36 41.63 -9.18 28.90
CA ILE G 36 40.84 -7.96 28.91
C ILE G 36 41.27 -7.03 30.04
N ASP G 37 41.68 -7.63 31.15
CA ASP G 37 42.29 -6.86 32.22
C ASP G 37 43.37 -5.92 31.68
N ALA G 38 44.22 -6.41 30.79
CA ALA G 38 45.28 -5.58 30.20
C ALA G 38 44.73 -4.28 29.63
N LEU G 39 43.76 -4.39 28.72
CA LEU G 39 43.05 -3.25 28.16
C LEU G 39 42.56 -2.34 29.26
N CYS G 40 41.79 -2.92 30.17
CA CYS G 40 41.19 -2.18 31.26
C CYS G 40 42.21 -1.33 31.99
N ALA G 41 43.38 -1.92 32.20
CA ALA G 41 44.47 -1.28 32.89
C ALA G 41 45.08 -0.17 32.05
N THR G 42 45.51 -0.54 30.86
CA THR G 42 46.36 0.32 30.04
C THR G 42 45.58 1.43 29.39
N LYS G 43 44.26 1.34 29.40
CA LYS G 43 43.47 2.39 28.80
C LYS G 43 43.39 3.56 29.77
N MET G 44 43.17 3.25 31.05
CA MET G 44 43.13 4.29 32.07
C MET G 44 44.54 4.81 32.32
N LEU G 45 45.51 3.92 32.16
CA LEU G 45 46.90 4.32 32.17
C LEU G 45 47.19 5.33 31.03
N SER G 46 46.77 5.00 29.81
CA SER G 46 47.07 5.83 28.64
C SER G 46 46.36 7.17 28.68
N LEU G 47 45.13 7.15 29.18
CA LEU G 47 44.38 8.37 29.43
C LEU G 47 45.11 9.24 30.47
N LEU G 48 45.64 8.59 31.51
CA LEU G 48 46.42 9.31 32.53
C LEU G 48 47.65 9.99 31.93
N PHE G 49 48.35 9.30 31.02
CA PHE G 49 49.48 9.89 30.31
C PHE G 49 49.08 11.07 29.43
N LYS G 50 48.02 10.88 28.65
CA LYS G 50 47.48 11.95 27.83
C LYS G 50 47.13 13.16 28.69
N LYS G 51 46.81 12.95 29.96
CA LYS G 51 46.49 14.08 30.84
C LYS G 51 47.69 15.01 30.98
N GLN G 52 48.86 14.44 31.26
CA GLN G 52 50.09 15.24 31.32
C GLN G 52 50.75 15.31 29.95
N LEU G 53 50.06 14.76 28.94
CA LEU G 53 50.50 14.84 27.55
C LEU G 53 51.88 14.24 27.34
N VAL G 54 52.14 13.13 28.03
CA VAL G 54 53.41 12.44 27.89
C VAL G 54 53.32 11.44 26.75
N GLN G 55 54.18 11.65 25.75
CA GLN G 55 54.19 10.80 24.57
C GLN G 55 54.45 9.35 24.94
N SER G 56 53.80 8.45 24.22
CA SER G 56 53.98 7.04 24.47
C SER G 56 53.86 6.17 23.24
N GLN G 57 54.50 5.01 23.35
CA GLN G 57 54.46 3.94 22.35
C GLN G 57 53.75 2.79 23.06
N ILE G 58 52.73 2.21 22.43
CA ILE G 58 51.94 1.15 23.03
C ILE G 58 51.94 -0.09 22.13
N VAL G 59 52.46 -1.20 22.65
CA VAL G 59 52.61 -2.39 21.84
C VAL G 59 51.70 -3.56 22.23
N PRO G 60 50.92 -4.05 21.25
CA PRO G 60 50.10 -5.27 21.32
C PRO G 60 50.92 -6.57 21.17
N ILE G 61 51.51 -7.05 22.27
CA ILE G 61 52.27 -8.30 22.24
C ILE G 61 51.35 -9.49 22.40
N PHE G 62 51.55 -10.51 21.55
CA PHE G 62 50.85 -11.79 21.72
C PHE G 62 51.74 -12.80 22.43
N GLY G 63 52.73 -13.30 21.70
CA GLY G 63 53.60 -14.35 22.20
C GLY G 63 54.59 -13.87 23.23
N TYR G 64 54.90 -14.73 24.19
CA TYR G 64 55.93 -14.43 25.18
C TYR G 64 57.29 -14.47 24.49
N SER G 65 57.44 -15.41 23.56
CA SER G 65 58.61 -15.49 22.69
C SER G 65 58.69 -14.27 21.78
N GLU G 66 57.54 -13.67 21.51
CA GLU G 66 57.46 -12.53 20.60
C GLU G 66 58.08 -11.27 21.23
N LEU G 67 58.03 -11.18 22.56
CA LEU G 67 58.56 -10.01 23.26
C LEU G 67 60.06 -9.84 23.00
N ARG G 68 60.77 -10.95 22.89
CA ARG G 68 62.21 -10.94 22.61
C ARG G 68 62.51 -10.27 21.25
N ARG G 69 61.64 -10.50 20.28
CA ARG G 69 61.84 -9.92 18.97
C ARG G 69 61.80 -8.41 19.07
N HIS G 70 60.95 -7.91 19.95
CA HIS G 70 60.77 -6.46 20.11
C HIS G 70 61.89 -5.84 20.94
N TYR G 71 61.97 -6.23 22.22
CA TYR G 71 62.94 -5.62 23.12
C TYR G 71 64.38 -5.74 22.60
N SER G 72 64.71 -6.84 21.92
CA SER G 72 66.05 -7.02 21.39
C SER G 72 66.29 -6.18 20.12
N GLN G 73 65.22 -5.81 19.42
CA GLN G 73 65.36 -5.07 18.18
C GLN G 73 65.36 -3.57 18.36
N LEU G 74 64.20 -3.00 18.66
CA LEU G 74 64.11 -1.54 18.73
C LEU G 74 64.11 -1.00 20.15
N ASP G 75 65.25 -0.47 20.57
CA ASP G 75 65.35 0.42 21.73
C ASP G 75 66.48 1.43 21.49
N ASP G 76 66.23 2.71 21.67
CA ASP G 76 67.32 3.66 21.48
C ASP G 76 67.45 4.64 22.63
N ASN G 77 66.47 5.53 22.68
CA ASN G 77 66.47 6.61 23.65
C ASN G 77 65.62 6.30 24.87
N ILE G 78 65.12 5.08 25.00
CA ILE G 78 64.06 4.85 25.97
C ILE G 78 64.61 4.54 27.36
N ASN G 79 64.53 5.54 28.23
CA ASN G 79 65.07 5.40 29.57
C ASN G 79 64.03 4.87 30.55
N SER G 80 62.75 4.91 30.20
CA SER G 80 61.78 4.40 31.14
C SER G 80 60.74 3.51 30.47
N LEU G 81 60.73 2.24 30.85
CA LEU G 81 59.89 1.28 30.17
C LEU G 81 58.81 0.78 31.10
N LEU G 82 57.68 0.40 30.52
CA LEU G 82 56.57 -0.15 31.27
C LEU G 82 56.03 -1.38 30.58
N LEU G 83 55.65 -2.36 31.39
CA LEU G 83 55.22 -3.65 30.88
C LEU G 83 54.02 -4.11 31.72
N VAL G 84 53.18 -4.97 31.15
CA VAL G 84 51.92 -5.36 31.80
C VAL G 84 51.66 -6.87 31.72
N GLY G 85 51.41 -7.50 32.86
CA GLY G 85 51.00 -8.90 32.87
C GLY G 85 52.08 -9.92 32.57
N PHE G 86 53.29 -9.48 32.28
CA PHE G 86 54.39 -10.40 32.01
C PHE G 86 55.48 -10.28 33.07
N GLY G 87 56.26 -11.35 33.26
CA GLY G 87 57.41 -11.29 34.15
C GLY G 87 57.17 -11.74 35.58
N GLY G 88 55.91 -11.81 35.97
CA GLY G 88 55.56 -12.32 37.29
C GLY G 88 55.98 -13.78 37.42
N VAL G 89 55.95 -14.51 36.31
CA VAL G 89 56.30 -15.92 36.30
C VAL G 89 57.77 -16.12 35.92
N ILE G 90 58.09 -15.83 34.66
CA ILE G 90 59.46 -15.95 34.20
C ILE G 90 60.13 -14.59 34.23
N ASP G 91 61.34 -14.55 34.79
CA ASP G 91 62.10 -13.31 34.92
C ASP G 91 62.69 -12.90 33.57
N LEU G 92 62.65 -11.59 33.31
CA LEU G 92 63.17 -11.03 32.07
C LEU G 92 64.62 -10.58 32.18
N GLU G 93 65.16 -10.59 33.39
CA GLU G 93 66.55 -10.20 33.60
C GLU G 93 67.49 -11.20 32.95
N ALA G 94 67.16 -12.48 33.11
CA ALA G 94 67.87 -13.55 32.42
C ALA G 94 67.37 -13.69 31.00
N PHE G 95 66.06 -13.48 30.81
CA PHE G 95 65.42 -13.64 29.51
C PHE G 95 65.82 -12.57 28.49
N LEU G 96 66.29 -11.43 28.99
CA LEU G 96 66.57 -10.24 28.14
C LEU G 96 68.06 -9.86 28.22
N GLU G 97 68.59 -9.68 29.45
CA GLU G 97 70.03 -9.67 29.74
C GLU G 97 70.83 -8.52 29.07
N ILE G 98 70.87 -7.31 29.66
CA ILE G 98 70.85 -7.03 31.12
C ILE G 98 71.78 -8.03 31.87
N ASP G 99 73.11 -7.88 31.85
CA ASP G 99 73.91 -6.72 31.40
C ASP G 99 73.51 -5.37 32.02
N PRO G 100 73.87 -5.14 33.29
CA PRO G 100 73.72 -3.81 33.90
C PRO G 100 74.39 -2.69 33.09
N GLN G 101 73.69 -1.57 32.89
CA GLN G 101 74.23 -0.40 32.18
C GLN G 101 74.31 0.82 33.08
N GLU G 102 75.51 1.38 33.22
CA GLU G 102 75.77 2.55 34.06
C GLU G 102 75.45 2.28 35.54
N GLN G 114 75.10 2.07 40.14
CA GLN G 114 73.70 2.24 40.57
C GLN G 114 73.03 3.41 39.81
N SER G 115 71.80 3.72 40.21
CA SER G 115 70.96 4.72 39.55
C SER G 115 70.81 4.37 38.07
N PHE G 116 70.37 3.14 37.80
CA PHE G 116 70.35 2.61 36.44
C PHE G 116 69.42 3.38 35.52
N ARG G 117 69.89 3.61 34.30
CA ARG G 117 69.27 4.51 33.35
C ARG G 117 67.82 4.15 32.99
N ARG G 118 67.59 2.87 32.73
CA ARG G 118 66.26 2.41 32.35
C ARG G 118 65.52 1.70 33.47
N ASP G 119 64.27 2.10 33.70
CA ASP G 119 63.41 1.43 34.68
C ASP G 119 62.24 0.75 33.99
N ILE G 120 62.25 -0.58 34.00
CA ILE G 120 61.14 -1.33 33.44
C ILE G 120 60.14 -1.64 34.55
N TYR G 121 58.97 -1.04 34.47
CA TYR G 121 57.93 -1.33 35.42
C TYR G 121 57.23 -2.57 34.97
N VAL G 122 57.08 -3.53 35.87
CA VAL G 122 56.35 -4.71 35.51
C VAL G 122 55.12 -4.82 36.38
N LEU G 123 53.95 -4.76 35.72
CA LEU G 123 52.65 -4.92 36.36
C LEU G 123 52.09 -6.30 36.10
N ASP G 124 51.80 -7.04 37.15
CA ASP G 124 51.31 -8.39 36.98
C ASP G 124 50.39 -8.76 38.12
N ALA G 125 49.39 -9.57 37.80
CA ALA G 125 48.55 -10.13 38.82
C ALA G 125 48.99 -11.55 39.19
N HIS G 126 50.00 -12.07 38.50
CA HIS G 126 50.33 -13.48 38.65
C HIS G 126 51.32 -13.79 39.76
N ARG G 127 51.08 -14.93 40.38
CA ARG G 127 51.82 -15.41 41.53
C ARG G 127 52.24 -16.87 41.34
N PRO G 128 53.33 -17.27 42.01
CA PRO G 128 54.20 -16.37 42.77
C PRO G 128 55.12 -15.59 41.84
N TRP G 129 55.69 -14.48 42.33
CA TRP G 129 56.63 -13.72 41.52
C TRP G 129 57.86 -14.55 41.22
N ASN G 130 58.59 -14.23 40.16
CA ASN G 130 59.84 -14.91 39.98
C ASN G 130 60.77 -14.47 41.10
N LEU G 131 61.59 -15.41 41.56
CA LEU G 131 62.52 -15.18 42.65
C LEU G 131 63.56 -14.12 42.26
N ASP G 132 64.13 -14.25 41.07
CA ASP G 132 65.15 -13.33 40.59
C ASP G 132 64.65 -11.90 40.42
N ASN G 133 63.33 -11.73 40.37
CA ASN G 133 62.76 -10.42 40.10
C ASN G 133 62.89 -9.47 41.28
N ILE G 134 62.10 -9.72 42.32
CA ILE G 134 61.92 -8.78 43.43
C ILE G 134 63.23 -8.39 44.14
N PHE G 135 64.11 -9.36 44.35
CA PHE G 135 65.35 -9.08 45.04
C PHE G 135 66.44 -9.03 43.97
N GLY G 136 67.48 -8.23 44.21
CA GLY G 136 68.47 -7.89 43.20
C GLY G 136 68.04 -6.83 42.18
N SER G 137 67.69 -5.64 42.67
CA SER G 137 67.10 -4.59 41.83
C SER G 137 68.00 -4.17 40.65
N GLN G 138 67.49 -4.45 39.45
CA GLN G 138 68.09 -3.97 38.18
C GLN G 138 67.02 -3.36 37.28
N ILE G 139 66.12 -4.22 36.80
CA ILE G 139 65.12 -3.83 35.81
C ILE G 139 63.82 -3.39 36.44
N ILE G 140 63.72 -3.59 37.75
CA ILE G 140 62.50 -3.38 38.50
C ILE G 140 62.96 -2.95 39.90
N GLN G 141 62.25 -2.08 40.63
CA GLN G 141 60.95 -1.46 40.34
C GLN G 141 59.82 -2.44 40.08
N CYS G 142 59.61 -3.33 41.06
CA CYS G 142 58.56 -4.32 40.96
C CYS G 142 57.19 -3.77 41.37
N PHE G 143 56.16 -4.37 40.80
CA PHE G 143 54.78 -4.00 41.12
C PHE G 143 54.14 -4.87 42.20
N ASP G 144 54.91 -5.76 42.81
CA ASP G 144 54.40 -6.76 43.76
C ASP G 144 53.41 -6.17 44.78
N ASP G 145 53.67 -4.92 45.18
CA ASP G 145 52.78 -4.12 46.02
C ASP G 145 51.33 -4.06 45.47
N GLY G 146 50.33 -4.15 46.34
CA GLY G 146 50.51 -4.47 47.75
C GLY G 146 50.02 -5.88 48.08
N THR G 147 49.48 -6.56 47.07
CA THR G 147 48.82 -7.87 47.23
C THR G 147 49.61 -8.93 48.00
N VAL G 148 50.72 -9.40 47.42
CA VAL G 148 51.63 -10.22 48.18
C VAL G 148 52.81 -9.35 48.59
N ASP G 149 52.86 -8.94 49.85
CA ASP G 149 54.01 -8.16 50.34
C ASP G 149 55.23 -9.01 50.83
N ASP G 150 55.03 -9.99 51.73
CA ASP G 150 53.74 -10.29 52.36
C ASP G 150 53.84 -10.25 53.91
N THR G 151 54.64 -11.12 54.56
CA THR G 151 55.62 -12.03 53.95
C THR G 151 55.01 -13.45 53.83
N LEU G 152 55.33 -14.25 52.79
CA LEU G 152 56.41 -14.11 51.77
C LEU G 152 57.81 -14.02 52.39
N GLY G 153 58.00 -14.71 53.51
CA GLY G 153 59.29 -14.74 54.18
C GLY G 153 60.12 -15.86 53.57
N GLU G 154 59.43 -16.64 52.74
CA GLU G 154 60.03 -17.77 52.06
C GLU G 154 60.94 -17.34 50.92
N GLN G 155 60.58 -16.24 50.25
CA GLN G 155 61.48 -15.63 49.28
C GLN G 155 62.50 -14.74 49.98
N LYS G 156 62.13 -14.25 51.16
CA LYS G 156 62.98 -13.36 51.94
C LYS G 156 64.23 -14.10 52.43
N GLU G 157 64.04 -15.33 52.90
CA GLU G 157 65.17 -16.15 53.35
C GLU G 157 65.89 -16.81 52.17
N ALA G 158 65.37 -16.59 50.96
CA ALA G 158 65.88 -17.29 49.79
C ALA G 158 67.19 -16.71 49.29
N TYR G 159 67.52 -15.52 49.76
CA TYR G 159 68.60 -14.78 49.17
C TYR G 159 69.61 -14.40 50.24
N TYR G 160 69.15 -13.62 51.21
CA TYR G 160 69.97 -13.15 52.33
C TYR G 160 70.67 -14.30 53.05
N LYS G 161 70.12 -15.50 52.89
CA LYS G 161 70.78 -16.72 53.30
C LYS G 161 71.71 -17.21 52.19
N LEU G 162 71.13 -17.54 51.04
CA LEU G 162 71.86 -18.05 49.87
C LEU G 162 73.05 -17.17 49.49
N LEU G 163 72.85 -15.86 49.49
CA LEU G 163 73.93 -14.94 49.14
C LEU G 163 74.61 -14.37 50.38
N GLU G 164 75.93 -14.43 50.40
CA GLU G 164 76.71 -15.09 49.34
C GLU G 164 77.13 -16.51 49.73
N LEU G 165 76.72 -16.93 50.94
CA LEU G 165 77.12 -18.21 51.54
C LEU G 165 78.63 -18.42 51.47
N ASN G 218 87.82 -29.06 62.52
CA ASN G 218 86.68 -28.23 62.90
C ASN G 218 85.98 -27.57 61.71
N ASP G 219 86.75 -27.20 60.68
CA ASP G 219 86.19 -26.51 59.51
C ASP G 219 85.35 -27.43 58.61
N LEU G 220 85.58 -28.74 58.73
CA LEU G 220 84.85 -29.74 57.95
C LEU G 220 83.40 -29.88 58.43
N SER G 221 83.21 -29.81 59.75
CA SER G 221 81.88 -29.85 60.35
C SER G 221 81.11 -28.55 60.09
N LYS G 222 81.84 -27.45 59.92
CA LYS G 222 81.24 -26.15 59.62
C LYS G 222 80.88 -26.08 58.13
N ARG G 223 81.65 -26.78 57.32
CA ARG G 223 81.34 -26.92 55.90
C ARG G 223 80.12 -27.83 55.69
N LYS G 224 80.09 -28.95 56.41
CA LYS G 224 78.96 -29.88 56.37
C LYS G 224 77.68 -29.24 56.92
N GLN G 225 77.83 -28.53 58.03
CA GLN G 225 76.73 -27.75 58.63
C GLN G 225 76.22 -26.71 57.64
N ARG G 226 77.14 -25.96 57.05
CA ARG G 226 76.79 -24.93 56.07
C ARG G 226 76.01 -25.52 54.91
N LYS G 227 76.53 -26.59 54.30
CA LYS G 227 75.87 -27.22 53.16
C LYS G 227 74.50 -27.81 53.51
N LYS G 228 74.40 -28.40 54.70
CA LYS G 228 73.12 -28.92 55.19
C LYS G 228 72.10 -27.79 55.33
N GLN G 229 72.58 -26.63 55.76
CA GLN G 229 71.75 -25.42 55.84
C GLN G 229 71.33 -24.93 54.45
N ILE G 230 72.27 -24.96 53.51
CA ILE G 230 72.00 -24.56 52.13
C ILE G 230 70.88 -25.40 51.52
N HIS G 231 70.98 -26.72 51.64
CA HIS G 231 69.92 -27.59 51.12
C HIS G 231 68.63 -27.41 51.94
N GLU G 232 68.80 -27.08 53.22
CA GLU G 232 67.66 -26.79 54.10
C GLU G 232 66.84 -25.59 53.59
N TYR G 233 67.52 -24.58 53.07
CA TYR G 233 66.84 -23.42 52.50
C TYR G 233 66.35 -23.73 51.08
N GLU G 234 67.11 -24.54 50.36
CA GLU G 234 66.79 -24.89 48.97
C GLU G 234 65.54 -25.74 48.82
N GLY G 235 65.24 -26.55 49.84
CA GLY G 235 64.03 -27.36 49.83
C GLY G 235 62.77 -26.51 49.93
N VAL G 236 62.73 -25.69 50.98
CA VAL G 236 61.60 -24.80 51.19
C VAL G 236 61.52 -23.80 50.04
N LEU G 237 62.67 -23.41 49.50
CA LEU G 237 62.71 -22.55 48.32
C LEU G 237 62.15 -23.25 47.10
N GLU G 238 62.37 -24.56 47.01
CA GLU G 238 61.85 -25.36 45.91
C GLU G 238 60.34 -25.51 46.02
N GLU G 239 59.84 -25.44 47.25
CA GLU G 239 58.40 -25.39 47.44
C GLU G 239 57.84 -24.13 46.77
N TYR G 240 58.55 -23.02 46.93
CA TYR G 240 58.18 -21.75 46.30
C TYR G 240 58.61 -21.78 44.83
N TYR G 241 57.96 -20.94 44.00
CA TYR G 241 58.30 -20.79 42.58
C TYR G 241 57.97 -22.05 41.77
N SER G 242 57.71 -23.15 42.46
CA SER G 242 57.05 -24.28 41.86
C SER G 242 55.70 -24.38 42.53
N GLN G 243 54.67 -24.03 41.77
CA GLN G 243 53.40 -23.68 42.35
C GLN G 243 52.49 -23.31 41.18
N GLY G 244 51.20 -23.16 41.45
CA GLY G 244 50.26 -22.74 40.43
C GLY G 244 50.23 -21.25 40.25
N THR G 245 49.93 -20.82 39.01
CA THR G 245 49.79 -19.42 38.69
C THR G 245 48.34 -18.99 38.91
N THR G 246 48.14 -18.09 39.87
CA THR G 246 46.79 -17.63 40.24
C THR G 246 46.76 -16.13 40.49
N VAL G 247 45.84 -15.43 39.84
CA VAL G 247 45.76 -14.00 39.98
C VAL G 247 45.24 -13.58 41.35
N VAL G 248 46.00 -12.75 42.07
CA VAL G 248 45.52 -12.26 43.37
C VAL G 248 44.46 -11.19 43.17
N ASN G 249 44.88 -10.02 42.69
CA ASN G 249 43.95 -8.94 42.39
C ASN G 249 44.18 -8.40 40.99
N SER G 250 43.11 -7.91 40.37
CA SER G 250 43.13 -7.39 39.01
C SER G 250 44.01 -6.15 38.90
N ILE G 251 44.98 -6.19 37.98
CA ILE G 251 46.03 -5.16 37.89
C ILE G 251 45.45 -3.77 37.81
N SER G 252 44.24 -3.73 37.23
CA SER G 252 43.47 -2.54 37.03
C SER G 252 43.15 -1.87 38.35
N ALA G 253 42.66 -2.68 39.28
CA ALA G 253 42.33 -2.22 40.61
C ALA G 253 43.50 -1.45 41.22
N GLN G 254 44.69 -2.02 41.09
CA GLN G 254 45.86 -1.39 41.65
C GLN G 254 46.21 -0.12 40.91
N ILE G 255 46.00 -0.10 39.59
CA ILE G 255 46.31 1.11 38.83
C ILE G 255 45.38 2.19 39.29
N TYR G 256 44.18 1.79 39.73
CA TYR G 256 43.23 2.75 40.26
C TYR G 256 43.64 3.20 41.65
N SER G 257 44.26 2.29 42.41
CA SER G 257 44.75 2.65 43.74
C SER G 257 45.88 3.67 43.59
N LEU G 258 46.64 3.51 42.51
CA LEU G 258 47.70 4.43 42.12
C LEU G 258 47.09 5.73 41.63
N LEU G 259 45.90 5.62 41.05
CA LEU G 259 45.24 6.74 40.41
C LEU G 259 44.51 7.64 41.40
N SER G 260 44.03 7.07 42.50
CA SER G 260 43.26 7.81 43.48
C SER G 260 44.16 8.65 44.39
N ALA G 261 45.41 8.23 44.50
CA ALA G 261 46.43 8.95 45.28
C ALA G 261 46.86 10.25 44.57
N ILE G 262 46.77 10.23 43.25
CA ILE G 262 47.04 11.39 42.40
C ILE G 262 45.83 12.31 42.39
N GLY G 263 44.66 11.75 42.65
CA GLY G 263 43.44 12.53 42.81
C GLY G 263 42.42 12.52 41.70
N GLU G 264 42.53 11.62 40.71
CA GLU G 264 41.51 11.57 39.64
C GLU G 264 40.36 10.62 39.90
N THR G 265 39.16 11.19 39.98
CA THR G 265 37.95 10.40 40.24
C THR G 265 37.17 10.00 38.96
N ASN G 266 37.73 10.26 37.77
CA ASN G 266 36.96 10.26 36.50
C ASN G 266 36.02 9.08 36.34
N LEU G 267 34.79 9.34 35.86
CA LEU G 267 33.75 8.31 35.75
C LEU G 267 34.04 7.14 34.79
N SER G 268 34.49 7.44 33.57
CA SER G 268 34.80 6.41 32.59
C SER G 268 36.02 5.62 33.05
N ASN G 269 36.89 6.30 33.78
CA ASN G 269 38.01 5.64 34.44
C ASN G 269 37.52 4.54 35.35
N LEU G 270 36.68 4.94 36.30
CA LEU G 270 36.04 4.01 37.21
C LEU G 270 35.35 2.88 36.49
N TRP G 271 34.72 3.21 35.36
CA TRP G 271 34.11 2.19 34.52
C TRP G 271 35.18 1.25 33.99
N LEU G 272 36.37 1.78 33.76
CA LEU G 272 37.46 0.93 33.30
C LEU G 272 37.80 -0.01 34.44
N ASN G 273 37.80 0.48 35.68
CA ASN G 273 38.02 -0.41 36.81
C ASN G 273 36.95 -1.49 36.86
N ILE G 274 35.68 -1.10 36.74
CA ILE G 274 34.60 -2.08 36.81
C ILE G 274 34.81 -3.13 35.74
N LEU G 275 35.17 -2.69 34.55
CA LEU G 275 35.48 -3.60 33.46
C LEU G 275 36.58 -4.56 33.85
N GLY G 276 37.64 -4.02 34.44
CA GLY G 276 38.79 -4.81 34.86
C GLY G 276 38.42 -5.90 35.84
N THR G 277 37.80 -5.49 36.94
CA THR G 277 37.38 -6.46 37.93
C THR G 277 36.52 -7.52 37.27
N THR G 278 35.56 -7.11 36.43
CA THR G 278 34.58 -8.05 35.91
C THR G 278 35.09 -8.79 34.66
N SER G 279 36.34 -8.55 34.32
CA SER G 279 36.98 -9.29 33.24
C SER G 279 37.07 -10.77 33.59
N LEU G 280 37.42 -11.04 34.85
CA LEU G 280 37.72 -12.40 35.23
C LEU G 280 36.64 -13.19 35.97
N ASP G 281 35.49 -12.59 36.30
CA ASP G 281 34.47 -13.30 37.08
C ASP G 281 33.95 -14.56 36.40
N ILE G 282 34.13 -14.63 35.09
CA ILE G 282 33.96 -15.87 34.35
C ILE G 282 34.81 -16.96 35.01
N ALA G 283 36.03 -16.59 35.41
CA ALA G 283 36.89 -17.50 36.16
C ALA G 283 37.11 -16.98 37.57
N TYR G 284 36.52 -17.68 38.52
CA TYR G 284 36.54 -17.33 39.95
C TYR G 284 36.18 -15.89 40.28
N ALA G 285 36.81 -15.41 41.34
CA ALA G 285 36.70 -14.03 41.79
C ALA G 285 38.14 -13.52 42.02
N GLN G 286 38.97 -14.15 42.87
CA GLN G 286 38.62 -15.07 43.95
C GLN G 286 38.34 -14.20 45.17
N VAL G 287 39.15 -13.14 45.22
CA VAL G 287 39.07 -12.08 46.22
C VAL G 287 37.95 -11.13 45.83
N TYR G 288 37.55 -11.18 44.56
CA TYR G 288 36.58 -10.23 44.02
C TYR G 288 35.29 -10.19 44.82
N ASN G 289 34.93 -11.34 45.39
CA ASN G 289 33.75 -11.40 46.23
C ASN G 289 33.84 -10.33 47.32
N ARG G 290 35.05 -10.04 47.78
CA ARG G 290 35.30 -8.92 48.68
C ARG G 290 35.80 -7.64 47.97
N LEU G 291 35.85 -7.63 46.63
CA LEU G 291 36.22 -6.40 45.90
C LEU G 291 35.05 -5.42 45.81
N TYR G 292 33.83 -5.93 45.93
CA TYR G 292 32.64 -5.08 45.93
C TYR G 292 32.69 -3.91 46.90
N PRO G 293 33.27 -4.08 48.09
CA PRO G 293 33.38 -2.85 48.88
C PRO G 293 34.19 -1.80 48.14
N LEU G 294 35.35 -2.22 47.64
CA LEU G 294 36.32 -1.31 47.04
C LEU G 294 35.84 -0.66 45.74
N LEU G 295 34.74 -1.18 45.18
CA LEU G 295 34.13 -0.59 43.99
C LEU G 295 32.89 0.20 44.42
N GLN G 296 31.94 -0.48 45.05
CA GLN G 296 30.68 0.14 45.52
C GLN G 296 30.86 1.41 46.34
N ASP G 297 31.90 1.47 47.18
CA ASP G 297 32.23 2.69 47.91
C ASP G 297 32.59 3.83 46.97
N GLU G 298 33.38 3.51 45.95
CA GLU G 298 33.77 4.46 44.92
C GLU G 298 32.56 4.93 44.11
N VAL G 299 31.66 4.00 43.80
CA VAL G 299 30.43 4.36 43.13
C VAL G 299 29.67 5.30 44.07
N LYS G 300 29.89 5.14 45.38
CA LYS G 300 29.27 6.06 46.33
C LYS G 300 30.03 7.40 46.46
N ARG G 301 31.28 7.44 45.99
CA ARG G 301 32.09 8.66 46.09
C ARG G 301 31.76 9.65 45.00
N LEU G 302 30.82 9.27 44.15
CA LEU G 302 30.34 10.14 43.08
C LEU G 302 28.91 9.82 42.71
N THR G 303 28.30 10.71 41.94
CA THR G 303 26.92 10.58 41.52
C THR G 303 26.58 11.71 40.55
N PRO G 304 25.95 11.34 39.41
CA PRO G 304 25.60 12.31 38.36
C PRO G 304 24.52 13.29 38.80
N SER G 305 23.49 12.79 39.46
CA SER G 305 22.46 13.63 40.05
C SER G 305 21.85 12.91 41.25
N SER G 306 21.40 13.67 42.24
CA SER G 306 20.75 13.12 43.43
C SER G 306 19.49 12.31 43.04
N ARG G 307 18.71 12.86 42.12
CA ARG G 307 17.54 12.17 41.57
C ARG G 307 17.32 12.55 40.10
N ASN G 308 16.84 11.59 39.32
CA ASN G 308 16.41 11.84 37.95
C ASN G 308 15.03 12.49 37.96
N SER G 309 14.79 13.60 37.23
CA SER G 309 15.63 14.20 36.17
C SER G 309 15.95 13.19 35.07
N VAL G 310 14.89 12.62 34.50
CA VAL G 310 15.02 11.72 33.36
C VAL G 310 15.34 12.51 32.10
N LYS G 311 16.34 12.06 31.34
CA LYS G 311 17.12 10.89 31.71
C LYS G 311 18.24 11.15 32.74
N THR G 312 19.03 12.23 32.63
CA THR G 312 19.10 13.23 31.55
C THR G 312 20.07 12.78 30.44
N PRO G 313 19.96 13.37 29.23
CA PRO G 313 20.83 12.97 28.10
C PRO G 313 22.34 12.92 28.39
N ASP G 314 22.81 13.67 29.39
CA ASP G 314 24.21 13.62 29.82
C ASP G 314 24.35 13.39 31.32
N THR G 315 25.24 12.46 31.68
CA THR G 315 25.43 11.99 33.05
C THR G 315 24.11 11.73 33.80
N LEU G 316 23.33 10.68 33.47
CA LEU G 316 23.57 9.59 32.50
C LEU G 316 24.89 8.85 32.71
N THR G 317 24.95 8.08 33.79
CA THR G 317 26.13 7.28 34.10
C THR G 317 25.77 5.92 34.68
N LEU G 318 26.79 5.23 35.18
CA LEU G 318 26.66 3.90 35.78
C LEU G 318 25.99 3.88 37.15
N ASN G 319 25.37 2.74 37.45
CA ASN G 319 24.54 2.57 38.63
C ASN G 319 24.43 1.08 38.99
N ILE G 320 23.98 0.80 40.22
CA ILE G 320 23.74 -0.58 40.66
C ILE G 320 22.35 -1.10 40.24
N GLN G 321 22.34 -2.33 39.74
CA GLN G 321 21.11 -2.99 39.31
C GLN G 321 21.27 -4.47 39.64
N PRO G 322 20.15 -5.19 39.82
CA PRO G 322 20.23 -6.64 40.02
C PRO G 322 20.65 -7.40 38.75
N ASP G 323 21.94 -7.34 38.42
CA ASP G 323 22.46 -8.05 37.26
C ASP G 323 22.58 -9.54 37.44
N TYR G 324 22.72 -10.20 36.31
CA TYR G 324 22.61 -11.63 36.22
C TYR G 324 23.81 -12.24 35.53
N TYR G 325 24.32 -13.37 36.04
CA TYR G 325 25.34 -14.11 35.30
C TYR G 325 24.70 -14.59 34.01
N LEU G 326 23.39 -14.42 33.91
CA LEU G 326 22.66 -14.72 32.69
C LEU G 326 23.28 -13.99 31.52
N PHE G 327 23.32 -14.64 30.36
CA PHE G 327 24.12 -14.17 29.23
C PHE G 327 23.40 -13.27 28.24
N LEU G 328 23.86 -12.02 28.16
CA LEU G 328 23.36 -11.04 27.21
C LEU G 328 21.89 -10.69 27.38
N LEU G 329 21.46 -10.46 28.61
CA LEU G 329 20.03 -10.30 28.87
C LEU G 329 19.52 -9.14 28.07
N ARG G 330 20.26 -8.04 28.07
CA ARG G 330 19.75 -6.82 27.47
C ARG G 330 19.91 -6.77 25.95
N HIS G 331 20.94 -7.37 25.39
CA HIS G 331 21.11 -7.28 23.94
C HIS G 331 20.65 -8.50 23.15
N SER G 332 20.06 -9.50 23.84
CA SER G 332 19.52 -10.67 23.14
C SER G 332 18.14 -11.07 23.67
N SER G 333 17.46 -11.94 22.92
CA SER G 333 16.17 -12.46 23.37
C SER G 333 16.32 -13.33 24.62
N LEU G 334 15.39 -13.17 25.56
CA LEU G 334 15.42 -13.83 26.88
C LEU G 334 15.66 -15.33 26.86
N TYR G 335 14.80 -16.06 26.15
CA TYR G 335 14.97 -17.51 26.03
C TYR G 335 16.37 -17.89 25.55
N ASP G 336 16.86 -17.20 24.52
CA ASP G 336 18.20 -17.46 24.02
C ASP G 336 19.23 -17.04 25.05
N SER G 337 18.80 -16.14 25.94
CA SER G 337 19.67 -15.68 27.00
C SER G 337 19.80 -16.70 28.12
N PHE G 338 18.78 -17.49 28.42
CA PHE G 338 18.97 -18.60 29.35
C PHE G 338 19.74 -19.69 28.62
N TYR G 339 19.20 -20.09 27.48
CA TYR G 339 19.67 -21.24 26.73
C TYR G 339 21.17 -21.17 26.42
N TYR G 340 21.71 -19.97 26.22
CA TYR G 340 23.16 -19.89 26.02
C TYR G 340 23.96 -19.52 27.25
N SER G 341 23.30 -19.19 28.35
CA SER G 341 24.04 -18.72 29.52
C SER G 341 24.91 -19.83 30.06
N ASN G 342 26.03 -19.46 30.68
CA ASN G 342 27.00 -20.48 31.04
C ASN G 342 26.72 -21.21 32.34
N TYR G 343 26.29 -20.46 33.35
CA TYR G 343 26.02 -21.06 34.66
C TYR G 343 24.80 -21.98 34.62
N VAL G 344 23.83 -21.58 33.79
CA VAL G 344 22.56 -22.29 33.65
C VAL G 344 22.64 -23.50 32.70
N ASN G 345 23.60 -23.50 31.79
CA ASN G 345 23.77 -24.65 30.92
C ASN G 345 24.16 -25.90 31.74
N ALA G 346 24.67 -25.67 32.96
CA ALA G 346 25.08 -26.71 33.87
C ALA G 346 23.91 -27.26 34.65
N LYS G 347 23.40 -26.44 35.55
CA LYS G 347 22.43 -26.89 36.53
C LYS G 347 21.19 -27.51 35.89
N LEU G 348 20.82 -27.03 34.71
CA LEU G 348 19.59 -27.47 34.08
C LEU G 348 19.76 -28.56 33.02
N SER G 349 21.00 -28.99 32.78
CA SER G 349 21.28 -30.02 31.78
C SER G 349 20.72 -29.71 30.38
N LEU G 350 21.10 -28.55 29.84
CA LEU G 350 20.50 -28.02 28.61
C LEU G 350 20.99 -28.66 27.32
N TRP G 351 22.13 -29.33 27.39
CA TRP G 351 22.62 -30.11 26.26
C TRP G 351 21.67 -31.29 26.00
N ASN G 352 21.02 -31.75 27.06
CA ASN G 352 20.02 -32.82 27.00
C ASN G 352 18.68 -32.29 26.50
N GLU G 353 18.04 -33.04 25.61
CA GLU G 353 16.71 -32.65 25.15
C GLU G 353 15.70 -32.75 26.28
N ASN G 354 15.95 -33.68 27.21
CA ASN G 354 15.05 -33.90 28.35
C ASN G 354 15.11 -32.74 29.35
N GLY G 355 16.26 -32.09 29.40
CA GLY G 355 16.44 -30.95 30.28
C GLY G 355 16.01 -29.63 29.66
N LYS G 356 16.10 -29.55 28.33
CA LYS G 356 15.73 -28.34 27.61
C LYS G 356 14.32 -27.93 27.99
N LYS G 357 13.46 -28.93 28.07
CA LYS G 357 12.08 -28.74 28.50
C LYS G 357 12.01 -28.06 29.85
N ARG G 358 12.93 -28.38 30.76
CA ARG G 358 12.89 -27.87 32.14
C ARG G 358 12.98 -26.35 32.15
N LEU G 359 13.65 -25.82 31.14
CA LEU G 359 13.65 -24.38 30.89
C LEU G 359 12.25 -23.89 30.62
N HIS G 360 11.60 -24.45 29.61
CA HIS G 360 10.23 -24.10 29.32
C HIS G 360 9.35 -24.20 30.56
N LYS G 361 9.62 -25.17 31.43
CA LYS G 361 8.85 -25.27 32.68
C LYS G 361 9.16 -24.06 33.53
N MET G 362 10.39 -23.58 33.44
CA MET G 362 10.73 -22.34 34.14
C MET G 362 9.81 -21.26 33.61
N PHE G 363 9.69 -21.15 32.30
CA PHE G 363 8.88 -20.09 31.72
C PHE G 363 7.38 -20.28 32.03
N ALA G 364 6.94 -21.54 32.13
CA ALA G 364 5.58 -21.82 32.53
C ALA G 364 5.40 -21.35 33.97
N ARG G 365 6.46 -21.39 34.75
CA ARG G 365 6.38 -20.94 36.12
C ARG G 365 6.35 -19.42 36.19
N MET G 366 7.04 -18.79 35.26
CA MET G 366 7.11 -17.33 35.27
C MET G 366 5.87 -16.70 34.65
N GLY G 367 5.20 -17.45 33.78
CA GLY G 367 4.01 -16.93 33.12
C GLY G 367 4.43 -16.10 31.93
N ILE G 368 5.71 -16.13 31.65
CA ILE G 368 6.26 -15.52 30.45
C ILE G 368 5.97 -16.40 29.25
N PRO G 369 5.26 -15.87 28.27
CA PRO G 369 4.97 -16.59 27.04
C PRO G 369 6.25 -17.09 26.38
N LEU G 370 6.17 -18.21 25.68
CA LEU G 370 7.30 -18.68 24.90
C LEU G 370 7.61 -17.69 23.77
N SER G 371 6.55 -17.20 23.13
CA SER G 371 6.67 -16.23 22.05
C SER G 371 7.29 -14.93 22.53
N THR G 372 7.01 -14.56 23.77
CA THR G 372 7.56 -13.34 24.37
C THR G 372 9.01 -13.58 24.82
N ALA G 373 9.36 -14.83 25.06
CA ALA G 373 10.72 -15.17 25.37
C ALA G 373 11.58 -15.12 24.12
N GLN G 374 10.99 -15.43 22.97
CA GLN G 374 11.74 -15.42 21.72
C GLN G 374 12.09 -14.01 21.19
N GLU G 375 11.35 -13.01 21.68
CA GLU G 375 11.48 -11.64 21.22
C GLU G 375 12.63 -10.91 21.90
N THR G 376 13.28 -10.03 21.14
CA THR G 376 14.43 -9.27 21.63
C THR G 376 14.11 -8.49 22.90
N TRP G 377 15.09 -8.37 23.80
CA TRP G 377 14.85 -7.80 25.10
C TRP G 377 14.48 -6.33 25.12
N LEU G 378 14.91 -5.57 24.14
CA LEU G 378 14.53 -4.17 24.11
C LEU G 378 13.00 -4.05 24.12
N TYR G 379 12.34 -4.93 23.39
CA TYR G 379 10.93 -4.75 23.06
C TYR G 379 9.90 -5.49 23.92
N MET G 380 10.37 -6.25 24.90
CA MET G 380 9.45 -6.98 25.76
C MET G 380 8.56 -6.00 26.51
N ASP G 381 7.40 -6.46 26.95
CA ASP G 381 6.44 -5.59 27.60
C ASP G 381 6.99 -5.00 28.89
N HIS G 382 6.42 -3.87 29.31
CA HIS G 382 6.91 -3.17 30.49
C HIS G 382 6.63 -3.91 31.80
N SER G 383 5.46 -4.55 31.87
CA SER G 383 5.07 -5.29 33.05
C SER G 383 6.10 -6.36 33.39
N ILE G 384 6.58 -7.05 32.37
CA ILE G 384 7.57 -8.10 32.55
C ILE G 384 8.90 -7.52 33.04
N LYS G 385 9.18 -6.29 32.61
CA LYS G 385 10.39 -5.62 33.07
C LYS G 385 10.30 -5.29 34.55
N ARG G 386 9.18 -4.72 34.96
CA ARG G 386 9.03 -4.33 36.36
C ARG G 386 8.99 -5.56 37.28
N GLU G 387 8.56 -6.69 36.72
CA GLU G 387 8.49 -7.96 37.44
C GLU G 387 9.73 -8.83 37.25
N LEU G 388 10.73 -8.30 36.55
CA LEU G 388 11.92 -9.08 36.25
C LEU G 388 12.73 -9.35 37.52
N GLY G 389 12.61 -8.47 38.50
CA GLY G 389 13.35 -8.62 39.75
C GLY G 389 12.57 -9.37 40.82
N ILE G 390 11.31 -9.66 40.52
CA ILE G 390 10.43 -10.34 41.47
C ILE G 390 10.26 -11.79 41.05
N ILE G 391 9.70 -11.96 39.85
CA ILE G 391 9.40 -13.28 39.31
C ILE G 391 10.54 -14.26 39.50
N PHE G 392 11.76 -13.78 39.28
CA PHE G 392 12.94 -14.60 39.48
C PHE G 392 13.09 -15.06 40.93
N ASP G 393 12.78 -14.18 41.86
CA ASP G 393 12.78 -14.51 43.27
C ASP G 393 11.72 -15.58 43.57
N LYS G 394 10.55 -15.41 42.94
CA LYS G 394 9.42 -16.31 43.14
C LYS G 394 9.70 -17.71 42.62
N ASN G 395 10.54 -17.80 41.59
CA ASN G 395 10.69 -19.06 40.87
C ASN G 395 12.06 -19.70 40.98
N LEU G 396 13.09 -18.98 40.54
CA LEU G 396 14.45 -19.49 40.42
C LEU G 396 14.93 -20.25 41.65
N ASP G 397 14.44 -19.82 42.82
CA ASP G 397 14.79 -20.46 44.08
C ASP G 397 14.52 -21.96 44.05
N ARG G 398 13.44 -22.36 43.39
CA ARG G 398 12.97 -23.75 43.34
C ARG G 398 13.85 -24.65 42.47
N TYR G 399 14.54 -24.06 41.50
CA TYR G 399 15.35 -24.85 40.58
C TYR G 399 16.81 -25.00 41.02
N GLY G 400 17.15 -24.37 42.14
CA GLY G 400 18.52 -24.43 42.63
C GLY G 400 19.35 -23.36 41.96
N LEU G 401 18.66 -22.54 41.17
CA LEU G 401 19.27 -21.50 40.36
C LEU G 401 19.37 -20.22 41.18
N GLN G 402 19.10 -20.33 42.47
CA GLN G 402 19.08 -19.19 43.36
C GLN G 402 20.34 -18.33 43.32
N ASP G 403 21.50 -18.90 42.99
CA ASP G 403 22.58 -17.99 42.72
C ASP G 403 22.58 -17.65 41.25
N ILE G 404 22.01 -16.49 40.97
CA ILE G 404 22.04 -15.87 39.67
C ILE G 404 22.21 -14.40 40.00
N ILE G 405 21.35 -13.88 40.87
CA ILE G 405 21.29 -12.46 41.12
C ILE G 405 22.48 -11.97 41.97
N ARG G 406 23.36 -11.26 41.28
CA ARG G 406 24.47 -10.47 41.80
C ARG G 406 24.03 -9.05 42.11
N ASP G 407 24.79 -8.34 42.94
CA ASP G 407 24.72 -6.90 42.81
C ASP G 407 25.81 -6.45 41.84
N GLY G 408 25.33 -6.00 40.69
CA GLY G 408 26.14 -5.60 39.56
C GLY G 408 26.15 -4.11 39.29
N PHE G 409 26.97 -3.75 38.30
CA PHE G 409 27.15 -2.39 37.86
C PHE G 409 26.66 -2.22 36.43
N VAL G 410 25.80 -1.23 36.20
CA VAL G 410 25.37 -0.97 34.84
C VAL G 410 25.47 0.51 34.49
N ARG G 411 26.21 0.78 33.41
CA ARG G 411 26.35 2.12 32.88
C ARG G 411 25.34 2.35 31.77
N THR G 412 24.54 3.40 31.93
CA THR G 412 23.53 3.77 30.94
C THR G 412 23.98 4.96 30.11
N LEU G 413 24.00 4.78 28.80
CA LEU G 413 24.34 5.84 27.85
C LEU G 413 23.07 6.56 27.43
N GLY G 414 21.99 6.22 28.12
CA GLY G 414 20.69 6.77 27.84
C GLY G 414 20.17 6.28 26.52
N TYR G 415 19.85 7.21 25.63
CA TYR G 415 19.01 6.92 24.48
C TYR G 415 19.52 5.82 23.57
N ARG G 416 20.77 5.42 23.76
CA ARG G 416 21.30 4.27 23.04
C ARG G 416 20.81 2.94 23.61
N GLY G 417 20.87 2.84 24.94
CA GLY G 417 20.47 1.67 25.70
C GLY G 417 21.11 1.71 27.08
N SER G 418 21.26 0.55 27.70
CA SER G 418 22.13 0.42 28.85
C SER G 418 23.03 -0.76 28.58
N ILE G 419 24.10 -0.91 29.34
CA ILE G 419 24.97 -2.08 29.15
C ILE G 419 25.40 -2.65 30.50
N SER G 420 25.22 -3.95 30.66
CA SER G 420 25.67 -4.63 31.87
C SER G 420 27.18 -4.71 31.86
N ALA G 421 27.78 -4.50 33.02
CA ALA G 421 29.23 -4.53 33.16
C ALA G 421 29.80 -5.78 32.49
N SER G 422 29.19 -6.93 32.77
CA SER G 422 29.68 -8.19 32.22
C SER G 422 29.51 -8.27 30.70
N GLU G 423 28.37 -7.81 30.20
CA GLU G 423 28.06 -8.03 28.79
C GLU G 423 29.04 -7.29 27.92
N PHE G 424 29.48 -6.13 28.40
CA PHE G 424 30.47 -5.32 27.70
C PHE G 424 31.75 -6.14 27.47
N VAL G 425 32.14 -6.84 28.52
CA VAL G 425 33.29 -7.73 28.51
C VAL G 425 33.06 -8.87 27.51
N GLU G 426 31.81 -9.31 27.39
CA GLU G 426 31.48 -10.31 26.37
C GLU G 426 31.62 -9.75 24.97
N ALA G 427 31.38 -8.46 24.83
CA ALA G 427 31.55 -7.79 23.54
C ALA G 427 33.03 -7.73 23.14
N LEU G 428 33.86 -7.26 24.07
CA LEU G 428 35.30 -7.19 23.82
C LEU G 428 35.93 -8.55 23.53
N THR G 429 35.67 -9.53 24.40
CA THR G 429 36.12 -10.90 24.13
C THR G 429 35.67 -11.32 22.73
N ALA G 430 34.41 -11.04 22.41
CA ALA G 430 33.90 -11.34 21.08
C ALA G 430 34.77 -10.72 19.99
N LEU G 431 35.20 -9.49 20.23
CA LEU G 431 36.04 -8.77 19.27
C LEU G 431 37.38 -9.42 19.09
N LEU G 432 37.93 -9.97 20.16
CA LEU G 432 39.30 -10.48 20.11
C LEU G 432 39.54 -11.64 19.13
N GLU G 433 38.58 -12.56 18.95
CA GLU G 433 38.82 -13.65 18.00
C GLU G 433 38.22 -13.50 16.61
N VAL G 434 37.39 -12.50 16.39
CA VAL G 434 36.64 -12.45 15.14
C VAL G 434 36.16 -11.02 14.87
N GLY G 435 35.79 -10.75 13.63
CA GLY G 435 35.41 -9.42 13.22
C GLY G 435 36.67 -8.71 12.81
N ASN G 436 37.76 -9.48 12.85
CA ASN G 436 39.14 -9.08 12.61
C ASN G 436 39.35 -7.70 12.00
N SER G 462 56.70 -22.78 7.72
CA SER G 462 55.56 -23.02 8.59
C SER G 462 55.39 -21.91 9.62
N ALA G 463 56.49 -21.22 9.91
CA ALA G 463 56.49 -20.15 10.90
C ALA G 463 55.85 -18.88 10.35
N GLN G 464 55.90 -18.70 9.04
CA GLN G 464 55.28 -17.55 8.38
C GLN G 464 53.76 -17.53 8.61
N LYS G 465 53.14 -18.72 8.62
CA LYS G 465 51.70 -18.83 8.78
C LYS G 465 51.23 -18.51 10.21
N LEU G 466 51.94 -19.05 11.21
CA LEU G 466 51.63 -18.77 12.61
C LEU G 466 51.94 -17.31 12.96
N THR G 467 53.04 -16.79 12.44
CA THR G 467 53.35 -15.38 12.64
C THR G 467 52.28 -14.50 12.02
N ASN G 468 51.83 -14.85 10.81
CA ASN G 468 50.81 -14.05 10.13
C ASN G 468 49.47 -14.09 10.86
N LEU G 469 49.16 -15.26 11.45
CA LEU G 469 47.92 -15.41 12.20
C LEU G 469 47.97 -14.59 13.49
N ARG G 470 49.04 -14.76 14.27
CA ARG G 470 49.25 -14.00 15.50
C ARG G 470 49.27 -12.51 15.23
N LYS G 471 49.75 -12.17 14.04
CA LYS G 471 49.69 -10.82 13.54
C LYS G 471 48.24 -10.38 13.36
N ARG G 472 47.42 -11.23 12.72
CA ARG G 472 46.02 -10.89 12.53
C ARG G 472 45.35 -10.63 13.88
N TRP G 473 45.76 -11.40 14.90
CA TRP G 473 45.24 -11.16 16.23
C TRP G 473 45.74 -9.82 16.75
N VAL G 474 46.97 -9.47 16.39
CA VAL G 474 47.52 -8.20 16.84
C VAL G 474 46.75 -7.02 16.28
N SER G 475 46.45 -7.06 14.98
CA SER G 475 45.60 -6.03 14.38
C SER G 475 44.25 -6.02 15.07
N ASN G 476 43.68 -7.20 15.23
CA ASN G 476 42.33 -7.34 15.78
C ASN G 476 42.22 -6.75 17.18
N PHE G 477 43.35 -6.76 17.88
CA PHE G 477 43.45 -6.17 19.21
C PHE G 477 42.95 -4.75 19.21
N TRP G 478 43.31 -3.97 18.21
CA TRP G 478 42.94 -2.56 18.21
C TRP G 478 41.47 -2.38 17.84
N LEU G 479 40.96 -3.29 17.02
CA LEU G 479 39.54 -3.30 16.67
C LEU G 479 38.77 -3.47 17.96
N SER G 480 39.36 -4.23 18.89
CA SER G 480 38.79 -4.41 20.22
C SER G 480 39.10 -3.24 21.18
N TRP G 481 40.21 -2.56 20.92
CA TRP G 481 40.64 -1.46 21.77
C TRP G 481 39.71 -0.27 21.57
N ASP G 482 39.26 -0.13 20.34
CA ASP G 482 38.44 1.00 19.93
C ASP G 482 37.08 0.97 20.61
N ALA G 483 36.57 -0.23 20.85
CA ALA G 483 35.20 -0.40 21.37
C ALA G 483 35.06 0.12 22.79
N LEU G 484 36.19 0.33 23.44
CA LEU G 484 36.21 0.82 24.80
C LEU G 484 35.83 2.29 24.83
N ASP G 485 36.18 2.98 23.75
CA ASP G 485 35.87 4.39 23.61
C ASP G 485 34.38 4.62 23.65
N ASP G 486 34.00 5.73 24.24
CA ASP G 486 32.60 6.07 24.35
C ASP G 486 32.08 6.61 23.04
N ARG G 487 32.88 7.44 22.38
CA ARG G 487 32.39 8.17 21.23
C ARG G 487 32.03 7.29 20.04
N LYS G 488 32.65 6.12 19.94
CA LYS G 488 32.22 5.18 18.94
C LYS G 488 31.59 3.98 19.59
N VAL G 489 30.27 3.96 19.49
CA VAL G 489 29.42 2.84 19.92
C VAL G 489 29.04 1.96 18.74
N GLU G 490 29.24 2.48 17.54
CA GLU G 490 28.66 1.92 16.33
C GLU G 490 29.28 0.58 16.04
N LEU G 491 30.54 0.42 16.40
CA LEU G 491 31.23 -0.85 16.23
C LEU G 491 31.11 -1.76 17.45
N LEU G 492 30.69 -1.21 18.60
CA LEU G 492 30.59 -2.04 19.80
C LEU G 492 29.54 -3.10 19.59
N ASN G 493 28.47 -2.69 18.92
CA ASN G 493 27.42 -3.60 18.54
C ASN G 493 27.93 -4.66 17.57
N ARG G 494 28.90 -4.33 16.72
CA ARG G 494 29.51 -5.36 15.85
C ARG G 494 30.16 -6.45 16.70
N GLY G 495 30.57 -6.09 17.91
CA GLY G 495 31.03 -7.08 18.85
C GLY G 495 29.90 -7.99 19.32
N ILE G 496 28.77 -7.39 19.66
CA ILE G 496 27.69 -8.14 20.27
C ILE G 496 27.02 -9.10 19.29
N GLN G 497 26.83 -8.67 18.05
CA GLN G 497 26.30 -9.59 17.03
C GLN G 497 27.26 -10.75 16.82
N LEU G 498 28.51 -10.55 17.19
CA LEU G 498 29.47 -11.66 17.22
C LEU G 498 29.35 -12.48 18.49
N ALA G 499 29.21 -11.80 19.62
CA ALA G 499 29.25 -12.47 20.92
C ALA G 499 28.12 -13.46 20.99
N GLN G 500 26.98 -13.10 20.41
CA GLN G 500 25.90 -14.05 20.24
C GLN G 500 26.39 -15.23 19.39
N ASP G 501 26.77 -14.96 18.14
CA ASP G 501 27.19 -16.02 17.22
C ASP G 501 28.19 -17.01 17.83
N LEU G 502 29.24 -16.51 18.47
CA LEU G 502 30.23 -17.36 19.12
C LEU G 502 29.59 -18.38 20.02
N GLN G 503 28.77 -17.92 20.95
CA GLN G 503 28.03 -18.85 21.79
C GLN G 503 27.26 -19.86 20.96
N ARG G 504 26.56 -19.37 19.95
CA ARG G 504 25.80 -20.27 19.07
C ARG G 504 26.71 -21.34 18.44
N ALA G 505 27.96 -20.97 18.12
CA ALA G 505 29.01 -21.94 17.82
C ALA G 505 29.33 -22.80 19.06
N ILE G 506 29.84 -22.13 20.09
CA ILE G 506 30.44 -22.78 21.26
C ILE G 506 29.48 -23.76 21.91
N PHE G 507 28.28 -23.28 22.21
CA PHE G 507 27.23 -24.13 22.74
C PHE G 507 27.06 -25.34 21.85
N ASN G 508 26.76 -25.09 20.58
CA ASN G 508 26.50 -26.16 19.62
C ASN G 508 27.55 -27.27 19.72
N THR G 509 28.78 -26.95 19.34
CA THR G 509 29.92 -27.85 19.45
C THR G 509 30.07 -28.46 20.84
N GLY G 510 29.92 -27.64 21.88
CA GLY G 510 29.93 -28.12 23.26
C GLY G 510 28.97 -29.30 23.39
N VAL G 511 27.71 -29.13 22.97
CA VAL G 511 26.78 -30.26 22.93
C VAL G 511 27.26 -31.45 22.07
N ALA G 512 27.83 -31.14 20.90
CA ALA G 512 28.43 -32.16 20.02
C ALA G 512 29.41 -33.05 20.78
N ILE G 513 30.03 -32.52 21.84
CA ILE G 513 30.89 -33.35 22.69
C ILE G 513 30.10 -34.26 23.63
N LEU G 514 29.15 -33.71 24.39
CA LEU G 514 28.49 -34.49 25.44
C LEU G 514 27.63 -35.64 24.91
N GLU G 515 27.23 -35.55 23.65
CA GLU G 515 26.50 -36.62 22.98
C GLU G 515 27.34 -37.89 22.81
N LYS G 516 28.63 -37.68 22.60
CA LYS G 516 29.56 -38.80 22.41
C LYS G 516 30.26 -39.21 23.71
N LYS G 517 29.99 -38.49 24.79
CA LYS G 517 30.59 -38.76 26.11
C LYS G 517 32.11 -38.86 26.02
N LEU G 518 32.73 -37.86 25.42
CA LEU G 518 34.14 -37.86 25.07
C LEU G 518 35.06 -37.66 26.28
N ILE G 519 34.45 -37.40 27.44
CA ILE G 519 35.21 -37.19 28.67
C ILE G 519 35.93 -38.45 29.11
N LYS G 520 37.25 -38.34 29.31
CA LYS G 520 38.02 -39.43 29.88
C LYS G 520 38.31 -39.14 31.35
N HIS G 521 37.64 -39.89 32.22
CA HIS G 521 37.79 -39.66 33.65
C HIS G 521 39.20 -40.02 34.13
N LEU G 522 39.84 -40.95 33.43
CA LEU G 522 41.19 -41.39 33.74
C LEU G 522 41.27 -41.86 35.20
N ARG G 523 42.30 -41.44 35.93
CA ARG G 523 42.42 -41.78 37.35
C ARG G 523 42.69 -40.53 38.20
N ILE G 524 43.86 -39.93 37.99
CA ILE G 524 44.28 -38.74 38.75
C ILE G 524 43.48 -37.49 38.38
N TYR G 525 43.14 -37.33 37.10
CA TYR G 525 42.45 -36.13 36.64
C TYR G 525 41.60 -36.37 35.40
N ARG G 526 40.68 -35.45 35.12
CA ARG G 526 39.83 -35.50 33.93
C ARG G 526 40.56 -34.90 32.73
N LEU G 527 40.30 -35.45 31.55
CA LEU G 527 41.00 -35.03 30.33
C LEU G 527 40.09 -35.24 29.12
N CYS G 528 40.27 -34.38 28.12
CA CYS G 528 39.53 -34.48 26.87
C CYS G 528 40.37 -33.99 25.70
N VAL G 529 39.97 -34.38 24.50
CA VAL G 529 40.55 -33.88 23.27
C VAL G 529 39.47 -33.81 22.20
N LEU G 530 39.42 -32.72 21.46
CA LEU G 530 38.51 -32.65 20.32
C LEU G 530 39.27 -33.12 19.08
N GLN G 531 38.91 -34.31 18.59
CA GLN G 531 39.57 -34.87 17.41
C GLN G 531 38.98 -34.29 16.12
N ASP G 532 37.72 -33.90 16.18
CA ASP G 532 37.03 -33.35 15.03
C ASP G 532 35.95 -32.39 15.49
N GLY G 533 35.64 -31.39 14.67
CA GLY G 533 34.59 -30.44 15.00
C GLY G 533 34.37 -29.46 13.87
N PRO G 534 33.23 -28.75 13.90
CA PRO G 534 33.00 -27.67 12.94
C PRO G 534 33.76 -26.38 13.27
N ASP G 535 34.20 -25.68 12.23
CA ASP G 535 34.75 -24.33 12.34
C ASP G 535 35.77 -24.18 13.49
N LEU G 536 36.94 -24.80 13.30
CA LEU G 536 38.04 -24.72 14.27
C LEU G 536 38.72 -23.38 14.21
N ASP G 537 38.35 -22.60 13.20
CA ASP G 537 38.88 -21.27 13.02
C ASP G 537 38.58 -20.40 14.24
N LEU G 538 37.41 -20.61 14.82
CA LEU G 538 37.01 -19.85 16.00
C LEU G 538 37.85 -20.27 17.21
N TYR G 539 38.25 -21.54 17.20
CA TYR G 539 38.97 -22.15 18.33
C TYR G 539 40.48 -21.91 18.31
N ARG G 540 40.96 -21.19 17.31
CA ARG G 540 42.38 -20.86 17.19
C ARG G 540 42.84 -20.02 18.37
N ASN G 541 42.04 -19.02 18.71
CA ASN G 541 42.37 -18.12 19.80
C ASN G 541 42.34 -18.84 21.14
N PRO G 542 43.37 -18.61 21.96
CA PRO G 542 43.52 -19.07 23.35
C PRO G 542 42.27 -18.80 24.18
N LEU G 543 41.70 -17.61 24.00
CA LEU G 543 40.58 -17.18 24.83
C LEU G 543 39.27 -17.88 24.47
N THR G 544 39.11 -18.23 23.18
CA THR G 544 37.97 -19.04 22.75
C THR G 544 37.97 -20.39 23.49
N LEU G 545 39.15 -20.98 23.63
CA LEU G 545 39.26 -22.26 24.32
C LEU G 545 39.22 -22.04 25.81
N LEU G 546 39.50 -20.82 26.23
CA LEU G 546 39.31 -20.48 27.63
C LEU G 546 37.81 -20.47 27.97
N ARG G 547 36.99 -19.95 27.05
CA ARG G 547 35.55 -19.89 27.31
C ARG G 547 34.81 -21.21 27.04
N LEU G 548 35.21 -21.94 25.99
CA LEU G 548 34.64 -23.27 25.74
C LEU G 548 35.06 -24.23 26.84
N GLY G 549 36.35 -24.19 27.17
CA GLY G 549 36.89 -24.95 28.27
C GLY G 549 36.12 -24.58 29.53
N ASN G 550 35.80 -23.30 29.66
CA ASN G 550 35.07 -22.82 30.82
C ASN G 550 33.61 -23.34 30.89
N TRP G 551 32.90 -23.27 29.78
CA TRP G 551 31.53 -23.75 29.72
C TRP G 551 31.47 -25.26 29.86
N LEU G 552 32.57 -25.93 29.55
CA LEU G 552 32.62 -27.38 29.65
C LEU G 552 33.00 -27.86 31.05
N ILE G 553 33.99 -27.22 31.68
CA ILE G 553 34.35 -27.58 33.05
C ILE G 553 33.22 -27.15 33.98
N GLU G 554 32.44 -26.18 33.52
CA GLU G 554 31.27 -25.73 34.26
C GLU G 554 30.08 -26.68 34.09
N CYS G 555 29.98 -27.26 32.90
CA CYS G 555 28.91 -28.18 32.57
C CYS G 555 29.10 -29.53 33.25
N CYS G 556 30.29 -30.11 33.14
CA CYS G 556 30.56 -31.43 33.70
C CYS G 556 30.36 -31.44 35.21
N ALA G 557 30.69 -30.33 35.87
CA ALA G 557 30.58 -30.21 37.32
C ALA G 557 29.56 -29.15 37.74
N GLU G 558 28.45 -29.59 38.35
CA GLU G 558 27.46 -28.68 38.92
C GLU G 558 27.97 -27.93 40.17
N SER G 559 28.51 -28.61 41.20
CA SER G 559 28.72 -30.06 41.30
C SER G 559 27.51 -30.82 41.84
N GLU G 560 27.21 -32.05 41.39
CA GLU G 560 28.01 -33.06 40.63
C GLU G 560 29.23 -33.65 41.37
N ASP G 561 28.91 -34.47 42.38
CA ASP G 561 29.87 -35.38 43.04
C ASP G 561 30.52 -36.24 41.97
N LYS G 562 31.83 -36.48 42.06
CA LYS G 562 32.74 -36.02 43.12
C LYS G 562 34.02 -35.40 42.51
N GLN G 563 34.82 -34.76 43.36
CA GLN G 563 36.23 -34.46 43.04
C GLN G 563 36.44 -33.57 41.80
N LEU G 564 36.20 -32.26 41.93
CA LEU G 564 36.46 -31.36 40.81
C LEU G 564 37.87 -31.67 40.30
N LEU G 565 37.92 -32.05 39.03
CA LEU G 565 39.12 -32.46 38.31
C LEU G 565 39.35 -31.56 37.10
N PRO G 566 40.51 -30.89 37.06
CA PRO G 566 40.84 -29.96 35.96
C PRO G 566 40.70 -30.61 34.59
N MET G 567 40.36 -29.81 33.58
CA MET G 567 40.03 -30.36 32.26
C MET G 567 41.08 -30.00 31.23
N VAL G 568 41.17 -30.81 30.19
CA VAL G 568 42.12 -30.54 29.10
C VAL G 568 41.38 -30.55 27.77
N LEU G 569 41.75 -29.66 26.87
CA LEU G 569 41.16 -29.62 25.54
C LEU G 569 42.19 -29.47 24.44
N ALA G 570 41.84 -29.89 23.23
CA ALA G 570 42.72 -29.77 22.08
C ALA G 570 41.93 -29.61 20.78
N SER G 571 42.49 -28.85 19.85
CA SER G 571 41.87 -28.62 18.54
C SER G 571 42.90 -28.39 17.44
N ILE G 572 42.55 -28.77 16.22
CA ILE G 572 43.42 -28.58 15.07
C ILE G 572 42.66 -28.26 13.77
N ASP G 573 43.16 -27.32 12.99
CA ASP G 573 42.65 -27.09 11.65
C ASP G 573 43.81 -27.08 10.65
N GLU G 574 44.61 -26.03 10.75
CA GLU G 574 45.70 -25.74 9.83
C GLU G 574 46.97 -25.49 10.62
N ASN G 575 47.97 -24.98 9.90
CA ASN G 575 49.29 -24.72 10.46
C ASN G 575 49.95 -26.02 10.86
N THR G 576 49.61 -27.07 10.12
CA THR G 576 50.25 -28.38 10.21
C THR G 576 50.29 -28.94 11.63
N ASP G 577 49.12 -29.34 12.14
CA ASP G 577 49.01 -30.08 13.40
C ASP G 577 49.53 -29.33 14.61
N THR G 578 49.14 -28.07 14.75
CA THR G 578 49.55 -27.26 15.89
C THR G 578 48.88 -27.72 17.19
N TYR G 579 47.67 -28.30 17.05
CA TYR G 579 46.93 -28.95 18.14
C TYR G 579 47.01 -28.21 19.47
N LEU G 580 46.44 -27.01 19.53
CA LEU G 580 46.55 -26.17 20.71
C LEU G 580 45.88 -26.81 21.93
N VAL G 581 46.64 -26.88 23.02
CA VAL G 581 46.15 -27.49 24.26
C VAL G 581 46.29 -26.56 25.45
N ALA G 582 45.15 -26.14 26.00
CA ALA G 582 45.12 -25.19 27.10
C ALA G 582 44.80 -25.86 28.43
N GLY G 583 45.49 -25.41 29.48
CA GLY G 583 45.25 -25.88 30.83
C GLY G 583 43.99 -25.23 31.38
N LEU G 584 43.38 -25.87 32.36
CA LEU G 584 42.14 -25.36 32.92
C LEU G 584 42.11 -25.50 34.43
N THR G 585 41.14 -24.87 35.08
CA THR G 585 41.01 -24.93 36.54
C THR G 585 39.58 -25.33 36.90
N PRO G 586 39.42 -26.11 37.98
CA PRO G 586 38.10 -26.58 38.42
C PRO G 586 37.19 -25.44 38.90
N ARG G 587 35.88 -25.62 38.73
CA ARG G 587 34.91 -24.62 39.16
C ARG G 587 34.08 -25.14 40.35
N TYR G 588 34.16 -24.42 41.48
CA TYR G 588 33.31 -24.70 42.63
C TYR G 588 31.95 -24.01 42.42
N PRO G 589 30.85 -24.68 42.82
CA PRO G 589 29.48 -24.15 42.69
C PRO G 589 29.14 -23.08 43.72
N ARG G 590 29.88 -21.98 43.70
CA ARG G 590 29.63 -20.86 44.62
C ARG G 590 29.79 -21.27 46.09
N GLY G 591 30.78 -22.12 46.35
CA GLY G 591 31.01 -22.62 47.69
C GLY G 591 31.81 -23.91 47.69
N THR G 597 33.55 -20.74 47.55
CA THR G 597 34.78 -21.44 47.21
C THR G 597 35.76 -21.41 48.38
N LYS G 598 36.07 -22.59 48.91
CA LYS G 598 36.92 -22.69 50.09
C LYS G 598 38.39 -22.40 49.78
N LYS G 599 38.92 -22.98 48.69
CA LYS G 599 40.33 -22.80 48.32
C LYS G 599 40.55 -22.36 46.87
N PRO G 600 41.63 -21.60 46.62
CA PRO G 600 41.99 -21.17 45.27
C PRO G 600 42.40 -22.32 44.33
N ILE G 601 43.03 -23.36 44.88
CA ILE G 601 43.31 -24.63 44.19
C ILE G 601 44.42 -24.59 43.10
N LEU G 602 44.85 -23.39 42.66
CA LEU G 602 46.20 -23.20 42.12
C LEU G 602 46.61 -24.10 40.96
N ASN G 603 46.17 -23.78 39.75
CA ASN G 603 46.31 -24.65 38.58
C ASN G 603 47.74 -25.19 38.44
N ASN G 604 47.84 -26.51 38.34
CA ASN G 604 49.12 -27.22 38.37
C ASN G 604 49.67 -27.60 37.00
N PHE G 605 48.95 -27.26 35.94
CA PHE G 605 49.40 -27.61 34.60
C PHE G 605 50.66 -26.86 34.22
N SER G 606 50.80 -25.66 34.76
CA SER G 606 52.00 -24.84 34.55
C SER G 606 53.27 -25.61 34.89
N MET G 607 53.24 -26.29 36.03
CA MET G 607 54.39 -27.06 36.48
C MET G 607 54.53 -28.36 35.68
N ALA G 608 53.42 -29.08 35.54
CA ALA G 608 53.38 -30.36 34.83
C ALA G 608 53.87 -30.27 33.39
N PHE G 609 53.70 -29.11 32.77
CA PHE G 609 54.15 -28.89 31.39
C PHE G 609 55.66 -28.63 31.34
N GLN G 610 56.14 -27.84 32.28
CA GLN G 610 57.56 -27.53 32.37
C GLN G 610 58.39 -28.77 32.75
N GLN G 611 57.76 -29.69 33.47
CA GLN G 611 58.43 -30.95 33.79
C GLN G 611 58.66 -31.76 32.52
N ILE G 612 57.72 -31.67 31.57
CA ILE G 612 57.80 -32.40 30.29
C ILE G 612 58.71 -31.70 29.27
N THR G 613 58.71 -30.36 29.28
CA THR G 613 59.65 -29.60 28.44
C THR G 613 61.07 -29.91 28.87
N ALA G 614 61.24 -30.29 30.13
CA ALA G 614 62.56 -30.58 30.69
C ALA G 614 62.88 -32.07 30.62
N GLU G 615 61.98 -32.87 30.05
CA GLU G 615 62.18 -34.31 30.00
C GLU G 615 62.57 -34.81 28.61
N THR G 616 61.57 -35.02 27.75
CA THR G 616 61.84 -35.29 26.35
C THR G 616 61.51 -34.11 25.45
N ASP G 617 60.88 -33.08 26.01
CA ASP G 617 60.38 -31.89 25.28
C ASP G 617 59.85 -32.25 23.89
N ALA G 618 58.76 -33.01 23.79
CA ALA G 618 58.33 -33.45 22.46
C ALA G 618 57.34 -32.47 21.86
N LYS G 619 57.84 -31.71 20.88
CA LYS G 619 57.13 -30.63 20.18
C LYS G 619 56.34 -29.71 21.14
N VAL G 620 56.87 -29.55 22.36
CA VAL G 620 56.22 -28.76 23.41
C VAL G 620 56.55 -27.28 23.26
N ARG G 621 55.54 -26.43 23.15
CA ARG G 621 55.81 -25.02 22.92
C ARG G 621 55.04 -24.09 23.87
N ILE G 622 55.80 -23.39 24.69
CA ILE G 622 55.27 -22.51 25.75
C ILE G 622 55.07 -21.12 25.12
N ASP G 623 55.18 -21.07 23.79
CA ASP G 623 55.11 -19.83 22.99
C ASP G 623 53.98 -18.89 23.40
N ASN G 624 52.83 -19.46 23.75
CA ASN G 624 51.75 -18.64 24.29
C ASN G 624 52.12 -18.11 25.66
N PHE G 625 51.68 -16.88 25.91
CA PHE G 625 52.10 -16.13 27.09
C PHE G 625 51.74 -16.80 28.41
N GLU G 626 50.68 -17.60 28.40
CA GLU G 626 50.18 -18.21 29.63
C GLU G 626 50.81 -19.57 29.89
N SER G 627 51.10 -19.84 31.16
CA SER G 627 51.77 -21.08 31.56
C SER G 627 50.85 -22.29 31.44
N SER G 628 49.55 -22.05 31.42
CA SER G 628 48.56 -23.11 31.33
C SER G 628 48.39 -23.62 29.89
N ILE G 629 48.65 -22.76 28.92
CA ILE G 629 48.41 -23.13 27.53
C ILE G 629 49.69 -23.29 26.70
N ILE G 630 49.75 -24.42 26.01
CA ILE G 630 50.91 -24.83 25.21
C ILE G 630 50.48 -25.38 23.85
N GLU G 631 51.45 -25.63 22.99
CA GLU G 631 51.21 -26.24 21.68
C GLU G 631 51.88 -27.60 21.54
N ILE G 632 51.38 -28.41 20.61
CA ILE G 632 51.87 -29.77 20.46
C ILE G 632 51.68 -30.25 19.02
N ARG G 633 52.33 -31.35 18.65
CA ARG G 633 52.09 -31.94 17.34
C ARG G 633 51.44 -33.30 17.53
N ARG G 634 50.63 -33.72 16.56
CA ARG G 634 49.91 -34.99 16.66
C ARG G 634 50.83 -36.19 16.70
N GLU G 635 52.01 -36.04 16.11
CA GLU G 635 53.03 -37.06 16.20
C GLU G 635 53.39 -37.28 17.68
N ASP G 636 53.74 -36.20 18.35
CA ASP G 636 54.22 -36.28 19.73
C ASP G 636 53.17 -35.98 20.82
N LEU G 637 51.92 -35.72 20.44
CA LEU G 637 50.90 -35.43 21.46
C LEU G 637 50.59 -36.66 22.31
N SER G 638 50.49 -37.82 21.70
CA SER G 638 50.13 -39.05 22.42
C SER G 638 51.17 -39.47 23.47
N PRO G 639 52.47 -39.50 23.09
CA PRO G 639 53.46 -39.76 24.16
C PRO G 639 53.45 -38.64 25.20
N PHE G 640 53.13 -37.42 24.76
CA PHE G 640 53.00 -36.30 25.68
C PHE G 640 51.84 -36.50 26.66
N LEU G 641 50.73 -37.05 26.16
CA LEU G 641 49.55 -37.30 26.99
C LEU G 641 49.84 -38.40 28.00
N GLU G 642 50.60 -39.41 27.55
CA GLU G 642 51.02 -40.49 28.43
C GLU G 642 51.98 -39.99 29.51
N LYS G 643 52.83 -39.02 29.15
CA LYS G 643 53.78 -38.43 30.10
C LYS G 643 53.09 -37.38 30.97
N LEU G 644 51.90 -36.99 30.54
CA LEU G 644 51.05 -36.07 31.29
C LEU G 644 50.34 -36.86 32.38
N THR G 645 49.88 -38.06 32.01
CA THR G 645 49.19 -38.93 32.94
C THR G 645 50.09 -39.32 34.11
N LEU G 646 51.37 -39.56 33.83
CA LEU G 646 52.33 -39.91 34.87
C LEU G 646 53.71 -39.31 34.58
N SER G 647 54.38 -38.81 35.63
CA SER G 647 53.86 -38.82 37.00
C SER G 647 53.00 -37.60 37.35
N GLY G 648 51.83 -37.86 37.92
CA GLY G 648 50.94 -36.79 38.31
C GLY G 648 51.52 -36.02 39.48
N LEU G 649 51.61 -34.69 39.34
CA LEU G 649 52.13 -33.83 40.41
C LEU G 649 51.06 -33.53 41.47
N LEU G 650 49.79 -33.62 41.07
CA LEU G 650 48.69 -33.59 42.02
C LEU G 650 48.13 -34.99 42.22
N VAL H 54 53.31 48.81 14.91
CA VAL H 54 54.66 48.31 15.10
C VAL H 54 54.66 47.14 16.11
N SER H 55 53.60 47.05 16.92
CA SER H 55 53.43 45.95 17.89
C SER H 55 53.22 44.59 17.18
N PRO H 56 53.71 43.49 17.79
CA PRO H 56 53.59 42.12 17.24
C PRO H 56 52.15 41.68 16.96
N GLN H 57 51.28 41.97 17.93
CA GLN H 57 49.88 41.62 17.86
C GLN H 57 49.24 42.25 16.62
N GLN H 58 49.59 43.51 16.36
CA GLN H 58 49.07 44.26 15.22
C GLN H 58 49.54 43.71 13.88
N ASP H 59 50.81 43.34 13.82
CA ASP H 59 51.39 42.69 12.64
C ASP H 59 50.68 41.40 12.37
N PHE H 60 50.25 40.75 13.45
CA PHE H 60 49.50 39.52 13.29
C PHE H 60 48.08 39.76 12.80
N SER H 61 47.40 40.74 13.39
CA SER H 61 46.05 41.10 12.97
C SER H 61 46.04 41.48 11.50
N ASP H 62 47.10 42.15 11.07
CA ASP H 62 47.27 42.54 9.67
C ASP H 62 47.63 41.36 8.81
N LEU H 63 48.31 40.39 9.40
CA LEU H 63 48.59 39.16 8.69
C LEU H 63 47.28 38.42 8.40
N MET H 64 46.44 38.29 9.41
CA MET H 64 45.17 37.59 9.27
C MET H 64 44.30 38.32 8.27
N LYS H 65 44.24 39.64 8.44
CA LYS H 65 43.49 40.51 7.55
C LYS H 65 43.91 40.29 6.11
N SER H 66 45.22 40.28 5.89
CA SER H 66 45.73 40.06 4.55
C SER H 66 45.33 38.68 4.05
N TRP H 67 45.42 37.69 4.92
CA TRP H 67 45.13 36.32 4.54
C TRP H 67 43.68 36.18 4.06
N LYS H 68 42.74 36.71 4.84
CA LYS H 68 41.32 36.67 4.47
C LYS H 68 41.07 37.44 3.18
N ASN H 69 41.50 38.71 3.13
CA ASN H 69 41.37 39.52 1.92
C ASN H 69 41.93 38.85 0.69
N GLU H 70 42.89 37.96 0.91
CA GLU H 70 43.51 37.24 -0.20
C GLU H 70 42.69 36.09 -0.72
N ARG H 71 42.16 35.29 0.19
CA ARG H 71 41.43 34.12 -0.23
C ARG H 71 40.07 34.52 -0.73
N CYS H 72 39.62 35.70 -0.32
CA CYS H 72 38.34 36.19 -0.80
C CYS H 72 38.39 36.70 -2.24
N SER H 73 39.28 37.67 -2.49
CA SER H 73 39.23 38.48 -3.70
C SER H 73 39.55 37.66 -4.95
N PRO H 74 38.96 38.07 -6.09
CA PRO H 74 39.10 37.30 -7.34
C PRO H 74 40.50 37.41 -7.92
N GLU H 75 41.24 38.42 -7.45
CA GLU H 75 42.53 38.72 -8.05
C GLU H 75 43.62 39.03 -7.03
N LEU H 76 44.82 39.23 -7.55
CA LEU H 76 46.00 39.36 -6.72
C LEU H 76 46.04 40.72 -6.01
N LEU H 77 46.73 40.77 -4.89
CA LEU H 77 46.85 41.96 -4.07
C LEU H 77 48.31 42.32 -3.94
N PRO H 78 48.63 43.58 -3.55
CA PRO H 78 50.05 43.94 -3.42
C PRO H 78 50.78 43.05 -2.42
N TYR H 79 52.05 42.77 -2.70
CA TYR H 79 52.88 41.98 -1.80
C TYR H 79 53.42 42.85 -0.68
N PRO H 80 52.96 42.59 0.56
CA PRO H 80 53.23 43.34 1.78
C PRO H 80 54.54 42.93 2.45
N HIS H 81 55.65 43.43 1.92
CA HIS H 81 56.98 42.99 2.34
C HIS H 81 57.39 43.54 3.70
N GLN H 82 57.01 44.78 3.97
CA GLN H 82 57.42 45.50 5.18
C GLN H 82 57.10 44.72 6.45
N LEU H 83 55.95 44.04 6.42
CA LEU H 83 55.50 43.23 7.55
C LEU H 83 56.01 41.81 7.40
N MET H 84 55.61 41.15 6.31
CA MET H 84 55.91 39.75 6.06
C MET H 84 57.41 39.41 6.24
N LYS H 85 58.27 40.39 5.99
CA LYS H 85 59.70 40.18 6.19
C LYS H 85 60.11 40.30 7.66
N ARG H 86 59.44 41.16 8.42
CA ARG H 86 59.79 41.29 9.83
C ARG H 86 59.27 40.11 10.62
N LEU H 87 58.22 39.46 10.08
CA LEU H 87 57.76 38.18 10.62
C LEU H 87 58.66 37.02 10.18
N LEU H 88 59.18 37.07 8.94
CA LEU H 88 60.11 36.04 8.48
C LEU H 88 61.47 36.13 9.19
N ASN H 89 61.79 37.30 9.74
CA ASN H 89 62.93 37.39 10.66
C ASN H 89 62.53 36.92 12.07
N ARG H 90 61.36 37.37 12.53
CA ARG H 90 60.89 37.06 13.89
C ARG H 90 60.76 35.56 14.18
N ILE H 91 60.20 34.82 13.24
CA ILE H 91 60.04 33.37 13.41
C ILE H 91 61.39 32.64 13.37
N SER H 92 62.33 33.16 12.58
CA SER H 92 63.69 32.60 12.54
C SER H 92 64.32 32.82 13.90
N MET H 93 63.92 33.90 14.58
CA MET H 93 64.40 34.14 15.93
C MET H 93 63.79 33.18 16.96
N GLN H 94 62.47 33.08 17.02
CA GLN H 94 61.85 32.28 18.08
C GLN H 94 62.01 30.77 17.86
N SER H 95 62.18 30.34 16.61
CA SER H 95 62.40 28.92 16.33
C SER H 95 63.77 28.46 16.79
N GLN H 96 64.73 29.38 16.79
CA GLN H 96 66.05 29.13 17.32
C GLN H 96 66.02 29.21 18.84
N LEU H 97 65.33 30.24 19.34
CA LEU H 97 65.17 30.45 20.78
C LEU H 97 64.54 29.26 21.52
N ILE H 98 63.48 28.68 20.97
CA ILE H 98 62.79 27.57 21.64
C ILE H 98 63.61 26.29 21.64
N GLU H 99 64.42 26.11 20.61
CA GLU H 99 65.26 24.93 20.56
C GLU H 99 66.42 25.12 21.52
N ASN H 100 66.85 26.38 21.67
CA ASN H 100 67.87 26.71 22.66
C ASN H 100 67.38 26.50 24.10
N ILE H 101 66.17 26.98 24.42
CA ILE H 101 65.63 26.82 25.78
C ILE H 101 65.25 25.35 26.05
N SER H 102 64.79 24.66 25.00
CA SER H 102 64.52 23.24 25.10
C SER H 102 65.81 22.47 25.38
N MET H 103 66.92 22.89 24.78
CA MET H 103 68.19 22.19 25.00
C MET H 103 68.84 22.55 26.35
N GLY H 104 68.66 23.79 26.79
CA GLY H 104 69.16 24.22 28.09
C GLY H 104 68.38 23.63 29.26
N PHE H 105 67.11 23.29 28.99
CA PHE H 105 66.23 22.69 29.98
C PHE H 105 66.70 21.33 30.52
N LEU H 106 67.50 20.63 29.74
CA LEU H 106 67.94 19.28 30.08
C LEU H 106 69.11 19.29 31.07
N ASP H 107 69.70 20.48 31.26
CA ASP H 107 70.84 20.69 32.15
C ASP H 107 70.45 20.74 33.61
N MET H 108 69.26 21.26 33.89
CA MET H 108 68.72 21.29 35.25
C MET H 108 68.15 19.93 35.65
N GLN H 109 68.17 19.02 34.68
CA GLN H 109 67.64 17.69 34.87
C GLN H 109 68.71 16.76 35.40
N ASN H 110 68.52 16.37 36.67
CA ASN H 110 69.46 15.59 37.49
C ASN H 110 70.85 15.32 36.88
N GLU H 121 60.19 19.80 34.55
CA GLU H 121 59.38 20.60 35.46
C GLU H 121 58.01 20.93 34.87
N SER H 122 57.93 22.01 34.09
CA SER H 122 56.71 22.33 33.36
C SER H 122 57.02 22.52 31.88
N LYS H 123 56.47 21.63 31.05
CA LYS H 123 56.67 21.68 29.60
C LYS H 123 55.73 22.72 28.97
N LEU H 124 54.89 23.33 29.80
CA LEU H 124 53.75 24.14 29.33
C LEU H 124 54.06 25.37 28.46
N PRO H 125 54.95 26.29 28.91
CA PRO H 125 55.18 27.45 28.03
C PRO H 125 55.88 27.04 26.74
N LEU H 126 56.62 25.94 26.80
CA LEU H 126 57.29 25.37 25.63
C LEU H 126 56.28 24.77 24.65
N LEU H 127 55.26 24.10 25.19
CA LEU H 127 54.22 23.45 24.39
C LEU H 127 53.35 24.50 23.75
N CYS H 128 52.94 25.46 24.58
CA CYS H 128 52.23 26.67 24.19
C CYS H 128 52.92 27.37 23.02
N MET H 129 54.15 27.79 23.28
CA MET H 129 55.01 28.43 22.31
C MET H 129 55.09 27.68 21.00
N GLU H 130 55.37 26.40 21.11
CA GLU H 130 55.56 25.57 19.94
C GLU H 130 54.26 25.46 19.12
N THR H 131 53.13 25.30 19.81
CA THR H 131 51.84 25.18 19.14
C THR H 131 51.51 26.47 18.41
N GLU H 132 51.71 27.58 19.11
CA GLU H 132 51.61 28.91 18.54
C GLU H 132 52.42 28.99 17.24
N LEU H 133 53.69 28.62 17.30
CA LEU H 133 54.57 28.69 16.13
C LEU H 133 54.07 27.82 15.00
N GLU H 134 53.50 26.66 15.32
CA GLU H 134 52.85 25.83 14.30
C GLU H 134 51.68 26.58 13.65
N ARG H 135 50.90 27.29 14.46
CA ARG H 135 49.74 28.02 13.95
C ARG H 135 50.18 29.16 12.99
N LEU H 136 51.10 30.02 13.44
CA LEU H 136 51.52 31.14 12.61
C LEU H 136 52.41 30.75 11.44
N LYS H 137 53.10 29.63 11.55
CA LYS H 137 53.85 29.11 10.41
C LYS H 137 52.90 28.42 9.44
N PHE H 138 51.69 28.09 9.90
CA PHE H 138 50.65 27.65 8.98
C PHE H 138 50.09 28.83 8.22
N VAL H 139 49.77 29.90 8.95
CA VAL H 139 49.07 31.04 8.35
C VAL H 139 49.72 31.57 7.06
N ILE H 140 50.98 31.99 7.17
CA ILE H 140 51.65 32.55 6.02
C ILE H 140 51.82 31.48 4.95
N ARG H 141 51.95 30.22 5.35
CA ARG H 141 52.15 29.19 4.35
C ARG H 141 50.88 29.00 3.54
N SER H 142 49.72 29.19 4.16
CA SER H 142 48.48 29.21 3.38
C SER H 142 48.53 30.40 2.44
N TYR H 143 48.91 31.54 2.99
CA TYR H 143 48.94 32.80 2.25
C TYR H 143 49.66 32.64 0.93
N ILE H 144 50.95 32.36 1.03
CA ILE H 144 51.78 32.35 -0.13
C ILE H 144 51.47 31.13 -1.00
N ARG H 145 50.94 30.07 -0.40
CA ARG H 145 50.60 28.91 -1.21
C ARG H 145 49.38 29.20 -2.07
N CYS H 146 48.62 30.22 -1.64
CA CYS H 146 47.47 30.74 -2.38
C CYS H 146 47.87 31.72 -3.49
N ARG H 147 48.72 32.66 -3.11
CA ARG H 147 49.18 33.67 -4.04
C ARG H 147 49.88 33.01 -5.19
N LEU H 148 50.70 32.00 -4.92
CA LEU H 148 51.38 31.32 -6.02
C LEU H 148 50.38 30.69 -6.99
N SER H 149 49.22 30.27 -6.48
CA SER H 149 48.18 29.73 -7.34
C SER H 149 47.59 30.82 -8.24
N LYS H 150 47.28 31.97 -7.65
CA LYS H 150 46.75 33.09 -8.44
C LYS H 150 47.76 33.61 -9.44
N ILE H 151 49.03 33.40 -9.17
CA ILE H 151 50.09 33.71 -10.13
C ILE H 151 50.06 32.69 -11.23
N ASP H 152 49.78 31.44 -10.86
CA ASP H 152 49.67 30.35 -11.83
C ASP H 152 48.51 30.61 -12.81
N LYS H 153 47.43 31.22 -12.30
CA LYS H 153 46.26 31.55 -13.14
C LYS H 153 46.45 32.85 -13.94
N PHE H 154 47.10 33.85 -13.33
CA PHE H 154 47.28 35.18 -13.94
C PHE H 154 48.62 35.41 -14.65
N SER H 155 49.44 34.38 -14.79
CA SER H 155 50.78 34.54 -15.35
C SER H 155 50.78 35.38 -16.63
N LEU H 156 49.88 35.05 -17.55
CA LEU H 156 49.76 35.78 -18.82
C LEU H 156 49.35 37.22 -18.61
N TYR H 157 48.23 37.43 -17.92
CA TYR H 157 47.73 38.75 -17.57
C TYR H 157 48.79 39.66 -16.98
N LEU H 158 49.58 39.08 -16.07
CA LEU H 158 50.66 39.77 -15.43
C LEU H 158 51.72 40.10 -16.46
N ARG H 159 51.96 39.19 -17.39
CA ARG H 159 52.95 39.44 -18.43
C ARG H 159 52.55 40.66 -19.24
N GLN H 160 51.29 40.69 -19.66
CA GLN H 160 50.76 41.82 -20.42
C GLN H 160 50.74 43.07 -19.58
N LEU H 161 50.69 42.89 -18.26
CA LEU H 161 50.71 44.01 -17.34
C LEU H 161 52.13 44.56 -17.18
N ASN H 162 53.11 43.68 -17.43
CA ASN H 162 54.53 43.98 -17.32
C ASN H 162 55.07 44.68 -18.57
N GLU H 163 54.61 44.22 -19.75
CA GLU H 163 55.07 44.82 -21.01
C GLU H 163 54.53 46.24 -21.15
N ASP H 164 53.36 46.49 -20.58
CA ASP H 164 52.79 47.83 -20.62
C ASP H 164 53.42 48.73 -19.57
N GLU H 165 53.49 50.01 -19.88
CA GLU H 165 54.12 50.99 -19.01
C GLU H 165 53.25 51.27 -17.79
N ASN H 166 52.05 51.80 -18.07
CA ASN H 166 51.05 52.13 -17.05
C ASN H 166 50.25 50.91 -16.58
N SER H 167 50.04 50.82 -15.26
CA SER H 167 50.52 51.81 -14.30
C SER H 167 51.69 51.24 -13.46
N LEU H 168 51.39 50.26 -12.60
CA LEU H 168 52.41 49.62 -11.77
C LEU H 168 52.60 48.17 -12.20
N ILE H 169 53.81 47.84 -12.66
CA ILE H 169 54.18 46.47 -13.03
C ILE H 169 54.68 45.69 -11.80
N SER H 170 55.10 44.45 -12.03
CA SER H 170 55.47 43.52 -10.96
C SER H 170 56.47 44.12 -9.99
N LEU H 171 57.57 44.62 -10.54
CA LEU H 171 58.68 45.20 -9.79
C LEU H 171 59.19 44.32 -8.67
N THR H 172 59.60 44.96 -7.59
CA THR H 172 60.00 44.26 -6.39
C THR H 172 58.84 44.29 -5.41
N ASP H 173 57.76 44.99 -5.80
CA ASP H 173 56.63 45.21 -4.89
C ASP H 173 55.42 44.29 -5.14
N LEU H 174 54.82 44.38 -6.31
CA LEU H 174 53.58 43.63 -6.60
C LEU H 174 53.74 42.13 -6.35
N LEU H 175 54.96 41.63 -6.53
CA LEU H 175 55.25 40.23 -6.23
C LEU H 175 56.45 40.14 -5.26
N SER H 176 56.62 39.00 -4.61
CA SER H 176 57.77 38.80 -3.69
C SER H 176 59.05 38.53 -4.47
N LYS H 177 60.20 38.88 -3.88
CA LYS H 177 61.50 38.59 -4.47
C LYS H 177 61.68 37.09 -4.65
N ASP H 178 60.95 36.33 -3.83
CA ASP H 178 60.86 34.89 -4.00
C ASP H 178 59.81 34.52 -5.06
N GLU H 179 58.69 35.22 -5.05
CA GLU H 179 57.59 34.95 -5.97
C GLU H 179 57.92 35.22 -7.44
N ILE H 180 58.72 36.26 -7.66
CA ILE H 180 59.08 36.65 -9.01
C ILE H 180 59.79 35.49 -9.73
N LYS H 181 60.63 34.77 -8.99
CA LYS H 181 61.33 33.61 -9.51
C LYS H 181 60.32 32.56 -9.93
N TYR H 182 59.42 32.24 -9.00
CA TYR H 182 58.38 31.27 -9.26
C TYR H 182 57.60 31.62 -10.53
N HIS H 183 57.22 32.88 -10.63
CA HIS H 183 56.50 33.41 -11.80
C HIS H 183 57.30 33.15 -13.07
N ASP H 184 58.52 33.69 -13.17
CA ASP H 184 59.21 33.63 -14.45
C ASP H 184 59.57 32.21 -14.84
N THR H 185 59.97 31.41 -13.86
CA THR H 185 60.37 30.03 -14.14
C THR H 185 59.17 29.19 -14.55
N HIS H 186 58.05 29.37 -13.85
CA HIS H 186 56.85 28.63 -14.19
C HIS H 186 56.42 29.00 -15.59
N SER H 187 56.38 30.30 -15.86
CA SER H 187 55.99 30.82 -17.16
C SER H 187 56.87 30.19 -18.25
N LEU H 188 58.18 30.21 -17.99
CA LEU H 188 59.19 29.71 -18.92
C LEU H 188 58.95 28.23 -19.22
N ILE H 189 58.92 27.40 -18.18
CA ILE H 189 58.82 25.96 -18.36
C ILE H 189 57.44 25.56 -18.92
N TRP H 190 56.44 26.42 -18.70
CA TRP H 190 55.11 26.19 -19.25
C TRP H 190 55.11 26.41 -20.75
N LEU H 191 55.61 27.57 -21.17
CA LEU H 191 55.76 27.87 -22.59
C LEU H 191 56.62 26.79 -23.26
N LYS H 192 57.63 26.31 -22.54
CA LYS H 192 58.55 25.30 -23.05
C LYS H 192 57.86 23.95 -23.18
N LEU H 193 56.91 23.69 -22.30
CA LEU H 193 56.12 22.48 -22.35
C LEU H 193 55.20 22.49 -23.57
N VAL H 194 54.39 23.53 -23.66
CA VAL H 194 53.41 23.60 -24.73
C VAL H 194 54.13 23.70 -26.07
N ASN H 195 55.32 24.31 -26.06
CA ASN H 195 56.16 24.47 -27.25
C ASN H 195 56.58 23.14 -27.88
N ASP H 196 57.10 22.20 -27.10
CA ASP H 196 57.47 20.92 -27.69
C ASP H 196 56.28 19.96 -27.72
N SER H 197 55.18 20.32 -27.07
CA SER H 197 54.00 19.47 -27.14
C SER H 197 53.18 19.81 -28.38
N ILE H 198 52.39 20.88 -28.32
CA ILE H 198 51.46 21.16 -29.42
C ILE H 198 51.84 22.22 -30.47
N LEU H 199 52.90 22.99 -30.24
CA LEU H 199 53.28 23.98 -31.24
C LEU H 199 54.57 23.54 -31.93
N LYS H 200 54.38 22.96 -33.12
CA LYS H 200 55.44 22.39 -33.93
C LYS H 200 55.38 22.74 -35.44
N TYR H 201 54.30 22.43 -36.19
CA TYR H 201 52.86 22.37 -35.83
C TYR H 201 52.44 23.67 -35.15
N MET H 202 53.00 24.78 -35.63
CA MET H 202 52.72 26.09 -35.04
C MET H 202 52.00 27.01 -36.03
N PRO H 203 50.78 27.44 -35.67
CA PRO H 203 50.08 28.46 -36.47
C PRO H 203 50.82 29.79 -36.40
N GLU H 204 50.92 30.48 -37.53
CA GLU H 204 51.69 31.73 -37.64
C GLU H 204 51.06 32.92 -36.91
N GLU H 205 49.73 32.97 -36.90
CA GLU H 205 49.02 34.01 -36.19
C GLU H 205 49.04 33.73 -34.68
N LEU H 206 49.11 32.45 -34.34
CA LEU H 206 48.98 31.99 -32.96
C LEU H 206 50.35 31.85 -32.26
N GLN H 207 51.40 32.29 -32.95
CA GLN H 207 52.76 32.36 -32.40
C GLN H 207 52.80 33.10 -31.05
N ALA H 208 52.06 34.20 -30.96
CA ALA H 208 52.03 35.02 -29.74
C ALA H 208 50.91 34.59 -28.79
N ILE H 209 51.23 34.55 -27.49
CA ILE H 209 50.20 34.27 -26.49
C ILE H 209 49.71 35.60 -25.89
N ASN H 210 48.49 35.96 -26.28
CA ASN H 210 47.93 37.29 -26.07
C ASN H 210 46.59 37.40 -26.79
N ASP H 211 45.94 38.55 -26.68
CA ASP H 211 44.64 38.77 -27.32
C ASP H 211 44.69 38.76 -28.85
N THR H 212 43.68 38.14 -29.43
CA THR H 212 43.47 38.10 -30.88
C THR H 212 42.85 39.39 -31.50
N GLU H 213 41.77 39.94 -30.94
CA GLU H 213 41.10 39.48 -29.73
C GLU H 213 40.03 38.46 -30.04
N GLY H 214 39.91 37.53 -29.10
CA GLY H 214 38.84 36.56 -29.04
C GLY H 214 39.20 35.16 -29.49
N SER H 215 38.68 34.21 -28.73
CA SER H 215 38.26 34.57 -27.37
C SER H 215 39.12 33.85 -26.33
N VAL H 216 39.98 34.58 -25.62
CA VAL H 216 40.36 35.94 -25.98
C VAL H 216 41.83 35.99 -26.50
N ASN H 217 42.86 35.59 -25.73
CA ASN H 217 42.78 34.86 -24.47
C ASN H 217 43.75 35.35 -23.40
N MET H 218 43.16 35.68 -22.25
CA MET H 218 43.86 35.80 -20.98
C MET H 218 45.03 36.79 -20.99
N ILE H 219 44.82 38.12 -20.97
CA ILE H 219 43.57 38.84 -20.64
C ILE H 219 43.05 38.27 -19.32
N ASP H 220 41.91 37.57 -19.37
CA ASP H 220 41.27 37.00 -18.18
C ASP H 220 42.29 36.33 -17.27
N GLU H 221 42.13 36.49 -15.96
CA GLU H 221 40.92 37.07 -15.39
C GLU H 221 41.18 38.17 -14.36
N PRO H 222 41.44 39.40 -14.83
CA PRO H 222 41.34 40.51 -13.88
C PRO H 222 39.87 40.85 -13.75
N ASP H 223 39.12 40.01 -13.06
CA ASP H 223 37.68 40.22 -13.01
C ASP H 223 37.31 41.02 -11.77
N TRP H 224 36.92 42.26 -12.02
CA TRP H 224 36.71 43.22 -10.96
C TRP H 224 35.24 43.29 -10.51
N ASN H 225 34.36 42.62 -11.26
CA ASN H 225 32.92 42.58 -10.98
C ASN H 225 32.46 41.42 -10.11
N LYS H 226 33.33 40.45 -9.88
CA LYS H 226 32.96 39.27 -9.12
C LYS H 226 32.51 39.67 -7.72
N PHE H 227 31.60 38.89 -7.15
CA PHE H 227 31.08 39.18 -5.82
C PHE H 227 31.99 38.67 -4.72
N VAL H 228 32.14 39.48 -3.67
CA VAL H 228 32.90 39.07 -2.50
C VAL H 228 32.16 39.50 -1.26
N PHE H 229 31.99 38.59 -0.31
CA PHE H 229 31.33 38.97 0.95
C PHE H 229 32.19 40.01 1.62
N ILE H 230 31.60 41.11 2.05
CA ILE H 230 32.39 42.11 2.72
C ILE H 230 31.72 42.58 4.00
N HIS H 231 32.54 42.75 5.04
CA HIS H 231 32.09 43.22 6.33
C HIS H 231 32.72 44.57 6.58
N VAL H 232 31.90 45.59 6.82
CA VAL H 232 32.44 46.94 6.87
C VAL H 232 32.96 47.35 8.25
N ASN H 233 34.28 47.59 8.35
CA ASN H 233 34.89 48.11 9.60
C ASN H 233 35.94 49.18 9.39
N GLY H 234 35.95 50.21 10.25
CA GLY H 234 37.03 51.20 10.31
C GLY H 234 36.83 52.41 11.24
N PRO H 235 37.93 53.10 11.62
CA PRO H 235 37.74 54.21 12.58
C PRO H 235 36.87 55.36 12.03
N PRO H 236 35.78 55.69 12.76
CA PRO H 236 34.97 56.87 12.48
C PRO H 236 35.64 58.15 13.00
N ASP H 237 35.42 59.29 12.35
CA ASP H 237 35.91 60.59 12.84
C ASP H 237 34.91 61.18 13.82
N GLY H 238 33.77 60.50 13.96
CA GLY H 238 32.67 61.00 14.76
C GLY H 238 31.53 60.01 14.72
N GLU H 248 35.84 60.97 7.86
CA GLU H 248 36.23 61.20 6.47
C GLU H 248 35.03 61.09 5.56
N ASN H 249 34.62 59.84 5.32
CA ASN H 249 33.64 59.51 4.31
C ASN H 249 32.19 59.37 4.82
N GLU H 250 31.89 59.70 6.08
CA GLU H 250 30.54 59.40 6.62
C GLU H 250 29.51 60.42 6.15
N PHE H 251 28.58 60.01 5.31
CA PHE H 251 27.55 60.92 4.82
C PHE H 251 26.19 60.77 5.49
N GLY H 252 26.09 59.82 6.40
CA GLY H 252 24.83 59.51 7.05
C GLY H 252 24.00 58.64 6.12
N LYS H 253 22.88 58.09 6.59
CA LYS H 253 22.44 58.23 7.97
C LYS H 253 23.33 57.47 8.98
N PRO H 254 23.55 56.13 8.80
CA PRO H 254 24.49 55.60 9.80
C PRO H 254 25.96 56.01 9.65
N CYS H 255 26.49 56.08 8.41
CA CYS H 255 27.95 56.00 8.16
C CYS H 255 28.49 55.76 6.72
N TYR H 256 29.83 55.86 6.59
CA TYR H 256 30.60 55.56 5.35
C TYR H 256 30.30 54.13 4.85
N THR H 257 30.47 53.81 3.56
CA THR H 257 31.10 54.65 2.54
C THR H 257 30.28 54.64 1.25
N VAL H 258 30.65 55.50 0.31
CA VAL H 258 30.24 55.44 -1.10
C VAL H 258 31.15 54.44 -1.84
N THR H 259 30.68 53.34 -2.48
CA THR H 259 29.53 53.09 -3.38
C THR H 259 29.67 53.83 -4.70
N ILE H 260 28.58 54.48 -5.11
CA ILE H 260 28.37 54.94 -6.51
C ILE H 260 28.71 53.81 -7.49
N PRO H 261 27.85 52.76 -7.54
CA PRO H 261 28.06 51.84 -8.64
C PRO H 261 27.77 52.53 -9.97
N ASP H 262 28.33 51.98 -11.04
CA ASP H 262 28.18 52.57 -12.37
C ASP H 262 26.82 52.26 -12.98
N LEU H 263 26.36 51.03 -12.77
CA LEU H 263 25.11 50.53 -13.33
C LEU H 263 23.87 50.96 -12.51
N LYS H 264 24.06 51.17 -11.21
CA LYS H 264 22.96 51.38 -10.27
C LYS H 264 23.18 52.59 -9.33
N GLU H 265 22.11 52.99 -8.63
CA GLU H 265 22.17 54.04 -7.62
C GLU H 265 22.63 53.50 -6.26
N GLU H 266 23.33 54.35 -5.50
CA GLU H 266 23.95 53.97 -4.22
C GLU H 266 22.95 53.37 -3.25
N VAL H 267 23.45 52.44 -2.44
CA VAL H 267 22.64 51.82 -1.38
C VAL H 267 22.43 52.60 -0.05
N GLU H 268 23.45 53.16 0.59
CA GLU H 268 24.82 53.14 0.11
C GLU H 268 25.66 52.07 0.82
N LEU H 269 26.14 52.35 2.01
CA LEU H 269 26.83 51.34 2.80
C LEU H 269 26.60 51.61 4.27
N THR H 270 26.31 50.56 5.03
CA THR H 270 26.16 50.70 6.47
C THR H 270 27.22 49.84 7.13
N ILE H 271 27.80 50.35 8.22
CA ILE H 271 29.02 49.76 8.80
C ILE H 271 28.84 48.52 9.71
N GLY H 272 27.69 48.36 10.35
CA GLY H 272 27.51 47.23 11.23
C GLY H 272 26.96 46.01 10.51
N SER H 273 26.80 46.17 9.20
CA SER H 273 26.18 45.15 8.36
C SER H 273 27.03 44.80 7.15
N ILE H 274 27.22 43.50 6.94
CA ILE H 274 27.94 42.99 5.77
C ILE H 274 27.05 43.05 4.51
N TYR H 275 27.61 43.56 3.42
CA TYR H 275 26.86 43.78 2.18
C TYR H 275 27.60 43.22 0.98
N VAL H 276 27.08 42.22 0.31
CA VAL H 276 27.84 41.68 -0.81
C VAL H 276 27.63 42.48 -2.11
N MET H 277 28.73 42.82 -2.77
CA MET H 277 28.72 43.56 -4.03
C MET H 277 29.90 43.17 -4.91
N ARG H 278 30.09 43.91 -6.00
CA ARG H 278 31.24 43.69 -6.86
C ARG H 278 32.53 44.06 -6.13
N TYR H 279 33.64 43.46 -6.58
CA TYR H 279 34.96 43.80 -6.03
C TYR H 279 35.44 45.16 -6.51
N GLU H 280 34.97 45.62 -7.68
CA GLU H 280 35.54 46.83 -8.26
C GLU H 280 35.10 48.09 -7.55
N VAL H 281 33.82 48.16 -7.22
CA VAL H 281 33.30 49.34 -6.56
C VAL H 281 34.00 49.54 -5.20
N ILE H 282 34.39 48.44 -4.55
CA ILE H 282 34.99 48.50 -3.22
C ILE H 282 36.52 48.48 -3.13
N ARG H 283 37.21 48.35 -4.26
CA ARG H 283 38.67 48.19 -4.27
C ARG H 283 39.39 49.30 -3.50
N ASP H 284 38.87 50.52 -3.58
CA ASP H 284 39.45 51.64 -2.85
C ASP H 284 39.24 51.53 -1.33
N LEU H 285 38.10 50.96 -0.94
CA LEU H 285 37.80 50.71 0.47
C LEU H 285 38.72 49.64 1.01
N LEU H 286 39.04 48.69 0.12
CA LEU H 286 39.98 47.61 0.39
C LEU H 286 41.39 48.14 0.64
N ARG H 287 41.85 49.01 -0.24
CA ARG H 287 43.12 49.73 -0.07
C ARG H 287 43.25 50.37 1.31
N ASP H 288 42.20 51.10 1.72
CA ASP H 288 42.17 51.78 3.01
C ASP H 288 41.96 50.82 4.19
N ASP H 289 41.57 49.58 3.89
CA ASP H 289 41.13 48.60 4.90
C ASP H 289 39.95 49.13 5.70
N LYS H 290 39.02 49.78 5.00
CA LYS H 290 37.82 50.27 5.65
C LYS H 290 36.69 49.25 5.60
N VAL H 291 36.92 48.17 4.87
CA VAL H 291 35.99 47.04 4.89
C VAL H 291 36.74 45.70 4.82
N ALA H 292 36.50 44.84 5.82
CA ALA H 292 37.07 43.50 5.80
C ALA H 292 36.31 42.62 4.81
N LEU H 293 36.93 41.54 4.37
CA LEU H 293 36.24 40.65 3.46
C LEU H 293 35.82 39.37 4.18
N LEU I 3 49.08 25.32 -4.84
CA LEU I 3 47.74 24.96 -5.32
C LEU I 3 46.86 24.47 -4.21
N PRO I 4 46.04 25.36 -3.64
CA PRO I 4 45.21 25.06 -2.46
C PRO I 4 44.22 23.91 -2.69
N ALA I 5 43.96 23.54 -3.94
CA ALA I 5 42.94 22.53 -4.28
C ALA I 5 41.60 22.96 -3.70
N HIS I 6 41.07 22.18 -2.77
CA HIS I 6 39.92 22.60 -1.96
C HIS I 6 40.29 23.85 -1.15
N LEU I 7 39.32 24.74 -0.92
CA LEU I 7 37.98 24.58 -1.46
C LEU I 7 37.73 25.06 -2.93
N GLN I 8 38.45 26.04 -3.48
CA GLN I 8 39.35 26.98 -2.80
C GLN I 8 38.80 28.37 -2.52
N GLN I 9 37.70 28.74 -3.15
CA GLN I 9 37.29 30.15 -3.13
C GLN I 9 36.65 30.52 -1.82
N THR I 10 35.85 29.59 -1.31
CA THR I 10 35.30 29.67 0.03
C THR I 10 36.31 29.15 1.06
N PHE I 11 36.19 29.64 2.30
CA PHE I 11 36.95 29.12 3.44
C PHE I 11 36.57 27.67 3.75
N SER I 12 37.45 26.95 4.43
CA SER I 12 37.11 25.61 4.95
C SER I 12 36.45 25.73 6.32
N PRO I 13 35.48 24.85 6.60
CA PRO I 13 34.79 24.91 7.89
C PRO I 13 35.77 24.91 9.04
N GLU I 14 36.88 24.24 8.85
CA GLU I 14 37.84 24.19 9.91
C GLU I 14 38.53 25.55 10.01
N GLU I 15 38.74 26.20 8.88
CA GLU I 15 39.54 27.41 8.86
C GLU I 15 38.88 28.54 9.61
N ILE I 16 37.57 28.49 9.72
CA ILE I 16 36.88 29.56 10.42
C ILE I 16 36.99 29.35 11.93
N GLN I 17 37.24 28.11 12.35
CA GLN I 17 37.56 27.87 13.76
C GLN I 17 38.99 28.29 14.01
N PHE I 18 39.85 27.96 13.05
CA PHE I 18 41.25 28.38 13.05
C PHE I 18 41.36 29.90 13.24
N ILE I 19 40.42 30.61 12.62
CA ILE I 19 40.26 32.06 12.77
C ILE I 19 39.71 32.46 14.14
N VAL I 20 38.54 31.91 14.51
CA VAL I 20 37.86 32.38 15.71
C VAL I 20 38.67 32.12 16.99
N GLU I 21 39.51 31.09 16.97
CA GLU I 21 40.29 30.76 18.16
C GLU I 21 41.28 31.89 18.45
N ASN I 22 41.40 32.85 17.54
CA ASN I 22 42.24 34.01 17.75
C ASN I 22 41.54 35.08 18.59
N GLU I 23 40.26 34.88 18.87
CA GLU I 23 39.51 35.78 19.76
C GLU I 23 39.79 35.48 21.22
N PRO I 24 40.14 36.51 22.00
CA PRO I 24 40.34 36.30 23.44
C PRO I 24 39.03 36.18 24.26
N ILE I 25 39.08 35.38 25.33
CA ILE I 25 37.98 35.21 26.31
C ILE I 25 38.53 34.96 27.73
N LYS I 26 37.76 35.28 28.76
CA LYS I 26 38.29 35.18 30.12
C LYS I 26 38.48 33.75 30.63
N ILE I 27 39.40 33.57 31.57
CA ILE I 27 39.69 32.26 32.15
C ILE I 27 39.91 32.26 33.67
N PHE I 28 39.76 31.07 34.27
CA PHE I 28 39.98 30.85 35.69
C PHE I 28 41.09 29.83 35.88
N PRO I 29 42.34 30.30 35.95
CA PRO I 29 43.55 29.48 36.08
C PRO I 29 43.67 28.80 37.45
N ARG I 30 44.04 27.52 37.47
CA ARG I 30 44.35 26.85 38.73
C ARG I 30 45.78 27.13 39.17
N ILE I 31 46.63 27.51 38.21
CA ILE I 31 48.05 27.75 38.48
C ILE I 31 48.28 29.07 39.20
N THR I 32 49.45 29.16 39.84
CA THR I 32 49.82 30.36 40.58
C THR I 32 50.92 31.16 39.87
N TRP I 50 59.88 32.41 32.71
CA TRP I 50 59.40 31.29 31.90
C TRP I 50 59.31 31.56 30.37
N GLN I 51 58.83 32.72 29.92
CA GLN I 51 58.12 33.74 30.72
C GLN I 51 56.59 33.51 30.69
N LEU I 52 55.92 33.52 29.54
CA LEU I 52 56.55 33.55 28.22
C LEU I 52 56.02 34.68 27.36
N ILE I 53 56.94 35.29 26.61
CA ILE I 53 56.66 36.42 25.75
C ILE I 53 55.88 35.93 24.53
N THR I 54 56.19 34.70 24.10
CA THR I 54 55.63 34.13 22.87
C THR I 54 55.82 35.15 21.74
N THR I 55 54.75 35.52 21.05
CA THR I 55 54.82 36.64 20.14
C THR I 55 53.64 37.60 20.41
N ASP I 56 52.45 37.16 20.08
CA ASP I 56 51.25 37.99 19.94
C ASP I 56 50.33 38.04 21.19
N ASP I 57 50.75 37.36 22.24
CA ASP I 57 49.90 37.19 23.40
C ASP I 57 49.80 38.44 24.27
N LYS I 58 50.98 38.95 24.67
CA LYS I 58 51.16 40.10 25.58
C LYS I 58 50.97 39.74 27.06
N ALA I 59 50.42 38.54 27.26
CA ALA I 59 50.02 38.03 28.57
C ALA I 59 50.75 36.71 28.85
N LEU I 60 51.05 36.40 30.12
CA LEU I 60 50.63 37.21 31.27
C LEU I 60 51.63 37.12 32.41
N ASN I 61 51.55 38.07 33.33
CA ASN I 61 52.13 37.89 34.66
C ASN I 61 51.50 36.62 35.20
N ASN I 62 52.23 35.90 36.06
CA ASN I 62 51.80 34.56 36.44
C ASN I 62 50.36 34.62 36.93
N MET I 63 49.52 33.84 36.28
CA MET I 63 48.11 33.86 36.53
C MET I 63 47.81 33.44 37.96
N VAL I 64 46.93 34.20 38.60
CA VAL I 64 46.56 33.89 39.97
C VAL I 64 45.35 32.96 39.98
N ALA I 65 45.47 31.89 40.77
CA ALA I 65 44.36 30.97 40.98
C ALA I 65 43.18 31.73 41.59
N MET I 66 41.97 31.30 41.24
CA MET I 66 40.75 31.97 41.65
C MET I 66 40.75 33.45 41.28
N ARG I 67 41.38 33.77 40.15
CA ARG I 67 41.31 35.12 39.60
C ARG I 67 41.10 35.07 38.08
N SER I 68 40.03 35.70 37.63
CA SER I 68 39.73 35.82 36.21
C SER I 68 40.77 36.65 35.50
N THR I 69 40.98 36.34 34.23
CA THR I 69 41.84 37.16 33.38
C THR I 69 41.54 36.94 31.91
N GLU I 70 41.99 37.87 31.08
CA GLU I 70 41.73 37.84 29.64
C GLU I 70 42.89 37.29 28.81
N VAL I 71 42.63 36.19 28.11
CA VAL I 71 43.63 35.57 27.24
C VAL I 71 43.01 35.07 25.94
N VAL I 72 43.85 34.73 24.96
CA VAL I 72 43.37 34.24 23.66
C VAL I 72 42.77 32.84 23.81
N LEU I 73 41.93 32.43 22.87
CA LEU I 73 41.19 31.17 23.01
C LEU I 73 42.02 29.90 22.90
N TRP I 74 42.82 29.77 21.85
CA TRP I 74 43.50 28.50 21.61
C TRP I 74 44.35 28.08 22.81
N ILE I 75 44.84 29.05 23.58
CA ILE I 75 45.60 28.71 24.78
C ILE I 75 44.68 28.27 25.92
N ALA I 76 43.48 28.85 26.00
CA ALA I 76 42.54 28.43 27.03
C ALA I 76 42.17 26.99 26.77
N LEU I 77 41.87 26.69 25.51
CA LEU I 77 41.53 25.33 25.11
C LEU I 77 42.70 24.38 25.42
N LEU I 78 43.89 24.77 25.00
CA LEU I 78 45.12 24.03 25.30
C LEU I 78 45.31 23.70 26.78
N LEU I 79 45.04 24.68 27.64
CA LEU I 79 45.27 24.52 29.06
C LEU I 79 44.07 23.84 29.74
N LYS I 80 42.97 23.76 28.99
CA LYS I 80 41.77 23.04 29.41
C LYS I 80 41.90 21.55 29.14
N GLN I 81 42.62 21.17 28.08
CA GLN I 81 42.85 19.75 27.86
C GLN I 81 43.61 19.18 29.04
N GLN I 82 44.51 19.98 29.59
CA GLN I 82 45.27 19.55 30.76
C GLN I 82 44.50 19.83 32.05
N SER I 83 43.31 20.41 31.90
CA SER I 83 42.44 20.80 33.03
C SER I 83 43.20 21.60 34.09
N LYS I 84 44.09 22.48 33.62
CA LYS I 84 44.82 23.39 34.48
C LYS I 84 44.16 24.77 34.54
N CYS I 85 43.03 24.91 33.84
CA CYS I 85 42.29 26.16 33.83
C CYS I 85 40.81 25.92 33.55
N SER I 86 39.94 26.73 34.15
CA SER I 86 38.50 26.63 33.92
C SER I 86 37.97 27.84 33.16
N ILE I 87 37.62 27.64 31.89
CA ILE I 87 37.11 28.71 31.03
C ILE I 87 35.80 29.28 31.57
N VAL I 88 35.62 30.59 31.45
CA VAL I 88 34.34 31.19 31.80
C VAL I 88 33.36 31.01 30.64
N ALA I 89 32.08 30.90 30.97
CA ALA I 89 31.03 30.92 29.98
C ALA I 89 30.78 32.36 29.52
N PRO I 90 30.61 32.56 28.20
CA PRO I 90 30.25 33.88 27.66
C PRO I 90 28.87 34.32 28.17
N GLN I 91 28.72 35.62 28.43
CA GLN I 91 27.48 36.15 28.95
C GLN I 91 26.34 35.92 27.96
N TRP I 92 26.66 35.85 26.66
CA TRP I 92 25.64 35.60 25.64
C TRP I 92 25.34 34.12 25.46
N LEU I 93 26.16 33.25 26.05
CA LEU I 93 25.85 31.84 25.98
C LEU I 93 25.20 31.50 27.31
N THR I 94 23.88 31.39 27.26
CA THR I 94 23.04 30.99 28.38
C THR I 94 21.69 30.62 27.76
N THR I 95 20.88 29.80 28.42
CA THR I 95 19.56 29.55 27.84
C THR I 95 18.60 30.71 28.16
N LYS I 96 18.72 31.32 29.34
CA LYS I 96 17.82 32.41 29.71
C LYS I 96 18.10 33.64 28.86
N GLU I 97 19.34 33.73 28.38
CA GLU I 97 19.79 34.80 27.53
C GLU I 97 19.33 34.56 26.08
N LEU I 98 19.57 33.35 25.59
CA LEU I 98 19.11 32.91 24.26
C LEU I 98 17.61 33.10 24.07
N ASP I 99 16.86 32.90 25.15
CA ASP I 99 15.41 33.06 25.05
C ASP I 99 15.03 34.45 24.57
N ARG I 100 15.65 35.49 25.09
CA ARG I 100 15.32 36.84 24.63
C ARG I 100 15.69 37.02 23.15
N LYS I 101 16.67 36.21 22.70
CA LYS I 101 17.18 36.30 21.34
C LYS I 101 16.29 35.62 20.31
N ILE I 102 15.78 34.43 20.62
CA ILE I 102 14.80 33.83 19.72
C ILE I 102 13.47 34.56 19.80
N GLN I 103 13.17 35.13 20.98
CA GLN I 103 11.96 35.95 21.10
C GLN I 103 12.07 37.16 20.21
N TYR I 104 13.26 37.77 20.17
CA TYR I 104 13.50 38.95 19.36
C TYR I 104 13.65 38.59 17.87
N GLU I 105 13.97 37.33 17.61
CA GLU I 105 14.13 36.84 16.24
C GLU I 105 12.83 36.41 15.55
N LYS I 106 11.92 35.79 16.28
CA LYS I 106 10.64 35.41 15.71
C LYS I 106 9.87 36.66 15.30
N THR I 107 10.10 37.75 16.04
CA THR I 107 9.29 38.95 15.92
C THR I 107 9.86 40.00 14.95
N HIS I 108 11.00 39.71 14.33
CA HIS I 108 11.52 40.53 13.22
C HIS I 108 11.98 39.64 12.08
N PRO I 109 11.01 39.06 11.36
CA PRO I 109 11.24 38.01 10.35
C PRO I 109 12.24 38.44 9.28
N ASP I 110 12.49 39.74 9.18
CA ASP I 110 13.37 40.32 8.17
C ASP I 110 14.84 40.35 8.62
N ARG I 111 15.10 41.06 9.71
CA ARG I 111 16.45 41.14 10.27
C ARG I 111 16.85 39.94 11.12
N PHE I 112 18.15 39.67 11.16
CA PHE I 112 18.74 38.48 11.77
C PHE I 112 19.20 38.70 13.23
N SER I 113 18.85 39.86 13.75
CA SER I 113 19.24 40.36 15.07
C SER I 113 20.71 40.56 15.33
N GLU I 114 21.12 40.24 16.55
CA GLU I 114 22.45 40.57 17.06
C GLU I 114 23.20 39.29 17.39
N LEU I 115 24.32 39.09 16.72
CA LEU I 115 25.03 37.84 16.82
C LEU I 115 26.49 38.11 17.19
N PRO I 116 27.07 37.24 18.01
CA PRO I 116 28.49 37.30 18.35
C PRO I 116 29.35 37.10 17.11
N TRP I 117 28.72 36.59 16.06
CA TRP I 117 29.27 36.37 14.73
C TRP I 117 30.11 35.08 14.71
N ASN I 118 30.56 34.65 15.89
CA ASN I 118 31.21 33.36 16.00
C ASN I 118 30.29 32.29 16.56
N TRP I 119 29.08 32.68 17.00
CA TRP I 119 28.31 31.87 17.94
C TRP I 119 28.16 30.40 17.58
N LEU I 120 28.07 30.06 16.30
CA LEU I 120 28.01 28.64 15.91
C LEU I 120 29.26 27.89 16.32
N VAL I 121 30.40 28.45 15.95
CA VAL I 121 31.68 27.78 16.12
C VAL I 121 32.15 27.75 17.57
N LEU I 122 31.86 28.80 18.34
CA LEU I 122 32.05 28.74 19.79
C LEU I 122 31.08 27.75 20.41
N ALA I 123 29.91 27.63 19.81
CA ALA I 123 28.93 26.65 20.28
C ALA I 123 29.37 25.22 20.00
N ARG I 124 30.17 25.00 18.96
CA ARG I 124 30.72 23.68 18.79
C ARG I 124 31.90 23.47 19.72
N ILE I 125 32.80 24.44 19.74
CA ILE I 125 34.06 24.30 20.46
C ILE I 125 33.91 24.20 21.98
N LEU I 126 33.21 25.14 22.59
CA LEU I 126 33.13 25.17 24.05
C LEU I 126 32.32 24.03 24.65
N PHE I 127 31.59 23.30 23.81
CA PHE I 127 30.79 22.15 24.25
C PHE I 127 31.55 20.81 24.27
N ASN I 128 32.67 20.74 23.56
CA ASN I 128 33.44 19.51 23.47
C ASN I 128 34.18 19.17 24.75
N LYS I 129 34.74 20.19 25.35
CA LYS I 129 35.55 19.98 26.53
C LYS I 129 34.96 20.72 27.73
N ALA I 130 34.88 22.03 27.62
CA ALA I 130 34.45 22.94 28.68
C ALA I 130 33.05 22.65 29.26
N LYS I 131 32.33 21.72 28.63
CA LYS I 131 30.92 21.46 28.92
C LYS I 131 30.58 21.33 30.41
N ASP I 132 31.50 20.78 31.18
CA ASP I 132 31.22 20.57 32.60
C ASP I 132 31.36 21.86 33.41
N ASP I 133 31.93 22.90 32.80
CA ASP I 133 32.07 24.19 33.46
C ASP I 133 30.78 25.00 33.44
N PHE I 134 30.00 24.85 32.38
CA PHE I 134 28.77 25.63 32.25
C PHE I 134 27.78 25.24 33.33
N HIS I 135 27.01 26.23 33.77
CA HIS I 135 25.87 26.00 34.63
C HIS I 135 24.67 25.65 33.73
N ASP I 136 24.09 24.48 34.00
CA ASP I 136 23.00 23.91 33.19
C ASP I 136 23.31 23.81 31.67
N PRO I 137 24.48 23.24 31.32
CA PRO I 137 24.85 23.01 29.92
C PRO I 137 24.03 21.90 29.29
N ILE I 138 23.57 20.98 30.14
CA ILE I 138 23.07 19.73 29.62
C ILE I 138 21.70 19.88 29.00
N HIS I 139 21.58 19.30 27.81
CA HIS I 139 20.34 19.05 27.09
C HIS I 139 19.50 20.29 26.98
N GLU I 140 20.14 21.44 27.04
CA GLU I 140 19.40 22.67 27.13
C GLU I 140 19.87 23.63 26.08
N LEU I 141 21.07 24.16 26.29
CA LEU I 141 21.63 25.09 25.36
C LEU I 141 21.76 24.47 24.02
N ARG I 142 22.23 23.23 23.92
CA ARG I 142 22.34 22.63 22.61
C ARG I 142 20.96 22.59 21.96
N GLY I 143 19.93 22.33 22.74
CA GLY I 143 18.57 22.41 22.21
C GLY I 143 18.20 23.82 21.76
N LYS I 144 18.72 24.82 22.45
CA LYS I 144 18.46 26.22 22.14
C LYS I 144 19.18 26.70 20.88
N ILE I 145 20.49 26.51 20.82
CA ILE I 145 21.23 26.93 19.64
C ILE I 145 20.98 26.03 18.46
N GLN I 146 20.50 24.81 18.65
CA GLN I 146 20.22 24.03 17.46
C GLN I 146 18.95 24.54 16.89
N ASP I 147 18.18 25.21 17.73
CA ASP I 147 16.99 25.88 17.25
C ASP I 147 17.25 27.23 16.60
N LEU I 148 18.02 28.08 17.28
CA LEU I 148 18.33 29.39 16.77
C LEU I 148 19.12 29.20 15.49
N ARG I 149 19.75 28.05 15.35
CA ARG I 149 20.37 27.69 14.07
C ARG I 149 19.36 26.97 13.20
N GLU I 150 18.10 26.96 13.58
CA GLU I 150 17.12 26.50 12.59
C GLU I 150 16.31 27.64 11.96
N ILE I 151 15.55 28.35 12.77
CA ILE I 151 14.68 29.38 12.22
C ILE I 151 15.50 30.44 11.50
N ARG I 152 16.74 30.61 11.92
CA ARG I 152 17.61 31.55 11.27
C ARG I 152 18.03 31.04 9.90
N GLN I 153 18.23 29.74 9.79
CA GLN I 153 18.63 29.21 8.51
C GLN I 153 17.49 29.29 7.49
N ILE I 154 16.28 28.92 7.89
CA ILE I 154 15.16 29.00 6.94
C ILE I 154 14.85 30.45 6.63
N LYS I 155 15.08 31.33 7.59
CA LYS I 155 14.88 32.74 7.32
C LYS I 155 15.89 33.22 6.30
N VAL I 156 17.09 32.66 6.32
CA VAL I 156 18.05 32.94 5.25
C VAL I 156 17.54 32.37 3.91
N LEU I 157 17.00 31.16 3.88
CA LEU I 157 16.58 30.62 2.59
C LEU I 157 15.34 31.39 2.07
N LYS I 158 14.53 31.98 2.94
CA LYS I 158 13.36 32.73 2.47
C LYS I 158 13.69 34.20 2.25
N GLY I 159 14.85 34.63 2.73
CA GLY I 159 15.33 35.97 2.46
C GLY I 159 16.18 35.95 1.21
N LEU I 160 16.54 34.75 0.79
CA LEU I 160 17.37 34.54 -0.38
C LEU I 160 16.54 34.54 -1.67
N LYS I 161 15.24 34.72 -1.60
CA LYS I 161 14.49 34.75 -2.85
C LYS I 161 14.61 36.12 -3.51
N TYR I 162 14.95 37.11 -2.69
CA TYR I 162 14.90 38.52 -3.08
C TYR I 162 16.19 38.93 -3.78
N LEU I 163 17.02 37.94 -4.09
CA LEU I 163 18.33 38.15 -4.71
C LEU I 163 18.35 39.06 -5.94
N ASN I 164 19.23 40.06 -5.90
CA ASN I 164 19.40 40.98 -7.02
C ASN I 164 20.81 41.52 -7.07
N GLU I 165 21.25 41.92 -8.25
CA GLU I 165 22.56 42.53 -8.39
C GLU I 165 22.47 44.01 -8.67
N SER I 166 23.35 44.73 -8.01
CA SER I 166 24.14 44.08 -6.99
C SER I 166 23.83 44.73 -5.68
N HIS I 167 23.11 44.01 -4.85
CA HIS I 167 23.03 44.31 -3.45
C HIS I 167 22.44 43.12 -2.70
N LEU I 168 22.80 42.99 -1.43
CA LEU I 168 22.12 42.14 -0.46
C LEU I 168 22.40 42.72 0.93
N GLN I 169 21.39 42.72 1.80
CA GLN I 169 21.64 42.93 3.21
C GLN I 169 21.60 41.57 3.85
N LEU I 170 22.75 41.09 4.31
CA LEU I 170 22.80 39.88 5.11
C LEU I 170 22.93 40.22 6.58
N ASP I 171 22.95 41.53 6.86
CA ASP I 171 22.95 42.10 8.21
C ASP I 171 23.88 41.35 9.13
N ASN I 172 23.38 40.99 10.29
CA ASN I 172 24.20 40.24 11.22
C ASN I 172 24.03 38.74 11.00
N LEU I 173 25.14 38.12 10.61
CA LEU I 173 25.12 36.76 10.12
C LEU I 173 26.43 36.07 10.56
N SER I 174 26.35 34.81 10.98
CA SER I 174 27.53 34.10 11.47
C SER I 174 28.54 33.81 10.37
N LEU I 175 29.80 33.62 10.76
CA LEU I 175 30.91 33.38 9.84
C LEU I 175 30.76 32.02 9.15
N LEU I 176 30.18 31.10 9.90
CA LEU I 176 29.96 29.75 9.43
C LEU I 176 28.82 29.73 8.43
N GLU I 177 27.79 30.53 8.74
CA GLU I 177 26.60 30.65 7.89
C GLU I 177 26.95 31.31 6.55
N ILE I 178 27.81 32.32 6.62
CA ILE I 178 28.44 32.93 5.46
C ILE I 178 29.17 31.90 4.60
N ASN I 179 30.06 31.17 5.26
CA ASN I 179 30.91 30.14 4.63
C ASN I 179 30.17 28.95 3.99
N GLU I 180 29.07 28.52 4.58
CA GLU I 180 28.33 27.40 4.00
C GLU I 180 27.71 27.80 2.67
N LEU I 181 26.98 28.92 2.63
CA LEU I 181 26.23 29.30 1.44
C LEU I 181 27.00 30.16 0.43
N ARG I 182 28.20 30.60 0.80
CA ARG I 182 29.05 31.44 -0.05
C ARG I 182 29.21 31.00 -1.50
N PRO I 183 29.60 29.73 -1.75
CA PRO I 183 29.83 29.37 -3.15
C PRO I 183 28.58 29.54 -3.99
N PHE I 184 27.44 29.37 -3.35
CA PHE I 184 26.15 29.34 -4.01
C PHE I 184 25.72 30.71 -4.43
N ILE I 185 25.51 31.56 -3.45
CA ILE I 185 25.24 32.96 -3.70
C ILE I 185 26.29 33.57 -4.63
N THR I 186 27.56 33.66 -4.21
CA THR I 186 28.57 34.29 -5.07
C THR I 186 28.88 33.47 -6.31
N GLU I 187 28.22 32.35 -6.54
CA GLU I 187 28.29 31.79 -7.89
C GLU I 187 27.09 32.28 -8.74
N ILE I 188 25.85 31.96 -8.36
CA ILE I 188 24.71 32.37 -9.18
C ILE I 188 24.54 33.88 -9.25
N MET I 189 25.23 34.64 -8.40
CA MET I 189 25.33 36.08 -8.63
C MET I 189 26.24 36.33 -9.80
N ASP I 190 27.19 35.42 -9.98
CA ASP I 190 28.10 35.55 -11.08
C ASP I 190 27.55 34.91 -12.35
N LYS I 191 26.48 34.12 -12.30
CA LYS I 191 25.73 33.89 -13.54
C LYS I 191 24.71 35.01 -13.79
N LEU I 192 24.08 35.51 -12.73
CA LEU I 192 23.01 36.49 -12.87
C LEU I 192 23.49 37.86 -13.32
N ARG I 193 24.42 38.41 -12.57
CA ARG I 193 24.90 39.75 -12.86
C ARG I 193 25.67 39.72 -14.15
N GLU I 194 26.12 38.53 -14.51
CA GLU I 194 26.91 38.39 -15.70
C GLU I 194 26.12 38.63 -16.98
N ILE I 195 24.88 38.16 -17.07
CA ILE I 195 24.04 38.46 -18.25
C ILE I 195 23.63 39.93 -18.24
N HIS I 196 23.32 40.44 -17.06
CA HIS I 196 22.65 41.72 -16.94
C HIS I 196 23.59 42.89 -17.14
N THR I 197 24.81 42.78 -16.63
CA THR I 197 25.81 43.80 -16.90
C THR I 197 26.04 43.81 -18.39
N ALA I 198 26.06 42.62 -18.97
CA ALA I 198 26.53 42.47 -20.34
C ALA I 198 25.42 42.71 -21.37
N SER I 199 24.17 42.78 -20.96
CA SER I 199 23.07 43.02 -21.90
C SER I 199 22.76 44.51 -22.15
N LEU I 200 23.37 45.43 -21.38
CA LEU I 200 23.16 46.86 -21.63
C LEU I 200 24.16 47.42 -22.68
N MET J 1 31.79 18.75 -37.86
CA MET J 1 32.61 17.84 -38.66
C MET J 1 33.98 18.43 -38.94
N TYR J 2 34.00 19.74 -39.07
CA TYR J 2 35.21 20.46 -39.37
C TYR J 2 36.14 20.52 -38.13
N GLY J 3 35.65 21.06 -37.03
CA GLY J 3 36.51 21.20 -35.86
C GLY J 3 36.11 20.31 -34.70
N ASP J 4 35.21 19.37 -34.97
CA ASP J 4 34.51 18.61 -33.93
C ASP J 4 35.37 17.64 -33.09
N LEU J 5 36.48 17.17 -33.66
CA LEU J 5 37.37 16.25 -32.94
C LEU J 5 37.89 16.86 -31.65
N GLY J 6 38.03 18.18 -31.66
CA GLY J 6 38.43 18.92 -30.49
C GLY J 6 37.33 18.93 -29.45
N ASN J 7 36.08 18.99 -29.91
CA ASN J 7 34.94 18.95 -29.00
C ASN J 7 34.86 17.61 -28.31
N LYS J 8 35.17 16.55 -29.06
CA LYS J 8 35.22 15.21 -28.48
C LYS J 8 36.40 15.06 -27.50
N LEU J 9 37.53 15.67 -27.86
CA LEU J 9 38.71 15.61 -27.00
C LEU J 9 38.46 16.32 -25.67
N VAL J 10 37.89 17.51 -25.72
CA VAL J 10 37.63 18.23 -24.47
C VAL J 10 36.50 17.53 -23.73
N LEU J 11 35.59 16.92 -24.47
CA LEU J 11 34.55 16.10 -23.87
C LEU J 11 35.18 15.00 -23.01
N GLU J 12 36.28 14.44 -23.52
CA GLU J 12 37.08 13.45 -22.77
C GLU J 12 37.87 14.11 -21.64
N ALA J 13 38.25 15.36 -21.84
CA ALA J 13 39.00 16.09 -20.82
C ALA J 13 38.13 16.23 -19.59
N LYS J 14 36.84 16.42 -19.83
CA LYS J 14 35.86 16.63 -18.78
C LYS J 14 35.82 15.49 -17.76
N ARG J 15 35.95 14.26 -18.25
CA ARG J 15 35.82 13.09 -17.38
C ARG J 15 36.99 12.98 -16.38
N THR J 16 38.13 13.61 -16.67
CA THR J 16 39.21 13.60 -15.67
C THR J 16 38.92 14.58 -14.55
N LYS J 17 38.15 15.61 -14.86
CA LYS J 17 37.70 16.54 -13.85
C LYS J 17 36.66 15.87 -13.00
N GLN J 18 35.81 15.09 -13.65
CA GLN J 18 34.88 14.23 -12.93
C GLN J 18 35.61 13.26 -11.99
N LEU J 19 36.79 12.80 -12.40
CA LEU J 19 37.58 11.89 -11.57
C LEU J 19 38.40 12.61 -10.50
N TYR J 20 38.55 13.92 -10.65
CA TYR J 20 39.20 14.74 -9.64
C TYR J 20 38.20 15.46 -8.73
N ALA J 21 36.92 15.31 -9.02
CA ALA J 21 35.91 16.17 -8.42
C ALA J 21 35.48 15.75 -7.01
N ARG J 22 34.67 14.69 -6.91
CA ARG J 22 34.05 14.26 -5.64
C ARG J 22 34.99 13.61 -4.59
N SER J 23 35.88 12.68 -4.98
CA SER J 23 35.97 12.11 -6.32
C SER J 23 35.96 10.56 -6.30
N ASN J 24 36.96 9.91 -5.70
CA ASN J 24 37.89 10.45 -4.71
C ASN J 24 39.25 10.58 -5.33
N GLN J 25 40.07 11.49 -4.82
CA GLN J 25 41.26 11.85 -5.60
C GLN J 25 42.41 10.85 -5.30
N ASP J 26 42.57 9.87 -6.19
CA ASP J 26 43.71 8.99 -6.08
C ASP J 26 44.76 9.29 -7.15
N VAL J 27 44.51 10.32 -7.97
CA VAL J 27 45.13 10.56 -9.29
C VAL J 27 44.78 9.40 -10.25
N ASN J 28 45.76 8.70 -10.82
CA ASN J 28 45.51 7.59 -11.74
C ASN J 28 44.74 7.99 -13.01
N LEU J 29 45.26 9.02 -13.68
CA LEU J 29 44.81 9.40 -15.03
C LEU J 29 45.02 8.23 -15.99
N PRO J 30 44.04 7.98 -16.89
CA PRO J 30 44.18 6.77 -17.71
C PRO J 30 45.43 6.78 -18.59
N MET J 31 45.68 7.90 -19.27
CA MET J 31 46.77 8.06 -20.22
C MET J 31 46.64 9.43 -20.84
N TYR J 32 47.71 9.92 -21.43
CA TYR J 32 47.69 11.13 -22.26
C TYR J 32 47.43 10.66 -23.69
N HIS J 33 46.49 11.26 -24.42
CA HIS J 33 46.24 10.76 -25.77
C HIS J 33 47.14 11.47 -26.77
N GLU J 34 48.13 10.72 -27.23
CA GLU J 34 49.04 11.16 -28.27
C GLU J 34 48.48 10.91 -29.67
N ASP J 35 47.73 9.83 -29.81
CA ASP J 35 47.17 9.41 -31.09
C ASP J 35 46.15 10.39 -31.62
N ILE J 36 45.13 10.66 -30.80
CA ILE J 36 44.00 11.48 -31.22
C ILE J 36 44.48 12.90 -31.50
N ILE J 37 45.45 13.37 -30.72
CA ILE J 37 45.97 14.70 -30.94
C ILE J 37 46.88 14.69 -32.15
N ARG J 38 47.47 13.53 -32.47
CA ARG J 38 48.22 13.40 -33.71
C ARG J 38 47.26 13.56 -34.89
N ASN J 39 46.08 12.96 -34.77
CA ASN J 39 45.03 13.16 -35.77
C ASN J 39 44.71 14.62 -35.92
N ILE J 40 44.55 15.29 -34.77
CA ILE J 40 44.28 16.73 -34.77
C ILE J 40 45.40 17.51 -35.46
N LEU J 41 46.65 17.12 -35.23
CA LEU J 41 47.79 17.85 -35.77
C LEU J 41 47.93 17.62 -37.28
N LYS J 42 47.60 16.42 -37.72
CA LYS J 42 47.59 16.12 -39.15
C LYS J 42 46.48 16.90 -39.85
N GLU J 43 45.32 16.97 -39.20
CA GLU J 43 44.19 17.74 -39.69
C GLU J 43 44.54 19.24 -39.79
N VAL J 44 45.22 19.76 -38.78
CA VAL J 44 45.54 21.19 -38.75
C VAL J 44 46.67 21.50 -39.74
N SER J 45 47.59 20.56 -39.92
CA SER J 45 48.65 20.72 -40.91
C SER J 45 48.05 20.74 -42.29
N ASN J 46 47.08 19.85 -42.51
CA ASN J 46 46.27 19.86 -43.72
C ASN J 46 45.76 21.27 -43.93
N LEU J 47 45.08 21.77 -42.91
CA LEU J 47 44.50 23.10 -42.94
C LEU J 47 45.49 24.18 -43.36
N ARG J 48 46.61 24.31 -42.64
CA ARG J 48 47.53 25.41 -42.89
C ARG J 48 48.25 25.23 -44.22
N LYS J 49 48.36 23.99 -44.68
CA LYS J 49 48.92 23.68 -45.99
C LYS J 49 48.00 24.22 -47.10
N ASN J 50 46.71 23.94 -46.98
CA ASN J 50 45.75 24.50 -47.92
C ASN J 50 45.70 26.01 -47.78
N THR J 51 46.03 26.50 -46.59
CA THR J 51 46.01 27.94 -46.30
C THR J 51 47.11 28.70 -47.02
N GLU J 52 48.34 28.20 -46.93
CA GLU J 52 49.47 28.81 -47.65
C GLU J 52 49.37 28.53 -49.16
N TYR J 53 48.75 27.40 -49.51
CA TYR J 53 48.52 27.11 -50.92
C TYR J 53 47.59 28.15 -51.53
N LEU J 54 46.48 28.40 -50.84
CA LEU J 54 45.51 29.39 -51.29
C LEU J 54 46.07 30.80 -51.13
N LYS J 55 47.05 30.95 -50.24
CA LYS J 55 47.74 32.22 -50.02
C LYS J 55 48.67 32.50 -51.20
N GLU J 56 49.11 31.44 -51.84
CA GLU J 56 49.85 31.53 -53.08
C GLU J 56 48.88 31.79 -54.24
N GLN J 57 47.69 31.20 -54.15
CA GLN J 57 46.68 31.26 -55.21
C GLN J 57 46.01 32.63 -55.35
N GLN J 58 45.88 33.36 -54.25
CA GLN J 58 45.35 34.73 -54.31
C GLN J 58 46.32 35.66 -55.03
N GLN J 59 47.62 35.35 -54.89
CA GLN J 59 48.73 36.08 -55.50
C GLN J 59 48.68 35.96 -57.02
N LEU J 60 48.13 34.85 -57.49
CA LEU J 60 47.96 34.59 -58.92
C LEU J 60 46.50 34.59 -59.36
N GLY J 61 45.81 33.51 -59.01
CA GLY J 61 44.50 33.20 -59.58
C GLY J 61 43.32 33.96 -59.01
N MET J 62 43.25 34.07 -57.68
CA MET J 62 42.09 34.68 -57.04
C MET J 62 42.04 36.17 -57.28
N LEU J 63 43.22 36.79 -57.37
CA LEU J 63 43.33 38.21 -57.69
C LEU J 63 42.57 39.09 -56.70
N ASP J 64 42.71 38.79 -55.41
CA ASP J 64 42.05 39.54 -54.33
C ASP J 64 40.53 39.59 -54.49
N ASP J 65 39.90 38.42 -54.56
CA ASP J 65 38.45 38.34 -54.61
C ASP J 65 37.86 38.59 -53.22
N LYS J 66 36.64 39.14 -53.19
CA LYS J 66 35.92 39.35 -51.93
C LYS J 66 35.72 38.03 -51.19
N VAL J 67 35.50 36.95 -51.95
CA VAL J 67 35.26 35.62 -51.38
C VAL J 67 36.51 35.06 -50.70
N ALA J 68 37.67 35.25 -51.32
CA ALA J 68 38.95 34.72 -50.84
C ALA J 68 39.12 34.96 -49.34
N LYS J 69 38.77 36.18 -48.93
CA LYS J 69 38.93 36.65 -47.57
C LYS J 69 38.42 35.59 -46.59
N CYS J 70 37.24 35.05 -46.88
CA CYS J 70 36.57 34.04 -46.07
C CYS J 70 37.45 32.85 -45.67
N GLN J 71 38.13 32.26 -46.64
CA GLN J 71 39.02 31.13 -46.37
C GLN J 71 40.07 31.50 -45.31
N TYR J 72 40.69 32.66 -45.45
CA TYR J 72 41.70 33.15 -44.48
C TYR J 72 41.07 33.58 -43.17
N PHE J 73 39.75 33.64 -43.17
CA PHE J 73 39.01 34.06 -42.00
C PHE J 73 38.48 32.84 -41.27
N VAL J 74 37.58 32.13 -41.94
CA VAL J 74 36.93 30.96 -41.36
C VAL J 74 37.92 29.87 -40.97
N THR J 75 38.70 29.41 -41.95
CA THR J 75 39.63 28.31 -41.70
C THR J 75 40.65 28.71 -40.63
N LEU J 76 41.05 29.99 -40.65
CA LEU J 76 41.90 30.53 -39.60
C LEU J 76 41.29 30.26 -38.24
N LEU J 77 40.01 30.57 -38.10
CA LEU J 77 39.29 30.28 -36.86
C LEU J 77 39.49 28.83 -36.44
N CYS J 78 39.40 27.91 -37.40
CA CYS J 78 39.56 26.50 -37.10
C CYS J 78 40.90 26.24 -36.42
N MET J 79 41.96 26.88 -36.92
CA MET J 79 43.27 26.75 -36.30
C MET J 79 43.11 27.08 -34.83
N GLU J 80 42.57 28.27 -34.56
CA GLU J 80 42.26 28.73 -33.21
C GLU J 80 41.46 27.72 -32.41
N ARG J 81 40.40 27.19 -33.01
CA ARG J 81 39.62 26.13 -32.39
C ARG J 81 40.50 24.98 -31.88
N ASN J 82 41.35 24.44 -32.75
CA ASN J 82 42.22 23.35 -32.30
C ASN J 82 43.02 23.85 -31.11
N LYS J 83 43.60 25.05 -31.26
CA LYS J 83 44.33 25.66 -30.15
C LYS J 83 43.46 25.73 -28.90
N ARG J 84 42.23 26.22 -29.06
CA ARG J 84 41.30 26.34 -27.94
C ARG J 84 41.08 25.00 -27.25
N CYS J 85 41.07 23.94 -28.06
CA CYS J 85 41.01 22.60 -27.48
C CYS J 85 42.35 22.27 -26.86
N LEU J 86 43.41 22.39 -27.67
CA LEU J 86 44.70 21.79 -27.34
C LEU J 86 45.28 22.31 -26.05
N LEU J 87 45.08 23.59 -25.80
CA LEU J 87 45.53 24.19 -24.56
C LEU J 87 44.59 23.88 -23.42
N ALA J 88 43.28 23.95 -23.68
CA ALA J 88 42.29 23.67 -22.65
C ALA J 88 42.49 22.30 -22.03
N TYR J 89 42.71 21.30 -22.89
CA TYR J 89 43.09 19.96 -22.46
C TYR J 89 44.37 20.06 -21.65
N GLN J 90 45.39 20.66 -22.28
CA GLN J 90 46.72 20.63 -21.73
C GLN J 90 46.81 21.30 -20.38
N ARG J 91 46.22 22.48 -20.24
CA ARG J 91 46.27 23.15 -18.95
C ARG J 91 45.56 22.30 -17.92
N LEU J 92 44.48 21.66 -18.32
CA LEU J 92 43.76 20.78 -17.42
C LEU J 92 44.70 19.70 -16.88
N ARG J 93 45.54 19.20 -17.78
CA ARG J 93 46.49 18.18 -17.44
C ARG J 93 47.55 18.70 -16.49
N THR J 94 47.89 19.97 -16.61
CA THR J 94 48.89 20.55 -15.72
C THR J 94 48.26 20.89 -14.38
N ASP J 95 46.95 21.10 -14.38
CA ASP J 95 46.27 21.44 -13.15
C ASP J 95 46.13 20.19 -12.28
N ILE J 96 45.80 19.06 -12.90
CA ILE J 96 45.71 17.78 -12.19
C ILE J 96 47.10 17.32 -11.74
N LEU J 97 48.13 17.93 -12.31
CA LEU J 97 49.49 17.47 -12.13
C LEU J 97 50.24 18.25 -11.08
N ASP J 98 50.39 19.55 -11.29
CA ASP J 98 51.19 20.35 -10.37
C ASP J 98 50.67 20.27 -8.94
N SER J 99 49.35 20.29 -8.76
CA SER J 99 48.75 20.11 -7.45
C SER J 99 49.26 18.84 -6.76
N MET J 100 49.40 17.77 -7.52
CA MET J 100 49.91 16.50 -7.02
C MET J 100 51.36 16.66 -6.56
N ALA J 101 52.11 17.41 -7.35
CA ALA J 101 53.47 17.74 -6.99
C ALA J 101 53.49 18.64 -5.75
N TRP J 102 52.35 19.24 -5.43
CA TRP J 102 52.26 20.11 -4.28
C TRP J 102 51.97 19.36 -3.02
N ASN J 103 50.75 18.82 -2.94
CA ASN J 103 50.27 18.20 -1.71
C ASN J 103 51.22 17.07 -1.26
N ASN J 104 51.61 16.16 -2.14
CA ASN J 104 52.83 15.41 -1.82
C ASN J 104 54.00 15.58 -2.78
N ASN J 105 54.92 16.47 -2.39
CA ASN J 105 56.31 16.10 -2.21
C ASN J 105 56.41 16.30 -0.71
N GLY J 106 56.12 15.27 0.08
CA GLY J 106 56.39 13.89 -0.20
C GLY J 106 57.19 13.01 0.76
N LEU J 107 57.32 13.35 2.05
CA LEU J 107 57.50 14.68 2.66
C LEU J 107 58.32 14.56 3.94
N ASP J 108 59.61 14.89 3.96
CA ASP J 108 60.23 15.31 5.20
C ASP J 108 61.35 16.38 4.95
N LEU J 109 62.54 16.09 4.35
CA LEU J 109 63.08 14.88 3.66
C LEU J 109 62.15 14.30 2.58
N MET J 110 62.07 15.01 1.46
CA MET J 110 61.23 14.62 0.32
C MET J 110 61.36 13.13 -0.10
N SER J 111 62.56 12.52 -0.12
CA SER J 111 63.89 13.16 -0.22
C SER J 111 64.32 13.19 -1.70
N SER J 112 63.54 12.47 -2.51
CA SER J 112 63.70 12.40 -3.96
C SER J 112 62.31 12.11 -4.55
N ILE J 113 62.08 12.44 -5.81
CA ILE J 113 60.76 12.15 -6.41
C ILE J 113 60.83 10.80 -7.07
N THR J 114 60.15 9.83 -6.44
CA THR J 114 60.19 8.42 -6.82
C THR J 114 58.93 7.68 -6.34
N PHE J 115 58.49 6.68 -7.11
CA PHE J 115 57.39 5.76 -6.75
C PHE J 115 56.02 6.48 -6.71
N SER J 116 56.06 7.80 -6.72
CA SER J 116 54.86 8.63 -6.75
C SER J 116 54.25 8.60 -8.15
N GLN J 117 52.98 9.00 -8.27
CA GLN J 117 52.31 9.23 -9.57
C GLN J 117 52.18 7.99 -10.44
N GLN J 118 51.26 7.12 -10.04
CA GLN J 118 51.04 5.80 -10.65
C GLN J 118 51.00 5.81 -12.17
N ASP J 119 50.67 6.96 -12.74
CA ASP J 119 50.74 7.15 -14.19
C ASP J 119 52.11 6.81 -14.74
N THR J 120 53.16 7.26 -14.05
CA THR J 120 54.54 6.91 -14.40
C THR J 120 54.85 7.11 -15.89
N ASN J 121 55.22 6.01 -16.54
CA ASN J 121 55.61 6.05 -17.95
C ASN J 121 54.42 6.10 -18.91
N ASN J 122 53.26 5.66 -18.44
CA ASN J 122 52.04 5.66 -19.25
C ASN J 122 51.64 7.07 -19.69
N LEU J 123 51.81 8.02 -18.78
CA LEU J 123 51.70 9.44 -19.08
C LEU J 123 52.90 9.87 -19.93
N SER J 124 52.71 10.85 -20.82
CA SER J 124 53.76 11.23 -21.80
C SER J 124 55.04 11.77 -21.16
N HIS J 125 56.19 11.46 -21.76
CA HIS J 125 57.48 11.87 -21.21
C HIS J 125 57.67 13.39 -21.35
N GLN J 126 56.93 14.00 -22.27
CA GLN J 126 56.98 15.43 -22.50
C GLN J 126 56.44 16.21 -21.29
N GLU J 127 55.45 15.60 -20.63
CA GLU J 127 54.86 16.15 -19.42
C GLU J 127 55.75 15.89 -18.21
N GLN J 128 56.43 14.75 -18.24
CA GLN J 128 57.27 14.29 -17.14
C GLN J 128 58.53 15.13 -17.04
N GLU J 129 59.00 15.63 -18.18
CA GLU J 129 60.14 16.54 -18.18
C GLU J 129 59.76 17.89 -17.56
N TYR J 130 58.61 18.38 -17.98
CA TYR J 130 57.97 19.53 -17.36
C TYR J 130 57.80 19.35 -15.85
N LEU J 131 57.43 18.14 -15.47
CA LEU J 131 57.09 17.79 -14.10
C LEU J 131 58.34 17.81 -13.24
N LYS J 132 59.36 17.08 -13.67
CA LYS J 132 60.60 17.00 -12.92
C LYS J 132 61.23 18.39 -12.88
N GLU J 133 61.08 19.14 -13.96
CA GLU J 133 61.59 20.51 -13.98
C GLU J 133 60.79 21.39 -13.04
N TYR J 134 59.54 21.02 -12.82
CA TYR J 134 58.65 21.78 -11.98
C TYR J 134 58.91 21.53 -10.50
N CYS J 135 59.17 20.28 -10.12
CA CYS J 135 59.49 19.99 -8.73
C CYS J 135 60.91 20.49 -8.43
N ASP J 136 61.77 20.48 -9.44
CA ASP J 136 63.06 21.17 -9.37
C ASP J 136 62.83 22.67 -9.20
N LEU J 137 61.73 23.15 -9.76
CA LEU J 137 61.37 24.56 -9.68
C LEU J 137 60.90 24.93 -8.28
N ILE J 138 60.20 23.98 -7.64
CA ILE J 138 59.67 24.22 -6.31
C ILE J 138 60.73 23.97 -5.21
N THR J 139 61.78 23.22 -5.54
CA THR J 139 62.91 23.01 -4.61
C THR J 139 63.60 24.32 -4.24
N ASP J 140 63.55 25.28 -5.16
CA ASP J 140 64.12 26.60 -4.93
C ASP J 140 63.25 27.40 -3.96
N LEU J 141 61.94 27.22 -4.05
CA LEU J 141 61.00 27.85 -3.13
C LEU J 141 61.17 27.26 -1.74
N LYS J 142 61.40 25.95 -1.71
CA LYS J 142 61.78 25.23 -0.49
C LYS J 142 63.08 25.82 0.07
N SER J 143 63.96 26.30 -0.82
CA SER J 143 65.28 26.78 -0.42
C SER J 143 65.34 28.28 -0.07
N GLY J 144 64.26 29.00 -0.33
CA GLY J 144 64.18 30.40 0.08
C GLY J 144 63.76 30.56 1.54
N ASP J 145 63.04 29.55 2.05
CA ASP J 145 62.43 29.58 3.38
C ASP J 145 62.82 28.33 4.20
N LEU J 146 63.31 28.43 5.45
CA LEU J 146 63.39 29.60 6.37
C LEU J 146 61.99 30.06 6.80
N VAL J 147 61.18 29.06 7.13
CA VAL J 147 59.86 29.21 7.76
C VAL J 147 59.84 28.45 9.11
N ASP J 148 60.15 27.14 9.16
CA ASP J 148 60.52 26.29 8.03
C ASP J 148 59.30 25.70 7.32
N ILE J 149 59.50 25.38 6.05
CA ILE J 149 58.46 24.77 5.22
C ILE J 149 59.03 23.50 4.57
N ASP J 150 58.31 22.36 4.55
CA ASP J 150 56.95 22.11 5.06
C ASP J 150 55.83 22.96 4.46
N LEU J 151 56.08 23.53 3.28
CA LEU J 151 55.04 24.29 2.62
C LEU J 151 54.12 23.24 2.03
N SER J 152 54.73 22.15 1.57
CA SER J 152 54.01 21.07 0.88
C SER J 152 52.93 20.48 1.77
N GLY J 153 53.18 20.51 3.07
CA GLY J 153 52.25 19.93 4.02
C GLY J 153 51.48 20.96 4.80
N SER J 154 50.65 20.47 5.71
CA SER J 154 49.91 21.29 6.65
C SER J 154 49.02 22.29 5.92
N LEU J 155 48.20 21.75 5.04
CA LEU J 155 47.13 22.51 4.44
C LEU J 155 45.99 22.60 5.44
N VAL J 156 45.90 21.60 6.30
CA VAL J 156 44.91 21.58 7.37
C VAL J 156 45.58 21.81 8.73
N PRO J 157 45.15 22.87 9.45
CA PRO J 157 45.67 23.42 10.72
C PRO J 157 45.78 22.45 11.91
N PRO J 158 46.81 22.63 12.74
CA PRO J 158 47.16 21.67 13.80
C PRO J 158 46.21 21.64 15.00
N SER J 159 45.83 20.44 15.43
CA SER J 159 45.07 20.31 16.67
C SER J 159 45.18 18.94 17.37
N ASP J 160 45.27 18.98 18.70
CA ASP J 160 45.78 20.13 19.41
C ASP J 160 46.81 19.71 20.48
N VAL J 161 48.09 19.93 20.23
CA VAL J 161 48.62 19.80 18.87
C VAL J 161 49.09 18.34 18.74
N PHE J 162 48.86 17.53 19.79
CA PHE J 162 49.18 16.10 19.79
C PHE J 162 48.03 15.23 19.32
N ILE J 163 48.36 14.25 18.47
CA ILE J 163 47.40 13.30 17.91
C ILE J 163 47.84 11.87 18.19
N ASP J 164 47.10 10.91 17.67
CA ASP J 164 47.38 9.48 17.83
C ASP J 164 47.38 8.82 16.46
N VAL J 165 48.51 8.21 16.08
CA VAL J 165 48.64 7.55 14.78
C VAL J 165 48.66 6.02 14.97
N ARG J 166 47.82 5.30 14.22
CA ARG J 166 47.76 3.84 14.32
C ARG J 166 48.48 3.23 13.11
N VAL J 167 49.52 2.43 13.35
CA VAL J 167 50.31 1.86 12.26
C VAL J 167 49.40 1.17 11.24
N LEU J 168 49.81 1.24 9.97
CA LEU J 168 49.05 0.60 8.90
C LEU J 168 49.95 -0.25 8.01
N LYS J 169 50.39 -1.38 8.54
CA LYS J 169 51.26 -2.28 7.80
C LYS J 169 52.41 -1.54 7.14
N ASP J 170 53.25 -0.92 7.97
CA ASP J 170 54.40 -0.17 7.48
C ASP J 170 55.67 -0.52 8.26
N ALA J 171 56.76 -0.73 7.53
CA ALA J 171 58.03 -1.06 8.16
C ALA J 171 59.20 -0.34 7.48
N GLY J 172 59.98 0.42 8.26
CA GLY J 172 59.80 0.56 9.69
C GLY J 172 60.83 -0.20 10.50
N GLU J 173 61.52 0.46 11.41
CA GLU J 173 61.35 1.89 11.67
C GLU J 173 62.18 2.74 10.72
N ILE J 174 61.53 3.66 10.02
CA ILE J 174 62.21 4.53 9.07
C ILE J 174 62.24 5.97 9.58
N GLN J 175 61.66 6.20 10.75
CA GLN J 175 61.63 7.53 11.35
C GLN J 175 62.99 7.93 11.89
N THR J 176 63.84 8.46 11.00
CA THR J 176 65.18 8.89 11.38
C THR J 176 65.18 10.34 11.83
N GLU J 177 64.39 11.17 11.17
CA GLU J 177 64.30 12.59 11.50
C GLU J 177 63.73 12.83 12.89
N TYR J 178 64.38 13.74 13.61
CA TYR J 178 63.97 14.10 14.95
C TYR J 178 64.26 12.95 15.91
N GLY J 179 63.64 11.81 15.64
CA GLY J 179 63.83 10.62 16.44
C GLY J 179 63.44 9.34 15.74
N VAL J 180 63.94 8.21 16.24
CA VAL J 180 63.61 6.90 15.70
C VAL J 180 62.28 6.40 16.24
N PHE J 181 61.19 6.83 15.63
CA PHE J 181 59.86 6.42 16.05
C PHE J 181 59.72 4.90 16.06
N ASN J 182 60.71 4.22 15.47
CA ASN J 182 60.70 2.77 15.41
C ASN J 182 59.36 2.22 14.93
N LEU J 183 59.04 2.47 13.66
CA LEU J 183 57.79 2.00 13.08
C LEU J 183 57.60 0.50 13.30
N ILE J 184 56.42 0.12 13.77
CA ILE J 184 56.11 -1.28 14.02
C ILE J 184 54.63 -1.57 13.80
N LYS J 185 54.33 -2.35 12.77
CA LYS J 185 52.95 -2.71 12.44
C LYS J 185 52.15 -3.00 13.70
N ASP J 186 50.95 -2.42 13.77
CA ASP J 186 50.08 -2.61 14.92
C ASP J 186 50.60 -1.85 16.14
N SER J 187 51.06 -0.62 15.93
CA SER J 187 51.58 0.20 17.00
C SER J 187 51.19 1.67 16.82
N GLN J 188 50.53 2.23 17.83
CA GLN J 188 50.10 3.62 17.77
C GLN J 188 51.01 4.52 18.60
N PHE J 189 51.46 5.61 17.99
CA PHE J 189 52.35 6.54 18.66
C PHE J 189 51.68 7.86 19.07
N PHE J 190 51.70 8.11 20.37
CA PHE J 190 51.14 9.32 20.94
C PHE J 190 52.26 10.35 20.77
N VAL J 191 52.28 10.83 19.53
CA VAL J 191 53.18 11.82 18.91
C VAL J 191 52.53 13.14 18.46
N ARG J 192 53.23 14.24 18.67
CA ARG J 192 52.73 15.56 18.29
C ARG J 192 52.43 15.66 16.80
N GLN J 193 51.85 16.79 16.41
CA GLN J 193 51.49 17.07 15.02
C GLN J 193 52.72 17.18 14.08
N SER J 194 53.86 17.60 14.64
CA SER J 194 55.09 17.87 13.89
C SER J 194 55.47 16.79 12.88
N ASP J 195 55.80 15.60 13.37
CA ASP J 195 56.30 14.54 12.51
C ASP J 195 55.14 13.77 11.90
N VAL J 196 53.95 13.97 12.47
CA VAL J 196 52.71 13.39 11.93
C VAL J 196 52.40 13.94 10.53
N GLU J 197 52.44 15.26 10.37
CA GLU J 197 52.24 15.88 9.05
C GLU J 197 53.10 15.21 7.98
N ARG J 198 54.39 15.12 8.30
CA ARG J 198 55.40 14.62 7.37
C ARG J 198 55.18 13.13 7.04
N LEU J 199 54.85 12.34 8.07
CA LEU J 199 54.75 10.89 7.90
C LEU J 199 53.39 10.38 7.42
N ILE J 200 52.37 11.21 7.51
CA ILE J 200 51.03 10.76 7.16
C ILE J 200 50.85 10.74 5.64
N GLN J 201 51.57 11.61 4.96
CA GLN J 201 51.48 11.74 3.50
C GLN J 201 52.08 10.53 2.79
N GLN J 202 53.10 9.93 3.42
CA GLN J 202 53.77 8.77 2.85
C GLN J 202 52.81 7.59 2.74
N GLY J 203 52.13 7.28 3.84
CA GLY J 203 51.18 6.18 3.88
C GLY J 203 51.35 5.31 5.12
N TYR J 204 52.25 5.72 6.01
CA TYR J 204 52.50 4.98 7.23
C TYR J 204 51.36 5.16 8.22
N LEU J 205 51.10 6.39 8.62
CA LEU J 205 50.07 6.66 9.61
C LEU J 205 48.68 6.54 9.04
N GLN J 206 47.70 6.26 9.91
CA GLN J 206 46.32 6.10 9.45
C GLN J 206 45.19 6.91 10.11
N LYS J 207 45.15 6.90 11.44
CA LYS J 207 44.11 7.62 12.17
C LYS J 207 44.65 8.86 12.85
N ILE J 208 44.08 10.01 12.53
CA ILE J 208 44.51 11.26 13.13
C ILE J 208 43.63 11.61 14.31
N TYR K 3 38.30 30.10 -24.35
CA TYR K 3 39.00 30.13 -23.07
C TYR K 3 39.31 28.69 -22.60
N TYR K 4 40.13 28.54 -21.54
CA TYR K 4 40.62 27.23 -21.08
C TYR K 4 39.63 26.30 -20.39
N ASP K 5 38.68 26.83 -19.63
CA ASP K 5 37.72 25.94 -18.96
C ASP K 5 36.97 25.10 -19.99
N ILE K 6 36.64 23.87 -19.60
CA ILE K 6 36.02 22.92 -20.51
C ILE K 6 34.58 23.28 -20.88
N ASP K 7 33.88 23.96 -19.98
CA ASP K 7 32.46 24.27 -20.19
C ASP K 7 32.24 25.27 -21.32
N ASP K 8 33.11 26.25 -21.44
CA ASP K 8 33.02 27.23 -22.49
C ASP K 8 33.39 26.64 -23.84
N VAL K 9 34.56 26.05 -23.92
CA VAL K 9 35.01 25.44 -25.17
C VAL K 9 34.07 24.32 -25.61
N LEU K 10 33.35 23.73 -24.66
CA LEU K 10 32.32 22.77 -25.03
C LEU K 10 31.05 23.49 -25.46
N ALA K 11 30.81 24.67 -24.88
CA ALA K 11 29.64 25.48 -25.19
C ALA K 11 29.66 25.94 -26.62
N ASP K 12 30.86 26.25 -27.12
CA ASP K 12 31.04 26.65 -28.51
C ASP K 12 30.81 25.51 -29.50
N GLY K 13 30.75 24.29 -29.00
CA GLY K 13 30.60 23.12 -29.85
C GLY K 13 29.21 22.92 -30.45
N THR K 14 28.22 23.66 -29.94
CA THR K 14 26.81 23.45 -30.29
C THR K 14 26.39 24.01 -31.67
N GLU K 15 25.55 23.26 -32.38
CA GLU K 15 25.13 23.62 -33.73
C GLU K 15 24.02 24.65 -33.77
N PHE K 16 24.14 25.63 -34.66
CA PHE K 16 23.08 26.62 -34.88
C PHE K 16 22.63 26.65 -36.33
N PRO K 17 21.32 26.82 -36.55
CA PRO K 17 20.77 26.96 -37.90
C PRO K 17 21.04 28.31 -38.57
N CYS K 18 22.29 28.63 -38.94
CA CYS K 18 22.56 29.94 -39.53
C CYS K 18 22.75 29.89 -41.05
N LYS K 19 21.93 30.64 -41.78
CA LYS K 19 22.01 30.69 -43.23
C LYS K 19 22.94 31.80 -43.73
N PHE K 20 23.63 31.51 -44.83
CA PHE K 20 24.60 32.41 -45.43
C PHE K 20 23.96 33.57 -46.20
N GLN K 21 24.46 34.77 -45.95
CA GLN K 21 24.02 35.95 -46.67
C GLN K 21 24.57 35.93 -48.09
N TYR K 22 25.76 35.34 -48.26
CA TYR K 22 26.52 35.42 -49.50
C TYR K 22 26.90 34.04 -50.04
N ASP K 23 27.41 34.00 -51.28
CA ASP K 23 27.99 32.77 -51.80
C ASP K 23 29.46 32.64 -51.35
N ILE K 24 29.87 31.42 -51.01
CA ILE K 24 31.26 31.14 -50.66
C ILE K 24 31.79 29.86 -51.33
N PRO K 25 32.39 30.03 -52.52
CA PRO K 25 33.18 28.95 -53.14
C PRO K 25 34.35 28.60 -52.23
N GLY K 26 34.89 27.39 -52.37
CA GLY K 26 35.84 26.87 -51.41
C GLY K 26 35.16 26.38 -50.15
N LEU K 27 34.10 25.60 -50.35
CA LEU K 27 33.37 24.93 -49.28
C LEU K 27 34.31 24.05 -48.46
N GLY K 28 34.31 24.25 -47.14
CA GLY K 28 35.17 23.50 -46.25
C GLY K 28 34.47 22.40 -45.48
N TYR K 29 33.25 22.09 -45.94
CA TYR K 29 32.39 21.11 -45.28
C TYR K 29 32.23 19.83 -46.08
N ASN K 33 29.54 18.30 -50.02
CA ASN K 33 30.93 18.73 -50.02
C ASN K 33 31.45 19.18 -51.41
N PRO K 34 31.16 18.44 -52.49
CA PRO K 34 31.61 18.99 -53.77
C PRO K 34 30.64 20.02 -54.37
N GLY K 35 30.59 21.22 -53.78
CA GLY K 35 29.68 22.25 -54.23
C GLY K 35 29.93 22.75 -55.65
N ARG K 36 31.10 23.32 -55.94
CA ARG K 36 32.08 23.74 -54.93
C ARG K 36 31.57 24.93 -54.10
N PRO K 37 31.05 25.98 -54.76
CA PRO K 37 30.45 27.03 -53.92
C PRO K 37 29.17 26.58 -53.21
N ILE K 38 28.80 27.31 -52.17
CA ILE K 38 27.53 27.08 -51.47
C ILE K 38 26.54 28.16 -51.90
N THR K 39 25.43 27.74 -52.51
CA THR K 39 24.44 28.68 -53.04
C THR K 39 23.92 29.61 -51.95
N LYS K 40 23.62 30.86 -52.33
CA LYS K 40 23.18 31.88 -51.37
C LYS K 40 21.91 31.44 -50.64
N ASN K 41 21.79 31.89 -49.40
CA ASN K 41 20.65 31.57 -48.52
C ASN K 41 20.47 30.07 -48.24
N THR K 42 21.55 29.31 -48.35
CA THR K 42 21.61 27.93 -47.87
C THR K 42 21.60 27.91 -46.35
N LYS K 43 20.77 27.06 -45.79
CA LYS K 43 20.71 26.93 -44.34
C LYS K 43 21.62 25.78 -43.93
N LEU K 44 22.74 26.13 -43.29
CA LEU K 44 23.71 25.17 -42.81
C LEU K 44 23.96 25.35 -41.32
N SER K 45 23.89 24.24 -40.58
CA SER K 45 24.17 24.27 -39.16
C SER K 45 25.66 24.50 -38.93
N LEU K 46 25.96 25.49 -38.10
CA LEU K 46 27.33 25.85 -37.76
C LEU K 46 27.49 25.84 -36.25
N PRO K 47 28.66 25.38 -35.80
CA PRO K 47 28.92 25.49 -34.36
C PRO K 47 29.05 26.96 -33.99
N LEU K 48 28.97 27.28 -32.72
CA LEU K 48 28.97 28.67 -32.32
C LEU K 48 30.31 29.37 -32.53
N TRP K 49 31.41 28.62 -32.38
CA TRP K 49 32.73 29.22 -32.39
C TRP K 49 33.03 29.98 -33.67
N LEU K 50 32.74 29.37 -34.83
CA LEU K 50 32.99 30.08 -36.09
C LEU K 50 31.88 31.08 -36.39
N ALA K 51 30.65 30.69 -36.07
CA ALA K 51 29.48 31.49 -36.39
C ALA K 51 29.42 32.77 -35.56
N ARG K 52 30.28 32.89 -34.56
CA ARG K 52 30.17 34.00 -33.63
C ARG K 52 30.65 35.33 -34.22
N ILE K 53 31.78 35.30 -34.92
CA ILE K 53 32.29 36.52 -35.53
C ILE K 53 31.94 36.66 -37.01
N LEU K 54 31.18 35.71 -37.55
CA LEU K 54 30.75 35.83 -38.94
C LEU K 54 29.55 36.77 -39.02
N ALA K 55 28.84 36.94 -37.91
CA ALA K 55 27.70 37.86 -37.85
C ALA K 55 28.16 39.32 -37.69
N ILE K 56 29.41 39.50 -37.27
CA ILE K 56 29.97 40.84 -37.11
C ILE K 56 30.67 41.29 -38.40
N VAL K 57 31.76 40.61 -38.73
CA VAL K 57 32.54 40.88 -39.94
C VAL K 57 31.68 40.82 -41.21
N GLY K 58 31.75 41.87 -42.03
CA GLY K 58 31.02 41.93 -43.28
C GLY K 58 31.83 42.55 -44.40
N PRO K 68 28.29 46.73 -45.55
CA PRO K 68 28.18 46.58 -44.09
C PRO K 68 27.19 45.47 -43.70
N VAL K 69 26.96 44.55 -44.64
CA VAL K 69 26.06 43.43 -44.41
C VAL K 69 26.83 42.20 -43.94
N PRO K 70 26.44 41.61 -42.80
CA PRO K 70 27.09 40.43 -42.22
C PRO K 70 27.06 39.23 -43.16
N PHE K 71 27.92 38.24 -42.91
CA PHE K 71 28.01 37.06 -43.76
C PHE K 71 26.89 36.04 -43.49
N VAL K 72 26.24 36.18 -42.33
CA VAL K 72 25.20 35.21 -41.93
C VAL K 72 24.01 35.86 -41.22
N GLU K 73 22.84 35.27 -41.42
CA GLU K 73 21.59 35.87 -40.98
C GLU K 73 21.35 35.72 -39.48
N LEU K 74 21.92 34.68 -38.87
CA LEU K 74 21.63 34.32 -37.47
C LEU K 74 20.15 33.98 -37.24
N LEU K 75 19.67 32.90 -37.86
CA LEU K 75 18.31 32.43 -37.62
C LEU K 75 18.19 31.85 -36.20
N PRO K 76 17.21 32.32 -35.42
CA PRO K 76 17.07 31.97 -33.99
C PRO K 76 16.97 30.47 -33.75
N PRO K 77 17.79 29.95 -32.82
CA PRO K 77 17.92 28.49 -32.61
C PRO K 77 16.63 27.88 -32.12
N ASP K 78 16.37 26.63 -32.48
CA ASP K 78 15.15 25.96 -32.05
C ASP K 78 15.00 25.95 -30.54
N MET K 79 16.12 26.04 -29.84
CA MET K 79 16.12 26.01 -28.39
C MET K 79 15.51 27.29 -27.83
N PHE K 80 15.68 28.38 -28.56
CA PHE K 80 15.20 29.65 -28.09
C PHE K 80 13.81 29.96 -28.63
N SER K 81 13.19 28.97 -29.30
CA SER K 81 11.87 29.12 -29.90
C SER K 81 10.90 29.73 -28.91
N THR K 82 10.05 30.65 -29.38
CA THR K 82 9.24 31.42 -28.45
C THR K 82 8.29 30.54 -27.66
N LYS K 83 8.10 29.31 -28.13
CA LYS K 83 7.34 28.32 -27.38
C LYS K 83 8.03 27.96 -26.07
N VAL K 84 9.35 27.81 -26.17
CA VAL K 84 10.22 27.45 -25.05
C VAL K 84 10.37 28.58 -24.07
N MET K 85 10.77 29.73 -24.59
CA MET K 85 10.88 30.92 -23.76
C MET K 85 9.53 31.25 -23.14
N ASN K 86 8.45 30.72 -23.71
CA ASN K 86 7.18 30.83 -23.02
C ASN K 86 7.00 29.73 -21.95
N ALA K 87 7.43 28.50 -22.25
CA ALA K 87 7.20 27.37 -21.35
C ALA K 87 8.04 27.46 -20.08
N ILE K 88 9.13 28.22 -20.16
CA ILE K 88 10.02 28.42 -19.04
C ILE K 88 9.49 29.52 -18.11
N LYS K 89 8.40 30.15 -18.51
CA LYS K 89 7.79 31.18 -17.67
C LYS K 89 6.66 30.59 -16.82
N THR K 90 6.34 29.32 -17.05
CA THR K 90 5.30 28.63 -16.27
C THR K 90 5.84 27.96 -15.02
N ASP K 91 6.55 26.86 -15.25
CA ASP K 91 7.18 26.07 -14.20
C ASP K 91 8.62 25.74 -14.58
N PRO K 92 9.57 26.61 -14.18
CA PRO K 92 10.96 26.31 -14.47
C PRO K 92 11.43 25.12 -13.67
N VAL K 93 11.02 25.10 -12.41
CA VAL K 93 11.50 24.15 -11.42
C VAL K 93 11.24 22.70 -11.88
N ALA K 94 10.13 22.49 -12.58
CA ALA K 94 9.82 21.18 -13.13
C ALA K 94 10.26 21.03 -14.60
N LEU K 95 10.77 22.10 -15.19
CA LEU K 95 11.22 22.03 -16.57
C LEU K 95 12.55 21.28 -16.64
N ASP K 96 12.75 20.53 -17.71
CA ASP K 96 13.98 19.76 -17.91
C ASP K 96 14.89 20.50 -18.89
N LEU K 97 15.97 21.06 -18.37
CA LEU K 97 16.90 21.77 -19.20
C LEU K 97 17.84 20.80 -19.88
N HIS K 98 18.32 19.84 -19.10
CA HIS K 98 19.33 18.89 -19.55
C HIS K 98 18.95 18.11 -20.82
N SER K 99 17.66 18.10 -21.15
CA SER K 99 17.18 17.42 -22.34
C SER K 99 17.36 18.23 -23.62
N ILE K 100 17.15 19.54 -23.53
CA ILE K 100 17.04 20.34 -24.75
C ILE K 100 18.38 20.64 -25.43
N ASN K 101 19.48 20.78 -24.69
CA ASN K 101 20.71 21.26 -25.32
C ASN K 101 22.03 20.42 -25.17
N SER K 102 22.55 20.15 -23.96
CA SER K 102 21.96 20.52 -22.67
C SER K 102 22.37 21.92 -22.20
N HIS K 103 23.41 22.48 -22.78
CA HIS K 103 23.88 23.78 -22.33
C HIS K 103 22.80 24.83 -22.51
N PHE K 104 22.61 25.66 -21.50
CA PHE K 104 21.69 26.76 -21.61
C PHE K 104 22.42 28.02 -21.18
N PHE K 105 22.74 28.14 -19.89
CA PHE K 105 23.29 29.40 -19.41
C PHE K 105 24.66 29.72 -19.99
N SER K 106 25.47 28.69 -20.19
CA SER K 106 26.76 28.83 -20.85
C SER K 106 26.62 29.26 -22.30
N LEU K 107 25.48 28.90 -22.86
CA LEU K 107 25.22 29.10 -24.25
C LEU K 107 24.44 30.38 -24.41
N ALA K 108 23.24 30.39 -23.81
CA ALA K 108 22.33 31.53 -23.89
C ALA K 108 23.03 32.83 -23.58
N ILE K 109 23.98 32.79 -22.66
CA ILE K 109 24.75 33.99 -22.32
C ILE K 109 25.46 34.55 -23.55
N LYS K 110 25.93 33.68 -24.43
CA LYS K 110 26.59 34.17 -25.63
C LYS K 110 25.56 34.69 -26.63
N TRP K 111 24.44 34.00 -26.77
CA TRP K 111 23.49 34.37 -27.81
C TRP K 111 22.73 35.64 -27.46
N ILE K 112 22.64 35.97 -26.17
CA ILE K 112 21.99 37.22 -25.81
C ILE K 112 22.87 38.40 -26.19
N MET K 113 24.19 38.25 -26.07
CA MET K 113 25.10 39.33 -26.47
C MET K 113 25.23 39.39 -27.99
N LEU K 114 25.25 38.23 -28.63
CA LEU K 114 25.49 38.16 -30.07
C LEU K 114 24.37 38.84 -30.81
N PHE K 115 23.15 38.54 -30.43
CA PHE K 115 22.06 39.18 -31.11
C PHE K 115 21.60 40.46 -30.40
N SER K 116 22.17 40.74 -29.22
CA SER K 116 21.80 41.91 -28.41
C SER K 116 20.30 42.02 -28.12
N GLU K 117 19.71 40.89 -27.74
CA GLU K 117 18.29 40.84 -27.33
C GLU K 117 18.08 41.15 -25.85
N LYS K 118 17.34 42.22 -25.57
CA LYS K 118 17.03 42.62 -24.20
C LYS K 118 15.90 41.79 -23.60
N GLU K 119 14.87 41.58 -24.41
CA GLU K 119 13.61 41.00 -23.95
C GLU K 119 13.80 39.77 -23.06
N LEU K 120 14.62 38.83 -23.51
CA LEU K 120 14.74 37.56 -22.78
C LEU K 120 15.65 37.62 -21.56
N ALA K 121 16.49 38.65 -21.44
CA ALA K 121 17.31 38.79 -20.24
C ALA K 121 16.41 38.68 -19.01
N ASN K 122 15.42 39.57 -18.95
CA ASN K 122 14.50 39.61 -17.84
C ASN K 122 13.88 38.23 -17.63
N VAL K 123 13.65 37.49 -18.72
CA VAL K 123 13.21 36.09 -18.62
C VAL K 123 14.25 35.16 -18.01
N VAL K 124 15.44 35.04 -18.58
CA VAL K 124 16.37 34.04 -18.05
C VAL K 124 16.87 34.46 -16.67
N SER K 125 17.11 35.75 -16.48
CA SER K 125 17.43 36.26 -15.14
C SER K 125 16.42 35.85 -14.09
N GLU K 126 15.16 35.67 -14.49
CA GLU K 126 14.17 35.07 -13.60
C GLU K 126 14.32 33.55 -13.47
N LEU K 127 14.42 32.82 -14.57
CA LEU K 127 14.49 31.35 -14.52
C LEU K 127 15.57 30.87 -13.54
N LEU K 128 16.75 31.49 -13.63
CA LEU K 128 17.92 31.16 -12.82
C LEU K 128 17.81 31.53 -11.34
N LEU K 129 16.92 32.45 -11.00
CA LEU K 129 16.61 32.63 -9.59
C LEU K 129 15.73 31.45 -9.17
N GLN K 130 14.77 31.11 -10.00
CA GLN K 130 13.80 30.08 -9.68
C GLN K 130 14.38 28.68 -9.60
N ARG K 131 15.36 28.36 -10.42
CA ARG K 131 16.11 27.14 -10.15
C ARG K 131 16.82 27.21 -8.82
N ALA K 132 17.40 28.35 -8.50
CA ALA K 132 18.34 28.41 -7.37
C ALA K 132 17.61 28.40 -6.05
N GLN K 133 16.46 29.02 -5.99
CA GLN K 133 15.62 28.91 -4.81
C GLN K 133 15.16 27.46 -4.63
N GLU K 134 15.23 26.67 -5.70
CA GLU K 134 15.15 25.22 -5.59
C GLU K 134 16.49 24.52 -5.27
N LEU K 135 17.61 25.03 -5.78
CA LEU K 135 18.93 24.38 -5.55
C LEU K 135 19.59 24.60 -4.18
N ASN K 136 19.08 25.55 -3.42
CA ASN K 136 19.43 25.70 -2.01
C ASN K 136 18.60 24.70 -1.21
N HIS K 137 17.55 24.16 -1.85
CA HIS K 137 16.74 23.09 -1.26
C HIS K 137 17.37 21.72 -1.40
N HIS K 138 18.14 21.48 -2.45
CA HIS K 138 18.88 20.22 -2.53
C HIS K 138 20.30 20.40 -2.05
N ALA K 139 20.54 21.59 -1.53
CA ALA K 139 21.78 21.88 -0.87
C ALA K 139 21.73 21.39 0.57
N SER K 140 20.62 20.78 0.98
CA SER K 140 20.55 20.27 2.35
C SER K 140 20.39 18.74 2.41
N SER K 141 21.27 18.16 3.23
CA SER K 141 21.60 16.73 3.29
C SER K 141 20.83 15.94 4.35
N THR K 162 18.10 12.79 -3.83
CA THR K 162 18.52 14.02 -4.51
C THR K 162 17.42 14.84 -5.23
N SER K 163 16.42 14.22 -5.88
CA SER K 163 16.28 12.77 -6.10
C SER K 163 16.41 12.43 -7.58
N THR K 164 15.33 12.67 -8.29
CA THR K 164 15.29 12.63 -9.74
C THR K 164 15.78 13.93 -10.34
N PHE K 165 15.50 15.02 -9.64
CA PHE K 165 15.72 16.37 -10.10
C PHE K 165 17.14 16.71 -10.52
N LEU K 166 18.10 16.22 -9.76
CA LEU K 166 19.51 16.39 -10.05
C LEU K 166 19.82 16.00 -11.49
N LEU K 167 19.02 15.10 -12.05
CA LEU K 167 19.21 14.60 -13.41
C LEU K 167 18.86 15.63 -14.51
N LYS K 168 17.97 16.55 -14.19
CA LYS K 168 17.53 17.52 -15.19
C LYS K 168 18.20 18.89 -15.15
N LEU K 169 19.22 19.07 -14.31
CA LEU K 169 19.96 20.34 -14.32
C LEU K 169 20.86 20.50 -15.56
N GLU K 170 21.14 21.75 -15.92
CA GLU K 170 22.16 22.04 -16.92
C GLU K 170 23.56 21.79 -16.36
N GLU K 171 24.47 21.29 -17.20
CA GLU K 171 25.78 20.87 -16.74
C GLU K 171 26.44 21.89 -15.82
N MET K 172 26.49 23.15 -16.22
CA MET K 172 27.20 24.12 -15.41
C MET K 172 26.50 24.40 -14.09
N GLU K 173 25.19 24.59 -14.17
CA GLU K 173 24.37 24.66 -12.98
C GLU K 173 24.65 23.45 -12.07
N LYS K 174 24.67 22.26 -12.65
CA LYS K 174 25.01 21.05 -11.91
C LYS K 174 26.32 21.23 -11.14
N GLU K 175 27.35 21.70 -11.84
CA GLU K 175 28.64 21.96 -11.18
C GLU K 175 28.46 22.87 -9.97
N ILE K 176 27.60 23.88 -10.07
CA ILE K 176 27.42 24.71 -8.89
C ILE K 176 26.78 23.86 -7.80
N TYR K 177 25.94 22.90 -8.18
CA TYR K 177 25.33 22.07 -7.14
C TYR K 177 26.42 21.28 -6.39
N LYS K 178 27.38 20.71 -7.12
CA LYS K 178 28.52 20.09 -6.45
C LYS K 178 29.11 21.06 -5.46
N LYS K 179 29.45 22.27 -5.90
CA LYS K 179 30.15 23.16 -4.98
C LYS K 179 29.35 23.48 -3.73
N SER K 180 28.06 23.75 -3.88
CA SER K 180 27.26 24.03 -2.71
C SER K 180 27.16 22.82 -1.78
N HIS K 181 26.69 21.70 -2.31
CA HIS K 181 26.53 20.45 -1.56
C HIS K 181 27.81 20.08 -0.83
N GLU K 182 28.96 20.36 -1.44
CA GLU K 182 30.24 20.11 -0.77
C GLU K 182 30.49 21.07 0.35
N SER K 183 30.16 22.35 0.18
CA SER K 183 30.35 23.26 1.31
C SER K 183 29.50 22.79 2.46
N TYR K 184 28.25 22.45 2.20
CA TYR K 184 27.35 22.00 3.25
C TYR K 184 27.82 20.71 3.92
N LYS K 185 28.08 19.67 3.11
CA LYS K 185 28.55 18.40 3.63
C LYS K 185 29.75 18.61 4.50
N ASP K 186 30.73 19.34 4.01
CA ASP K 186 31.95 19.55 4.79
C ASP K 186 31.66 20.33 6.06
N THR K 187 30.71 21.26 6.01
CA THR K 187 30.46 22.04 7.22
C THR K 187 29.68 21.19 8.23
N LYS K 188 28.95 20.21 7.74
CA LYS K 188 28.27 19.29 8.64
C LYS K 188 29.27 18.31 9.25
N ARG K 189 30.22 17.84 8.45
CA ARG K 189 31.19 16.89 8.97
C ARG K 189 32.10 17.57 9.98
N TRP K 190 32.34 18.87 9.78
CA TRP K 190 33.04 19.65 10.81
C TRP K 190 32.12 19.82 12.01
N MET K 191 30.79 19.99 11.84
CA MET K 191 29.85 20.25 12.99
C MET K 191 29.98 19.24 14.13
N PHE K 192 30.31 18.00 13.79
CA PHE K 192 30.44 16.97 14.79
C PHE K 192 31.67 16.11 14.56
N LYS K 193 32.55 16.11 15.55
CA LYS K 193 33.77 15.31 15.55
C LYS K 193 34.51 15.38 14.22
ZN ZN L . -67.93 -1.07 -10.03
#